data_7UZ7
#
_entry.id   7UZ7
#
_cell.length_a   1.00
_cell.length_b   1.00
_cell.length_c   1.00
_cell.angle_alpha   90.00
_cell.angle_beta   90.00
_cell.angle_gamma   90.00
#
_symmetry.space_group_name_H-M   'P 1'
#
loop_
_entity.id
_entity.type
_entity.pdbx_description
1 polymer 'Spike glycoprotein'
2 polymer 'M8a-31 Fab heavy chain'
3 polymer 'M8a-31 Fab light chain'
4 branched 2-acetamido-2-deoxy-beta-D-glucopyranose-(1-4)-2-acetamido-2-deoxy-beta-D-glucopyranose
5 non-polymer 2-acetamido-2-deoxy-beta-D-glucopyranose
#
loop_
_entity_poly.entity_id
_entity_poly.type
_entity_poly.pdbx_seq_one_letter_code
_entity_poly.pdbx_strand_id
1 'polypeptide(L)'
;MFVFLVLLPLVSSQCVNLTTRTQLPPAYTNSFTRGVYYPDKVFRSSVLHSTQDLFLPFFSNVTWFHAIHVSGTNGTKRFD
NPVLPFNDGVYFASTEKSNIIRGWIFGTTLDSKTQSLLIVNNATNVVIKVCEFQFCNDPFLGVYYHKNNKSWMESEFRVY
SSANNCTFEYVSQPFLMDLEGKQGNFKNLREFVFKNIDGYFKIYSKHTPINLVRDLPQGFSALEPLVDLPIGINITRFQT
LLALHRSYLTPGDSSSGWTAGAAAYYVGYLQPRTFLLKYNENGTITDAVDCALDPLSETKCTLKSFTVEKGIYQTSNFRV
QPTESIVRFPNITNLCPFGEVFNATRFASVYAWNRKRISNCVADYSVLYNSASFSTFKCYGVSPTKLNDLCFTNVYADSF
VIRGDEVRQIAPGQTGKIADYNYKLPDDFTGCVIAWNSNNLDSKVGGNYNYLYRLFRKSNLKPFERDISTEIYQAGSTPC
NGVEGFNCYFPLQSYGFQPTNGVGYQPYRVVVLSFELLHAPATVCGPKKSTNLVKNKCVNFNFNGLTGTGVLTESNKKFL
PFQQFGRDIADTTDAVRDPQTLEILDITPCSFGGVSVITPGTNTSNQVAVLYQDVNCTEVPVAIHADQLTPTWRVYSTGS
NVFQTRAGCLIGAEHVNNSYECDIPIGAGICASYQTQTNSPASVASQSIIAYTMSLGAENSVAYSNNSIAIPTNFTISVT
TEILPVSMTKTSVDCTMYICGDSTECSNLLLQYGSFCTQLNRALTGIAVEQDKNTQEVFAQVKQIYKTPPIKDFGGFNFS
QILPDPSKPSKRSPIEDLLFNKVTLADAGFIKQYGDCLGDIAARDLICAQKFNGLTVLPPLLTDEMIAQYTSALLAGTIT
SGWTFGAGPALQIPFPMQMAYRFNGIGVTQNVLYENQKLIANQFNSAIGKIQDSLSSTPSALGKLQDVVNQNAQALNTLV
KQLSSNFGAISSVLNDILSRLDPPEAEVQIDRLITGRLQSLQTYVTQQLIRAAEIRASANLAATKMSECVLGQSKRVDFC
GKGYHLMSFPQSAPHGVVFLHVTYVPAQEKNFTTAPAICHDGKAHFPREGVFVSNGTHWFVTQRNFYEPQIITTDNTFVS
GNCDVVIGIVNNTVYDPLQPELDSFKEELDKYFKNHTSPDVDLGDISGINASVVNIQKEIDRLNEVAKNLNESLIDLQEL
GKYEQYIKWPSGRLVPRGSPGSGYIPEAPRDGQAYVRKDGEWVLLSTFLGHHHHHH
;
A,B,C
2 'polypeptide(L)'
;EVQLKQSVAELVRPGASVKVSCTASGFNIKNIYMHWVKQRPEQGLDWIGRIDPANGNSRYAPKFQDKATITADTSSNTAY
LQLSSLTSEDTAIYYCADEGWGFANWGQGTLVTVSAASTKGPSVFPLAPSSKSTSGGTAALGCLVKDYFPEPVTVSWNSG
ALTSGVHTFPAVLQSSGLYSLSSVVTVPSSSLGTQTYICNVNHKPSNTKVDKRVEPKSCDKTHHHHHH
;
H,M,P
3 'polypeptide(L)'
;DIVMTQSPSSLTVTAGEKVTMSCKSSQSLLNSGNQKNYLTWYQQKVGQPPKLLIYWASTRDPGVPDRFTGSGFGTDFTLT
ISSVQAEDLAVYYCQNDYSYPLTFGAGTKVELKRTVAAPSVFIFPPSDEQLKSGTASVVCLLNNFYPREAKVQWKVDNAL
QSGNSQESVTEQDSKDSTYSLSSTLTLSKADYEKHKVYACEVTHQGLSSPVTKSFNRGEC
;
L,N,Q
#
loop_
_chem_comp.id
_chem_comp.type
_chem_comp.name
_chem_comp.formula
NAG D-saccharide, beta linking 2-acetamido-2-deoxy-beta-D-glucopyranose 'C8 H15 N O6'
#
# COMPACT_ATOMS: atom_id res chain seq x y z
N PRO A 26 -40.26 -23.73 -37.80
CA PRO A 26 -39.92 -22.43 -37.22
C PRO A 26 -38.85 -21.69 -38.03
N ALA A 27 -39.24 -20.57 -38.64
CA ALA A 27 -38.32 -19.78 -39.44
C ALA A 27 -37.35 -19.01 -38.54
N TYR A 28 -36.31 -18.46 -39.16
CA TYR A 28 -35.31 -17.68 -38.46
C TYR A 28 -35.05 -16.37 -39.21
N THR A 29 -34.83 -15.31 -38.46
CA THR A 29 -34.60 -13.99 -39.04
C THR A 29 -33.47 -13.30 -38.27
N ASN A 30 -32.86 -12.27 -38.86
CA ASN A 30 -31.77 -11.54 -38.24
C ASN A 30 -32.34 -10.42 -37.37
N SER A 31 -31.72 -10.19 -36.22
CA SER A 31 -32.16 -9.11 -35.34
C SER A 31 -31.99 -7.76 -36.02
N PHE A 32 -30.85 -7.54 -36.67
CA PHE A 32 -30.60 -6.33 -37.46
C PHE A 32 -30.65 -5.08 -36.59
N THR A 33 -29.74 -5.00 -35.62
CA THR A 33 -29.58 -3.83 -34.75
C THR A 33 -30.88 -3.44 -34.05
N ARG A 34 -31.60 -4.43 -33.51
CA ARG A 34 -32.87 -4.19 -32.85
C ARG A 34 -32.87 -4.76 -31.44
N GLY A 35 -33.84 -4.31 -30.65
CA GLY A 35 -34.03 -4.80 -29.30
C GLY A 35 -33.30 -4.04 -28.22
N VAL A 36 -32.59 -2.96 -28.56
CA VAL A 36 -31.88 -2.19 -27.55
C VAL A 36 -32.85 -1.32 -26.78
N TYR A 37 -32.71 -1.30 -25.46
CA TYR A 37 -33.59 -0.56 -24.57
C TYR A 37 -32.76 0.35 -23.67
N TYR A 38 -33.42 1.27 -23.01
CA TYR A 38 -32.74 2.17 -22.08
C TYR A 38 -32.34 1.38 -20.84
N PRO A 39 -31.03 1.25 -20.56
CA PRO A 39 -30.63 0.44 -19.40
C PRO A 39 -31.11 0.98 -18.06
N ASP A 40 -31.21 2.30 -17.93
CA ASP A 40 -31.59 2.91 -16.66
C ASP A 40 -32.27 4.24 -16.91
N LYS A 41 -32.94 4.75 -15.88
CA LYS A 41 -33.64 6.03 -15.95
C LYS A 41 -32.67 7.16 -15.62
N VAL A 42 -31.70 7.34 -16.52
CA VAL A 42 -30.66 8.35 -16.37
C VAL A 42 -30.57 9.14 -17.67
N PHE A 43 -30.53 10.46 -17.56
CA PHE A 43 -30.47 11.35 -18.72
C PHE A 43 -29.01 11.62 -19.06
N ARG A 44 -28.65 11.43 -20.34
CA ARG A 44 -27.34 11.80 -20.85
C ARG A 44 -27.53 12.50 -22.19
N SER A 45 -26.76 13.56 -22.41
CA SER A 45 -26.84 14.36 -23.62
C SER A 45 -25.49 14.36 -24.31
N SER A 46 -25.47 13.92 -25.58
CA SER A 46 -24.24 13.84 -26.37
C SER A 46 -23.17 13.02 -25.65
N VAL A 47 -23.60 11.91 -25.04
CA VAL A 47 -22.74 11.05 -24.26
C VAL A 47 -22.76 9.66 -24.88
N LEU A 48 -21.58 9.12 -25.18
CA LEU A 48 -21.44 7.74 -25.61
C LEU A 48 -21.08 6.90 -24.39
N HIS A 49 -22.08 6.23 -23.82
CA HIS A 49 -21.94 5.53 -22.55
C HIS A 49 -21.89 4.03 -22.80
N SER A 50 -20.87 3.38 -22.25
CA SER A 50 -20.70 1.94 -22.41
C SER A 50 -21.43 1.23 -21.28
N THR A 51 -22.42 0.41 -21.64
CA THR A 51 -23.25 -0.28 -20.67
C THR A 51 -23.05 -1.79 -20.81
N GLN A 52 -22.73 -2.45 -19.70
CA GLN A 52 -22.65 -3.90 -19.63
C GLN A 52 -23.96 -4.40 -19.06
N ASP A 53 -24.86 -4.87 -19.93
CA ASP A 53 -26.19 -5.24 -19.50
C ASP A 53 -26.74 -6.30 -20.45
N LEU A 54 -27.79 -6.98 -19.99
CA LEU A 54 -28.47 -7.97 -20.82
C LEU A 54 -29.08 -7.30 -22.04
N PHE A 55 -28.58 -7.63 -23.21
CA PHE A 55 -29.02 -7.02 -24.46
C PHE A 55 -29.23 -8.09 -25.52
N LEU A 56 -30.00 -7.75 -26.53
CA LEU A 56 -30.11 -8.61 -27.70
C LEU A 56 -28.92 -8.36 -28.62
N PRO A 57 -28.07 -9.35 -28.87
CA PRO A 57 -26.90 -9.10 -29.72
C PRO A 57 -27.30 -8.69 -31.13
N PHE A 58 -26.52 -7.79 -31.70
CA PHE A 58 -26.76 -7.36 -33.08
C PHE A 58 -26.59 -8.51 -34.05
N PHE A 59 -27.45 -8.53 -35.07
CA PHE A 59 -27.42 -9.52 -36.13
C PHE A 59 -27.51 -10.95 -35.57
N SER A 60 -28.28 -11.10 -34.50
CA SER A 60 -28.55 -12.43 -33.95
C SER A 60 -29.71 -13.07 -34.71
N ASN A 61 -30.05 -14.29 -34.33
CA ASN A 61 -31.13 -15.04 -34.98
C ASN A 61 -32.37 -15.01 -34.09
N VAL A 62 -33.42 -14.35 -34.56
CA VAL A 62 -34.70 -14.30 -33.87
C VAL A 62 -35.64 -15.28 -34.55
N THR A 63 -36.28 -16.13 -33.75
CA THR A 63 -37.12 -17.19 -34.31
C THR A 63 -38.47 -16.64 -34.74
N TRP A 64 -38.82 -16.87 -36.01
CA TRP A 64 -40.12 -16.46 -36.54
C TRP A 64 -41.13 -17.60 -36.34
N PHE A 65 -41.65 -17.66 -35.13
CA PHE A 65 -42.72 -18.61 -34.82
C PHE A 65 -44.04 -18.11 -35.37
N HIS A 66 -44.84 -19.04 -35.91
CA HIS A 66 -46.19 -18.75 -36.36
C HIS A 66 -47.16 -19.39 -35.39
N ALA A 67 -47.94 -18.57 -34.69
CA ALA A 67 -48.77 -19.07 -33.60
C ALA A 67 -49.80 -20.07 -34.09
N ILE A 68 -50.50 -19.75 -35.18
CA ILE A 68 -51.50 -20.63 -35.75
C ILE A 68 -51.69 -20.27 -37.21
N HIS A 69 -51.73 -21.30 -38.05
CA HIS A 69 -51.90 -21.13 -39.49
C HIS A 69 -53.15 -21.88 -39.94
N VAL A 70 -53.99 -21.20 -40.72
CA VAL A 70 -55.22 -21.82 -41.19
C VAL A 70 -54.88 -22.83 -42.28
N SER A 71 -55.35 -24.06 -42.11
CA SER A 71 -55.10 -25.11 -43.08
C SER A 71 -56.36 -25.94 -43.32
N ASN A 74 -61.08 -22.42 -44.42
CA ASN A 74 -61.53 -23.62 -43.72
C ASN A 74 -61.52 -23.42 -42.21
N GLY A 75 -60.48 -22.75 -41.71
CA GLY A 75 -60.35 -22.49 -40.29
C GLY A 75 -59.86 -23.66 -39.47
N THR A 76 -59.18 -24.64 -40.08
CA THR A 76 -58.67 -25.77 -39.34
C THR A 76 -57.63 -25.31 -38.31
N LYS A 77 -57.76 -25.82 -37.09
CA LYS A 77 -56.89 -25.40 -36.00
C LYS A 77 -55.51 -26.05 -36.14
N ARG A 78 -54.47 -25.21 -36.12
CA ARG A 78 -53.09 -25.67 -36.04
C ARG A 78 -52.41 -24.88 -34.91
N PHE A 79 -52.57 -25.38 -33.68
CA PHE A 79 -52.11 -24.63 -32.52
C PHE A 79 -50.62 -24.86 -32.28
N ASP A 80 -49.83 -23.80 -32.43
CA ASP A 80 -48.38 -23.86 -32.24
C ASP A 80 -47.96 -22.71 -31.34
N ASN A 81 -48.01 -22.96 -30.02
CA ASN A 81 -47.46 -22.06 -29.00
C ASN A 81 -46.42 -22.88 -28.24
N PRO A 82 -45.21 -22.98 -28.75
CA PRO A 82 -44.24 -23.97 -28.25
C PRO A 82 -43.72 -23.64 -26.86
N VAL A 83 -42.81 -24.49 -26.39
CA VAL A 83 -42.23 -24.39 -25.05
C VAL A 83 -41.08 -23.39 -25.05
N LEU A 84 -41.38 -22.14 -24.72
CA LEU A 84 -40.38 -21.10 -24.79
C LEU A 84 -39.74 -20.86 -23.43
N PRO A 85 -38.44 -21.14 -23.27
CA PRO A 85 -37.76 -20.78 -22.01
C PRO A 85 -37.54 -19.28 -21.92
N PHE A 86 -37.74 -18.73 -20.72
CA PHE A 86 -37.49 -17.30 -20.53
C PHE A 86 -36.00 -17.00 -20.55
N ASN A 87 -35.21 -17.82 -19.87
CA ASN A 87 -33.75 -17.66 -19.78
C ASN A 87 -33.47 -16.25 -19.23
N ASP A 88 -32.53 -15.51 -19.81
CA ASP A 88 -32.22 -14.18 -19.31
C ASP A 88 -33.32 -13.19 -19.66
N GLY A 89 -33.80 -13.21 -20.91
CA GLY A 89 -34.82 -12.28 -21.34
C GLY A 89 -35.39 -12.69 -22.68
N VAL A 90 -36.40 -11.94 -23.11
CA VAL A 90 -37.10 -12.20 -24.36
C VAL A 90 -37.32 -10.87 -25.08
N TYR A 91 -36.94 -10.82 -26.36
CA TYR A 91 -37.28 -9.68 -27.21
C TYR A 91 -38.44 -10.06 -28.12
N PHE A 92 -39.65 -9.86 -27.60
CA PHE A 92 -40.84 -10.12 -28.39
C PHE A 92 -41.08 -8.98 -29.37
N ALA A 93 -41.45 -9.34 -30.60
CA ALA A 93 -41.75 -8.37 -31.64
C ALA A 93 -42.84 -8.91 -32.54
N SER A 94 -43.78 -8.06 -32.90
CA SER A 94 -44.92 -8.47 -33.71
C SER A 94 -45.39 -7.29 -34.55
N THR A 95 -46.08 -7.61 -35.65
CA THR A 95 -46.65 -6.60 -36.54
C THR A 95 -48.11 -6.92 -36.87
N GLU A 96 -48.86 -7.43 -35.90
CA GLU A 96 -50.25 -7.79 -36.10
C GLU A 96 -51.09 -6.52 -36.20
N LYS A 97 -51.50 -6.17 -37.42
CA LYS A 97 -52.37 -5.00 -37.60
C LYS A 97 -53.73 -5.21 -36.95
N SER A 98 -54.25 -6.43 -36.99
CA SER A 98 -55.53 -6.73 -36.36
C SER A 98 -55.43 -6.86 -34.85
N ASN A 99 -54.22 -6.76 -34.28
CA ASN A 99 -54.01 -6.89 -32.83
C ASN A 99 -54.50 -8.23 -32.32
N ILE A 100 -54.20 -9.30 -33.09
CA ILE A 100 -54.59 -10.64 -32.67
C ILE A 100 -53.84 -11.04 -31.40
N ILE A 101 -52.58 -10.64 -31.29
CA ILE A 101 -51.81 -10.94 -30.08
C ILE A 101 -52.41 -10.19 -28.91
N ARG A 102 -52.75 -10.93 -27.85
CA ARG A 102 -53.46 -10.39 -26.70
C ARG A 102 -52.74 -10.84 -25.42
N GLY A 103 -51.78 -10.03 -24.98
CA GLY A 103 -51.10 -10.29 -23.72
C GLY A 103 -50.11 -11.43 -23.81
N TRP A 104 -49.65 -11.86 -22.63
CA TRP A 104 -48.64 -12.90 -22.53
C TRP A 104 -48.87 -13.73 -21.29
N ILE A 105 -48.11 -14.82 -21.17
CA ILE A 105 -48.14 -15.70 -20.02
C ILE A 105 -46.70 -15.96 -19.58
N PHE A 106 -46.44 -15.83 -18.28
CA PHE A 106 -45.13 -16.11 -17.71
C PHE A 106 -45.30 -16.99 -16.48
N GLY A 107 -44.40 -17.95 -16.30
CA GLY A 107 -44.45 -18.82 -15.15
C GLY A 107 -43.22 -19.67 -15.06
N THR A 108 -42.93 -20.13 -13.84
CA THR A 108 -41.84 -21.08 -13.65
C THR A 108 -42.19 -22.44 -14.25
N THR A 109 -43.37 -22.95 -13.92
CA THR A 109 -43.85 -24.22 -14.45
C THR A 109 -45.27 -24.14 -15.02
N LEU A 110 -45.92 -22.98 -14.93
CA LEU A 110 -47.31 -22.81 -15.37
C LEU A 110 -48.22 -23.81 -14.68
N ASP A 111 -47.98 -24.03 -13.39
CA ASP A 111 -48.74 -24.99 -12.59
C ASP A 111 -49.15 -24.33 -11.29
N SER A 112 -50.14 -24.92 -10.63
CA SER A 112 -50.63 -24.36 -9.36
C SER A 112 -49.57 -24.42 -8.28
N LYS A 113 -48.57 -25.30 -8.44
CA LYS A 113 -47.53 -25.43 -7.42
C LYS A 113 -46.68 -24.17 -7.33
N THR A 114 -46.38 -23.54 -8.46
CA THR A 114 -45.51 -22.37 -8.51
C THR A 114 -46.29 -21.14 -8.93
N GLN A 115 -45.79 -19.97 -8.50
CA GLN A 115 -46.42 -18.71 -8.89
C GLN A 115 -46.23 -18.47 -10.38
N SER A 116 -47.22 -17.82 -10.99
CA SER A 116 -47.19 -17.53 -12.41
C SER A 116 -47.57 -16.07 -12.64
N LEU A 117 -47.07 -15.51 -13.74
CA LEU A 117 -47.32 -14.13 -14.12
C LEU A 117 -48.22 -14.11 -15.34
N LEU A 118 -49.30 -13.34 -15.28
CA LEU A 118 -50.31 -13.31 -16.31
C LEU A 118 -50.52 -11.87 -16.79
N ILE A 119 -50.47 -11.66 -18.09
CA ILE A 119 -50.72 -10.36 -18.71
C ILE A 119 -51.77 -10.55 -19.79
N VAL A 120 -52.88 -9.83 -19.68
CA VAL A 120 -53.92 -9.83 -20.69
C VAL A 120 -54.23 -8.38 -21.04
N ASN A 121 -54.20 -8.06 -22.32
CA ASN A 121 -54.46 -6.70 -22.79
C ASN A 121 -55.85 -6.60 -23.40
N ASN A 122 -56.61 -5.60 -22.98
CA ASN A 122 -57.95 -5.35 -23.47
C ASN A 122 -58.04 -3.90 -23.93
N ALA A 123 -58.93 -3.66 -24.90
CA ALA A 123 -59.02 -2.33 -25.50
C ALA A 123 -59.40 -1.28 -24.48
N THR A 124 -60.35 -1.59 -23.59
CA THR A 124 -60.76 -0.62 -22.58
C THR A 124 -59.65 -0.41 -21.55
N ASN A 125 -59.07 -1.50 -21.06
CA ASN A 125 -58.08 -1.44 -19.98
C ASN A 125 -57.44 -2.82 -19.88
N VAL A 126 -56.20 -2.85 -19.41
CA VAL A 126 -55.42 -4.08 -19.32
C VAL A 126 -55.52 -4.62 -17.90
N VAL A 127 -55.23 -5.91 -17.74
CA VAL A 127 -55.18 -6.57 -16.44
C VAL A 127 -53.86 -7.33 -16.35
N ILE A 128 -53.17 -7.17 -15.23
CA ILE A 128 -51.95 -7.91 -14.93
C ILE A 128 -52.14 -8.57 -13.57
N LYS A 129 -52.14 -9.90 -13.56
CA LYS A 129 -52.42 -10.67 -12.35
C LYS A 129 -51.31 -11.68 -12.13
N VAL A 130 -50.88 -11.81 -10.88
CA VAL A 130 -49.82 -12.73 -10.48
C VAL A 130 -50.37 -13.65 -9.40
N CYS A 131 -50.67 -14.89 -9.77
CA CYS A 131 -51.18 -15.88 -8.84
C CYS A 131 -50.59 -17.24 -9.22
N GLU A 132 -50.92 -18.25 -8.42
CA GLU A 132 -50.49 -19.62 -8.68
C GLU A 132 -51.49 -20.29 -9.62
N PHE A 133 -51.56 -19.77 -10.84
CA PHE A 133 -52.51 -20.27 -11.82
C PHE A 133 -52.16 -21.70 -12.24
N GLN A 134 -53.19 -22.50 -12.45
CA GLN A 134 -53.05 -23.82 -13.08
C GLN A 134 -53.49 -23.67 -14.52
N PHE A 135 -52.54 -23.40 -15.41
CA PHE A 135 -52.84 -23.11 -16.80
C PHE A 135 -53.23 -24.39 -17.55
N CYS A 136 -54.32 -24.31 -18.31
CA CYS A 136 -54.79 -25.45 -19.08
C CYS A 136 -53.95 -25.62 -20.34
N ASN A 137 -54.35 -26.59 -21.17
CA ASN A 137 -53.63 -26.86 -22.41
C ASN A 137 -53.71 -25.66 -23.36
N ASP A 138 -54.88 -25.05 -23.46
CA ASP A 138 -55.08 -23.89 -24.32
C ASP A 138 -55.55 -22.71 -23.49
N PRO A 139 -54.65 -21.84 -23.03
CA PRO A 139 -55.09 -20.67 -22.25
C PRO A 139 -55.49 -19.51 -23.15
N PHE A 140 -56.66 -18.95 -22.92
CA PHE A 140 -57.18 -17.86 -23.74
C PHE A 140 -58.29 -17.15 -22.99
N LEU A 141 -58.44 -15.86 -23.27
CA LEU A 141 -59.53 -15.09 -22.68
C LEU A 141 -60.82 -15.37 -23.44
N GLY A 142 -61.81 -15.90 -22.73
CA GLY A 142 -63.08 -16.22 -23.36
C GLY A 142 -63.76 -15.01 -23.94
N VAL A 143 -64.00 -15.02 -25.25
CA VAL A 143 -64.56 -13.88 -25.96
C VAL A 143 -65.61 -14.37 -26.94
N TYR A 144 -66.74 -13.67 -27.00
CA TYR A 144 -67.83 -13.99 -27.92
C TYR A 144 -68.30 -12.73 -28.61
N TYR A 145 -68.83 -12.90 -29.81
CA TYR A 145 -69.35 -11.76 -30.57
C TYR A 145 -70.69 -11.31 -30.00
N HIS A 146 -70.81 -10.01 -29.77
CA HIS A 146 -72.03 -9.42 -29.22
C HIS A 146 -72.73 -8.63 -30.31
N LYS A 147 -74.01 -8.92 -30.53
CA LYS A 147 -74.74 -8.25 -31.61
C LYS A 147 -74.89 -6.75 -31.34
N ASN A 148 -75.21 -6.39 -30.09
CA ASN A 148 -75.42 -4.98 -29.76
C ASN A 148 -74.14 -4.18 -29.92
N ASN A 149 -73.01 -4.72 -29.45
CA ASN A 149 -71.75 -4.01 -29.54
C ASN A 149 -71.09 -4.15 -30.91
N LYS A 150 -71.55 -5.09 -31.75
CA LYS A 150 -71.00 -5.32 -33.08
C LYS A 150 -69.49 -5.57 -33.02
N SER A 151 -69.05 -6.27 -31.98
CA SER A 151 -67.64 -6.57 -31.80
C SER A 151 -67.50 -7.81 -30.92
N TRP A 152 -66.31 -8.39 -30.94
CA TRP A 152 -66.02 -9.59 -30.15
C TRP A 152 -65.64 -9.17 -28.73
N MET A 153 -66.65 -9.14 -27.87
CA MET A 153 -66.47 -8.73 -26.48
C MET A 153 -66.13 -9.93 -25.61
N GLU A 154 -65.15 -9.74 -24.73
CA GLU A 154 -64.58 -10.83 -23.94
C GLU A 154 -65.58 -11.25 -22.87
N SER A 155 -66.11 -12.47 -23.00
CA SER A 155 -67.18 -12.92 -22.10
C SER A 155 -66.65 -13.20 -20.70
N GLU A 156 -65.56 -13.96 -20.58
CA GLU A 156 -65.12 -14.45 -19.29
C GLU A 156 -63.65 -14.80 -19.37
N PHE A 157 -63.02 -14.96 -18.20
CA PHE A 157 -61.60 -15.30 -18.10
C PHE A 157 -61.45 -16.81 -18.12
N ARG A 158 -61.04 -17.36 -19.26
CA ARG A 158 -60.75 -18.78 -19.41
C ARG A 158 -59.25 -19.07 -19.47
N VAL A 159 -58.42 -18.08 -19.13
CA VAL A 159 -56.97 -18.25 -19.26
C VAL A 159 -56.44 -19.26 -18.24
N TYR A 160 -56.92 -19.20 -17.00
CA TYR A 160 -56.46 -20.10 -15.95
C TYR A 160 -57.62 -20.92 -15.41
N SER A 161 -57.34 -22.17 -15.03
CA SER A 161 -58.35 -22.98 -14.36
C SER A 161 -58.48 -22.59 -12.89
N SER A 162 -57.37 -22.17 -12.27
CA SER A 162 -57.35 -21.84 -10.86
C SER A 162 -56.59 -20.53 -10.66
N ALA A 163 -56.89 -19.85 -9.54
CA ALA A 163 -56.25 -18.59 -9.18
C ALA A 163 -55.90 -18.55 -7.71
N ASN A 164 -55.41 -19.66 -7.17
CA ASN A 164 -55.10 -19.73 -5.74
C ASN A 164 -53.87 -18.89 -5.41
N ASN A 165 -53.85 -18.39 -4.16
CA ASN A 165 -52.72 -17.63 -3.63
C ASN A 165 -52.38 -16.42 -4.48
N CYS A 166 -53.40 -15.63 -4.82
CA CYS A 166 -53.18 -14.39 -5.56
C CYS A 166 -52.45 -13.39 -4.68
N THR A 167 -51.43 -12.74 -5.26
CA THR A 167 -50.58 -11.83 -4.50
C THR A 167 -50.46 -10.42 -5.09
N PHE A 168 -50.51 -10.27 -6.41
CA PHE A 168 -50.24 -8.99 -7.02
C PHE A 168 -51.22 -8.74 -8.15
N GLU A 169 -51.53 -7.46 -8.38
CA GLU A 169 -52.37 -7.03 -9.48
C GLU A 169 -51.97 -5.63 -9.89
N TYR A 170 -51.97 -5.38 -11.20
CA TYR A 170 -51.59 -4.09 -11.75
C TYR A 170 -52.45 -3.78 -12.97
N VAL A 171 -52.82 -2.51 -13.09
CA VAL A 171 -53.67 -2.04 -14.18
C VAL A 171 -53.12 -0.70 -14.68
N SER A 172 -53.08 -0.55 -16.01
CA SER A 172 -52.58 0.68 -16.61
C SER A 172 -53.20 0.82 -18.01
N GLN A 173 -52.83 1.89 -18.69
CA GLN A 173 -53.37 2.14 -20.02
C GLN A 173 -52.90 1.09 -21.00
N PRO A 174 -53.72 0.71 -21.98
CA PRO A 174 -53.30 -0.30 -22.95
C PRO A 174 -52.14 0.17 -23.80
N PHE A 175 -51.30 -0.78 -24.22
CA PHE A 175 -50.14 -0.49 -25.06
C PHE A 175 -50.02 -1.39 -26.28
N LEU A 176 -50.80 -2.46 -26.35
CA LEU A 176 -50.78 -3.36 -27.49
C LEU A 176 -51.69 -2.94 -28.63
N MET A 177 -52.47 -1.87 -28.47
CA MET A 177 -53.42 -1.42 -29.47
C MET A 177 -53.09 0.01 -29.88
N ASP A 178 -52.92 0.22 -31.18
CA ASP A 178 -52.65 1.54 -31.76
C ASP A 178 -51.47 2.23 -31.10
N LYS A 187 -49.07 -3.57 -39.73
CA LYS A 187 -48.94 -2.19 -40.19
C LYS A 187 -47.88 -1.45 -39.38
N ASN A 188 -47.95 -1.56 -38.06
CA ASN A 188 -47.00 -0.93 -37.15
C ASN A 188 -46.31 -1.99 -36.32
N LEU A 189 -44.99 -1.98 -36.33
CA LEU A 189 -44.23 -2.96 -35.55
C LEU A 189 -44.31 -2.64 -34.06
N ARG A 190 -44.45 -3.69 -33.25
CA ARG A 190 -44.49 -3.59 -31.81
C ARG A 190 -43.36 -4.42 -31.23
N GLU A 191 -42.50 -3.79 -30.44
CA GLU A 191 -41.33 -4.45 -29.86
C GLU A 191 -41.42 -4.39 -28.34
N PHE A 192 -41.08 -5.49 -27.69
CA PHE A 192 -41.14 -5.59 -26.23
C PHE A 192 -39.98 -6.42 -25.72
N VAL A 193 -39.40 -5.99 -24.59
CA VAL A 193 -38.38 -6.75 -23.89
C VAL A 193 -38.87 -7.03 -22.48
N PHE A 194 -38.76 -8.29 -22.07
CA PHE A 194 -39.16 -8.72 -20.73
C PHE A 194 -37.94 -9.27 -20.01
N LYS A 195 -37.67 -8.76 -18.81
CA LYS A 195 -36.53 -9.16 -18.02
C LYS A 195 -36.95 -9.40 -16.57
N ASN A 196 -36.21 -10.26 -15.88
CA ASN A 196 -36.40 -10.50 -14.45
C ASN A 196 -35.08 -10.21 -13.74
N ILE A 197 -35.01 -9.08 -13.05
CA ILE A 197 -33.83 -8.67 -12.30
C ILE A 197 -34.25 -8.37 -10.88
N ASP A 198 -33.50 -8.92 -9.92
CA ASP A 198 -33.68 -8.67 -8.47
C ASP A 198 -35.15 -8.64 -8.05
N GLY A 199 -35.95 -9.53 -8.64
CA GLY A 199 -37.35 -9.63 -8.31
C GLY A 199 -38.25 -8.61 -8.97
N TYR A 200 -37.76 -7.89 -9.97
CA TYR A 200 -38.56 -6.92 -10.71
C TYR A 200 -38.70 -7.37 -12.15
N PHE A 201 -39.93 -7.40 -12.64
CA PHE A 201 -40.22 -7.75 -14.02
C PHE A 201 -40.41 -6.48 -14.83
N LYS A 202 -39.42 -6.16 -15.67
CA LYS A 202 -39.38 -4.89 -16.39
C LYS A 202 -39.87 -5.11 -17.81
N ILE A 203 -40.70 -4.18 -18.30
CA ILE A 203 -41.22 -4.21 -19.66
C ILE A 203 -40.77 -2.94 -20.36
N TYR A 204 -40.14 -3.10 -21.52
CA TYR A 204 -39.79 -1.98 -22.39
C TYR A 204 -40.58 -2.11 -23.69
N SER A 205 -41.03 -0.99 -24.22
CA SER A 205 -41.91 -1.02 -25.39
C SER A 205 -41.60 0.14 -26.33
N LYS A 206 -41.94 -0.07 -27.60
CA LYS A 206 -41.85 0.96 -28.62
C LYS A 206 -42.65 0.49 -29.83
N HIS A 207 -43.41 1.41 -30.42
CA HIS A 207 -44.25 1.11 -31.57
C HIS A 207 -43.88 2.04 -32.71
N THR A 208 -43.53 1.45 -33.85
CA THR A 208 -43.15 2.22 -35.03
C THR A 208 -43.83 1.62 -36.26
N PRO A 209 -44.21 2.45 -37.24
CA PRO A 209 -44.80 1.90 -38.47
C PRO A 209 -43.73 1.35 -39.40
N ILE A 210 -44.01 0.19 -39.98
CA ILE A 210 -43.11 -0.46 -40.92
C ILE A 210 -43.89 -0.87 -42.16
N ASN A 211 -43.20 -0.95 -43.30
CA ASN A 211 -43.87 -1.32 -44.54
C ASN A 211 -43.98 -2.83 -44.68
N LEU A 212 -42.89 -3.55 -44.46
CA LEU A 212 -42.84 -4.99 -44.61
C LEU A 212 -43.12 -5.64 -43.27
N VAL A 213 -44.32 -6.20 -43.11
CA VAL A 213 -44.69 -6.85 -41.86
C VAL A 213 -43.90 -8.15 -41.69
N ARG A 214 -43.52 -8.78 -42.80
CA ARG A 214 -42.86 -10.08 -42.73
C ARG A 214 -41.47 -9.98 -42.11
N ASP A 215 -40.81 -8.83 -42.23
CA ASP A 215 -39.44 -8.67 -41.80
C ASP A 215 -39.27 -7.42 -40.94
N LEU A 216 -38.40 -7.53 -39.94
CA LEU A 216 -38.04 -6.36 -39.15
C LEU A 216 -37.28 -5.35 -40.00
N PRO A 217 -37.57 -4.06 -39.87
CA PRO A 217 -36.82 -3.06 -40.63
C PRO A 217 -35.37 -2.99 -40.19
N GLN A 218 -34.50 -2.63 -41.14
CA GLN A 218 -33.09 -2.44 -40.84
C GLN A 218 -32.89 -1.02 -40.33
N GLY A 219 -33.34 -0.79 -39.11
CA GLY A 219 -33.24 0.50 -38.48
C GLY A 219 -33.21 0.35 -36.98
N PHE A 220 -32.84 1.44 -36.31
CA PHE A 220 -32.64 1.43 -34.86
C PHE A 220 -33.74 2.24 -34.19
N SER A 221 -34.30 1.70 -33.10
CA SER A 221 -35.29 2.39 -32.29
C SER A 221 -35.16 1.89 -30.86
N ALA A 222 -34.66 2.76 -29.99
CA ALA A 222 -34.48 2.40 -28.59
C ALA A 222 -35.83 2.15 -27.93
N LEU A 223 -35.86 1.14 -27.05
CA LEU A 223 -37.11 0.72 -26.42
C LEU A 223 -37.26 1.43 -25.09
N GLU A 224 -38.22 2.34 -25.00
CA GLU A 224 -38.44 3.10 -23.78
C GLU A 224 -39.04 2.20 -22.71
N PRO A 225 -38.64 2.34 -21.45
CA PRO A 225 -39.26 1.56 -20.38
C PRO A 225 -40.75 1.86 -20.30
N LEU A 226 -41.54 0.79 -20.16
CA LEU A 226 -42.99 0.92 -20.06
C LEU A 226 -43.50 0.82 -18.63
N VAL A 227 -43.25 -0.33 -17.98
CA VAL A 227 -43.66 -0.55 -16.60
C VAL A 227 -42.61 -1.41 -15.92
N ASP A 228 -42.37 -1.14 -14.64
CA ASP A 228 -41.56 -2.00 -13.80
C ASP A 228 -42.46 -2.55 -12.69
N LEU A 229 -42.49 -3.87 -12.56
CA LEU A 229 -43.47 -4.48 -11.68
C LEU A 229 -42.79 -5.31 -10.60
N PRO A 230 -43.13 -5.07 -9.33
CA PRO A 230 -42.54 -5.85 -8.21
C PRO A 230 -43.18 -7.23 -8.08
N ILE A 231 -43.02 -8.04 -9.13
CA ILE A 231 -43.61 -9.37 -9.12
C ILE A 231 -42.91 -10.27 -8.11
N GLY A 232 -41.58 -10.26 -8.12
CA GLY A 232 -40.82 -11.03 -7.14
C GLY A 232 -40.99 -12.53 -7.23
N ILE A 233 -41.11 -13.06 -8.45
CA ILE A 233 -41.19 -14.51 -8.66
C ILE A 233 -40.20 -14.89 -9.75
N ASN A 234 -39.89 -16.18 -9.79
CA ASN A 234 -38.98 -16.73 -10.80
C ASN A 234 -39.77 -17.13 -12.04
N ILE A 235 -39.23 -16.77 -13.20
CA ILE A 235 -39.84 -17.07 -14.49
C ILE A 235 -38.83 -17.81 -15.34
N THR A 236 -39.18 -19.03 -15.77
CA THR A 236 -38.38 -19.79 -16.72
C THR A 236 -39.14 -20.20 -17.97
N ARG A 237 -40.42 -19.87 -18.07
CA ARG A 237 -41.25 -20.23 -19.20
C ARG A 237 -41.92 -18.98 -19.74
N PHE A 238 -42.12 -18.95 -21.05
CA PHE A 238 -42.75 -17.81 -21.71
C PHE A 238 -43.79 -18.33 -22.70
N GLN A 239 -44.96 -17.71 -22.71
CA GLN A 239 -46.05 -18.09 -23.59
C GLN A 239 -46.72 -16.86 -24.15
N THR A 240 -47.07 -16.91 -25.43
CA THR A 240 -47.85 -15.83 -26.03
C THR A 240 -49.32 -16.19 -26.01
N LEU A 241 -50.16 -15.22 -25.62
CA LEU A 241 -51.59 -15.43 -25.45
C LEU A 241 -52.32 -14.79 -26.63
N LEU A 242 -53.16 -15.59 -27.29
CA LEU A 242 -54.01 -15.12 -28.37
C LEU A 242 -55.45 -15.43 -28.03
N ALA A 243 -56.34 -14.47 -28.25
CA ALA A 243 -57.74 -14.65 -27.90
C ALA A 243 -58.41 -15.62 -28.85
N LEU A 244 -58.92 -16.72 -28.29
CA LEU A 244 -59.68 -17.70 -29.06
C LEU A 244 -61.16 -17.41 -28.89
N HIS A 245 -61.84 -17.15 -30.00
CA HIS A 245 -63.16 -16.52 -29.96
C HIS A 245 -64.25 -17.58 -29.80
N ARG A 246 -65.50 -17.14 -29.97
CA ARG A 246 -66.64 -18.05 -29.80
C ARG A 246 -66.60 -19.19 -30.81
N SER A 247 -66.04 -18.94 -32.00
CA SER A 247 -65.87 -20.01 -32.97
C SER A 247 -64.95 -21.10 -32.42
N TYR A 248 -63.86 -20.70 -31.77
CA TYR A 248 -63.00 -21.68 -31.11
C TYR A 248 -63.70 -22.27 -29.89
N LEU A 249 -64.51 -21.46 -29.20
CA LEU A 249 -65.23 -21.96 -28.01
C LEU A 249 -66.19 -23.08 -28.39
N THR A 250 -66.86 -22.96 -29.53
CA THR A 250 -67.74 -24.02 -29.99
C THR A 250 -66.93 -25.27 -30.31
N PRO A 251 -67.53 -26.46 -30.14
CA PRO A 251 -66.78 -27.69 -30.42
C PRO A 251 -66.31 -27.80 -31.87
N GLY A 252 -66.99 -27.13 -32.80
CA GLY A 252 -66.59 -27.11 -34.18
C GLY A 252 -65.19 -26.55 -34.39
N ASP A 253 -64.37 -27.27 -35.16
CA ASP A 253 -63.00 -26.84 -35.37
C ASP A 253 -62.93 -25.63 -36.32
N SER A 254 -63.98 -25.40 -37.10
CA SER A 254 -63.98 -24.31 -38.08
C SER A 254 -64.08 -22.97 -37.34
N SER A 255 -62.98 -22.21 -37.34
CA SER A 255 -62.95 -20.89 -36.73
C SER A 255 -63.18 -19.83 -37.80
N SER A 256 -64.38 -19.88 -38.39
CA SER A 256 -64.73 -18.94 -39.45
C SER A 256 -64.94 -17.54 -38.90
N GLY A 257 -65.52 -17.43 -37.71
CA GLY A 257 -65.83 -16.11 -37.16
C GLY A 257 -64.59 -15.27 -36.88
N TRP A 258 -63.54 -15.89 -36.36
CA TRP A 258 -62.32 -15.19 -35.98
C TRP A 258 -61.16 -15.70 -36.84
N THR A 259 -60.46 -14.78 -37.48
CA THR A 259 -59.36 -15.10 -38.39
C THR A 259 -58.03 -14.80 -37.71
N ALA A 260 -57.13 -15.78 -37.73
CA ALA A 260 -55.80 -15.64 -37.15
C ALA A 260 -54.69 -15.88 -38.17
N GLY A 261 -54.89 -15.43 -39.42
CA GLY A 261 -53.88 -15.64 -40.43
C GLY A 261 -52.58 -14.91 -40.13
N ALA A 262 -52.68 -13.69 -39.62
CA ALA A 262 -51.49 -12.88 -39.29
C ALA A 262 -51.00 -13.19 -37.88
N ALA A 263 -50.78 -14.48 -37.62
CA ALA A 263 -50.27 -14.95 -36.33
C ALA A 263 -48.74 -15.02 -36.41
N ALA A 264 -48.13 -13.84 -36.55
CA ALA A 264 -46.69 -13.71 -36.70
C ALA A 264 -46.13 -12.95 -35.50
N TYR A 265 -45.20 -13.57 -34.79
CA TYR A 265 -44.54 -12.94 -33.66
C TYR A 265 -43.13 -13.48 -33.52
N TYR A 266 -42.18 -12.59 -33.26
CA TYR A 266 -40.77 -12.90 -33.23
C TYR A 266 -40.30 -13.00 -31.78
N VAL A 267 -39.39 -13.93 -31.52
CA VAL A 267 -38.83 -14.13 -30.18
C VAL A 267 -37.32 -14.07 -30.28
N GLY A 268 -36.71 -13.15 -29.53
CA GLY A 268 -35.27 -13.11 -29.41
C GLY A 268 -34.87 -13.30 -27.96
N TYR A 269 -33.61 -13.66 -27.75
CA TYR A 269 -33.09 -13.95 -26.43
C TYR A 269 -31.96 -13.00 -26.07
N LEU A 270 -32.08 -12.35 -24.91
CA LEU A 270 -31.06 -11.44 -24.44
C LEU A 270 -29.87 -12.23 -23.88
N GLN A 271 -28.67 -11.68 -24.05
CA GLN A 271 -27.46 -12.28 -23.53
C GLN A 271 -26.58 -11.20 -22.93
N PRO A 272 -25.76 -11.55 -21.93
CA PRO A 272 -24.86 -10.56 -21.33
C PRO A 272 -23.88 -10.02 -22.35
N ARG A 273 -23.97 -8.72 -22.61
CA ARG A 273 -23.18 -8.09 -23.66
C ARG A 273 -22.74 -6.71 -23.20
N THR A 274 -21.69 -6.21 -23.83
CA THR A 274 -21.20 -4.85 -23.63
C THR A 274 -21.59 -4.01 -24.82
N PHE A 275 -22.22 -2.87 -24.56
CA PHE A 275 -22.78 -2.03 -25.62
C PHE A 275 -22.28 -0.60 -25.46
N LEU A 276 -22.09 0.08 -26.58
CA LEU A 276 -21.78 1.51 -26.59
C LEU A 276 -23.01 2.26 -27.07
N LEU A 277 -23.69 2.92 -26.15
CA LEU A 277 -24.95 3.59 -26.42
C LEU A 277 -24.69 5.06 -26.71
N LYS A 278 -25.27 5.56 -27.80
CA LYS A 278 -25.10 6.95 -28.21
C LYS A 278 -26.37 7.73 -27.86
N TYR A 279 -26.22 8.73 -27.01
CA TYR A 279 -27.33 9.60 -26.61
C TYR A 279 -27.21 10.92 -27.35
N ASN A 280 -28.34 11.40 -27.87
CA ASN A 280 -28.35 12.71 -28.51
C ASN A 280 -28.55 13.80 -27.47
N GLU A 281 -28.72 15.03 -27.94
CA GLU A 281 -28.92 16.16 -27.02
C GLU A 281 -30.21 16.04 -26.24
N ASN A 282 -31.27 15.51 -26.86
CA ASN A 282 -32.53 15.32 -26.15
C ASN A 282 -32.40 14.26 -25.05
N GLY A 283 -31.47 13.34 -25.21
CA GLY A 283 -31.33 12.21 -24.31
C GLY A 283 -31.78 10.88 -24.89
N THR A 284 -32.20 10.83 -26.16
CA THR A 284 -32.64 9.61 -26.79
C THR A 284 -31.46 8.85 -27.37
N ILE A 285 -31.53 7.52 -27.29
CA ILE A 285 -30.49 6.65 -27.84
C ILE A 285 -30.67 6.62 -29.35
N THR A 286 -29.75 7.26 -30.07
CA THR A 286 -29.86 7.33 -31.52
C THR A 286 -29.27 6.10 -32.21
N ASP A 287 -28.20 5.54 -31.66
CA ASP A 287 -27.54 4.40 -32.28
C ASP A 287 -26.71 3.69 -31.22
N ALA A 288 -26.34 2.45 -31.53
CA ALA A 288 -25.52 1.64 -30.63
C ALA A 288 -24.71 0.64 -31.44
N VAL A 289 -23.65 0.13 -30.82
CA VAL A 289 -22.77 -0.86 -31.44
C VAL A 289 -22.48 -1.95 -30.41
N ASP A 290 -22.47 -3.21 -30.87
CA ASP A 290 -22.22 -4.35 -30.00
C ASP A 290 -20.74 -4.72 -30.10
N CYS A 291 -20.04 -4.66 -28.97
CA CYS A 291 -18.58 -4.80 -28.99
C CYS A 291 -18.15 -6.16 -29.49
N ALA A 292 -18.86 -7.22 -29.09
CA ALA A 292 -18.45 -8.57 -29.44
C ALA A 292 -18.90 -9.00 -30.84
N LEU A 293 -19.62 -8.14 -31.56
CA LEU A 293 -20.15 -8.54 -32.86
C LEU A 293 -19.04 -8.79 -33.87
N ASP A 294 -18.11 -7.85 -34.00
CA ASP A 294 -17.08 -7.92 -35.04
C ASP A 294 -15.91 -7.05 -34.60
N PRO A 295 -14.72 -7.26 -35.18
CA PRO A 295 -13.54 -6.50 -34.71
C PRO A 295 -13.69 -4.98 -34.80
N LEU A 296 -14.35 -4.47 -35.84
CA LEU A 296 -14.52 -3.03 -35.94
C LEU A 296 -15.38 -2.49 -34.80
N SER A 297 -16.41 -3.24 -34.42
CA SER A 297 -17.24 -2.82 -33.28
C SER A 297 -16.44 -2.86 -31.99
N GLU A 298 -15.56 -3.85 -31.83
CA GLU A 298 -14.68 -3.88 -30.67
C GLU A 298 -13.76 -2.67 -30.64
N THR A 299 -13.24 -2.28 -31.80
CA THR A 299 -12.42 -1.08 -31.87
C THR A 299 -13.23 0.17 -31.50
N LYS A 300 -14.48 0.24 -31.98
CA LYS A 300 -15.34 1.36 -31.64
C LYS A 300 -15.59 1.42 -30.14
N CYS A 301 -15.84 0.28 -29.52
CA CYS A 301 -16.04 0.26 -28.07
C CYS A 301 -14.77 0.66 -27.31
N THR A 302 -13.62 0.19 -27.78
CA THR A 302 -12.37 0.55 -27.12
C THR A 302 -12.11 2.05 -27.22
N LEU A 303 -12.32 2.62 -28.40
CA LEU A 303 -12.15 4.07 -28.57
C LEU A 303 -13.33 4.85 -28.01
N LYS A 304 -14.46 4.20 -27.74
CA LYS A 304 -15.69 4.85 -27.32
C LYS A 304 -16.11 5.94 -28.33
N SER A 305 -15.89 5.66 -29.60
CA SER A 305 -16.27 6.57 -30.68
C SER A 305 -16.88 5.76 -31.80
N PHE A 306 -17.98 6.28 -32.38
CA PHE A 306 -18.65 5.54 -33.44
C PHE A 306 -17.87 5.59 -34.74
N THR A 307 -17.09 6.64 -34.94
CA THR A 307 -16.21 6.75 -36.10
C THR A 307 -14.76 6.67 -35.64
N VAL A 308 -14.04 5.68 -36.16
CA VAL A 308 -12.64 5.47 -35.83
C VAL A 308 -11.79 5.91 -37.02
N GLU A 309 -10.70 6.60 -36.73
CA GLU A 309 -9.81 7.09 -37.78
C GLU A 309 -8.95 5.95 -38.32
N LYS A 310 -8.36 6.20 -39.48
CA LYS A 310 -7.46 5.21 -40.08
C LYS A 310 -6.26 4.97 -39.17
N GLY A 311 -5.95 3.70 -38.96
CA GLY A 311 -4.82 3.35 -38.11
C GLY A 311 -4.98 1.93 -37.59
N ILE A 312 -4.12 1.60 -36.63
CA ILE A 312 -4.11 0.29 -35.98
C ILE A 312 -4.38 0.48 -34.51
N TYR A 313 -5.39 -0.22 -33.99
CA TYR A 313 -5.84 -0.07 -32.62
C TYR A 313 -5.83 -1.43 -31.94
N GLN A 314 -5.28 -1.49 -30.72
CA GLN A 314 -5.25 -2.71 -29.94
C GLN A 314 -6.54 -2.81 -29.12
N THR A 315 -7.32 -3.85 -29.40
CA THR A 315 -8.62 -4.03 -28.75
C THR A 315 -8.56 -5.01 -27.59
N SER A 316 -8.12 -6.24 -27.85
CA SER A 316 -8.07 -7.28 -26.84
C SER A 316 -6.70 -7.95 -26.87
N ASN A 317 -6.53 -8.97 -26.03
CA ASN A 317 -5.27 -9.70 -25.92
C ASN A 317 -5.51 -11.16 -26.26
N PHE A 318 -4.77 -11.66 -27.24
CA PHE A 318 -4.83 -13.07 -27.59
C PHE A 318 -4.14 -13.91 -26.53
N ARG A 319 -4.64 -15.13 -26.36
CA ARG A 319 -4.07 -16.03 -25.36
C ARG A 319 -4.39 -17.47 -25.76
N VAL A 320 -3.42 -18.36 -25.55
CA VAL A 320 -3.57 -19.77 -25.87
C VAL A 320 -3.74 -20.54 -24.56
N GLN A 321 -4.92 -21.12 -24.38
CA GLN A 321 -5.16 -21.93 -23.20
C GLN A 321 -4.56 -23.32 -23.38
N PRO A 322 -4.15 -23.97 -22.30
CA PRO A 322 -3.58 -25.32 -22.42
C PRO A 322 -4.61 -26.31 -22.90
N THR A 323 -4.21 -27.13 -23.87
CA THR A 323 -5.13 -28.12 -24.43
C THR A 323 -5.38 -29.26 -23.44
N GLU A 324 -4.32 -29.78 -22.82
CA GLU A 324 -4.43 -30.90 -21.91
C GLU A 324 -3.40 -30.76 -20.80
N SER A 325 -3.32 -31.79 -19.96
CA SER A 325 -2.36 -31.86 -18.86
C SER A 325 -1.54 -33.14 -19.01
N ILE A 326 -0.22 -33.00 -18.97
CA ILE A 326 0.70 -34.11 -19.11
C ILE A 326 1.44 -34.31 -17.80
N VAL A 327 1.50 -35.55 -17.34
CA VAL A 327 2.21 -35.92 -16.10
C VAL A 327 3.15 -37.07 -16.43
N ARG A 328 4.43 -36.89 -16.13
CA ARG A 328 5.44 -37.93 -16.34
C ARG A 328 6.32 -38.02 -15.11
N PHE A 329 6.29 -39.18 -14.45
CA PHE A 329 7.14 -39.49 -13.32
C PHE A 329 8.10 -40.59 -13.71
N PRO A 330 9.25 -40.70 -13.05
CA PRO A 330 10.30 -41.61 -13.51
C PRO A 330 9.88 -43.08 -13.44
N ASN A 331 10.65 -43.92 -14.13
CA ASN A 331 10.36 -45.34 -14.20
C ASN A 331 10.41 -45.97 -12.80
N ILE A 332 9.70 -47.07 -12.66
CA ILE A 332 9.71 -47.83 -11.40
C ILE A 332 10.88 -48.81 -11.50
N THR A 333 12.08 -48.29 -11.22
CA THR A 333 13.28 -49.11 -11.32
C THR A 333 13.36 -50.12 -10.18
N ASN A 334 13.07 -49.68 -8.96
CA ASN A 334 13.14 -50.56 -7.78
C ASN A 334 11.74 -51.08 -7.49
N LEU A 335 11.55 -52.38 -7.71
CA LEU A 335 10.29 -53.05 -7.44
C LEU A 335 10.42 -53.89 -6.18
N CYS A 336 9.49 -53.71 -5.25
CA CYS A 336 9.55 -54.46 -4.00
C CYS A 336 9.31 -55.93 -4.27
N PRO A 337 10.19 -56.82 -3.82
CA PRO A 337 10.09 -58.25 -4.17
C PRO A 337 9.05 -59.00 -3.36
N PHE A 338 7.78 -58.58 -3.51
CA PHE A 338 6.69 -59.34 -2.92
C PHE A 338 6.41 -60.62 -3.69
N GLY A 339 6.65 -60.61 -5.00
CA GLY A 339 6.38 -61.79 -5.81
C GLY A 339 7.23 -62.98 -5.40
N GLU A 340 8.53 -62.77 -5.22
CA GLU A 340 9.41 -63.86 -4.80
C GLU A 340 9.00 -64.40 -3.43
N VAL A 341 8.48 -63.54 -2.56
CA VAL A 341 7.89 -64.03 -1.31
C VAL A 341 6.68 -64.90 -1.60
N PHE A 342 5.83 -64.48 -2.54
CA PHE A 342 4.67 -65.29 -2.90
C PHE A 342 5.06 -66.52 -3.69
N ASN A 343 6.15 -66.46 -4.45
CA ASN A 343 6.60 -67.59 -5.26
C ASN A 343 7.57 -68.50 -4.53
N ALA A 344 7.80 -68.26 -3.23
CA ALA A 344 8.75 -69.09 -2.48
C ALA A 344 8.30 -70.55 -2.47
N THR A 345 9.24 -71.45 -2.77
CA THR A 345 8.91 -72.87 -2.84
C THR A 345 8.51 -73.41 -1.46
N ARG A 346 9.26 -73.07 -0.42
CA ARG A 346 8.99 -73.52 0.94
C ARG A 346 8.77 -72.30 1.83
N PHE A 347 7.52 -72.11 2.26
CA PHE A 347 7.21 -70.99 3.13
C PHE A 347 7.74 -71.24 4.54
N ALA A 348 7.80 -70.16 5.32
CA ALA A 348 8.23 -70.26 6.70
C ALA A 348 7.16 -70.96 7.54
N SER A 349 7.60 -71.53 8.66
CA SER A 349 6.68 -72.19 9.57
C SER A 349 5.74 -71.18 10.21
N VAL A 350 4.57 -71.68 10.65
CA VAL A 350 3.56 -70.78 11.21
C VAL A 350 4.04 -70.17 12.52
N TYR A 351 4.73 -70.96 13.35
CA TYR A 351 5.29 -70.42 14.58
C TYR A 351 6.52 -69.57 14.28
N ALA A 352 7.39 -70.03 13.40
CA ALA A 352 8.59 -69.30 12.99
C ALA A 352 8.34 -68.51 11.71
N TRP A 353 7.31 -67.67 11.71
CA TRP A 353 6.97 -66.90 10.52
C TRP A 353 8.09 -65.93 10.19
N ASN A 354 8.46 -65.87 8.91
CA ASN A 354 9.54 -64.99 8.47
C ASN A 354 9.06 -63.55 8.42
N ARG A 355 9.82 -62.65 9.05
CA ARG A 355 9.52 -61.24 9.06
C ARG A 355 10.57 -60.51 8.23
N LYS A 356 10.12 -59.77 7.22
CA LYS A 356 11.01 -59.04 6.33
C LYS A 356 10.53 -57.60 6.24
N ARG A 357 11.47 -56.66 6.41
CA ARG A 357 11.20 -55.24 6.25
C ARG A 357 11.64 -54.82 4.86
N ILE A 358 10.72 -54.28 4.07
CA ILE A 358 10.98 -53.90 2.70
C ILE A 358 10.71 -52.42 2.52
N SER A 359 11.63 -51.73 1.83
CA SER A 359 11.53 -50.31 1.60
C SER A 359 12.45 -49.95 0.44
N ASN A 360 12.51 -48.66 0.12
CA ASN A 360 13.34 -48.14 -0.97
C ASN A 360 13.02 -48.83 -2.30
N CYS A 361 11.73 -49.04 -2.56
CA CYS A 361 11.29 -49.69 -3.78
C CYS A 361 9.87 -49.23 -4.07
N VAL A 362 9.27 -49.82 -5.10
CA VAL A 362 7.90 -49.53 -5.51
C VAL A 362 7.09 -50.81 -5.33
N ALA A 363 6.02 -50.72 -4.55
CA ALA A 363 5.16 -51.87 -4.28
C ALA A 363 4.02 -51.89 -5.29
N ASP A 364 3.96 -52.96 -6.09
CA ASP A 364 2.94 -53.11 -7.12
C ASP A 364 1.91 -54.13 -6.66
N TYR A 365 0.73 -53.65 -6.29
CA TYR A 365 -0.37 -54.51 -5.87
C TYR A 365 -1.28 -54.91 -7.03
N SER A 366 -1.04 -54.39 -8.23
CA SER A 366 -1.88 -54.75 -9.38
C SER A 366 -1.74 -56.23 -9.72
N VAL A 367 -0.52 -56.77 -9.61
CA VAL A 367 -0.33 -58.19 -9.88
C VAL A 367 -1.06 -59.05 -8.86
N LEU A 368 -1.13 -58.58 -7.61
CA LEU A 368 -1.87 -59.31 -6.59
C LEU A 368 -3.35 -59.37 -6.93
N TYR A 369 -3.92 -58.26 -7.40
CA TYR A 369 -5.32 -58.27 -7.81
C TYR A 369 -5.53 -59.15 -9.03
N ASN A 370 -4.60 -59.10 -9.99
CA ASN A 370 -4.75 -59.88 -11.21
C ASN A 370 -4.71 -61.38 -10.94
N SER A 371 -3.85 -61.81 -10.02
CA SER A 371 -3.74 -63.22 -9.70
C SER A 371 -5.06 -63.74 -9.10
N ALA A 372 -5.52 -64.88 -9.59
CA ALA A 372 -6.76 -65.48 -9.14
C ALA A 372 -6.54 -66.60 -8.13
N SER A 373 -5.29 -66.88 -7.76
CA SER A 373 -5.02 -67.95 -6.81
C SER A 373 -5.51 -67.59 -5.41
N PHE A 374 -5.48 -66.31 -5.05
CA PHE A 374 -5.85 -65.89 -3.70
C PHE A 374 -7.32 -66.20 -3.43
N SER A 375 -7.58 -66.80 -2.27
CA SER A 375 -8.94 -67.12 -1.85
C SER A 375 -9.48 -66.15 -0.81
N THR A 376 -8.68 -65.80 0.21
CA THR A 376 -9.07 -64.85 1.23
C THR A 376 -8.12 -63.66 1.16
N PHE A 377 -8.66 -62.49 0.81
CA PHE A 377 -7.90 -61.25 0.71
C PHE A 377 -8.46 -60.21 1.67
N LYS A 378 -8.79 -60.65 2.89
CA LYS A 378 -9.34 -59.73 3.88
C LYS A 378 -8.30 -58.70 4.29
N CYS A 379 -8.73 -57.43 4.33
CA CYS A 379 -7.86 -56.32 4.71
C CYS A 379 -8.47 -55.62 5.92
N TYR A 380 -7.64 -55.33 6.90
CA TYR A 380 -8.07 -54.68 8.14
C TYR A 380 -7.43 -53.30 8.23
N GLY A 381 -8.26 -52.27 8.38
CA GLY A 381 -7.78 -50.92 8.58
C GLY A 381 -7.32 -50.20 7.34
N VAL A 382 -7.41 -50.83 6.16
CA VAL A 382 -6.98 -50.19 4.92
C VAL A 382 -7.79 -50.77 3.77
N SER A 383 -8.14 -49.92 2.82
CA SER A 383 -8.88 -50.38 1.65
C SER A 383 -7.94 -51.10 0.69
N PRO A 384 -8.30 -52.28 0.21
CA PRO A 384 -7.45 -52.95 -0.79
C PRO A 384 -7.27 -52.15 -2.07
N THR A 385 -8.29 -51.38 -2.48
CA THR A 385 -8.18 -50.61 -3.71
C THR A 385 -7.15 -49.50 -3.57
N LYS A 386 -7.11 -48.82 -2.42
CA LYS A 386 -6.21 -47.69 -2.22
C LYS A 386 -4.80 -48.11 -1.81
N LEU A 387 -4.45 -49.38 -1.98
CA LEU A 387 -3.09 -49.82 -1.65
C LEU A 387 -2.06 -49.16 -2.55
N ASN A 388 -2.36 -49.03 -3.85
CA ASN A 388 -1.44 -48.37 -4.75
C ASN A 388 -1.46 -46.85 -4.56
N ASP A 389 -2.64 -46.28 -4.33
CA ASP A 389 -2.75 -44.83 -4.23
C ASP A 389 -2.03 -44.29 -3.01
N LEU A 390 -2.17 -44.94 -1.86
CA LEU A 390 -1.58 -44.49 -0.61
C LEU A 390 -0.48 -45.44 -0.17
N CYS A 391 0.58 -44.89 0.40
CA CYS A 391 1.76 -45.65 0.75
C CYS A 391 2.25 -45.28 2.14
N PHE A 392 3.01 -46.19 2.73
CA PHE A 392 3.54 -46.04 4.08
C PHE A 392 5.07 -45.98 4.03
N THR A 393 5.67 -45.69 5.18
CA THR A 393 7.12 -45.56 5.26
C THR A 393 7.80 -46.92 5.19
N ASN A 394 7.26 -47.92 5.87
CA ASN A 394 7.86 -49.25 5.91
C ASN A 394 6.77 -50.30 5.85
N VAL A 395 7.13 -51.46 5.29
CA VAL A 395 6.19 -52.57 5.11
C VAL A 395 6.84 -53.83 5.68
N TYR A 396 6.07 -54.56 6.49
CA TYR A 396 6.52 -55.83 7.07
C TYR A 396 5.60 -56.95 6.57
N ALA A 397 6.23 -58.04 6.13
CA ALA A 397 5.51 -59.17 5.55
C ALA A 397 5.81 -60.45 6.32
N ASP A 398 4.78 -61.26 6.52
CA ASP A 398 4.89 -62.54 7.21
C ASP A 398 4.32 -63.65 6.34
N SER A 399 5.01 -64.78 6.29
CA SER A 399 4.61 -65.90 5.46
C SER A 399 4.53 -67.17 6.30
N PHE A 400 3.48 -67.95 6.11
CA PHE A 400 3.30 -69.20 6.84
C PHE A 400 2.32 -70.08 6.07
N VAL A 401 2.30 -71.36 6.43
CA VAL A 401 1.44 -72.37 5.81
C VAL A 401 0.58 -72.99 6.90
N ILE A 402 -0.73 -73.03 6.66
CA ILE A 402 -1.69 -73.60 7.61
C ILE A 402 -2.81 -74.26 6.83
N ARG A 403 -3.51 -75.20 7.47
CA ARG A 403 -4.58 -75.92 6.81
C ARG A 403 -5.82 -75.02 6.65
N GLY A 404 -6.82 -75.56 5.95
CA GLY A 404 -7.93 -74.73 5.51
C GLY A 404 -8.76 -74.16 6.65
N ASP A 405 -9.13 -75.00 7.62
CA ASP A 405 -10.05 -74.56 8.66
C ASP A 405 -9.39 -73.62 9.67
N GLU A 406 -8.06 -73.61 9.75
CA GLU A 406 -7.34 -72.75 10.67
C GLU A 406 -6.93 -71.43 10.05
N VAL A 407 -7.27 -71.19 8.78
CA VAL A 407 -6.96 -69.91 8.14
C VAL A 407 -7.72 -68.78 8.83
N ARG A 408 -9.01 -69.02 9.12
CA ARG A 408 -9.83 -68.00 9.77
C ARG A 408 -9.35 -67.66 11.17
N GLN A 409 -8.61 -68.57 11.82
CA GLN A 409 -8.14 -68.29 13.17
C GLN A 409 -7.05 -67.24 13.18
N ILE A 410 -6.26 -67.15 12.10
CA ILE A 410 -5.24 -66.12 11.99
C ILE A 410 -5.90 -64.82 11.53
N ALA A 411 -6.33 -64.01 12.50
CA ALA A 411 -7.02 -62.76 12.19
C ALA A 411 -6.97 -61.88 13.42
N PRO A 412 -6.86 -60.56 13.25
CA PRO A 412 -6.90 -59.66 14.41
C PRO A 412 -8.22 -59.75 15.14
N GLY A 413 -8.16 -59.66 16.47
CA GLY A 413 -9.37 -59.76 17.27
C GLY A 413 -10.00 -61.13 17.29
N GLN A 414 -9.28 -62.16 16.85
CA GLN A 414 -9.80 -63.52 16.81
C GLN A 414 -8.81 -64.45 17.49
N THR A 415 -9.34 -65.39 18.27
CA THR A 415 -8.53 -66.37 18.98
C THR A 415 -8.69 -67.74 18.33
N GLY A 416 -7.67 -68.58 18.52
CA GLY A 416 -7.68 -69.93 17.98
C GLY A 416 -6.63 -70.77 18.65
N LYS A 417 -6.70 -72.08 18.38
CA LYS A 417 -5.74 -73.01 18.95
C LYS A 417 -4.34 -72.80 18.38
N ILE A 418 -4.21 -72.18 17.22
CA ILE A 418 -2.92 -71.95 16.59
C ILE A 418 -2.50 -70.49 16.66
N ALA A 419 -3.47 -69.57 16.53
CA ALA A 419 -3.13 -68.15 16.47
C ALA A 419 -2.53 -67.66 17.78
N ASP A 420 -2.99 -68.22 18.91
CA ASP A 420 -2.47 -67.80 20.20
C ASP A 420 -1.00 -68.16 20.36
N TYR A 421 -0.61 -69.34 19.88
CA TYR A 421 0.73 -69.86 20.13
C TYR A 421 1.63 -69.88 18.90
N ASN A 422 1.15 -69.44 17.74
CA ASN A 422 2.00 -69.37 16.55
C ASN A 422 2.16 -67.96 16.02
N TYR A 423 1.06 -67.24 15.77
CA TYR A 423 1.14 -65.91 15.19
C TYR A 423 -0.11 -65.14 15.58
N LYS A 424 0.07 -63.97 16.19
CA LYS A 424 -1.02 -63.15 16.68
C LYS A 424 -0.98 -61.78 16.01
N LEU A 425 -2.16 -61.23 15.75
CA LEU A 425 -2.31 -59.93 15.12
C LEU A 425 -3.04 -58.97 16.05
N PRO A 426 -2.55 -57.75 16.22
CA PRO A 426 -3.23 -56.80 17.12
C PRO A 426 -4.53 -56.31 16.53
N ASP A 427 -5.45 -55.93 17.42
CA ASP A 427 -6.77 -55.49 16.98
C ASP A 427 -6.71 -54.20 16.17
N ASP A 428 -5.87 -53.25 16.59
CA ASP A 428 -5.75 -51.96 15.91
C ASP A 428 -4.80 -52.01 14.73
N PHE A 429 -4.28 -53.20 14.39
CA PHE A 429 -3.34 -53.33 13.28
C PHE A 429 -4.01 -52.99 11.95
N THR A 430 -3.26 -52.31 11.09
CA THR A 430 -3.73 -51.94 9.75
C THR A 430 -2.91 -52.72 8.73
N GLY A 431 -3.59 -53.52 7.91
CA GLY A 431 -2.90 -54.31 6.92
C GLY A 431 -3.87 -55.24 6.20
N CYS A 432 -3.29 -56.14 5.42
CA CYS A 432 -4.05 -57.08 4.61
C CYS A 432 -3.59 -58.50 4.89
N VAL A 433 -4.51 -59.45 4.74
CA VAL A 433 -4.24 -60.87 4.93
C VAL A 433 -4.49 -61.56 3.59
N ILE A 434 -3.48 -62.28 3.10
CA ILE A 434 -3.55 -62.97 1.82
C ILE A 434 -3.48 -64.47 2.09
N ALA A 435 -4.50 -65.19 1.65
CA ALA A 435 -4.57 -66.64 1.82
C ALA A 435 -4.98 -67.28 0.51
N TRP A 436 -4.25 -68.31 0.09
CA TRP A 436 -4.56 -69.04 -1.13
C TRP A 436 -4.31 -70.52 -0.92
N ASN A 437 -5.06 -71.34 -1.64
CA ASN A 437 -4.94 -72.79 -1.52
C ASN A 437 -3.65 -73.29 -2.16
N SER A 438 -2.95 -74.17 -1.46
CA SER A 438 -1.72 -74.80 -1.96
C SER A 438 -1.73 -76.29 -1.66
N ASN A 439 -2.87 -76.94 -1.89
CA ASN A 439 -2.99 -78.35 -1.56
C ASN A 439 -2.05 -79.20 -2.41
N ASN A 440 -1.96 -78.91 -3.70
CA ASN A 440 -1.14 -79.73 -4.59
C ASN A 440 0.34 -79.67 -4.20
N LEU A 441 0.84 -78.48 -3.88
CA LEU A 441 2.26 -78.33 -3.56
C LEU A 441 2.60 -78.86 -2.18
N ASP A 442 1.74 -78.62 -1.19
CA ASP A 442 2.06 -78.86 0.20
C ASP A 442 1.51 -80.18 0.74
N SER A 443 0.93 -81.02 -0.12
CA SER A 443 0.38 -82.29 0.32
C SER A 443 0.81 -83.40 -0.63
N LYS A 444 0.95 -84.61 -0.08
CA LYS A 444 1.30 -85.79 -0.85
C LYS A 444 0.54 -86.99 -0.28
N VAL A 445 0.59 -88.09 -1.03
CA VAL A 445 -0.16 -89.29 -0.64
C VAL A 445 0.39 -89.85 0.68
N GLY A 446 1.71 -89.89 0.81
CA GLY A 446 2.30 -90.42 2.03
C GLY A 446 2.02 -89.55 3.24
N GLY A 447 2.02 -88.23 3.06
CA GLY A 447 1.79 -87.31 4.15
C GLY A 447 2.93 -86.34 4.35
N ASN A 448 2.66 -85.05 4.21
CA ASN A 448 3.68 -84.00 4.31
C ASN A 448 3.74 -83.53 5.76
N TYR A 449 4.77 -83.98 6.49
CA TYR A 449 4.98 -83.57 7.86
C TYR A 449 6.07 -82.50 7.99
N ASN A 450 6.52 -81.93 6.87
CA ASN A 450 7.55 -80.89 6.93
C ASN A 450 7.05 -79.66 7.67
N TYR A 451 5.81 -79.25 7.40
CA TYR A 451 5.25 -78.09 8.07
C TYR A 451 4.96 -78.41 9.53
N LEU A 452 5.25 -77.45 10.41
CA LEU A 452 5.15 -77.65 11.85
C LEU A 452 4.38 -76.48 12.46
N TYR A 453 3.67 -76.76 13.54
CA TYR A 453 2.89 -75.76 14.25
C TYR A 453 3.04 -75.96 15.76
N ARG A 454 2.78 -74.89 16.50
CA ARG A 454 2.86 -74.90 17.95
C ARG A 454 1.45 -74.90 18.53
N LEU A 455 1.22 -75.75 19.54
CA LEU A 455 -0.10 -75.91 20.13
C LEU A 455 -0.14 -75.68 21.63
N PHE A 456 0.99 -75.75 22.33
CA PHE A 456 1.01 -75.62 23.79
C PHE A 456 2.06 -74.61 24.20
N ARG A 457 1.67 -73.66 25.04
CA ARG A 457 2.60 -72.69 25.61
C ARG A 457 1.96 -72.11 26.88
N LYS A 458 2.83 -71.59 27.75
CA LYS A 458 2.35 -71.01 29.01
C LYS A 458 1.46 -69.80 28.75
N SER A 459 1.85 -68.93 27.82
CA SER A 459 1.09 -67.73 27.51
C SER A 459 1.04 -67.54 26.01
N ASN A 460 0.00 -66.84 25.55
CA ASN A 460 -0.14 -66.54 24.14
C ASN A 460 0.95 -65.57 23.68
N LEU A 461 1.45 -65.78 22.47
CA LEU A 461 2.46 -64.90 21.92
C LEU A 461 1.90 -63.51 21.69
N LYS A 462 2.73 -62.50 21.95
CA LYS A 462 2.35 -61.12 21.69
C LYS A 462 2.26 -60.88 20.19
N PRO A 463 1.45 -59.91 19.76
CA PRO A 463 1.37 -59.60 18.33
C PRO A 463 2.72 -59.16 17.78
N PHE A 464 3.00 -59.59 16.54
CA PHE A 464 4.26 -59.31 15.86
C PHE A 464 5.47 -59.86 16.61
N GLU A 465 5.27 -60.88 17.44
CA GLU A 465 6.34 -61.53 18.19
C GLU A 465 6.32 -63.02 17.86
N ARG A 466 7.47 -63.54 17.46
CA ARG A 466 7.60 -64.94 17.08
C ARG A 466 8.43 -65.69 18.12
N ASP A 467 7.93 -66.85 18.53
CA ASP A 467 8.62 -67.72 19.47
C ASP A 467 9.01 -69.00 18.74
N ILE A 468 10.31 -69.31 18.75
CA ILE A 468 10.83 -70.47 18.04
C ILE A 468 11.41 -71.51 19.03
N SER A 469 11.01 -71.43 20.28
CA SER A 469 11.53 -72.36 21.28
C SER A 469 11.04 -73.77 21.01
N THR A 470 11.98 -74.71 20.96
CA THR A 470 11.67 -76.12 20.77
C THR A 470 11.74 -76.91 22.08
N GLU A 471 11.82 -76.22 23.21
CA GLU A 471 11.93 -76.89 24.50
C GLU A 471 10.65 -77.65 24.82
N ILE A 472 10.82 -78.72 25.59
CA ILE A 472 9.67 -79.52 26.02
C ILE A 472 8.78 -78.69 26.93
N TYR A 473 7.47 -78.81 26.75
CA TYR A 473 6.52 -78.05 27.54
C TYR A 473 6.14 -78.81 28.81
N GLN A 474 6.12 -78.10 29.93
CA GLN A 474 5.80 -78.71 31.22
C GLN A 474 4.32 -78.51 31.53
N ALA A 475 3.49 -79.26 30.80
CA ALA A 475 2.05 -79.21 31.03
C ALA A 475 1.70 -79.73 32.42
N GLY A 476 2.33 -80.82 32.84
CA GLY A 476 2.09 -81.38 34.16
C GLY A 476 2.94 -80.76 35.24
N SER A 477 2.61 -81.09 36.50
CA SER A 477 3.38 -80.57 37.62
C SER A 477 4.77 -81.18 37.68
N THR A 478 4.90 -82.46 37.31
CA THR A 478 6.20 -83.10 37.35
C THR A 478 7.13 -82.47 36.32
N PRO A 479 8.34 -82.06 36.70
CA PRO A 479 9.27 -81.46 35.73
C PRO A 479 9.63 -82.43 34.61
N CYS A 480 9.72 -81.90 33.40
CA CYS A 480 10.04 -82.74 32.25
C CYS A 480 11.50 -83.14 32.24
N ASN A 481 12.39 -82.19 32.54
CA ASN A 481 13.84 -82.42 32.52
C ASN A 481 14.32 -82.91 31.16
N GLY A 482 13.66 -82.47 30.09
CA GLY A 482 14.04 -82.86 28.75
C GLY A 482 13.67 -84.27 28.35
N VAL A 483 12.84 -84.95 29.14
CA VAL A 483 12.45 -86.33 28.88
C VAL A 483 10.94 -86.37 28.69
N GLU A 484 10.49 -86.96 27.60
CA GLU A 484 9.06 -87.11 27.35
C GLU A 484 8.46 -88.09 28.34
N GLY A 485 7.25 -87.76 28.81
CA GLY A 485 6.58 -88.58 29.80
C GLY A 485 5.07 -88.45 29.77
N PHE A 486 4.41 -88.99 30.80
CA PHE A 486 2.95 -88.90 30.86
C PHE A 486 2.49 -87.45 31.02
N ASN A 487 3.18 -86.68 31.84
CA ASN A 487 2.81 -85.29 32.09
C ASN A 487 3.45 -84.31 31.11
N CYS A 488 4.28 -84.79 30.20
CA CYS A 488 5.01 -83.92 29.27
C CYS A 488 4.72 -84.35 27.84
N TYR A 489 4.23 -83.43 27.02
CA TYR A 489 4.01 -83.65 25.60
C TYR A 489 4.72 -82.56 24.82
N PHE A 490 5.26 -82.92 23.66
CA PHE A 490 6.04 -81.97 22.90
C PHE A 490 5.13 -80.90 22.30
N PRO A 491 5.34 -79.62 22.62
CA PRO A 491 4.41 -78.58 22.14
C PRO A 491 4.34 -78.47 20.64
N LEU A 492 5.44 -78.77 19.94
CA LEU A 492 5.46 -78.66 18.48
C LEU A 492 4.96 -79.95 17.85
N GLN A 493 4.12 -79.82 16.81
CA GLN A 493 3.58 -80.96 16.11
C GLN A 493 3.67 -80.73 14.60
N SER A 494 3.74 -81.83 13.86
CA SER A 494 3.83 -81.80 12.41
C SER A 494 2.47 -82.19 11.81
N TYR A 495 1.98 -81.36 10.90
CA TYR A 495 0.66 -81.59 10.32
C TYR A 495 0.69 -82.79 9.38
N GLY A 496 -0.48 -83.41 9.21
CA GLY A 496 -0.65 -84.49 8.27
C GLY A 496 -1.50 -84.07 7.09
N PHE A 497 -0.96 -84.17 5.88
CA PHE A 497 -1.62 -83.68 4.68
C PHE A 497 -1.80 -84.82 3.68
N GLN A 498 -2.96 -84.84 3.04
CA GLN A 498 -3.31 -85.80 2.00
C GLN A 498 -3.87 -85.07 0.80
N PRO A 499 -3.74 -85.64 -0.40
CA PRO A 499 -4.32 -85.01 -1.59
C PRO A 499 -5.83 -84.85 -1.51
N THR A 500 -6.53 -85.77 -0.83
CA THR A 500 -7.99 -85.76 -0.74
C THR A 500 -8.47 -85.28 0.62
N ASN A 501 -7.81 -84.27 1.19
CA ASN A 501 -8.25 -83.74 2.49
C ASN A 501 -9.65 -83.14 2.40
N GLY A 502 -9.93 -82.41 1.33
CA GLY A 502 -11.20 -81.72 1.20
C GLY A 502 -11.12 -80.29 1.69
N VAL A 503 -12.25 -79.59 1.55
CA VAL A 503 -12.33 -78.19 1.95
C VAL A 503 -12.19 -78.09 3.47
N GLY A 504 -11.31 -77.20 3.92
CA GLY A 504 -11.08 -76.96 5.33
C GLY A 504 -9.89 -77.69 5.91
N TYR A 505 -9.40 -78.75 5.24
CA TYR A 505 -8.26 -79.50 5.74
C TYR A 505 -7.06 -79.47 4.80
N GLN A 506 -7.23 -79.01 3.55
CA GLN A 506 -6.11 -78.91 2.64
C GLN A 506 -5.19 -77.77 3.06
N PRO A 507 -3.88 -77.89 2.80
CA PRO A 507 -2.95 -76.83 3.18
C PRO A 507 -3.24 -75.53 2.44
N TYR A 508 -3.02 -74.42 3.13
CA TYR A 508 -3.20 -73.08 2.57
C TYR A 508 -1.98 -72.24 2.88
N ARG A 509 -1.45 -71.56 1.85
CA ARG A 509 -0.34 -70.64 2.03
C ARG A 509 -0.93 -69.26 2.33
N VAL A 510 -0.73 -68.79 3.57
CA VAL A 510 -1.30 -67.53 4.04
C VAL A 510 -0.17 -66.56 4.32
N VAL A 511 -0.26 -65.36 3.76
CA VAL A 511 0.74 -64.32 3.94
C VAL A 511 0.04 -63.08 4.48
N VAL A 512 0.60 -62.50 5.55
CA VAL A 512 0.07 -61.30 6.18
C VAL A 512 1.12 -60.20 6.06
N LEU A 513 0.70 -59.04 5.56
CA LEU A 513 1.58 -57.90 5.38
C LEU A 513 1.15 -56.76 6.31
N SER A 514 2.13 -55.97 6.74
CA SER A 514 1.92 -54.93 7.73
C SER A 514 2.18 -53.55 7.15
N PHE A 515 1.46 -52.56 7.66
CA PHE A 515 1.63 -51.17 7.27
C PHE A 515 1.74 -50.30 8.52
N GLU A 516 2.68 -49.37 8.50
CA GLU A 516 2.84 -48.41 9.59
C GLU A 516 3.56 -47.17 9.06
N LEU A 517 3.34 -46.05 9.74
CA LEU A 517 3.89 -44.77 9.33
C LEU A 517 4.89 -44.26 10.37
N LEU A 518 5.95 -43.62 9.89
CA LEU A 518 6.97 -43.05 10.75
C LEU A 518 7.29 -41.64 10.27
N HIS A 519 7.82 -40.83 11.19
CA HIS A 519 8.17 -39.46 10.86
C HIS A 519 9.35 -39.36 9.91
N ALA A 520 10.10 -40.45 9.73
CA ALA A 520 11.18 -40.46 8.77
C ALA A 520 10.64 -40.38 7.35
N PRO A 521 11.41 -39.83 6.40
CA PRO A 521 10.93 -39.76 5.02
C PRO A 521 10.62 -41.14 4.45
N ALA A 522 9.55 -41.21 3.67
CA ALA A 522 9.10 -42.48 3.10
C ALA A 522 9.93 -42.82 1.87
N THR A 523 10.40 -44.08 1.80
CA THR A 523 11.20 -44.55 0.70
C THR A 523 10.48 -45.55 -0.20
N VAL A 524 9.34 -46.08 0.23
CA VAL A 524 8.58 -47.06 -0.53
C VAL A 524 7.19 -46.49 -0.80
N CYS A 525 6.77 -46.52 -2.06
CA CYS A 525 5.45 -46.04 -2.45
C CYS A 525 5.01 -46.76 -3.73
N GLY A 526 3.72 -46.70 -3.99
CA GLY A 526 3.13 -47.38 -5.12
C GLY A 526 3.44 -46.69 -6.43
N PRO A 527 3.13 -47.37 -7.53
CA PRO A 527 3.39 -46.80 -8.86
C PRO A 527 2.61 -45.52 -9.08
N LYS A 528 3.19 -44.63 -9.87
CA LYS A 528 2.60 -43.33 -10.18
C LYS A 528 2.14 -43.31 -11.63
N LYS A 529 1.08 -42.54 -11.88
CA LYS A 529 0.52 -42.44 -13.22
C LYS A 529 1.48 -41.70 -14.14
N SER A 530 1.70 -42.26 -15.33
CA SER A 530 2.55 -41.64 -16.35
C SER A 530 1.77 -41.55 -17.65
N THR A 531 1.72 -40.35 -18.23
CA THR A 531 1.02 -40.11 -19.48
C THR A 531 2.02 -40.03 -20.63
N ASN A 532 1.50 -40.24 -21.84
CA ASN A 532 2.35 -40.19 -23.02
C ASN A 532 2.86 -38.77 -23.26
N LEU A 533 4.03 -38.68 -23.88
CA LEU A 533 4.67 -37.40 -24.10
C LEU A 533 4.12 -36.72 -25.35
N VAL A 534 3.81 -35.44 -25.24
CA VAL A 534 3.28 -34.64 -26.34
C VAL A 534 4.20 -33.45 -26.57
N LYS A 535 4.48 -33.16 -27.83
CA LYS A 535 5.38 -32.09 -28.21
C LYS A 535 4.68 -31.14 -29.16
N ASN A 536 5.15 -29.89 -29.19
CA ASN A 536 4.64 -28.84 -30.06
C ASN A 536 3.16 -28.53 -29.80
N LYS A 537 2.68 -28.81 -28.59
CA LYS A 537 1.31 -28.50 -28.20
C LYS A 537 1.32 -27.89 -26.81
N CYS A 538 0.58 -26.79 -26.64
CA CYS A 538 0.51 -26.12 -25.34
C CYS A 538 -0.22 -27.01 -24.34
N VAL A 539 0.50 -27.52 -23.36
CA VAL A 539 -0.02 -28.46 -22.38
C VAL A 539 0.46 -28.07 -20.99
N ASN A 540 -0.14 -28.69 -19.98
CA ASN A 540 0.26 -28.50 -18.59
C ASN A 540 1.18 -29.66 -18.19
N PHE A 541 2.42 -29.34 -17.83
CA PHE A 541 3.42 -30.34 -17.53
C PHE A 541 3.72 -30.39 -16.04
N ASN A 542 3.82 -31.60 -15.51
CA ASN A 542 4.21 -31.85 -14.11
C ASN A 542 5.33 -32.88 -14.14
N PHE A 543 6.56 -32.41 -14.31
CA PHE A 543 7.74 -33.28 -14.39
C PHE A 543 8.35 -33.40 -13.00
N ASN A 544 7.65 -34.11 -12.12
CA ASN A 544 8.06 -34.25 -10.72
C ASN A 544 8.16 -32.89 -10.04
N GLY A 545 7.09 -32.11 -10.14
CA GLY A 545 6.97 -30.88 -9.38
C GLY A 545 7.23 -29.58 -10.12
N LEU A 546 7.44 -29.62 -11.44
CA LEU A 546 7.52 -28.37 -12.20
C LEU A 546 6.18 -27.65 -12.20
N THR A 547 5.08 -28.39 -12.34
CA THR A 547 3.69 -27.90 -12.34
C THR A 547 3.57 -26.55 -13.06
N GLY A 548 4.09 -26.53 -14.29
CA GLY A 548 4.06 -25.33 -15.11
C GLY A 548 3.27 -25.55 -16.38
N THR A 549 3.02 -24.45 -17.08
CA THR A 549 2.25 -24.45 -18.32
C THR A 549 3.16 -23.97 -19.45
N GLY A 550 3.19 -24.74 -20.54
CA GLY A 550 4.00 -24.35 -21.68
C GLY A 550 3.99 -25.43 -22.74
N VAL A 551 4.57 -25.10 -23.89
CA VAL A 551 4.68 -26.03 -25.00
C VAL A 551 6.07 -26.63 -25.02
N LEU A 552 6.14 -27.95 -25.19
CA LEU A 552 7.38 -28.70 -25.10
C LEU A 552 7.93 -28.98 -26.50
N THR A 553 9.21 -28.68 -26.71
CA THR A 553 9.87 -28.91 -27.98
C THR A 553 11.20 -29.59 -27.75
N GLU A 554 11.67 -30.30 -28.76
CA GLU A 554 12.99 -30.93 -28.69
C GLU A 554 14.08 -29.87 -28.64
N SER A 555 15.11 -30.13 -27.85
CA SER A 555 16.18 -29.16 -27.61
C SER A 555 17.53 -29.80 -27.84
N ASN A 556 18.48 -28.98 -28.30
CA ASN A 556 19.85 -29.42 -28.51
C ASN A 556 20.74 -29.22 -27.29
N LYS A 557 20.24 -28.57 -26.24
CA LYS A 557 21.03 -28.39 -25.03
C LYS A 557 21.29 -29.73 -24.35
N LYS A 558 22.48 -29.87 -23.79
CA LYS A 558 22.90 -31.11 -23.14
C LYS A 558 23.09 -30.85 -21.64
N PHE A 559 22.48 -31.71 -20.83
CA PHE A 559 22.53 -31.56 -19.38
C PHE A 559 23.61 -32.44 -18.78
N LEU A 560 24.00 -32.10 -17.56
CA LEU A 560 24.82 -33.02 -16.78
C LEU A 560 23.98 -34.22 -16.36
N PRO A 561 24.61 -35.38 -16.19
CA PRO A 561 23.82 -36.59 -15.84
C PRO A 561 22.99 -36.44 -14.58
N PHE A 562 23.50 -35.71 -13.58
CA PHE A 562 22.73 -35.51 -12.36
C PHE A 562 21.71 -34.39 -12.50
N GLN A 563 21.87 -33.54 -13.52
CA GLN A 563 21.02 -32.36 -13.65
C GLN A 563 19.68 -32.70 -14.30
N GLN A 564 18.61 -32.11 -13.77
CA GLN A 564 17.27 -32.32 -14.30
C GLN A 564 16.67 -31.01 -14.79
N PHE A 565 16.67 -29.97 -13.98
CA PHE A 565 15.96 -28.74 -14.33
C PHE A 565 16.78 -27.91 -15.32
N GLY A 566 16.23 -26.75 -15.68
CA GLY A 566 16.95 -25.80 -16.47
C GLY A 566 16.39 -24.41 -16.25
N ARG A 567 17.29 -23.44 -16.11
CA ARG A 567 16.90 -22.06 -15.81
C ARG A 567 17.66 -21.09 -16.69
N ASP A 568 17.01 -19.97 -17.00
CA ASP A 568 17.63 -18.88 -17.73
C ASP A 568 18.13 -17.84 -16.73
N ILE A 569 18.50 -16.66 -17.25
CA ILE A 569 19.05 -15.61 -16.40
C ILE A 569 18.04 -15.21 -15.32
N ALA A 570 16.77 -15.09 -15.69
CA ALA A 570 15.73 -14.63 -14.78
C ALA A 570 15.23 -15.71 -13.84
N ASP A 571 15.95 -16.83 -13.74
CA ASP A 571 15.59 -17.94 -12.86
C ASP A 571 14.18 -18.45 -13.14
N THR A 572 13.87 -18.60 -14.42
CA THR A 572 12.61 -19.20 -14.86
C THR A 572 12.91 -20.51 -15.57
N THR A 573 12.04 -21.50 -15.40
CA THR A 573 12.24 -22.80 -16.01
C THR A 573 12.31 -22.67 -17.52
N ASP A 574 13.32 -23.29 -18.12
CA ASP A 574 13.58 -23.19 -19.55
C ASP A 574 13.61 -24.54 -20.24
N ALA A 575 14.15 -25.56 -19.58
CA ALA A 575 14.21 -26.90 -20.16
C ALA A 575 14.25 -27.93 -19.04
N VAL A 576 13.49 -29.00 -19.22
CA VAL A 576 13.39 -30.08 -18.24
C VAL A 576 13.62 -31.40 -18.95
N ARG A 577 14.37 -32.30 -18.30
CA ARG A 577 14.67 -33.62 -18.85
C ARG A 577 13.52 -34.58 -18.56
N ASP A 578 13.13 -35.34 -19.58
CA ASP A 578 12.06 -36.31 -19.42
C ASP A 578 12.49 -37.39 -18.44
N PRO A 579 11.73 -37.64 -17.37
CA PRO A 579 12.11 -38.70 -16.43
C PRO A 579 12.19 -40.09 -17.04
N GLN A 580 11.32 -40.42 -17.99
CA GLN A 580 11.35 -41.74 -18.60
C GLN A 580 12.56 -41.92 -19.50
N THR A 581 12.66 -41.13 -20.56
CA THR A 581 13.76 -41.22 -21.50
C THR A 581 14.92 -40.37 -20.99
N LEU A 582 15.92 -40.14 -21.86
CA LEU A 582 17.03 -39.24 -21.57
C LEU A 582 17.10 -38.24 -22.72
N GLU A 583 16.29 -37.18 -22.62
CA GLU A 583 16.27 -36.15 -23.64
C GLU A 583 15.92 -34.83 -22.97
N ILE A 584 16.26 -33.74 -23.66
CA ILE A 584 16.07 -32.39 -23.13
C ILE A 584 14.94 -31.73 -23.91
N LEU A 585 13.88 -31.36 -23.21
CA LEU A 585 12.68 -30.78 -23.81
C LEU A 585 12.64 -29.30 -23.45
N ASP A 586 13.07 -28.45 -24.38
CA ASP A 586 12.99 -27.02 -24.16
C ASP A 586 11.54 -26.61 -23.95
N ILE A 587 11.29 -25.84 -22.90
CA ILE A 587 9.94 -25.42 -22.53
C ILE A 587 9.85 -23.92 -22.77
N THR A 588 9.37 -23.54 -23.95
CA THR A 588 8.89 -22.18 -24.16
C THR A 588 7.41 -22.15 -23.85
N PRO A 589 6.90 -21.10 -23.21
CA PRO A 589 5.51 -21.13 -22.74
C PRO A 589 4.49 -20.84 -23.84
N CYS A 590 3.22 -20.78 -23.46
CA CYS A 590 2.16 -20.59 -24.41
C CYS A 590 2.25 -19.23 -25.09
N SER A 591 1.90 -19.20 -26.37
CA SER A 591 1.93 -17.95 -27.12
C SER A 591 0.84 -17.01 -26.63
N PHE A 592 1.17 -15.73 -26.52
CA PHE A 592 0.20 -14.71 -26.16
C PHE A 592 0.64 -13.39 -26.76
N GLY A 593 -0.31 -12.47 -26.88
CA GLY A 593 -0.01 -11.17 -27.43
C GLY A 593 -1.27 -10.32 -27.49
N GLY A 594 -1.10 -9.11 -28.02
CA GLY A 594 -2.22 -8.20 -28.17
C GLY A 594 -2.86 -8.34 -29.54
N VAL A 595 -4.18 -8.18 -29.57
CA VAL A 595 -4.94 -8.23 -30.81
C VAL A 595 -5.18 -6.80 -31.27
N SER A 596 -4.64 -6.46 -32.43
CA SER A 596 -4.74 -5.12 -32.98
C SER A 596 -5.55 -5.16 -34.27
N VAL A 597 -6.55 -4.28 -34.36
CA VAL A 597 -7.44 -4.21 -35.51
C VAL A 597 -6.93 -3.11 -36.43
N ILE A 598 -6.63 -3.48 -37.67
CA ILE A 598 -6.11 -2.54 -38.67
C ILE A 598 -7.27 -2.18 -39.59
N THR A 599 -7.70 -0.92 -39.53
CA THR A 599 -8.82 -0.46 -40.32
C THR A 599 -8.52 0.92 -40.89
N PRO A 600 -9.05 1.24 -42.05
CA PRO A 600 -9.06 2.63 -42.52
C PRO A 600 -10.20 3.38 -41.83
N GLY A 601 -10.33 4.66 -42.18
CA GLY A 601 -11.41 5.45 -41.62
C GLY A 601 -12.76 4.85 -41.96
N THR A 602 -13.67 4.87 -40.97
CA THR A 602 -15.01 4.36 -41.20
C THR A 602 -15.73 5.15 -42.30
N ASN A 603 -15.35 6.42 -42.48
CA ASN A 603 -15.88 7.18 -43.61
C ASN A 603 -15.42 6.58 -44.93
N THR A 604 -14.16 6.15 -45.00
CA THR A 604 -13.64 5.59 -46.25
C THR A 604 -14.27 4.25 -46.57
N SER A 605 -14.31 3.35 -45.60
CA SER A 605 -14.85 2.00 -45.81
C SER A 605 -15.05 1.36 -44.45
N ASN A 606 -15.68 0.18 -44.48
CA ASN A 606 -15.92 -0.62 -43.28
C ASN A 606 -15.33 -2.00 -43.53
N GLN A 607 -14.02 -2.12 -43.30
CA GLN A 607 -13.30 -3.38 -43.42
C GLN A 607 -12.11 -3.32 -42.49
N VAL A 608 -11.76 -4.46 -41.89
CA VAL A 608 -10.71 -4.52 -40.90
C VAL A 608 -9.77 -5.68 -41.21
N ALA A 609 -8.54 -5.54 -40.73
CA ALA A 609 -7.55 -6.61 -40.73
C ALA A 609 -7.01 -6.74 -39.31
N VAL A 610 -6.86 -7.97 -38.85
CA VAL A 610 -6.51 -8.25 -37.46
C VAL A 610 -5.06 -8.67 -37.38
N LEU A 611 -4.32 -8.07 -36.45
CA LEU A 611 -2.93 -8.40 -36.18
C LEU A 611 -2.84 -9.13 -34.85
N TYR A 612 -2.42 -10.39 -34.89
CA TYR A 612 -2.12 -11.17 -33.69
C TYR A 612 -0.63 -11.04 -33.45
N GLN A 613 -0.25 -10.18 -32.50
CA GLN A 613 1.14 -9.79 -32.35
C GLN A 613 1.99 -10.93 -31.79
N ASP A 614 3.12 -11.18 -32.46
CA ASP A 614 4.11 -12.16 -32.00
C ASP A 614 3.49 -13.54 -31.79
N VAL A 615 2.59 -13.92 -32.69
CA VAL A 615 1.93 -15.21 -32.65
C VAL A 615 2.07 -15.88 -33.99
N ASN A 616 2.71 -17.05 -34.02
CA ASN A 616 2.67 -17.90 -35.19
C ASN A 616 1.28 -18.51 -35.33
N CYS A 617 0.56 -18.08 -36.36
CA CYS A 617 -0.85 -18.43 -36.41
C CYS A 617 -1.13 -19.75 -37.13
N THR A 618 -0.19 -20.70 -37.07
CA THR A 618 -0.58 -22.09 -37.22
C THR A 618 -1.62 -22.45 -36.16
N GLU A 619 -1.59 -21.77 -35.02
CA GLU A 619 -2.55 -21.92 -33.95
C GLU A 619 -3.25 -20.58 -33.72
N VAL A 620 -4.58 -20.60 -33.75
CA VAL A 620 -5.37 -19.42 -33.42
C VAL A 620 -6.54 -19.80 -32.52
N TYR A 636 -11.53 -11.21 -37.19
CA TYR A 636 -11.96 -12.11 -38.25
C TYR A 636 -11.43 -13.52 -38.04
N SER A 637 -12.20 -14.52 -38.48
CA SER A 637 -11.81 -15.91 -38.36
C SER A 637 -10.60 -16.19 -39.24
N THR A 638 -9.79 -17.16 -38.81
CA THR A 638 -8.59 -17.52 -39.56
C THR A 638 -8.97 -18.20 -40.88
N GLY A 639 -8.01 -18.20 -41.80
CA GLY A 639 -8.23 -18.77 -43.12
C GLY A 639 -8.62 -17.77 -44.19
N SER A 640 -8.65 -16.48 -43.87
CA SER A 640 -9.02 -15.43 -44.83
C SER A 640 -7.79 -14.55 -45.04
N ASN A 641 -7.05 -14.84 -46.11
CA ASN A 641 -5.88 -14.06 -46.51
C ASN A 641 -4.87 -13.93 -45.37
N VAL A 642 -4.56 -15.07 -44.75
CA VAL A 642 -3.61 -15.08 -43.64
C VAL A 642 -2.21 -14.85 -44.19
N PHE A 643 -1.57 -13.77 -43.73
CA PHE A 643 -0.22 -13.41 -44.13
C PHE A 643 0.63 -13.23 -42.88
N GLN A 644 1.85 -13.77 -42.93
CA GLN A 644 2.73 -13.84 -41.76
C GLN A 644 3.90 -12.89 -41.92
N THR A 645 4.21 -12.15 -40.84
CA THR A 645 5.36 -11.26 -40.81
C THR A 645 6.02 -11.38 -39.44
N ARG A 646 6.97 -10.50 -39.16
CA ARG A 646 7.73 -10.59 -37.93
C ARG A 646 6.89 -10.16 -36.72
N ALA A 647 6.13 -9.07 -36.87
CA ALA A 647 5.33 -8.55 -35.77
C ALA A 647 4.15 -9.44 -35.43
N GLY A 648 3.85 -10.42 -36.25
CA GLY A 648 2.66 -11.24 -36.10
C GLY A 648 2.23 -11.71 -37.46
N CYS A 649 0.98 -12.15 -37.56
CA CYS A 649 0.39 -12.46 -38.85
C CYS A 649 -0.93 -11.74 -39.01
N LEU A 650 -1.24 -11.35 -40.24
CA LEU A 650 -2.42 -10.56 -40.55
C LEU A 650 -3.52 -11.44 -41.09
N ILE A 651 -4.72 -11.29 -40.52
CA ILE A 651 -5.91 -11.99 -40.99
C ILE A 651 -6.81 -10.95 -41.66
N GLY A 652 -7.09 -11.16 -42.95
CA GLY A 652 -7.91 -10.24 -43.71
C GLY A 652 -7.14 -9.23 -44.53
N ALA A 653 -5.82 -9.36 -44.65
CA ALA A 653 -5.01 -8.47 -45.46
C ALA A 653 -4.26 -9.28 -46.50
N GLU A 654 -4.23 -8.77 -47.73
CA GLU A 654 -3.59 -9.46 -48.85
C GLU A 654 -2.21 -8.85 -49.10
N HIS A 655 -1.18 -9.68 -48.98
CA HIS A 655 0.18 -9.21 -49.20
C HIS A 655 0.40 -8.89 -50.67
N VAL A 656 1.12 -7.79 -50.91
CA VAL A 656 1.47 -7.36 -52.26
C VAL A 656 2.97 -7.13 -52.33
N ASN A 657 3.58 -7.53 -53.45
CA ASN A 657 5.03 -7.42 -53.59
C ASN A 657 5.47 -5.99 -53.87
N ASN A 658 4.67 -5.22 -54.59
CA ASN A 658 5.02 -3.83 -54.84
C ASN A 658 4.99 -3.03 -53.55
N SER A 659 5.82 -2.00 -53.48
CA SER A 659 6.02 -1.21 -52.26
C SER A 659 5.52 0.21 -52.46
N TYR A 660 4.77 0.70 -51.48
CA TYR A 660 4.31 2.08 -51.43
C TYR A 660 4.80 2.70 -50.13
N GLU A 661 4.55 3.99 -49.96
CA GLU A 661 4.84 4.64 -48.69
C GLU A 661 3.92 4.09 -47.60
N CYS A 662 4.43 4.09 -46.37
CA CYS A 662 3.66 3.53 -45.26
C CYS A 662 2.40 4.35 -45.00
N ASP A 663 1.30 3.64 -44.78
CA ASP A 663 0.02 4.25 -44.44
C ASP A 663 -0.41 3.90 -43.02
N ILE A 664 -0.47 2.63 -42.68
CA ILE A 664 -0.74 2.18 -41.32
C ILE A 664 0.45 1.38 -40.82
N PRO A 665 1.25 1.90 -39.89
CA PRO A 665 2.45 1.17 -39.44
C PRO A 665 2.06 -0.07 -38.66
N ILE A 666 2.59 -1.21 -39.10
CA ILE A 666 2.32 -2.50 -38.46
C ILE A 666 3.51 -2.94 -37.62
N GLY A 667 4.70 -2.92 -38.19
CA GLY A 667 5.91 -3.33 -37.49
C GLY A 667 6.83 -4.10 -38.42
N ALA A 668 8.14 -4.00 -38.13
CA ALA A 668 9.17 -4.71 -38.89
C ALA A 668 9.14 -4.35 -40.37
N GLY A 669 8.77 -3.10 -40.67
CA GLY A 669 8.76 -2.60 -42.03
C GLY A 669 7.49 -2.87 -42.81
N ILE A 670 6.56 -3.65 -42.28
CA ILE A 670 5.31 -3.94 -42.96
C ILE A 670 4.29 -2.86 -42.62
N CYS A 671 3.60 -2.36 -43.64
CA CYS A 671 2.56 -1.35 -43.46
C CYS A 671 1.33 -1.72 -44.26
N ALA A 672 0.17 -1.60 -43.64
CA ALA A 672 -1.09 -1.87 -44.31
C ALA A 672 -1.66 -0.59 -44.92
N SER A 673 -2.53 -0.77 -45.91
CA SER A 673 -3.19 0.36 -46.56
C SER A 673 -4.45 -0.15 -47.23
N TYR A 674 -5.37 0.78 -47.50
CA TYR A 674 -6.61 0.49 -48.21
C TYR A 674 -6.41 0.89 -49.67
N GLN A 675 -6.26 -0.10 -50.54
CA GLN A 675 -5.94 0.16 -51.93
C GLN A 675 -6.46 -0.98 -52.79
N THR A 676 -6.89 -0.64 -54.00
CA THR A 676 -7.41 -1.62 -54.94
C THR A 676 -6.27 -2.45 -55.55
N SER A 686 -12.99 -5.48 -55.08
CA SER A 686 -12.11 -4.58 -55.81
C SER A 686 -11.17 -3.85 -54.85
N GLN A 687 -11.70 -3.42 -53.71
CA GLN A 687 -10.93 -2.72 -52.70
C GLN A 687 -10.73 -3.63 -51.50
N SER A 688 -9.48 -3.75 -51.05
CA SER A 688 -9.15 -4.62 -49.93
C SER A 688 -7.92 -4.06 -49.22
N ILE A 689 -7.70 -4.56 -48.00
CA ILE A 689 -6.53 -4.15 -47.22
C ILE A 689 -5.32 -4.89 -47.73
N ILE A 690 -4.26 -4.14 -48.05
CA ILE A 690 -3.03 -4.70 -48.60
C ILE A 690 -1.91 -4.49 -47.60
N ALA A 691 -1.11 -5.53 -47.38
CA ALA A 691 0.05 -5.48 -46.50
C ALA A 691 1.31 -5.55 -47.35
N TYR A 692 2.26 -4.66 -47.06
CA TYR A 692 3.48 -4.59 -47.85
C TYR A 692 4.61 -4.01 -47.02
N THR A 693 5.83 -4.26 -47.47
CA THR A 693 6.99 -3.56 -46.92
C THR A 693 6.98 -2.12 -47.43
N MET A 694 7.17 -1.17 -46.52
CA MET A 694 7.01 0.23 -46.90
C MET A 694 8.11 0.63 -47.87
N SER A 695 7.82 1.67 -48.66
CA SER A 695 8.79 2.27 -49.57
C SER A 695 9.26 3.59 -48.98
N LEU A 696 10.58 3.71 -48.79
CA LEU A 696 11.15 4.92 -48.23
C LEU A 696 10.98 6.12 -49.16
N GLY A 697 10.77 5.88 -50.44
CA GLY A 697 10.65 6.95 -51.41
C GLY A 697 11.31 6.53 -52.71
N ALA A 698 11.20 7.42 -53.70
CA ALA A 698 11.83 7.16 -54.98
C ALA A 698 13.34 7.12 -54.85
N GLU A 699 13.96 6.15 -55.51
CA GLU A 699 15.41 6.05 -55.53
C GLU A 699 15.94 7.08 -56.52
N ASN A 700 16.40 8.21 -55.99
CA ASN A 700 16.87 9.33 -56.81
C ASN A 700 18.40 9.31 -56.80
N SER A 701 18.98 8.70 -57.83
CA SER A 701 20.43 8.71 -57.99
C SER A 701 20.85 10.06 -58.57
N VAL A 702 21.46 10.90 -57.75
CA VAL A 702 21.90 12.20 -58.21
C VAL A 702 22.97 12.01 -59.29
N ALA A 703 22.82 12.75 -60.38
CA ALA A 703 23.73 12.62 -61.53
C ALA A 703 25.08 13.24 -61.18
N TYR A 704 25.76 12.60 -60.25
CA TYR A 704 27.05 13.10 -59.78
C TYR A 704 28.11 12.98 -60.86
N SER A 705 29.02 13.95 -60.89
CA SER A 705 30.20 13.92 -61.75
C SER A 705 31.20 14.89 -61.15
N ASN A 706 32.43 14.82 -61.63
CA ASN A 706 33.47 15.75 -61.20
C ASN A 706 33.45 17.05 -61.99
N ASN A 707 32.45 17.24 -62.85
CA ASN A 707 32.32 18.44 -63.65
C ASN A 707 30.93 19.05 -63.63
N SER A 708 29.91 18.33 -63.15
CA SER A 708 28.53 18.77 -63.28
C SER A 708 28.07 19.45 -62.00
N ILE A 709 27.47 20.63 -62.15
CA ILE A 709 26.80 21.32 -61.05
C ILE A 709 25.39 21.68 -61.52
N ALA A 710 24.50 21.85 -60.56
CA ALA A 710 23.09 22.13 -60.82
C ALA A 710 22.69 23.37 -60.01
N ILE A 711 22.84 24.54 -60.60
CA ILE A 711 22.48 25.80 -59.95
C ILE A 711 21.02 26.11 -60.29
N PRO A 712 20.14 26.24 -59.30
CA PRO A 712 18.74 26.53 -59.60
C PRO A 712 18.57 27.89 -60.25
N THR A 713 17.60 27.98 -61.16
CA THR A 713 17.27 29.22 -61.84
C THR A 713 15.97 29.84 -61.34
N ASN A 714 15.33 29.23 -60.36
CA ASN A 714 14.05 29.73 -59.86
C ASN A 714 13.82 29.16 -58.47
N PHE A 715 12.98 29.83 -57.70
CA PHE A 715 12.79 29.48 -56.30
C PHE A 715 11.32 29.32 -55.95
N THR A 716 11.03 29.20 -54.65
CA THR A 716 9.67 29.05 -54.17
C THR A 716 9.62 29.51 -52.72
N ILE A 717 8.82 30.54 -52.45
CA ILE A 717 8.68 31.09 -51.10
C ILE A 717 7.57 30.28 -50.43
N SER A 718 7.95 29.14 -49.88
CA SER A 718 7.01 28.21 -49.26
C SER A 718 6.87 28.54 -47.78
N VAL A 719 5.63 28.55 -47.28
CA VAL A 719 5.35 28.82 -45.88
C VAL A 719 5.02 27.50 -45.21
N THR A 720 5.81 27.15 -44.20
CA THR A 720 5.62 25.92 -43.44
C THR A 720 4.97 26.24 -42.10
N THR A 721 3.98 25.44 -41.74
CA THR A 721 3.25 25.63 -40.49
C THR A 721 3.81 24.68 -39.45
N GLU A 722 4.24 25.23 -38.31
CA GLU A 722 4.79 24.44 -37.22
C GLU A 722 3.97 24.69 -35.97
N ILE A 723 3.49 23.61 -35.36
CA ILE A 723 2.64 23.66 -34.17
C ILE A 723 3.43 23.19 -32.98
N LEU A 724 3.46 23.99 -31.92
CA LEU A 724 4.17 23.64 -30.71
C LEU A 724 3.31 23.90 -29.47
N PRO A 725 3.10 22.91 -28.61
CA PRO A 725 2.49 23.21 -27.31
C PRO A 725 3.39 24.13 -26.50
N VAL A 726 2.77 25.06 -25.78
CA VAL A 726 3.52 26.04 -25.01
C VAL A 726 3.13 25.91 -23.54
N SER A 727 1.90 25.50 -23.29
CA SER A 727 1.40 25.37 -21.93
C SER A 727 0.33 24.31 -21.91
N MET A 728 0.01 23.85 -20.70
CA MET A 728 -1.01 22.84 -20.50
C MET A 728 -1.99 23.32 -19.44
N THR A 729 -3.11 22.61 -19.31
CA THR A 729 -4.20 23.07 -18.48
C THR A 729 -3.73 23.28 -17.04
N LYS A 730 -4.07 24.44 -16.48
CA LYS A 730 -3.55 24.87 -15.19
C LYS A 730 -4.46 24.38 -14.06
N THR A 731 -4.53 23.06 -13.93
CA THR A 731 -5.39 22.44 -12.93
C THR A 731 -4.69 22.39 -11.58
N SER A 732 -5.49 22.13 -10.55
CA SER A 732 -4.99 21.93 -9.19
C SER A 732 -5.97 21.06 -8.44
N VAL A 733 -5.46 20.19 -7.58
CA VAL A 733 -6.28 19.27 -6.82
C VAL A 733 -6.03 19.50 -5.34
N ASP A 734 -7.10 19.76 -4.59
CA ASP A 734 -7.02 19.83 -3.14
C ASP A 734 -7.02 18.40 -2.61
N CYS A 735 -5.89 17.98 -2.05
CA CYS A 735 -5.72 16.57 -1.69
C CYS A 735 -6.75 16.12 -0.66
N THR A 736 -7.01 16.96 0.34
CA THR A 736 -7.96 16.58 1.38
C THR A 736 -9.35 16.36 0.81
N MET A 737 -9.80 17.25 -0.08
CA MET A 737 -11.12 17.09 -0.70
C MET A 737 -11.17 15.87 -1.58
N TYR A 738 -10.11 15.62 -2.36
CA TYR A 738 -10.12 14.47 -3.26
C TYR A 738 -10.17 13.16 -2.48
N ILE A 739 -9.25 13.00 -1.53
CA ILE A 739 -9.22 11.77 -0.73
C ILE A 739 -10.48 11.65 0.11
N CYS A 740 -10.87 12.75 0.75
CA CYS A 740 -11.89 12.72 1.80
C CYS A 740 -13.01 13.67 1.43
N GLY A 741 -14.25 13.22 1.59
CA GLY A 741 -15.37 14.08 1.27
C GLY A 741 -15.69 15.04 2.38
N ASP A 742 -16.97 15.18 2.72
CA ASP A 742 -17.36 16.03 3.84
C ASP A 742 -17.01 15.42 5.19
N SER A 743 -16.65 14.13 5.22
CA SER A 743 -16.36 13.47 6.48
C SER A 743 -15.06 13.97 7.09
N THR A 744 -15.01 13.95 8.42
CA THR A 744 -13.81 14.33 9.15
C THR A 744 -13.00 13.13 9.64
N GLU A 745 -13.62 11.95 9.76
CA GLU A 745 -12.87 10.76 10.14
C GLU A 745 -11.83 10.43 9.09
N CYS A 746 -12.19 10.54 7.82
CA CYS A 746 -11.22 10.33 6.75
C CYS A 746 -10.08 11.34 6.84
N SER A 747 -10.40 12.60 7.11
CA SER A 747 -9.36 13.61 7.29
C SER A 747 -8.48 13.29 8.50
N ASN A 748 -9.09 12.83 9.59
CA ASN A 748 -8.31 12.47 10.77
C ASN A 748 -7.33 11.33 10.46
N LEU A 749 -7.78 10.34 9.70
CA LEU A 749 -6.88 9.26 9.31
C LEU A 749 -5.85 9.74 8.29
N LEU A 750 -6.16 10.81 7.54
CA LEU A 750 -5.22 11.31 6.55
C LEU A 750 -4.08 12.08 7.21
N LEU A 751 -4.38 12.83 8.27
CA LEU A 751 -3.33 13.58 8.95
C LEU A 751 -2.22 12.67 9.48
N GLN A 752 -2.54 11.42 9.79
CA GLN A 752 -1.52 10.53 10.36
C GLN A 752 -0.58 9.98 9.30
N TYR A 753 -0.91 10.10 8.02
CA TYR A 753 0.01 9.63 6.98
C TYR A 753 1.19 10.59 6.80
N GLY A 754 1.02 11.86 7.12
CA GLY A 754 2.09 12.83 7.05
C GLY A 754 1.78 13.95 6.06
N SER A 755 2.81 14.37 5.34
CA SER A 755 2.71 15.51 4.43
C SER A 755 2.68 15.08 2.96
N PHE A 756 2.02 13.96 2.66
CA PHE A 756 1.83 13.57 1.26
C PHE A 756 0.97 14.58 0.53
N CYS A 757 -0.13 15.00 1.15
CA CYS A 757 -1.04 15.95 0.50
C CYS A 757 -0.37 17.29 0.28
N THR A 758 0.43 17.75 1.23
CA THR A 758 1.16 19.00 1.06
C THR A 758 2.14 18.89 -0.10
N GLN A 759 2.83 17.75 -0.22
CA GLN A 759 3.76 17.57 -1.33
C GLN A 759 3.03 17.58 -2.67
N LEU A 760 1.87 16.91 -2.74
CA LEU A 760 1.12 16.88 -3.99
C LEU A 760 0.62 18.28 -4.37
N ASN A 761 0.11 19.03 -3.39
CA ASN A 761 -0.35 20.39 -3.66
C ASN A 761 0.80 21.28 -4.08
N ARG A 762 1.96 21.13 -3.45
CA ARG A 762 3.13 21.92 -3.84
C ARG A 762 3.57 21.59 -5.26
N ALA A 763 3.57 20.31 -5.63
CA ALA A 763 3.93 19.92 -6.98
C ALA A 763 2.95 20.51 -8.00
N LEU A 764 1.66 20.45 -7.70
CA LEU A 764 0.67 20.98 -8.64
C LEU A 764 0.78 22.50 -8.77
N THR A 765 1.03 23.19 -7.65
CA THR A 765 1.25 24.63 -7.72
C THR A 765 2.49 24.98 -8.51
N GLY A 766 3.55 24.19 -8.34
CA GLY A 766 4.74 24.39 -9.14
C GLY A 766 4.48 24.19 -10.62
N ILE A 767 3.65 23.19 -10.96
CA ILE A 767 3.27 22.98 -12.35
C ILE A 767 2.49 24.17 -12.90
N ALA A 768 1.57 24.70 -12.10
CA ALA A 768 0.79 25.86 -12.53
C ALA A 768 1.69 27.07 -12.79
N VAL A 769 2.59 27.36 -11.84
CA VAL A 769 3.51 28.47 -12.03
C VAL A 769 4.42 28.22 -13.23
N GLU A 770 4.78 26.96 -13.47
CA GLU A 770 5.57 26.62 -14.63
C GLU A 770 4.82 26.90 -15.93
N GLN A 771 3.53 26.61 -15.97
CA GLN A 771 2.74 26.91 -17.16
C GLN A 771 2.66 28.41 -17.41
N ASP A 772 2.45 29.18 -16.34
CA ASP A 772 2.45 30.64 -16.49
C ASP A 772 3.81 31.14 -17.00
N LYS A 773 4.89 30.59 -16.45
CA LYS A 773 6.23 30.98 -16.88
C LYS A 773 6.48 30.58 -18.33
N ASN A 774 5.96 29.43 -18.75
CA ASN A 774 6.10 29.00 -20.13
C ASN A 774 5.43 29.97 -21.08
N THR A 775 4.18 30.36 -20.76
CA THR A 775 3.49 31.31 -21.61
C THR A 775 4.22 32.65 -21.65
N GLN A 776 4.66 33.14 -20.48
CA GLN A 776 5.33 34.43 -20.41
C GLN A 776 6.73 34.39 -21.04
N GLU A 777 7.33 33.21 -21.14
CA GLU A 777 8.64 33.09 -21.78
C GLU A 777 8.52 32.97 -23.28
N VAL A 778 7.46 32.32 -23.77
CA VAL A 778 7.28 32.18 -25.21
C VAL A 778 6.78 33.49 -25.82
N PHE A 779 5.74 34.09 -25.24
CA PHE A 779 5.05 35.17 -25.92
C PHE A 779 5.56 36.56 -25.54
N ALA A 780 6.16 36.73 -24.36
CA ALA A 780 6.60 38.04 -23.91
C ALA A 780 8.05 38.34 -24.27
N GLN A 781 8.54 37.80 -25.39
CA GLN A 781 9.87 38.18 -25.87
C GLN A 781 9.94 39.68 -26.13
N VAL A 782 8.86 40.26 -26.60
CA VAL A 782 8.81 41.69 -26.86
C VAL A 782 8.61 42.43 -25.53
N LYS A 783 9.17 43.64 -25.46
CA LYS A 783 9.07 44.47 -24.27
C LYS A 783 8.10 45.62 -24.43
N GLN A 784 7.83 46.06 -25.66
CA GLN A 784 7.00 47.22 -25.94
C GLN A 784 5.99 46.83 -27.01
N ILE A 785 4.71 47.08 -26.76
CA ILE A 785 3.67 46.68 -27.70
C ILE A 785 3.75 47.52 -28.97
N TYR A 786 3.82 46.85 -30.11
CA TYR A 786 3.95 47.51 -31.40
C TYR A 786 2.62 47.45 -32.15
N LYS A 787 2.42 48.44 -33.02
CA LYS A 787 1.20 48.55 -33.81
C LYS A 787 1.55 48.66 -35.28
N THR A 788 0.81 47.94 -36.11
CA THR A 788 0.98 48.04 -37.55
C THR A 788 0.43 49.36 -38.05
N PRO A 789 1.09 50.02 -39.00
CA PRO A 789 0.60 51.30 -39.48
C PRO A 789 -0.78 51.15 -40.09
N PRO A 790 -1.58 52.22 -40.07
CA PRO A 790 -2.97 52.10 -40.57
C PRO A 790 -3.06 51.68 -42.03
N ILE A 791 -2.12 52.10 -42.87
CA ILE A 791 -2.11 51.72 -44.28
C ILE A 791 -1.05 50.64 -44.47
N LYS A 792 -1.48 49.47 -44.96
CA LYS A 792 -0.60 48.33 -45.15
C LYS A 792 0.00 48.40 -46.56
N ASP A 793 0.97 49.30 -46.73
CA ASP A 793 1.69 49.47 -47.98
C ASP A 793 3.04 48.77 -47.82
N PHE A 794 3.04 47.45 -48.02
CA PHE A 794 4.22 46.62 -47.79
C PHE A 794 4.83 46.13 -49.11
N GLY A 795 4.65 46.89 -50.19
CA GLY A 795 5.25 46.51 -51.46
C GLY A 795 4.64 45.29 -52.10
N GLY A 796 3.39 44.96 -51.76
CA GLY A 796 2.69 43.83 -52.33
C GLY A 796 2.48 42.69 -51.37
N PHE A 797 3.31 42.63 -50.33
CA PHE A 797 3.26 41.53 -49.33
C PHE A 797 2.01 41.71 -48.46
N ASN A 798 1.19 40.67 -48.38
CA ASN A 798 -0.13 40.77 -47.68
C ASN A 798 -0.06 39.99 -46.37
N PHE A 799 -0.49 40.62 -45.28
CA PHE A 799 -0.36 40.03 -43.93
C PHE A 799 -1.74 40.03 -43.27
N SER A 800 -2.78 40.35 -44.04
CA SER A 800 -4.13 40.41 -43.50
C SER A 800 -4.54 39.10 -42.85
N GLN A 801 -3.98 37.98 -43.29
CA GLN A 801 -4.30 36.69 -42.71
C GLN A 801 -3.65 36.51 -41.34
N ILE A 802 -2.55 37.20 -41.07
CA ILE A 802 -1.86 37.08 -39.80
C ILE A 802 -2.02 38.31 -38.91
N LEU A 803 -2.28 39.47 -39.49
CA LEU A 803 -2.51 40.66 -38.68
C LEU A 803 -3.90 40.59 -38.05
N PRO A 804 -4.09 41.24 -36.89
CA PRO A 804 -5.40 41.19 -36.23
C PRO A 804 -6.50 41.80 -37.09
N ASP A 805 -7.70 41.21 -36.97
CA ASP A 805 -8.86 41.70 -37.69
C ASP A 805 -9.70 42.55 -36.77
N PRO A 806 -9.83 43.86 -37.00
CA PRO A 806 -10.56 44.71 -36.05
C PRO A 806 -12.06 44.50 -36.06
N SER A 807 -12.62 43.85 -37.10
CA SER A 807 -14.06 43.73 -37.20
C SER A 807 -14.64 42.86 -36.09
N LYS A 808 -14.06 41.67 -35.89
CA LYS A 808 -14.58 40.75 -34.90
C LYS A 808 -14.25 41.26 -33.49
N PRO A 809 -15.01 40.81 -32.47
CA PRO A 809 -14.80 41.34 -31.12
C PRO A 809 -13.38 41.14 -30.59
N SER A 810 -12.92 39.89 -30.50
CA SER A 810 -11.56 39.62 -30.05
C SER A 810 -10.61 39.80 -31.23
N LYS A 811 -9.57 40.61 -31.03
CA LYS A 811 -8.72 41.01 -32.14
C LYS A 811 -7.75 39.89 -32.53
N ARG A 812 -8.29 38.71 -32.84
CA ARG A 812 -7.47 37.62 -33.31
C ARG A 812 -7.41 37.62 -34.83
N SER A 813 -6.31 37.11 -35.38
CA SER A 813 -6.11 37.11 -36.82
C SER A 813 -7.03 36.08 -37.48
N PRO A 814 -7.26 36.22 -38.79
CA PRO A 814 -8.07 35.19 -39.48
C PRO A 814 -7.52 33.78 -39.33
N ILE A 815 -6.20 33.61 -39.39
CA ILE A 815 -5.62 32.30 -39.15
C ILE A 815 -5.76 31.91 -37.68
N GLU A 816 -5.59 32.90 -36.78
CA GLU A 816 -5.77 32.62 -35.36
C GLU A 816 -7.20 32.20 -35.06
N ASP A 817 -8.17 32.76 -35.78
CA ASP A 817 -9.56 32.34 -35.60
C ASP A 817 -9.73 30.86 -35.93
N LEU A 818 -9.16 30.41 -37.05
CA LEU A 818 -9.21 29.00 -37.38
C LEU A 818 -8.49 28.14 -36.35
N LEU A 819 -7.33 28.62 -35.88
CA LEU A 819 -6.58 27.85 -34.88
C LEU A 819 -7.37 27.68 -33.60
N PHE A 820 -8.09 28.72 -33.18
CA PHE A 820 -8.89 28.61 -31.97
C PHE A 820 -10.17 27.82 -32.19
N ASN A 821 -10.73 27.85 -33.41
CA ASN A 821 -11.95 27.10 -33.68
C ASN A 821 -11.67 25.61 -33.79
N LYS A 822 -10.53 25.23 -34.37
CA LYS A 822 -10.24 23.82 -34.60
C LYS A 822 -10.09 23.05 -33.29
N VAL A 823 -9.38 23.63 -32.32
CA VAL A 823 -9.14 22.95 -31.05
C VAL A 823 -10.38 23.07 -30.18
N THR A 824 -10.89 21.94 -29.72
CA THR A 824 -12.07 21.91 -28.87
C THR A 824 -11.73 21.42 -27.47
N LYS A 851 -16.80 19.07 -12.30
CA LYS A 851 -15.96 18.30 -11.39
C LYS A 851 -15.62 19.12 -10.15
N PHE A 852 -16.15 18.70 -9.00
CA PHE A 852 -15.90 19.38 -7.73
C PHE A 852 -15.48 18.39 -6.67
N ASN A 853 -14.59 17.45 -7.01
CA ASN A 853 -14.01 16.52 -6.06
C ASN A 853 -12.67 17.01 -5.53
N GLY A 854 -12.52 18.32 -5.33
CA GLY A 854 -11.23 18.92 -5.11
C GLY A 854 -10.55 19.39 -6.37
N LEU A 855 -11.17 19.18 -7.52
CA LEU A 855 -10.58 19.53 -8.81
C LEU A 855 -10.95 20.96 -9.18
N THR A 856 -9.94 21.81 -9.34
CA THR A 856 -10.14 23.18 -9.80
C THR A 856 -9.18 23.47 -10.93
N VAL A 857 -9.64 24.29 -11.87
CA VAL A 857 -8.85 24.66 -13.04
C VAL A 857 -8.54 26.15 -12.90
N LEU A 858 -7.32 26.46 -12.48
CA LEU A 858 -6.91 27.84 -12.32
C LEU A 858 -6.86 28.52 -13.68
N PRO A 859 -7.40 29.72 -13.83
CA PRO A 859 -7.34 30.41 -15.11
C PRO A 859 -5.91 30.84 -15.42
N PRO A 860 -5.51 30.81 -16.70
CA PRO A 860 -4.19 31.30 -17.05
C PRO A 860 -4.05 32.78 -16.76
N LEU A 861 -2.85 33.19 -16.35
CA LEU A 861 -2.61 34.60 -16.05
C LEU A 861 -2.76 35.47 -17.29
N LEU A 862 -2.24 35.01 -18.43
CA LEU A 862 -2.35 35.72 -19.69
C LEU A 862 -3.59 35.22 -20.42
N THR A 863 -4.61 36.08 -20.53
CA THR A 863 -5.80 35.69 -21.26
C THR A 863 -5.52 35.64 -22.76
N ASP A 864 -6.42 35.00 -23.50
CA ASP A 864 -6.20 34.77 -24.92
C ASP A 864 -6.11 36.07 -25.70
N GLU A 865 -6.88 37.09 -25.31
CA GLU A 865 -6.75 38.40 -25.93
C GLU A 865 -5.37 38.99 -25.67
N MET A 866 -4.84 38.77 -24.46
CA MET A 866 -3.51 39.28 -24.11
C MET A 866 -2.41 38.56 -24.89
N ILE A 867 -2.54 37.24 -25.02
CA ILE A 867 -1.59 36.48 -25.84
C ILE A 867 -1.68 36.91 -27.29
N ALA A 868 -2.89 37.19 -27.77
CA ALA A 868 -3.03 37.73 -29.12
C ALA A 868 -2.39 39.11 -29.25
N GLN A 869 -2.42 39.91 -28.18
CA GLN A 869 -1.77 41.22 -28.24
C GLN A 869 -0.25 41.09 -28.28
N TYR A 870 0.32 40.17 -27.49
CA TYR A 870 1.73 39.83 -27.64
C TYR A 870 2.05 39.38 -29.06
N THR A 871 1.23 38.49 -29.61
CA THR A 871 1.47 38.00 -30.96
C THR A 871 1.41 39.13 -31.99
N SER A 872 0.46 40.05 -31.82
CA SER A 872 0.33 41.18 -32.73
C SER A 872 1.52 42.13 -32.60
N ALA A 873 2.01 42.34 -31.37
CA ALA A 873 3.20 43.17 -31.19
C ALA A 873 4.40 42.54 -31.87
N LEU A 874 4.58 41.22 -31.71
CA LEU A 874 5.68 40.54 -32.39
C LEU A 874 5.54 40.62 -33.90
N LEU A 875 4.32 40.45 -34.42
CA LEU A 875 4.10 40.54 -35.86
C LEU A 875 4.39 41.94 -36.38
N ALA A 876 3.94 42.98 -35.66
CA ALA A 876 4.19 44.35 -36.09
C ALA A 876 5.67 44.69 -36.04
N GLY A 877 6.37 44.24 -35.00
CA GLY A 877 7.81 44.43 -34.96
C GLY A 877 8.52 43.74 -36.10
N THR A 878 8.15 42.50 -36.39
CA THR A 878 8.76 41.76 -37.49
C THR A 878 8.48 42.43 -38.83
N ILE A 879 7.28 42.95 -39.02
CA ILE A 879 6.91 43.53 -40.30
C ILE A 879 7.61 44.88 -40.50
N THR A 880 7.58 45.74 -39.49
CA THR A 880 8.05 47.11 -39.68
C THR A 880 9.55 47.22 -39.44
N SER A 881 10.06 46.63 -38.36
CA SER A 881 11.45 46.78 -37.97
C SER A 881 12.34 45.64 -38.45
N GLY A 882 11.83 44.41 -38.46
CA GLY A 882 12.63 43.26 -38.85
C GLY A 882 13.14 42.51 -37.63
N TRP A 883 14.42 42.16 -37.64
CA TRP A 883 15.04 41.57 -36.46
C TRP A 883 15.54 42.61 -35.46
N THR A 884 15.48 43.90 -35.82
CA THR A 884 16.03 44.94 -34.97
C THR A 884 15.24 45.16 -33.70
N PHE A 885 13.98 44.72 -33.65
CA PHE A 885 13.17 44.95 -32.47
C PHE A 885 13.45 43.97 -31.34
N GLY A 886 14.29 42.96 -31.59
CA GLY A 886 14.65 42.02 -30.54
C GLY A 886 16.06 42.23 -30.02
N ALA A 887 16.79 43.16 -30.63
CA ALA A 887 18.18 43.45 -30.25
C ALA A 887 18.37 44.89 -29.82
N GLY A 888 17.30 45.55 -29.38
CA GLY A 888 17.37 46.93 -28.96
C GLY A 888 16.15 47.72 -29.36
N PRO A 889 16.35 48.95 -29.83
CA PRO A 889 15.24 49.75 -30.31
C PRO A 889 14.78 49.29 -31.68
N ALA A 890 13.46 49.22 -31.86
CA ALA A 890 12.90 48.85 -33.15
C ALA A 890 13.20 49.95 -34.16
N LEU A 891 13.84 49.58 -35.26
CA LEU A 891 14.25 50.51 -36.30
C LEU A 891 13.42 50.22 -37.54
N GLN A 892 12.64 51.20 -37.99
CA GLN A 892 11.76 50.97 -39.13
C GLN A 892 12.58 50.74 -40.40
N ILE A 893 12.05 49.89 -41.28
CA ILE A 893 12.66 49.60 -42.57
C ILE A 893 11.56 49.08 -43.48
N PRO A 894 11.49 49.52 -44.74
CA PRO A 894 10.44 49.02 -45.63
C PRO A 894 10.57 47.50 -45.80
N PHE A 895 9.41 46.84 -45.84
CA PHE A 895 9.42 45.38 -45.98
C PHE A 895 10.12 44.88 -47.23
N PRO A 896 10.00 45.51 -48.40
CA PRO A 896 10.81 45.07 -49.55
C PRO A 896 12.31 45.17 -49.29
N MET A 897 12.74 45.95 -48.30
CA MET A 897 14.16 45.97 -47.94
C MET A 897 14.49 45.00 -46.81
N GLN A 898 13.56 44.76 -45.88
CA GLN A 898 13.79 43.73 -44.89
C GLN A 898 13.89 42.36 -45.56
N MET A 899 13.08 42.11 -46.58
CA MET A 899 13.18 40.86 -47.30
C MET A 899 14.49 40.76 -48.07
N ALA A 900 15.04 41.88 -48.55
CA ALA A 900 16.36 41.85 -49.15
C ALA A 900 17.43 41.52 -48.11
N TYR A 901 17.29 42.07 -46.90
CA TYR A 901 18.13 41.64 -45.78
C TYR A 901 18.08 40.14 -45.62
N ARG A 902 16.87 39.58 -45.59
CA ARG A 902 16.72 38.15 -45.32
C ARG A 902 17.22 37.29 -46.47
N PHE A 903 17.13 37.78 -47.71
CA PHE A 903 17.79 37.08 -48.82
C PHE A 903 19.30 37.10 -48.68
N ASN A 904 19.88 38.25 -48.33
CA ASN A 904 21.31 38.29 -48.07
C ASN A 904 21.68 37.36 -46.93
N GLY A 905 20.75 37.09 -46.03
CA GLY A 905 21.02 36.20 -44.92
C GLY A 905 21.05 34.72 -45.29
N ILE A 906 20.77 34.38 -46.54
CA ILE A 906 20.83 32.99 -47.00
C ILE A 906 21.73 32.84 -48.21
N GLY A 907 22.62 33.81 -48.44
CA GLY A 907 23.55 33.72 -49.55
C GLY A 907 22.99 34.08 -50.90
N VAL A 908 21.75 34.56 -50.97
CA VAL A 908 21.12 35.01 -52.21
C VAL A 908 21.20 36.52 -52.24
N THR A 909 21.82 37.07 -53.28
CA THR A 909 21.98 38.51 -53.36
C THR A 909 20.63 39.19 -53.39
N GLN A 910 20.57 40.39 -52.81
CA GLN A 910 19.35 41.17 -52.77
C GLN A 910 18.89 41.60 -54.15
N ASN A 911 19.75 41.47 -55.16
CA ASN A 911 19.34 41.66 -56.54
C ASN A 911 18.10 40.86 -56.88
N VAL A 912 18.03 39.63 -56.37
CA VAL A 912 16.98 38.70 -56.76
C VAL A 912 15.60 39.27 -56.43
N LEU A 913 15.43 39.81 -55.22
CA LEU A 913 14.11 40.25 -54.81
C LEU A 913 13.69 41.52 -55.53
N TYR A 914 14.59 42.49 -55.64
CA TYR A 914 14.24 43.72 -56.35
C TYR A 914 13.99 43.46 -57.83
N GLU A 915 14.59 42.42 -58.40
CA GLU A 915 14.24 42.03 -59.76
C GLU A 915 12.94 41.26 -59.85
N ASN A 916 12.48 40.67 -58.74
CA ASN A 916 11.29 39.85 -58.73
C ASN A 916 10.42 40.19 -57.53
N GLN A 917 10.20 41.47 -57.27
CA GLN A 917 9.45 41.87 -56.08
C GLN A 917 7.99 41.45 -56.18
N LYS A 918 7.37 41.71 -57.33
CA LYS A 918 5.95 41.35 -57.49
C LYS A 918 5.76 39.84 -57.44
N LEU A 919 6.65 39.09 -58.10
CA LEU A 919 6.52 37.63 -58.10
C LEU A 919 6.67 37.05 -56.70
N ILE A 920 7.66 37.53 -55.95
CA ILE A 920 7.87 37.02 -54.60
C ILE A 920 6.72 37.42 -53.67
N ALA A 921 6.20 38.65 -53.84
CA ALA A 921 5.04 39.06 -53.06
C ALA A 921 3.85 38.18 -53.35
N ASN A 922 3.60 37.88 -54.62
CA ASN A 922 2.49 37.01 -54.99
C ASN A 922 2.68 35.61 -54.42
N GLN A 923 3.90 35.08 -54.50
CA GLN A 923 4.17 33.76 -53.94
C GLN A 923 3.93 33.73 -52.44
N PHE A 924 4.36 34.78 -51.74
CA PHE A 924 4.16 34.86 -50.30
C PHE A 924 2.68 34.90 -49.95
N ASN A 925 1.93 35.75 -50.65
CA ASN A 925 0.49 35.84 -50.40
C ASN A 925 -0.21 34.52 -50.69
N SER A 926 0.13 33.89 -51.82
CA SER A 926 -0.51 32.61 -52.17
C SER A 926 -0.15 31.52 -51.19
N ALA A 927 1.09 31.52 -50.70
CA ALA A 927 1.49 30.53 -49.69
C ALA A 927 0.72 30.71 -48.40
N ILE A 928 0.54 31.96 -47.96
CA ILE A 928 -0.24 32.20 -46.75
C ILE A 928 -1.71 31.80 -46.96
N GLY A 929 -2.25 32.10 -48.15
CA GLY A 929 -3.61 31.67 -48.45
C GLY A 929 -3.76 30.16 -48.47
N LYS A 930 -2.75 29.45 -48.99
CA LYS A 930 -2.79 28.00 -49.00
C LYS A 930 -2.69 27.45 -47.58
N ILE A 931 -1.92 28.09 -46.71
CA ILE A 931 -1.92 27.71 -45.30
C ILE A 931 -3.30 27.90 -44.70
N GLN A 932 -3.95 29.03 -45.00
CA GLN A 932 -5.30 29.27 -44.54
C GLN A 932 -6.24 28.15 -44.97
N ASP A 933 -6.20 27.79 -46.25
CA ASP A 933 -7.08 26.75 -46.78
C ASP A 933 -6.78 25.39 -46.18
N SER A 934 -5.49 25.04 -46.04
CA SER A 934 -5.13 23.74 -45.48
C SER A 934 -5.55 23.63 -44.02
N LEU A 935 -5.40 24.70 -43.26
CA LEU A 935 -5.89 24.70 -41.88
C LEU A 935 -7.41 24.57 -41.84
N SER A 936 -8.10 25.25 -42.77
CA SER A 936 -9.56 25.17 -42.80
C SER A 936 -10.05 23.76 -43.12
N SER A 937 -9.41 23.10 -44.09
CA SER A 937 -9.92 21.83 -44.57
C SER A 937 -9.51 20.67 -43.68
N THR A 938 -8.20 20.44 -43.54
CA THR A 938 -7.72 19.29 -42.78
C THR A 938 -8.00 19.48 -41.29
N PRO A 939 -8.72 18.55 -40.64
CA PRO A 939 -9.01 18.73 -39.22
C PRO A 939 -7.89 18.29 -38.29
N SER A 940 -6.98 17.43 -38.75
CA SER A 940 -5.89 16.93 -37.93
C SER A 940 -4.65 17.81 -37.98
N ALA A 941 -4.81 19.08 -38.35
CA ALA A 941 -3.65 19.97 -38.46
C ALA A 941 -3.07 20.28 -37.08
N LEU A 942 -3.92 20.59 -36.11
CA LEU A 942 -3.48 20.98 -34.77
C LEU A 942 -3.37 19.76 -33.86
N GLY A 943 -2.66 18.75 -34.37
CA GLY A 943 -2.58 17.47 -33.68
C GLY A 943 -1.88 17.56 -32.35
N LYS A 944 -0.80 18.34 -32.27
CA LYS A 944 -0.03 18.42 -31.02
C LYS A 944 -0.87 19.04 -29.90
N LEU A 945 -1.49 20.19 -30.17
CA LEU A 945 -2.32 20.83 -29.16
C LEU A 945 -3.52 19.96 -28.79
N GLN A 946 -4.16 19.35 -29.80
CA GLN A 946 -5.30 18.49 -29.50
C GLN A 946 -4.88 17.30 -28.64
N ASP A 947 -3.71 16.72 -28.93
CA ASP A 947 -3.23 15.60 -28.15
C ASP A 947 -2.91 16.00 -26.72
N VAL A 948 -2.30 17.17 -26.54
CA VAL A 948 -1.99 17.64 -25.19
C VAL A 948 -3.28 17.84 -24.39
N VAL A 949 -4.26 18.51 -25.00
CA VAL A 949 -5.53 18.78 -24.32
C VAL A 949 -6.24 17.46 -23.99
N ASN A 950 -6.26 16.53 -24.95
CA ASN A 950 -6.93 15.26 -24.73
C ASN A 950 -6.23 14.43 -23.66
N GLN A 951 -4.89 14.47 -23.63
CA GLN A 951 -4.15 13.74 -22.61
C GLN A 951 -4.47 14.29 -21.22
N ASN A 952 -4.47 15.61 -21.07
CA ASN A 952 -4.81 16.19 -19.77
C ASN A 952 -6.24 15.87 -19.39
N ALA A 953 -7.17 15.94 -20.36
CA ALA A 953 -8.57 15.67 -20.07
C ALA A 953 -8.78 14.22 -19.65
N GLN A 954 -8.13 13.27 -20.33
CA GLN A 954 -8.32 11.87 -19.98
C GLN A 954 -7.63 11.54 -18.67
N ALA A 955 -6.51 12.20 -18.37
CA ALA A 955 -5.90 12.03 -17.05
C ALA A 955 -6.84 12.51 -15.95
N LEU A 956 -7.46 13.67 -16.14
CA LEU A 956 -8.43 14.17 -15.17
C LEU A 956 -9.61 13.23 -15.04
N ASN A 957 -10.12 12.72 -16.18
CA ASN A 957 -11.26 11.82 -16.14
C ASN A 957 -10.92 10.52 -15.43
N THR A 958 -9.73 9.97 -15.67
CA THR A 958 -9.31 8.77 -14.96
C THR A 958 -9.18 9.04 -13.47
N LEU A 959 -8.61 10.20 -13.10
CA LEU A 959 -8.49 10.54 -11.69
C LEU A 959 -9.86 10.63 -11.02
N VAL A 960 -10.83 11.22 -11.71
CA VAL A 960 -12.18 11.33 -11.16
C VAL A 960 -12.84 9.96 -11.06
N LYS A 961 -12.70 9.13 -12.10
CA LYS A 961 -13.30 7.79 -12.09
C LYS A 961 -12.68 6.89 -11.04
N GLN A 962 -11.44 7.18 -10.60
CA GLN A 962 -10.81 6.36 -9.58
C GLN A 962 -11.56 6.40 -8.26
N LEU A 963 -12.43 7.39 -8.05
CA LEU A 963 -13.23 7.43 -6.82
C LEU A 963 -14.26 6.32 -6.77
N SER A 964 -14.69 5.79 -7.93
CA SER A 964 -15.71 4.75 -7.98
C SER A 964 -15.15 3.36 -7.78
N SER A 965 -13.83 3.21 -7.62
CA SER A 965 -13.21 1.91 -7.42
C SER A 965 -13.13 1.58 -5.93
N ASN A 966 -13.39 0.31 -5.61
CA ASN A 966 -13.44 -0.10 -4.22
C ASN A 966 -12.07 -0.06 -3.54
N PHE A 967 -11.01 -0.37 -4.29
CA PHE A 967 -9.65 -0.44 -3.74
C PHE A 967 -9.53 -1.49 -2.65
N GLY A 968 -10.42 -2.48 -2.66
CA GLY A 968 -10.46 -3.51 -1.64
C GLY A 968 -11.45 -3.27 -0.53
N ALA A 969 -11.90 -2.03 -0.36
CA ALA A 969 -12.95 -1.74 0.60
C ALA A 969 -14.28 -2.27 0.10
N ILE A 970 -15.15 -2.69 1.03
CA ILE A 970 -16.42 -3.27 0.64
C ILE A 970 -17.38 -2.23 0.09
N SER A 971 -17.01 -0.95 0.13
CA SER A 971 -17.83 0.12 -0.43
C SER A 971 -16.93 1.14 -1.10
N SER A 972 -17.31 1.56 -2.31
CA SER A 972 -16.55 2.57 -3.04
C SER A 972 -16.97 3.99 -2.70
N VAL A 973 -18.04 4.16 -1.92
CA VAL A 973 -18.50 5.47 -1.47
C VAL A 973 -18.24 5.58 0.03
N LEU A 974 -17.61 6.68 0.43
CA LEU A 974 -17.14 6.82 1.80
C LEU A 974 -18.27 7.07 2.80
N ASN A 975 -19.38 7.66 2.36
CA ASN A 975 -20.47 7.95 3.27
C ASN A 975 -21.29 6.71 3.65
N ASP A 976 -21.22 5.64 2.87
CA ASP A 976 -21.92 4.40 3.19
C ASP A 976 -21.12 3.49 4.11
N ILE A 977 -19.80 3.44 3.94
CA ILE A 977 -18.97 2.62 4.81
C ILE A 977 -18.96 3.13 6.24
N LEU A 978 -19.15 4.43 6.44
CA LEU A 978 -19.22 4.99 7.78
C LEU A 978 -20.58 4.80 8.43
N SER A 979 -21.64 4.63 7.63
CA SER A 979 -22.98 4.46 8.18
C SER A 979 -23.28 2.98 8.46
N ARG A 980 -23.00 2.11 7.49
CA ARG A 980 -23.34 0.70 7.64
C ARG A 980 -22.39 0.00 8.61
N LEU A 981 -21.17 0.49 8.74
CA LEU A 981 -20.17 -0.11 9.60
C LEU A 981 -19.85 0.81 10.77
N ASP A 982 -19.57 0.20 11.92
CA ASP A 982 -19.17 0.96 13.09
C ASP A 982 -17.77 1.55 12.88
N PRO A 983 -17.51 2.73 13.43
CA PRO A 983 -16.23 3.42 13.17
C PRO A 983 -15.02 2.57 13.53
N PRO A 984 -15.02 1.81 14.65
CA PRO A 984 -13.85 0.96 14.91
C PRO A 984 -13.55 -0.03 13.80
N GLU A 985 -14.57 -0.58 13.17
CA GLU A 985 -14.34 -1.50 12.05
C GLU A 985 -14.27 -0.76 10.72
N ALA A 986 -14.96 0.38 10.62
CA ALA A 986 -14.96 1.15 9.38
C ALA A 986 -13.62 1.83 9.16
N GLU A 987 -12.80 1.95 10.20
CA GLU A 987 -11.51 2.62 10.05
C GLU A 987 -10.59 1.87 9.10
N VAL A 988 -10.60 0.54 9.12
CA VAL A 988 -9.72 -0.21 8.22
C VAL A 988 -10.18 -0.05 6.77
N GLN A 989 -11.50 0.01 6.54
CA GLN A 989 -12.00 0.25 5.19
C GLN A 989 -11.66 1.65 4.72
N ILE A 990 -11.76 2.64 5.61
CA ILE A 990 -11.31 3.99 5.27
C ILE A 990 -9.83 3.99 4.96
N ASP A 991 -9.04 3.19 5.68
CA ASP A 991 -7.62 3.08 5.37
C ASP A 991 -7.38 2.52 3.99
N ARG A 992 -8.13 1.48 3.61
CA ARG A 992 -8.02 0.94 2.25
C ARG A 992 -8.37 2.00 1.21
N LEU A 993 -9.47 2.73 1.44
CA LEU A 993 -9.90 3.74 0.49
C LEU A 993 -8.86 4.86 0.37
N ILE A 994 -8.31 5.32 1.49
CA ILE A 994 -7.34 6.40 1.45
C ILE A 994 -6.04 5.93 0.80
N THR A 995 -5.64 4.68 1.05
CA THR A 995 -4.45 4.16 0.38
C THR A 995 -4.66 4.13 -1.13
N GLY A 996 -5.82 3.65 -1.59
CA GLY A 996 -6.08 3.62 -3.01
C GLY A 996 -6.13 5.00 -3.63
N ARG A 997 -6.83 5.94 -2.98
CA ARG A 997 -6.97 7.27 -3.55
C ARG A 997 -5.65 8.03 -3.50
N LEU A 998 -4.84 7.81 -2.47
CA LEU A 998 -3.52 8.42 -2.41
C LEU A 998 -2.62 7.87 -3.50
N GLN A 999 -2.70 6.57 -3.77
CA GLN A 999 -1.96 6.00 -4.89
C GLN A 999 -2.42 6.62 -6.21
N SER A 1000 -3.72 6.82 -6.35
CA SER A 1000 -4.24 7.46 -7.57
C SER A 1000 -3.71 8.89 -7.70
N LEU A 1001 -3.71 9.65 -6.60
CA LEU A 1001 -3.19 11.02 -6.66
C LEU A 1001 -1.69 11.04 -6.96
N GLN A 1002 -0.92 10.13 -6.36
CA GLN A 1002 0.51 10.10 -6.64
C GLN A 1002 0.77 9.74 -8.09
N THR A 1003 0.02 8.77 -8.63
CA THR A 1003 0.16 8.43 -10.04
C THR A 1003 -0.19 9.62 -10.93
N TYR A 1004 -1.29 10.31 -10.62
CA TYR A 1004 -1.70 11.46 -11.41
C TYR A 1004 -0.66 12.57 -11.33
N VAL A 1005 -0.10 12.82 -10.15
CA VAL A 1005 0.88 13.89 -10.00
C VAL A 1005 2.18 13.54 -10.71
N THR A 1006 2.59 12.26 -10.65
CA THR A 1006 3.79 11.86 -11.38
C THR A 1006 3.59 12.00 -12.89
N GLN A 1007 2.44 11.56 -13.39
CA GLN A 1007 2.15 11.73 -14.81
C GLN A 1007 2.10 13.21 -15.19
N GLN A 1008 1.51 14.03 -14.32
CA GLN A 1008 1.44 15.47 -14.56
C GLN A 1008 2.83 16.09 -14.57
N LEU A 1009 3.71 15.65 -13.68
CA LEU A 1009 5.06 16.20 -13.65
C LEU A 1009 5.86 15.80 -14.89
N ILE A 1010 5.71 14.55 -15.34
CA ILE A 1010 6.39 14.16 -16.57
C ILE A 1010 5.84 14.92 -17.77
N ARG A 1011 4.51 15.05 -17.85
CA ARG A 1011 3.90 15.81 -18.93
C ARG A 1011 4.31 17.28 -18.87
N ALA A 1012 4.45 17.83 -17.66
CA ALA A 1012 4.86 19.21 -17.52
C ALA A 1012 6.33 19.40 -17.90
N ALA A 1013 7.18 18.41 -17.63
CA ALA A 1013 8.55 18.47 -18.12
C ALA A 1013 8.59 18.45 -19.64
N GLU A 1014 7.78 17.59 -20.26
CA GLU A 1014 7.71 17.57 -21.71
C GLU A 1014 7.19 18.89 -22.27
N ILE A 1015 6.15 19.44 -21.64
CA ILE A 1015 5.58 20.71 -22.08
C ILE A 1015 6.57 21.85 -21.88
N ARG A 1016 7.36 21.79 -20.80
CA ARG A 1016 8.37 22.81 -20.58
C ARG A 1016 9.49 22.72 -21.62
N ALA A 1017 9.86 21.50 -22.01
CA ALA A 1017 10.81 21.36 -23.11
C ALA A 1017 10.24 21.93 -24.40
N SER A 1018 8.97 21.65 -24.68
CA SER A 1018 8.35 22.19 -25.89
C SER A 1018 8.23 23.71 -25.82
N ALA A 1019 7.98 24.26 -24.63
CA ALA A 1019 7.87 25.70 -24.48
C ALA A 1019 9.22 26.38 -24.59
N ASN A 1020 10.28 25.74 -24.09
CA ASN A 1020 11.63 26.25 -24.30
C ASN A 1020 11.99 26.23 -25.77
N LEU A 1021 11.60 25.17 -26.48
CA LEU A 1021 11.82 25.12 -27.92
C LEU A 1021 11.03 26.21 -28.64
N ALA A 1022 9.79 26.45 -28.20
CA ALA A 1022 8.98 27.50 -28.81
C ALA A 1022 9.58 28.88 -28.56
N ALA A 1023 10.08 29.12 -27.35
CA ALA A 1023 10.73 30.39 -27.06
C ALA A 1023 12.01 30.55 -27.88
N THR A 1024 12.77 29.47 -28.04
CA THR A 1024 13.96 29.53 -28.87
C THR A 1024 13.60 29.82 -30.33
N LYS A 1025 12.55 29.18 -30.83
CA LYS A 1025 12.13 29.42 -32.21
C LYS A 1025 11.65 30.86 -32.40
N MET A 1026 10.89 31.37 -31.43
CA MET A 1026 10.48 32.77 -31.48
C MET A 1026 11.69 33.69 -31.52
N SER A 1027 12.64 33.47 -30.62
CA SER A 1027 13.82 34.33 -30.53
C SER A 1027 14.64 34.28 -31.83
N GLU A 1028 14.86 33.09 -32.37
CA GLU A 1028 15.76 32.93 -33.50
C GLU A 1028 15.09 33.06 -34.86
N CYS A 1029 13.77 33.12 -34.92
CA CYS A 1029 13.12 33.18 -36.21
C CYS A 1029 12.13 34.32 -36.34
N VAL A 1030 11.38 34.62 -35.28
CA VAL A 1030 10.55 35.82 -35.30
C VAL A 1030 11.41 37.05 -35.07
N LEU A 1031 12.35 36.98 -34.13
CA LEU A 1031 13.20 38.10 -33.77
C LEU A 1031 14.51 38.10 -34.56
N GLY A 1032 14.69 37.18 -35.49
CA GLY A 1032 15.91 37.13 -36.28
C GLY A 1032 15.77 36.10 -37.37
N GLN A 1033 16.84 35.92 -38.13
CA GLN A 1033 16.91 34.90 -39.17
C GLN A 1033 17.92 33.85 -38.74
N SER A 1034 17.45 32.60 -38.59
CA SER A 1034 18.28 31.53 -38.08
C SER A 1034 18.93 30.77 -39.23
N LYS A 1035 20.23 30.57 -39.15
CA LYS A 1035 20.97 29.77 -40.12
C LYS A 1035 21.00 28.30 -39.76
N ARG A 1036 20.41 27.91 -38.64
CA ARG A 1036 20.30 26.50 -38.30
C ARG A 1036 19.43 25.79 -39.34
N VAL A 1037 19.92 24.68 -39.86
CA VAL A 1037 19.26 24.00 -40.96
C VAL A 1037 18.08 23.22 -40.42
N ASP A 1038 16.92 23.39 -41.06
CA ASP A 1038 15.66 22.72 -40.72
C ASP A 1038 15.18 23.03 -39.31
N PHE A 1039 15.76 24.06 -38.67
CA PHE A 1039 15.25 24.48 -37.38
C PHE A 1039 13.92 25.21 -37.52
N CYS A 1040 13.83 26.12 -38.49
CA CYS A 1040 12.61 26.88 -38.75
C CYS A 1040 12.24 26.67 -40.22
N GLY A 1041 11.49 25.60 -40.47
CA GLY A 1041 11.02 25.30 -41.80
C GLY A 1041 12.02 24.56 -42.66
N LYS A 1042 11.52 23.80 -43.64
CA LYS A 1042 12.38 23.06 -44.56
C LYS A 1042 12.84 24.00 -45.67
N GLY A 1043 14.11 24.39 -45.65
CA GLY A 1043 14.67 25.27 -46.64
C GLY A 1043 15.46 26.38 -46.00
N TYR A 1044 16.01 27.24 -46.86
CA TYR A 1044 16.73 28.42 -46.40
C TYR A 1044 15.74 29.36 -45.73
N HIS A 1045 15.80 29.41 -44.41
CA HIS A 1045 14.78 30.13 -43.64
C HIS A 1045 14.81 31.62 -43.95
N LEU A 1046 13.61 32.21 -44.06
CA LEU A 1046 13.47 33.63 -44.31
C LEU A 1046 12.86 34.36 -43.12
N MET A 1047 11.67 33.95 -42.68
CA MET A 1047 10.98 34.67 -41.62
C MET A 1047 10.25 33.65 -40.74
N SER A 1048 9.40 34.17 -39.86
CA SER A 1048 8.49 33.35 -39.06
C SER A 1048 7.46 34.27 -38.42
N PHE A 1049 6.19 33.88 -38.49
CA PHE A 1049 5.11 34.69 -37.96
C PHE A 1049 4.37 33.92 -36.89
N PRO A 1050 4.52 34.26 -35.62
CA PRO A 1050 3.81 33.52 -34.57
C PRO A 1050 2.32 33.72 -34.69
N GLN A 1051 1.58 32.68 -34.31
CA GLN A 1051 0.13 32.76 -34.20
C GLN A 1051 -0.28 32.08 -32.90
N SER A 1052 -1.12 32.76 -32.13
CA SER A 1052 -1.57 32.17 -30.88
C SER A 1052 -2.47 30.98 -31.16
N ALA A 1053 -2.58 30.10 -30.17
CA ALA A 1053 -3.40 28.90 -30.27
C ALA A 1053 -3.75 28.44 -28.88
N PRO A 1054 -4.80 27.65 -28.71
CA PRO A 1054 -5.14 27.17 -27.37
C PRO A 1054 -4.06 26.29 -26.79
N HIS A 1055 -3.40 26.79 -25.73
CA HIS A 1055 -2.32 26.08 -25.05
C HIS A 1055 -1.19 25.72 -26.01
N GLY A 1056 -0.75 26.71 -26.79
CA GLY A 1056 0.35 26.49 -27.70
C GLY A 1056 0.55 27.68 -28.60
N VAL A 1057 1.44 27.50 -29.58
CA VAL A 1057 1.76 28.53 -30.55
C VAL A 1057 1.96 27.86 -31.92
N VAL A 1058 1.71 28.63 -32.97
CA VAL A 1058 1.84 28.17 -34.34
C VAL A 1058 2.75 29.13 -35.08
N PHE A 1059 3.77 28.58 -35.75
CA PHE A 1059 4.73 29.37 -36.51
C PHE A 1059 4.51 29.15 -38.00
N LEU A 1060 4.43 30.24 -38.75
CA LEU A 1060 4.33 30.19 -40.21
C LEU A 1060 5.72 30.45 -40.77
N HIS A 1061 6.54 29.41 -40.76
CA HIS A 1061 7.95 29.53 -41.17
C HIS A 1061 8.02 29.82 -42.66
N VAL A 1062 8.36 31.05 -43.01
CA VAL A 1062 8.56 31.42 -44.41
C VAL A 1062 9.99 31.02 -44.80
N THR A 1063 10.09 30.14 -45.80
CA THR A 1063 11.37 29.58 -46.21
C THR A 1063 11.57 29.78 -47.70
N TYR A 1064 12.84 29.77 -48.10
CA TYR A 1064 13.22 29.90 -49.50
C TYR A 1064 13.61 28.53 -50.02
N VAL A 1065 12.88 28.04 -51.01
CA VAL A 1065 13.13 26.72 -51.58
C VAL A 1065 13.42 26.86 -53.07
N PRO A 1066 14.62 26.54 -53.53
CA PRO A 1066 14.88 26.56 -54.98
C PRO A 1066 14.03 25.53 -55.71
N ALA A 1067 13.66 25.84 -56.95
CA ALA A 1067 12.71 25.04 -57.68
C ALA A 1067 13.27 24.42 -58.95
N GLN A 1068 13.82 25.23 -59.85
CA GLN A 1068 14.16 24.79 -61.20
C GLN A 1068 15.67 24.76 -61.35
N GLU A 1069 16.25 23.58 -61.21
CA GLU A 1069 17.68 23.37 -61.38
C GLU A 1069 18.05 23.15 -62.84
N LYS A 1070 19.32 23.38 -63.15
CA LYS A 1070 19.82 23.21 -64.51
C LYS A 1070 21.26 22.74 -64.44
N ASN A 1071 21.58 21.70 -65.22
CA ASN A 1071 22.93 21.16 -65.24
C ASN A 1071 23.91 22.17 -65.82
N PHE A 1072 25.13 22.18 -65.28
CA PHE A 1072 26.18 23.04 -65.81
C PHE A 1072 27.52 22.35 -65.63
N THR A 1073 28.50 22.77 -66.42
CA THR A 1073 29.87 22.28 -66.32
C THR A 1073 30.67 23.27 -65.48
N THR A 1074 31.28 22.79 -64.41
CA THR A 1074 31.95 23.64 -63.45
C THR A 1074 33.39 23.21 -63.27
N ALA A 1075 34.23 24.15 -62.82
CA ALA A 1075 35.63 23.90 -62.55
C ALA A 1075 36.08 24.71 -61.35
N PRO A 1076 36.87 24.12 -60.44
CA PRO A 1076 37.29 24.83 -59.23
C PRO A 1076 37.95 26.18 -59.47
N ALA A 1077 38.79 26.30 -60.50
CA ALA A 1077 39.52 27.53 -60.76
C ALA A 1077 39.46 27.87 -62.23
N ILE A 1078 40.17 28.93 -62.59
CA ILE A 1078 40.24 29.40 -63.98
C ILE A 1078 41.67 29.81 -64.24
N CYS A 1079 42.32 29.12 -65.18
CA CYS A 1079 43.71 29.40 -65.52
C CYS A 1079 43.77 30.49 -66.57
N HIS A 1080 44.13 31.71 -66.16
CA HIS A 1080 44.32 32.82 -67.07
C HIS A 1080 45.67 33.47 -66.78
N ASP A 1081 46.39 33.80 -67.87
CA ASP A 1081 47.69 34.47 -67.76
C ASP A 1081 48.67 33.68 -66.90
N GLY A 1082 48.54 32.35 -66.95
CA GLY A 1082 49.42 31.49 -66.16
C GLY A 1082 49.27 31.65 -64.67
N LYS A 1083 48.04 31.85 -64.20
CA LYS A 1083 47.78 31.96 -62.77
C LYS A 1083 46.33 31.58 -62.50
N ALA A 1084 46.12 30.85 -61.41
CA ALA A 1084 44.78 30.38 -61.08
C ALA A 1084 43.91 31.55 -60.65
N HIS A 1085 42.63 31.49 -61.00
CA HIS A 1085 41.64 32.48 -60.59
C HIS A 1085 40.49 31.75 -59.92
N PHE A 1086 40.17 32.15 -58.70
CA PHE A 1086 39.09 31.56 -57.93
C PHE A 1086 37.98 32.59 -57.74
N PRO A 1087 36.72 32.17 -57.70
CA PRO A 1087 35.62 33.14 -57.58
C PRO A 1087 35.57 33.73 -56.17
N ARG A 1088 35.49 35.06 -56.09
CA ARG A 1088 35.39 35.72 -54.80
C ARG A 1088 34.14 35.28 -54.06
N GLU A 1089 33.01 35.22 -54.77
CA GLU A 1089 31.80 34.60 -54.26
C GLU A 1089 30.97 34.17 -55.46
N GLY A 1090 30.71 32.87 -55.55
CA GLY A 1090 30.07 32.29 -56.70
C GLY A 1090 30.76 31.02 -57.16
N VAL A 1091 30.27 30.49 -58.29
CA VAL A 1091 30.72 29.24 -58.84
C VAL A 1091 31.00 29.45 -60.32
N PHE A 1092 32.13 28.96 -60.80
CA PHE A 1092 32.40 28.97 -62.23
C PHE A 1092 31.52 27.95 -62.92
N VAL A 1093 30.74 28.40 -63.90
CA VAL A 1093 29.87 27.51 -64.67
C VAL A 1093 29.97 27.89 -66.14
N SER A 1094 29.56 26.96 -66.99
CA SER A 1094 29.60 27.16 -68.43
C SER A 1094 28.33 26.63 -69.06
N ASN A 1095 27.79 27.38 -70.01
CA ASN A 1095 26.65 26.90 -70.80
C ASN A 1095 27.13 26.20 -72.07
N GLY A 1096 28.04 25.25 -71.90
CA GLY A 1096 28.63 24.54 -73.02
C GLY A 1096 29.92 25.14 -73.57
N THR A 1097 29.87 26.41 -73.96
CA THR A 1097 31.02 27.05 -74.61
C THR A 1097 31.61 28.19 -73.80
N HIS A 1098 30.79 29.10 -73.28
CA HIS A 1098 31.27 30.27 -72.56
C HIS A 1098 31.22 30.02 -71.05
N TRP A 1099 32.20 30.55 -70.35
CA TRP A 1099 32.35 30.34 -68.91
C TRP A 1099 31.84 31.55 -68.14
N PHE A 1100 31.06 31.29 -67.09
CA PHE A 1100 30.46 32.33 -66.27
C PHE A 1100 30.62 31.98 -64.80
N VAL A 1101 30.64 33.01 -63.96
CA VAL A 1101 30.63 32.86 -62.51
C VAL A 1101 29.24 33.18 -62.00
N THR A 1102 28.67 32.29 -61.19
CA THR A 1102 27.29 32.38 -60.77
C THR A 1102 27.19 32.15 -59.27
N GLN A 1103 26.37 32.95 -58.60
CA GLN A 1103 26.11 32.74 -57.18
C GLN A 1103 25.56 31.34 -56.94
N ARG A 1104 25.67 30.90 -55.68
CA ARG A 1104 25.51 29.48 -55.37
C ARG A 1104 24.06 29.05 -55.25
N ASN A 1105 23.10 29.97 -55.25
CA ASN A 1105 21.70 29.63 -54.97
C ASN A 1105 20.72 30.17 -56.00
N PHE A 1106 21.20 30.81 -57.07
CA PHE A 1106 20.32 31.38 -58.07
C PHE A 1106 21.13 31.60 -59.33
N TYR A 1107 20.70 31.02 -60.45
CA TYR A 1107 21.49 31.09 -61.67
C TYR A 1107 21.45 32.51 -62.20
N GLU A 1108 22.54 33.25 -61.97
CA GLU A 1108 22.74 34.58 -62.53
C GLU A 1108 24.13 34.61 -63.14
N PRO A 1109 24.26 34.20 -64.40
CA PRO A 1109 25.60 34.18 -65.03
C PRO A 1109 26.21 35.57 -65.09
N GLN A 1110 27.50 35.63 -64.83
CA GLN A 1110 28.25 36.88 -64.87
C GLN A 1110 29.51 36.66 -65.69
N ILE A 1111 29.83 37.63 -66.56
CA ILE A 1111 31.05 37.54 -67.35
C ILE A 1111 32.24 37.56 -66.41
N ILE A 1112 33.27 36.80 -66.77
CA ILE A 1112 34.37 36.56 -65.85
C ILE A 1112 35.27 37.80 -65.79
N THR A 1113 35.53 38.28 -64.58
CA THR A 1113 36.23 39.53 -64.39
C THR A 1113 37.08 39.44 -63.13
N THR A 1114 38.07 40.32 -63.03
CA THR A 1114 38.94 40.35 -61.87
C THR A 1114 38.23 40.89 -60.62
N ASP A 1115 37.10 41.57 -60.79
CA ASP A 1115 36.38 42.11 -59.62
C ASP A 1115 35.81 41.00 -58.77
N ASN A 1116 35.29 39.94 -59.40
CA ASN A 1116 34.65 38.84 -58.70
C ASN A 1116 35.49 37.57 -58.69
N THR A 1117 36.77 37.67 -59.05
CA THR A 1117 37.72 36.56 -58.95
C THR A 1117 39.00 37.05 -58.31
N PHE A 1118 39.62 36.20 -57.50
CA PHE A 1118 40.88 36.52 -56.85
C PHE A 1118 41.95 35.51 -57.24
N VAL A 1119 43.10 36.02 -57.69
CA VAL A 1119 44.20 35.16 -58.10
C VAL A 1119 44.88 34.57 -56.88
N SER A 1120 45.21 33.28 -56.95
CA SER A 1120 45.72 32.57 -55.78
C SER A 1120 46.82 31.57 -56.16
N GLY A 1121 47.77 32.00 -56.99
CA GLY A 1121 48.95 31.19 -57.29
C GLY A 1121 49.06 30.90 -58.78
N ASN A 1122 49.54 29.70 -59.08
CA ASN A 1122 49.75 29.27 -60.46
C ASN A 1122 48.84 28.09 -60.78
N CYS A 1123 48.85 27.69 -62.06
CA CYS A 1123 47.87 26.75 -62.59
C CYS A 1123 48.25 25.29 -62.36
N ASP A 1124 49.48 25.01 -61.91
CA ASP A 1124 49.93 23.62 -61.82
C ASP A 1124 49.29 22.89 -60.64
N VAL A 1125 49.12 23.59 -59.51
CA VAL A 1125 48.71 22.92 -58.28
C VAL A 1125 47.27 22.44 -58.36
N VAL A 1126 46.39 23.24 -58.96
CA VAL A 1126 44.96 22.97 -58.92
C VAL A 1126 44.63 21.76 -59.79
N ILE A 1127 43.89 20.82 -59.22
CA ILE A 1127 43.43 19.63 -59.94
C ILE A 1127 41.99 19.91 -60.37
N GLY A 1128 41.80 20.28 -61.63
CA GLY A 1128 40.48 20.59 -62.13
C GLY A 1128 40.38 21.95 -62.77
N ILE A 1129 41.52 22.65 -62.85
CA ILE A 1129 41.55 23.97 -63.45
C ILE A 1129 41.28 23.85 -64.95
N VAL A 1130 40.66 24.88 -65.51
CA VAL A 1130 40.34 24.92 -66.94
C VAL A 1130 40.83 26.24 -67.52
N ASN A 1131 41.35 26.17 -68.75
CA ASN A 1131 41.78 27.37 -69.44
C ASN A 1131 40.60 28.26 -69.77
N ASN A 1132 40.78 29.57 -69.62
CA ASN A 1132 39.75 30.55 -69.91
C ASN A 1132 40.42 31.91 -69.94
N THR A 1133 39.61 32.94 -70.20
CA THR A 1133 40.06 34.32 -70.14
C THR A 1133 39.31 35.06 -69.04
N VAL A 1134 39.98 36.03 -68.44
CA VAL A 1134 39.39 36.87 -67.39
C VAL A 1134 39.43 38.31 -67.88
N TYR A 1135 38.26 38.92 -67.99
CA TYR A 1135 38.17 40.29 -68.49
C TYR A 1135 38.81 41.26 -67.52
N ASP A 1136 39.55 42.23 -68.06
CA ASP A 1136 40.19 43.25 -67.25
C ASP A 1136 39.43 44.55 -67.40
N PRO A 1137 38.78 45.06 -66.35
CA PRO A 1137 37.94 46.27 -66.52
C PRO A 1137 38.72 47.49 -66.95
N LEU A 1138 39.97 47.64 -66.53
CA LEU A 1138 40.70 48.89 -66.72
C LEU A 1138 41.35 48.98 -68.09
N GLN A 1139 41.59 47.85 -68.74
CA GLN A 1139 42.29 47.84 -70.02
C GLN A 1139 41.57 48.65 -71.10
N PRO A 1140 40.24 48.55 -71.28
CA PRO A 1140 39.60 49.42 -72.28
C PRO A 1140 39.77 50.91 -72.01
N GLU A 1141 39.74 51.35 -70.75
CA GLU A 1141 40.02 52.75 -70.47
C GLU A 1141 41.48 53.10 -70.72
N LEU A 1142 42.39 52.13 -70.62
CA LEU A 1142 43.77 52.41 -71.02
C LEU A 1142 43.85 52.78 -72.49
N ASP A 1143 43.10 52.07 -73.35
CA ASP A 1143 43.14 52.37 -74.78
C ASP A 1143 42.50 53.71 -75.09
N SER A 1144 41.32 53.98 -74.54
CA SER A 1144 40.60 55.21 -74.80
C SER A 1144 40.78 56.21 -73.67
N PRO B 26 48.60 -31.65 15.16
CA PRO B 26 47.86 -31.51 13.90
C PRO B 26 48.53 -30.55 12.92
N ALA B 27 48.28 -30.73 11.63
CA ALA B 27 48.84 -29.89 10.59
C ALA B 27 47.72 -29.10 9.92
N TYR B 28 48.11 -28.07 9.18
CA TYR B 28 47.16 -27.20 8.49
C TYR B 28 47.64 -26.94 7.07
N THR B 29 46.68 -26.77 6.16
CA THR B 29 46.96 -26.48 4.77
C THR B 29 45.87 -25.55 4.24
N ASN B 30 46.19 -24.81 3.18
CA ASN B 30 45.28 -23.84 2.60
C ASN B 30 44.46 -24.49 1.49
N SER B 31 43.14 -24.43 1.62
CA SER B 31 42.23 -24.88 0.57
C SER B 31 41.93 -23.68 -0.32
N PHE B 32 42.72 -23.51 -1.37
CA PHE B 32 42.64 -22.31 -2.20
C PHE B 32 41.25 -22.14 -2.79
N THR B 33 40.85 -23.03 -3.68
CA THR B 33 39.53 -22.97 -4.29
C THR B 33 38.77 -24.27 -4.16
N ARG B 34 39.28 -25.23 -3.40
CA ARG B 34 38.70 -26.56 -3.35
C ARG B 34 37.40 -26.56 -2.54
N GLY B 35 36.58 -27.58 -2.76
CA GLY B 35 35.41 -27.84 -1.93
C GLY B 35 34.10 -27.35 -2.50
N VAL B 36 34.12 -26.57 -3.59
CA VAL B 36 32.87 -26.06 -4.14
C VAL B 36 32.15 -27.17 -4.90
N TYR B 37 30.85 -27.30 -4.65
CA TYR B 37 30.03 -28.36 -5.21
C TYR B 37 28.82 -27.76 -5.90
N TYR B 38 28.18 -28.57 -6.74
CA TYR B 38 26.96 -28.14 -7.40
C TYR B 38 25.85 -27.99 -6.37
N PRO B 39 25.37 -26.78 -6.08
CA PRO B 39 24.38 -26.61 -5.01
C PRO B 39 23.08 -27.36 -5.27
N ASP B 40 22.66 -27.49 -6.52
CA ASP B 40 21.40 -28.12 -6.84
C ASP B 40 21.52 -28.87 -8.17
N LYS B 41 20.41 -29.44 -8.62
CA LYS B 41 20.35 -30.18 -9.87
C LYS B 41 19.99 -29.30 -11.05
N VAL B 42 19.89 -27.98 -10.85
CA VAL B 42 19.55 -27.07 -11.93
C VAL B 42 20.70 -26.95 -12.92
N PHE B 43 20.35 -26.91 -14.20
CA PHE B 43 21.32 -26.71 -15.28
C PHE B 43 21.32 -25.25 -15.71
N ARG B 44 22.50 -24.66 -15.78
CA ARG B 44 22.67 -23.29 -16.27
C ARG B 44 23.85 -23.23 -17.21
N SER B 45 23.71 -22.46 -18.29
CA SER B 45 24.74 -22.34 -19.30
C SER B 45 25.13 -20.88 -19.45
N SER B 46 26.42 -20.59 -19.30
CA SER B 46 26.95 -19.23 -19.42
C SER B 46 26.23 -18.28 -18.46
N VAL B 47 25.97 -18.75 -17.24
CA VAL B 47 25.25 -17.99 -16.24
C VAL B 47 26.14 -17.86 -15.01
N LEU B 48 26.34 -16.63 -14.55
CA LEU B 48 27.00 -16.36 -13.28
C LEU B 48 25.95 -16.30 -12.19
N HIS B 49 25.74 -17.43 -11.51
CA HIS B 49 24.67 -17.58 -10.53
C HIS B 49 25.24 -17.43 -9.13
N SER B 50 24.65 -16.53 -8.36
CA SER B 50 25.06 -16.30 -6.97
C SER B 50 24.11 -17.03 -6.04
N THR B 51 24.64 -17.97 -5.27
CA THR B 51 23.85 -18.78 -4.36
C THR B 51 24.43 -18.70 -2.96
N GLN B 52 23.56 -18.59 -1.96
CA GLN B 52 23.97 -18.60 -0.56
C GLN B 52 23.74 -20.02 -0.03
N ASP B 53 24.84 -20.71 0.27
CA ASP B 53 24.75 -22.10 0.68
C ASP B 53 25.97 -22.44 1.54
N LEU B 54 25.86 -23.57 2.24
CA LEU B 54 26.99 -24.06 3.03
C LEU B 54 28.15 -24.40 2.11
N PHE B 55 29.24 -23.66 2.25
CA PHE B 55 30.40 -23.81 1.38
C PHE B 55 31.67 -23.79 2.21
N LEU B 56 32.74 -24.34 1.63
CA LEU B 56 34.05 -24.24 2.24
C LEU B 56 34.65 -22.89 1.89
N PRO B 57 34.96 -22.03 2.87
CA PRO B 57 35.51 -20.71 2.55
C PRO B 57 36.84 -20.83 1.82
N PHE B 58 37.04 -19.92 0.88
CA PHE B 58 38.27 -19.92 0.09
C PHE B 58 39.47 -19.58 0.97
N PHE B 59 40.59 -20.26 0.72
CA PHE B 59 41.87 -20.00 1.39
C PHE B 59 41.75 -20.13 2.91
N SER B 60 41.07 -21.18 3.38
CA SER B 60 40.99 -21.48 4.80
C SER B 60 41.99 -22.59 5.14
N ASN B 61 42.02 -22.97 6.41
CA ASN B 61 42.81 -24.12 6.85
C ASN B 61 41.93 -25.37 6.89
N VAL B 62 42.41 -26.43 6.25
CA VAL B 62 41.85 -27.77 6.39
C VAL B 62 42.85 -28.59 7.19
N THR B 63 42.36 -29.20 8.27
CA THR B 63 43.24 -29.89 9.21
C THR B 63 43.77 -31.16 8.57
N TRP B 64 45.07 -31.21 8.31
CA TRP B 64 45.72 -32.40 7.73
C TRP B 64 46.01 -33.37 8.87
N PHE B 65 45.03 -34.22 9.17
CA PHE B 65 45.26 -35.29 10.13
C PHE B 65 46.02 -36.44 9.49
N HIS B 66 47.01 -36.95 10.20
CA HIS B 66 47.75 -38.14 9.77
C HIS B 66 47.22 -39.33 10.56
N ALA B 67 46.66 -40.30 9.84
CA ALA B 67 45.95 -41.40 10.51
C ALA B 67 46.91 -42.33 11.24
N ILE B 68 47.80 -42.97 10.50
CA ILE B 68 48.72 -43.97 11.06
C ILE B 68 50.15 -43.59 10.71
N HIS B 69 51.03 -43.63 11.70
CA HIS B 69 52.46 -43.45 11.50
C HIS B 69 53.15 -44.79 11.71
N VAL B 70 53.91 -45.22 10.71
CA VAL B 70 54.55 -46.54 10.71
C VAL B 70 56.06 -46.34 10.69
N SER B 71 56.75 -47.00 11.62
CA SER B 71 58.20 -46.92 11.71
C SER B 71 58.85 -48.19 11.19
N ASN B 74 59.71 -51.63 11.83
CA ASN B 74 59.06 -51.97 13.08
C ASN B 74 57.56 -52.17 12.87
N GLY B 75 56.93 -51.27 12.14
CA GLY B 75 55.51 -51.35 11.90
C GLY B 75 54.64 -50.99 13.07
N THR B 76 55.16 -50.23 14.03
CA THR B 76 54.37 -49.85 15.20
C THR B 76 53.20 -48.97 14.80
N LYS B 77 52.03 -49.26 15.36
CA LYS B 77 50.82 -48.51 15.05
C LYS B 77 50.71 -47.28 15.93
N ARG B 78 50.35 -46.15 15.31
CA ARG B 78 50.05 -44.91 16.02
C ARG B 78 48.65 -44.45 15.58
N PHE B 79 47.64 -44.96 16.26
CA PHE B 79 46.26 -44.71 15.84
C PHE B 79 45.83 -43.29 16.20
N ASP B 80 45.34 -42.56 15.19
CA ASP B 80 44.80 -41.22 15.39
C ASP B 80 43.55 -41.10 14.50
N ASN B 81 42.40 -41.45 15.09
CA ASN B 81 41.09 -41.36 14.44
C ASN B 81 40.15 -40.62 15.38
N PRO B 82 40.32 -39.31 15.52
CA PRO B 82 39.49 -38.56 16.47
C PRO B 82 38.03 -38.52 16.03
N VAL B 83 37.16 -38.21 17.00
CA VAL B 83 35.76 -37.96 16.70
C VAL B 83 35.58 -36.50 16.31
N LEU B 84 35.76 -36.22 15.02
CA LEU B 84 35.72 -34.85 14.55
C LEU B 84 34.30 -34.30 14.59
N PRO B 85 34.11 -33.03 14.96
CA PRO B 85 32.76 -32.46 14.96
C PRO B 85 32.27 -32.25 13.53
N PHE B 86 31.09 -32.80 13.24
CA PHE B 86 30.51 -32.65 11.91
C PHE B 86 30.16 -31.19 11.62
N ASN B 87 29.60 -30.49 12.60
CA ASN B 87 29.21 -29.08 12.49
C ASN B 87 28.22 -28.96 11.33
N ASP B 88 28.34 -27.92 10.49
CA ASP B 88 27.43 -27.78 9.36
C ASP B 88 27.74 -28.81 8.27
N GLY B 89 29.03 -29.03 7.99
CA GLY B 89 29.41 -29.97 6.97
C GLY B 89 30.88 -30.31 7.10
N VAL B 90 31.32 -31.27 6.28
CA VAL B 90 32.69 -31.74 6.30
C VAL B 90 33.19 -31.84 4.86
N TYR B 91 34.34 -31.22 4.59
CA TYR B 91 35.01 -31.37 3.30
C TYR B 91 36.15 -32.37 3.47
N PHE B 92 35.83 -33.63 3.26
CA PHE B 92 36.83 -34.68 3.34
C PHE B 92 37.64 -34.74 2.05
N ALA B 93 38.94 -35.02 2.18
CA ALA B 93 39.82 -35.11 1.03
C ALA B 93 41.01 -35.99 1.37
N SER B 94 41.40 -36.84 0.41
CA SER B 94 42.50 -37.78 0.60
C SER B 94 43.27 -37.94 -0.69
N THR B 95 44.56 -38.25 -0.57
CA THR B 95 45.42 -38.51 -1.72
C THR B 95 45.98 -39.92 -1.73
N GLU B 96 45.46 -40.81 -0.89
CA GLU B 96 45.99 -42.17 -0.79
C GLU B 96 45.71 -42.95 -2.06
N LYS B 97 46.75 -43.61 -2.58
CA LYS B 97 46.63 -44.45 -3.76
C LYS B 97 46.50 -45.93 -3.43
N SER B 98 46.76 -46.32 -2.19
CA SER B 98 46.63 -47.70 -1.75
C SER B 98 45.27 -48.02 -1.16
N ASN B 99 44.32 -47.07 -1.21
CA ASN B 99 42.98 -47.24 -0.66
C ASN B 99 43.03 -47.58 0.83
N ILE B 100 43.96 -46.96 1.57
CA ILE B 100 44.02 -47.17 3.01
C ILE B 100 42.79 -46.57 3.68
N ILE B 101 42.42 -45.35 3.30
CA ILE B 101 41.16 -44.78 3.75
C ILE B 101 40.02 -45.48 3.03
N ARG B 102 39.10 -46.06 3.81
CA ARG B 102 38.15 -46.99 3.22
C ARG B 102 36.70 -46.62 3.53
N GLY B 103 36.44 -46.00 4.67
CA GLY B 103 35.06 -45.71 5.03
C GLY B 103 34.95 -44.53 5.97
N TRP B 104 33.71 -44.23 6.33
CA TRP B 104 33.39 -43.10 7.20
C TRP B 104 32.38 -43.54 8.24
N ILE B 105 32.38 -42.82 9.37
CA ILE B 105 31.46 -43.07 10.47
C ILE B 105 30.77 -41.77 10.84
N PHE B 106 29.44 -41.81 10.93
CA PHE B 106 28.64 -40.65 11.29
C PHE B 106 27.66 -41.04 12.39
N GLY B 107 27.59 -40.23 13.44
CA GLY B 107 26.66 -40.48 14.52
C GLY B 107 26.63 -39.32 15.48
N THR B 108 25.51 -39.18 16.19
CA THR B 108 25.41 -38.14 17.20
C THR B 108 26.33 -38.43 18.38
N THR B 109 26.26 -39.65 18.91
CA THR B 109 27.10 -40.06 20.03
C THR B 109 27.90 -41.33 19.76
N LEU B 110 27.71 -41.95 18.60
CA LEU B 110 28.47 -43.14 18.19
C LEU B 110 28.33 -44.28 19.21
N ASP B 111 27.10 -44.53 19.64
CA ASP B 111 26.82 -45.66 20.53
C ASP B 111 25.49 -46.28 20.13
N SER B 112 25.11 -47.32 20.86
CA SER B 112 23.85 -48.01 20.56
C SER B 112 22.64 -47.15 20.93
N LYS B 113 22.81 -46.17 21.81
CA LYS B 113 21.70 -45.34 22.23
C LYS B 113 21.14 -44.50 21.07
N THR B 114 22.03 -43.96 20.24
CA THR B 114 21.64 -43.08 19.15
C THR B 114 21.93 -43.73 17.80
N GLN B 115 21.08 -43.43 16.83
CA GLN B 115 21.28 -43.92 15.48
C GLN B 115 22.56 -43.35 14.88
N SER B 116 23.31 -44.18 14.17
CA SER B 116 24.59 -43.79 13.60
C SER B 116 24.64 -44.20 12.14
N LEU B 117 25.13 -43.30 11.29
CA LEU B 117 25.29 -43.59 9.87
C LEU B 117 26.66 -44.21 9.64
N LEU B 118 26.70 -45.29 8.86
CA LEU B 118 27.91 -46.07 8.64
C LEU B 118 28.10 -46.32 7.16
N ILE B 119 29.32 -46.08 6.66
CA ILE B 119 29.68 -46.34 5.28
C ILE B 119 30.94 -47.20 5.26
N VAL B 120 30.86 -48.34 4.60
CA VAL B 120 32.01 -49.22 4.41
C VAL B 120 32.13 -49.53 2.93
N ASN B 121 33.34 -49.41 2.40
CA ASN B 121 33.62 -49.67 0.99
C ASN B 121 34.44 -50.95 0.87
N ASN B 122 34.10 -51.78 -0.10
CA ASN B 122 34.78 -53.04 -0.36
C ASN B 122 34.84 -53.28 -1.86
N ALA B 123 35.45 -54.41 -2.24
CA ALA B 123 35.89 -54.59 -3.62
C ALA B 123 34.73 -54.57 -4.60
N THR B 124 33.80 -55.51 -4.45
CA THR B 124 32.78 -55.71 -5.49
C THR B 124 31.70 -54.63 -5.44
N ASN B 125 31.50 -54.01 -4.28
CA ASN B 125 30.31 -53.20 -4.06
C ASN B 125 30.60 -52.24 -2.92
N VAL B 126 29.55 -51.58 -2.44
CA VAL B 126 29.61 -50.82 -1.18
C VAL B 126 28.33 -51.10 -0.40
N VAL B 127 28.38 -50.83 0.91
CA VAL B 127 27.20 -50.88 1.76
C VAL B 127 27.13 -49.58 2.57
N ILE B 128 25.94 -48.99 2.62
CA ILE B 128 25.67 -47.82 3.45
C ILE B 128 24.57 -48.23 4.43
N LYS B 129 24.96 -48.50 5.67
CA LYS B 129 24.06 -49.05 6.67
C LYS B 129 23.87 -48.03 7.78
N VAL B 130 22.62 -47.75 8.11
CA VAL B 130 22.27 -46.76 9.13
C VAL B 130 21.50 -47.49 10.21
N CYS B 131 22.16 -47.79 11.33
CA CYS B 131 21.57 -48.52 12.44
C CYS B 131 22.05 -47.88 13.73
N GLU B 132 21.64 -48.47 14.86
CA GLU B 132 22.10 -48.04 16.17
C GLU B 132 23.34 -48.86 16.55
N PHE B 133 24.41 -48.67 15.78
CA PHE B 133 25.63 -49.42 15.99
C PHE B 133 26.27 -49.06 17.32
N GLN B 134 26.75 -50.08 18.02
CA GLN B 134 27.64 -49.86 19.16
C GLN B 134 29.08 -49.96 18.68
N PHE B 135 29.78 -48.83 18.67
CA PHE B 135 31.08 -48.72 18.02
C PHE B 135 32.19 -49.01 19.02
N CYS B 136 33.12 -49.88 18.62
CA CYS B 136 34.28 -50.18 19.44
C CYS B 136 35.29 -49.03 19.36
N ASN B 137 36.42 -49.22 20.05
CA ASN B 137 37.44 -48.17 20.06
C ASN B 137 38.01 -47.93 18.67
N ASP B 138 38.29 -49.00 17.92
CA ASP B 138 38.92 -48.91 16.60
C ASP B 138 38.16 -49.78 15.61
N PRO B 139 37.02 -49.32 15.10
CA PRO B 139 36.35 -50.04 14.02
C PRO B 139 37.21 -50.03 12.76
N PHE B 140 37.09 -51.09 11.96
CA PHE B 140 38.01 -51.27 10.83
C PHE B 140 37.44 -52.29 9.86
N LEU B 141 38.11 -52.40 8.72
CA LEU B 141 37.82 -53.41 7.72
C LEU B 141 39.01 -54.37 7.61
N GLY B 142 38.74 -55.67 7.65
CA GLY B 142 39.78 -56.68 7.61
C GLY B 142 39.85 -57.34 6.24
N VAL B 143 41.08 -57.49 5.74
CA VAL B 143 41.33 -58.11 4.45
C VAL B 143 42.54 -59.04 4.59
N TYR B 144 42.44 -60.22 3.98
CA TYR B 144 43.53 -61.20 4.01
C TYR B 144 43.92 -61.57 2.59
N TYR B 145 45.10 -62.17 2.47
CA TYR B 145 45.71 -62.49 1.18
C TYR B 145 45.74 -64.00 0.99
N HIS B 146 45.30 -64.45 -0.19
CA HIS B 146 45.37 -65.86 -0.56
C HIS B 146 46.59 -66.06 -1.44
N LYS B 147 47.49 -66.95 -1.02
CA LYS B 147 48.73 -67.16 -1.76
C LYS B 147 48.46 -67.72 -3.15
N ASN B 148 47.56 -68.71 -3.26
CA ASN B 148 47.27 -69.30 -4.55
C ASN B 148 46.45 -68.37 -5.43
N ASN B 149 45.43 -67.73 -4.86
CA ASN B 149 44.57 -66.85 -5.65
C ASN B 149 45.27 -65.53 -5.96
N LYS B 150 46.23 -65.11 -5.14
CA LYS B 150 46.99 -63.87 -5.34
C LYS B 150 46.05 -62.67 -5.41
N SER B 151 45.02 -62.67 -4.56
CA SER B 151 44.05 -61.57 -4.49
C SER B 151 43.81 -61.22 -3.03
N TRP B 152 43.56 -59.93 -2.77
CA TRP B 152 43.36 -59.44 -1.42
C TRP B 152 41.85 -59.30 -1.14
N MET B 153 41.22 -60.44 -0.89
CA MET B 153 39.80 -60.44 -0.55
C MET B 153 39.60 -60.15 0.93
N GLU B 154 38.49 -59.49 1.25
CA GLU B 154 38.22 -59.05 2.62
C GLU B 154 37.92 -60.26 3.49
N SER B 155 38.63 -60.37 4.62
CA SER B 155 38.43 -61.50 5.52
C SER B 155 37.09 -61.40 6.24
N GLU B 156 36.80 -60.24 6.82
CA GLU B 156 35.59 -60.05 7.62
C GLU B 156 35.41 -58.57 7.89
N PHE B 157 34.19 -58.19 8.23
CA PHE B 157 33.83 -56.82 8.57
C PHE B 157 33.74 -56.69 10.09
N ARG B 158 34.62 -55.88 10.68
CA ARG B 158 34.65 -55.67 12.13
C ARG B 158 34.60 -54.17 12.41
N VAL B 159 33.39 -53.61 12.44
CA VAL B 159 33.18 -52.19 12.69
C VAL B 159 32.21 -51.96 13.85
N TYR B 160 31.07 -52.63 13.84
CA TYR B 160 30.06 -52.47 14.88
C TYR B 160 29.94 -53.75 15.69
N SER B 161 29.84 -53.60 17.01
CA SER B 161 29.56 -54.74 17.86
C SER B 161 28.08 -55.12 17.80
N SER B 162 27.20 -54.14 17.60
CA SER B 162 25.77 -54.36 17.57
C SER B 162 25.16 -53.66 16.36
N ALA B 163 24.02 -54.18 15.91
CA ALA B 163 23.27 -53.63 14.78
C ALA B 163 21.79 -53.67 15.12
N ASN B 164 21.25 -52.54 15.58
CA ASN B 164 19.85 -52.44 15.99
C ASN B 164 19.15 -51.34 15.21
N ASN B 165 17.88 -51.57 14.89
CA ASN B 165 17.05 -50.63 14.15
C ASN B 165 17.70 -50.27 12.81
N CYS B 166 17.86 -51.30 11.97
CA CYS B 166 18.56 -51.16 10.69
C CYS B 166 17.55 -50.76 9.62
N THR B 167 17.36 -49.45 9.47
CA THR B 167 16.33 -48.93 8.57
C THR B 167 16.85 -48.79 7.15
N PHE B 168 18.15 -48.55 6.97
CA PHE B 168 18.70 -48.13 5.69
C PHE B 168 19.79 -49.09 5.24
N GLU B 169 19.70 -49.55 4.00
CA GLU B 169 20.66 -50.49 3.43
C GLU B 169 20.97 -50.10 1.99
N TYR B 170 21.25 -48.81 1.77
CA TYR B 170 21.54 -48.35 0.41
C TYR B 170 22.83 -48.98 -0.11
N VAL B 171 22.83 -49.33 -1.39
CA VAL B 171 23.96 -49.99 -2.04
C VAL B 171 24.09 -49.44 -3.46
N SER B 172 25.32 -49.15 -3.86
CA SER B 172 25.58 -48.60 -5.18
C SER B 172 27.00 -48.97 -5.60
N GLN B 173 27.37 -48.55 -6.80
CA GLN B 173 28.68 -48.88 -7.35
C GLN B 173 29.79 -48.23 -6.51
N PRO B 174 30.96 -48.85 -6.41
CA PRO B 174 32.03 -48.30 -5.56
C PRO B 174 32.63 -47.03 -6.16
N PHE B 175 32.81 -46.02 -5.30
CA PHE B 175 33.48 -44.80 -5.73
C PHE B 175 34.93 -44.78 -5.29
N LEU B 176 35.24 -45.37 -4.14
CA LEU B 176 36.60 -45.40 -3.60
C LEU B 176 37.39 -46.53 -4.27
N MET B 177 37.54 -46.40 -5.58
CA MET B 177 38.25 -47.40 -6.38
C MET B 177 39.17 -46.68 -7.34
N ASP B 178 40.48 -46.82 -7.13
CA ASP B 178 41.51 -46.22 -7.97
C ASP B 178 41.26 -44.74 -8.24
N LYS B 187 48.41 -40.76 -5.48
CA LYS B 187 48.56 -40.56 -6.91
C LYS B 187 47.41 -39.72 -7.48
N ASN B 188 46.19 -40.08 -7.10
CA ASN B 188 44.99 -39.38 -7.55
C ASN B 188 44.26 -38.82 -6.33
N LEU B 189 44.00 -37.52 -6.36
CA LEU B 189 43.30 -36.87 -5.25
C LEU B 189 41.82 -37.24 -5.28
N ARG B 190 41.27 -37.50 -4.11
CA ARG B 190 39.87 -37.86 -3.95
C ARG B 190 39.24 -36.93 -2.91
N GLU B 191 38.11 -36.31 -3.28
CA GLU B 191 37.45 -35.33 -2.44
C GLU B 191 35.99 -35.69 -2.25
N PHE B 192 35.45 -35.43 -1.07
CA PHE B 192 34.05 -35.67 -0.76
C PHE B 192 33.54 -34.57 0.16
N VAL B 193 32.27 -34.23 0.02
CA VAL B 193 31.59 -33.27 0.89
C VAL B 193 30.37 -33.95 1.48
N PHE B 194 30.21 -33.86 2.79
CA PHE B 194 29.07 -34.43 3.50
C PHE B 194 28.32 -33.32 4.21
N LYS B 195 27.01 -33.26 3.99
CA LYS B 195 26.16 -32.24 4.58
C LYS B 195 24.79 -32.82 4.88
N ASN B 196 24.18 -32.36 5.96
CA ASN B 196 22.90 -32.86 6.44
C ASN B 196 21.90 -31.72 6.51
N ILE B 197 20.83 -31.82 5.71
CA ILE B 197 19.73 -30.86 5.73
C ILE B 197 18.43 -31.64 5.66
N ASP B 198 17.43 -31.20 6.44
CA ASP B 198 16.05 -31.69 6.40
C ASP B 198 15.94 -33.20 6.22
N GLY B 199 16.84 -33.93 6.90
CA GLY B 199 16.82 -35.37 6.82
C GLY B 199 17.39 -35.96 5.54
N TYR B 200 18.19 -35.18 4.82
CA TYR B 200 18.86 -35.65 3.61
C TYR B 200 20.36 -35.60 3.82
N PHE B 201 21.03 -36.75 3.66
CA PHE B 201 22.47 -36.81 3.77
C PHE B 201 23.07 -36.78 2.37
N LYS B 202 23.68 -35.65 2.01
CA LYS B 202 24.13 -35.39 0.65
C LYS B 202 25.63 -35.68 0.57
N ILE B 203 26.03 -36.44 -0.45
CA ILE B 203 27.42 -36.77 -0.71
C ILE B 203 27.78 -36.24 -2.09
N TYR B 204 28.87 -35.49 -2.15
CA TYR B 204 29.43 -35.00 -3.40
C TYR B 204 30.83 -35.59 -3.56
N SER B 205 31.27 -35.75 -4.81
CA SER B 205 32.55 -36.40 -5.05
C SER B 205 33.18 -35.90 -6.33
N LYS B 206 34.50 -36.02 -6.40
CA LYS B 206 35.28 -35.76 -7.60
C LYS B 206 36.64 -36.42 -7.43
N HIS B 207 37.16 -36.97 -8.53
CA HIS B 207 38.44 -37.67 -8.52
C HIS B 207 39.33 -37.09 -9.61
N THR B 208 40.45 -36.50 -9.20
CA THR B 208 41.39 -35.90 -10.14
C THR B 208 42.81 -36.33 -9.77
N PRO B 209 43.65 -36.66 -10.74
CA PRO B 209 45.05 -36.99 -10.43
C PRO B 209 45.84 -35.73 -10.15
N ILE B 210 46.69 -35.79 -9.12
CA ILE B 210 47.53 -34.66 -8.72
C ILE B 210 48.95 -35.15 -8.52
N ASN B 211 49.92 -34.33 -8.90
CA ASN B 211 51.32 -34.67 -8.69
C ASN B 211 51.73 -34.46 -7.24
N LEU B 212 51.20 -33.43 -6.60
CA LEU B 212 51.55 -33.13 -5.22
C LEU B 212 51.08 -34.23 -4.29
N VAL B 213 51.83 -34.45 -3.21
CA VAL B 213 51.50 -35.47 -2.23
C VAL B 213 50.96 -34.87 -0.95
N ARG B 214 51.58 -33.81 -0.45
CA ARG B 214 51.22 -33.22 0.83
C ARG B 214 50.42 -31.92 0.69
N ASP B 215 50.05 -31.52 -0.52
CA ASP B 215 49.35 -30.27 -0.73
C ASP B 215 48.19 -30.47 -1.69
N LEU B 216 47.07 -29.81 -1.41
CA LEU B 216 45.97 -29.75 -2.37
C LEU B 216 46.39 -28.93 -3.59
N PRO B 217 45.98 -29.33 -4.78
CA PRO B 217 46.34 -28.56 -5.98
C PRO B 217 45.72 -27.17 -5.95
N GLN B 218 46.44 -26.20 -6.52
CA GLN B 218 45.95 -24.83 -6.62
C GLN B 218 45.13 -24.72 -7.91
N GLY B 219 44.02 -25.46 -7.93
CA GLY B 219 43.13 -25.47 -9.07
C GLY B 219 41.72 -25.72 -8.62
N PHE B 220 40.77 -25.56 -9.54
CA PHE B 220 39.36 -25.67 -9.23
C PHE B 220 38.79 -26.93 -9.86
N SER B 221 37.93 -27.62 -9.12
CA SER B 221 37.21 -28.78 -9.62
C SER B 221 35.89 -28.87 -8.87
N ALA B 222 34.78 -28.65 -9.57
CA ALA B 222 33.47 -28.68 -8.94
C ALA B 222 33.12 -30.11 -8.53
N LEU B 223 32.43 -30.24 -7.40
CA LEU B 223 32.09 -31.53 -6.83
C LEU B 223 30.69 -31.93 -7.27
N GLU B 224 30.60 -32.95 -8.11
CA GLU B 224 29.31 -33.42 -8.59
C GLU B 224 28.59 -34.21 -7.48
N PRO B 225 27.28 -34.08 -7.36
CA PRO B 225 26.54 -34.89 -6.38
C PRO B 225 26.70 -36.37 -6.66
N LEU B 226 26.89 -37.15 -5.59
CA LEU B 226 27.04 -38.58 -5.74
C LEU B 226 25.75 -39.30 -5.37
N VAL B 227 25.32 -39.17 -4.12
CA VAL B 227 24.08 -39.76 -3.63
C VAL B 227 23.48 -38.83 -2.59
N ASP B 228 22.21 -38.46 -2.78
CA ASP B 228 21.47 -37.73 -1.75
C ASP B 228 20.55 -38.68 -1.00
N LEU B 229 21.17 -39.65 -0.33
CA LEU B 229 20.43 -40.71 0.34
C LEU B 229 19.63 -40.13 1.51
N PRO B 230 18.38 -40.57 1.70
CA PRO B 230 17.55 -40.00 2.78
C PRO B 230 17.77 -40.67 4.13
N ILE B 231 18.26 -39.90 5.10
CA ILE B 231 18.39 -40.34 6.49
C ILE B 231 18.03 -39.19 7.40
N GLY B 232 17.04 -39.40 8.27
CA GLY B 232 16.56 -38.37 9.16
C GLY B 232 17.27 -38.25 10.49
N ILE B 233 18.34 -39.01 10.72
CA ILE B 233 19.03 -38.93 11.99
C ILE B 233 19.89 -37.68 12.05
N ASN B 234 20.28 -37.29 13.25
CA ASN B 234 21.11 -36.11 13.47
C ASN B 234 22.56 -36.56 13.64
N ILE B 235 23.48 -35.84 13.00
CA ILE B 235 24.90 -36.15 13.05
C ILE B 235 25.61 -34.95 13.68
N THR B 236 26.39 -35.21 14.73
CA THR B 236 27.14 -34.17 15.42
C THR B 236 28.64 -34.41 15.41
N ARG B 237 29.09 -35.65 15.25
CA ARG B 237 30.52 -35.96 15.25
C ARG B 237 30.82 -36.93 14.12
N PHE B 238 32.09 -36.95 13.70
CA PHE B 238 32.51 -37.59 12.47
C PHE B 238 33.80 -38.37 12.70
N GLN B 239 33.94 -39.46 11.96
CA GLN B 239 35.12 -40.31 12.05
C GLN B 239 35.34 -41.01 10.70
N THR B 240 36.57 -41.46 10.47
CA THR B 240 36.96 -42.08 9.21
C THR B 240 37.48 -43.49 9.48
N LEU B 241 37.03 -44.45 8.66
CA LEU B 241 37.49 -45.82 8.76
C LEU B 241 38.74 -46.03 7.91
N LEU B 242 39.67 -46.84 8.41
CA LEU B 242 40.92 -47.14 7.72
C LEU B 242 40.97 -48.62 7.41
N ALA B 243 41.34 -48.95 6.17
CA ALA B 243 41.46 -50.35 5.76
C ALA B 243 42.67 -50.99 6.42
N LEU B 244 42.48 -52.19 6.97
CA LEU B 244 43.50 -52.91 7.72
C LEU B 244 43.66 -54.31 7.17
N HIS B 245 44.90 -54.72 6.91
CA HIS B 245 45.18 -56.01 6.32
C HIS B 245 45.31 -57.09 7.38
N ARG B 246 45.46 -58.34 6.93
CA ARG B 246 45.67 -59.44 7.86
C ARG B 246 46.97 -59.27 8.63
N SER B 247 48.02 -58.78 7.95
CA SER B 247 49.28 -58.53 8.64
C SER B 247 49.12 -57.48 9.73
N TYR B 248 48.21 -56.53 9.53
CA TYR B 248 47.94 -55.54 10.58
C TYR B 248 47.26 -56.20 11.78
N LEU B 249 46.38 -57.17 11.52
CA LEU B 249 45.58 -57.83 12.54
C LEU B 249 46.29 -59.02 13.16
N THR B 250 47.59 -59.15 12.95
CA THR B 250 48.35 -60.23 13.56
C THR B 250 48.36 -60.07 15.08
N PRO B 251 48.53 -61.17 15.81
CA PRO B 251 48.53 -61.07 17.29
C PRO B 251 49.62 -60.15 17.82
N GLY B 252 50.71 -59.96 17.08
CA GLY B 252 51.73 -59.03 17.50
C GLY B 252 51.19 -57.61 17.56
N ASP B 253 51.67 -56.85 18.54
CA ASP B 253 51.20 -55.47 18.71
C ASP B 253 51.65 -54.58 17.56
N SER B 254 52.85 -54.83 17.01
CA SER B 254 53.36 -54.03 15.92
C SER B 254 53.00 -54.67 14.58
N SER B 255 52.48 -53.86 13.66
CA SER B 255 52.09 -54.33 12.33
C SER B 255 53.26 -54.17 11.36
N SER B 256 54.24 -55.06 11.51
CA SER B 256 55.40 -55.04 10.63
C SER B 256 55.03 -55.45 9.21
N GLY B 257 54.07 -56.38 9.07
CA GLY B 257 53.74 -56.89 7.76
C GLY B 257 53.14 -55.86 6.83
N TRP B 258 52.19 -55.05 7.33
CA TRP B 258 51.49 -54.06 6.52
C TRP B 258 51.70 -52.68 7.12
N THR B 259 51.94 -51.70 6.25
CA THR B 259 52.19 -50.32 6.66
C THR B 259 51.06 -49.42 6.20
N ALA B 260 50.58 -48.55 7.09
CA ALA B 260 49.54 -47.58 6.79
C ALA B 260 50.04 -46.15 6.88
N GLY B 261 51.34 -45.94 6.64
CA GLY B 261 51.89 -44.59 6.74
C GLY B 261 51.38 -43.67 5.64
N ALA B 262 50.97 -44.25 4.51
CA ALA B 262 50.47 -43.44 3.41
C ALA B 262 49.11 -42.83 3.70
N ALA B 263 48.46 -43.24 4.78
CA ALA B 263 47.14 -42.71 5.11
C ALA B 263 47.23 -41.25 5.53
N ALA B 264 46.44 -40.41 4.88
CA ALA B 264 46.38 -38.98 5.17
C ALA B 264 45.08 -38.44 4.61
N TYR B 265 44.24 -37.88 5.49
CA TYR B 265 42.91 -37.40 5.11
C TYR B 265 42.73 -35.96 5.56
N TYR B 266 42.55 -35.07 4.60
CA TYR B 266 42.29 -33.66 4.90
C TYR B 266 40.83 -33.49 5.32
N VAL B 267 40.56 -32.49 6.15
CA VAL B 267 39.21 -32.21 6.62
C VAL B 267 38.99 -30.71 6.66
N GLY B 268 37.90 -30.25 6.05
CA GLY B 268 37.50 -28.87 6.15
C GLY B 268 36.05 -28.77 6.58
N TYR B 269 35.70 -27.61 7.12
CA TYR B 269 34.37 -27.38 7.66
C TYR B 269 33.64 -26.34 6.84
N LEU B 270 32.42 -26.69 6.41
CA LEU B 270 31.60 -25.77 5.62
C LEU B 270 31.01 -24.69 6.52
N GLN B 271 30.86 -23.50 5.96
CA GLN B 271 30.27 -22.38 6.66
C GLN B 271 29.27 -21.67 5.77
N PRO B 272 28.26 -21.02 6.35
CA PRO B 272 27.30 -20.25 5.55
C PRO B 272 28.01 -19.13 4.82
N ARG B 273 28.02 -19.20 3.50
CA ARG B 273 28.76 -18.25 2.68
C ARG B 273 27.95 -17.94 1.43
N THR B 274 28.26 -16.79 0.83
CA THR B 274 27.68 -16.40 -0.45
C THR B 274 28.74 -16.60 -1.53
N PHE B 275 28.39 -17.37 -2.56
CA PHE B 275 29.31 -17.70 -3.64
C PHE B 275 28.70 -17.30 -4.97
N LEU B 276 29.56 -16.94 -5.91
CA LEU B 276 29.15 -16.62 -7.27
C LEU B 276 29.77 -17.65 -8.21
N LEU B 277 28.96 -18.57 -8.70
CA LEU B 277 29.42 -19.70 -9.49
C LEU B 277 29.40 -19.36 -10.97
N LYS B 278 30.41 -19.82 -11.69
CA LYS B 278 30.51 -19.62 -13.13
C LYS B 278 30.18 -20.92 -13.86
N TYR B 279 29.16 -20.88 -14.70
CA TYR B 279 28.73 -22.04 -15.48
C TYR B 279 29.16 -21.86 -16.92
N ASN B 280 29.72 -22.92 -17.51
CA ASN B 280 30.03 -22.91 -18.93
C ASN B 280 28.82 -23.42 -19.72
N GLU B 281 28.95 -23.52 -21.04
CA GLU B 281 27.80 -23.87 -21.85
C GLU B 281 27.42 -25.34 -21.69
N ASN B 282 28.34 -26.16 -21.19
CA ASN B 282 27.97 -27.53 -20.83
C ASN B 282 27.12 -27.57 -19.57
N GLY B 283 27.21 -26.54 -18.73
CA GLY B 283 26.54 -26.53 -17.45
C GLY B 283 27.41 -26.86 -16.26
N THR B 284 28.72 -27.03 -16.46
CA THR B 284 29.63 -27.33 -15.37
C THR B 284 30.16 -26.03 -14.77
N ILE B 285 30.59 -26.11 -13.51
CA ILE B 285 31.14 -24.94 -12.81
C ILE B 285 32.63 -24.83 -13.11
N THR B 286 33.01 -23.80 -13.87
CA THR B 286 34.40 -23.63 -14.25
C THR B 286 35.19 -22.91 -13.16
N ASP B 287 34.56 -21.96 -12.48
CA ASP B 287 35.23 -21.20 -11.43
C ASP B 287 34.19 -20.60 -10.51
N ALA B 288 34.66 -20.09 -9.36
CA ALA B 288 33.76 -19.52 -8.36
C ALA B 288 34.49 -18.41 -7.61
N VAL B 289 33.69 -17.55 -6.98
CA VAL B 289 34.20 -16.39 -6.23
C VAL B 289 33.54 -16.38 -4.86
N ASP B 290 34.36 -16.27 -3.81
CA ASP B 290 33.86 -16.21 -2.44
C ASP B 290 33.78 -14.74 -2.03
N CYS B 291 32.55 -14.25 -1.85
CA CYS B 291 32.34 -12.81 -1.67
C CYS B 291 33.02 -12.28 -0.42
N ALA B 292 33.00 -13.05 0.67
CA ALA B 292 33.52 -12.57 1.94
C ALA B 292 35.03 -12.72 2.07
N LEU B 293 35.71 -13.28 1.06
CA LEU B 293 37.14 -13.53 1.19
C LEU B 293 37.94 -12.23 1.28
N ASP B 294 37.71 -11.30 0.35
CA ASP B 294 38.47 -10.06 0.30
C ASP B 294 37.66 -9.03 -0.49
N PRO B 295 38.01 -7.74 -0.37
CA PRO B 295 37.19 -6.72 -1.04
C PRO B 295 37.04 -6.89 -2.54
N LEU B 296 38.07 -7.39 -3.22
CA LEU B 296 37.96 -7.60 -4.66
C LEU B 296 36.87 -8.60 -4.99
N SER B 297 36.79 -9.69 -4.22
CA SER B 297 35.75 -10.68 -4.45
C SER B 297 34.37 -10.12 -4.08
N GLU B 298 34.30 -9.25 -3.07
CA GLU B 298 33.03 -8.59 -2.76
C GLU B 298 32.58 -7.72 -3.93
N THR B 299 33.52 -7.01 -4.56
CA THR B 299 33.18 -6.23 -5.75
C THR B 299 32.74 -7.13 -6.89
N LYS B 300 33.41 -8.26 -7.06
CA LYS B 300 33.01 -9.21 -8.11
C LYS B 300 31.60 -9.72 -7.89
N CYS B 301 31.27 -10.06 -6.64
CA CYS B 301 29.91 -10.52 -6.33
C CYS B 301 28.88 -9.41 -6.54
N THR B 302 29.23 -8.17 -6.15
CA THR B 302 28.30 -7.06 -6.32
C THR B 302 28.01 -6.81 -7.80
N LEU B 303 29.05 -6.83 -8.63
CA LEU B 303 28.88 -6.58 -10.05
C LEU B 303 28.43 -7.82 -10.82
N LYS B 304 28.39 -8.98 -10.18
CA LYS B 304 28.04 -10.24 -10.82
C LYS B 304 28.93 -10.52 -12.03
N SER B 305 30.22 -10.21 -11.93
CA SER B 305 31.16 -10.41 -13.03
C SER B 305 32.50 -10.81 -12.46
N PHE B 306 33.19 -11.74 -13.14
CA PHE B 306 34.51 -12.16 -12.69
C PHE B 306 35.56 -11.09 -12.94
N THR B 307 35.44 -10.37 -14.04
CA THR B 307 36.37 -9.30 -14.37
C THR B 307 35.67 -7.96 -14.16
N VAL B 308 36.21 -7.16 -13.25
CA VAL B 308 35.65 -5.84 -12.94
C VAL B 308 36.55 -4.79 -13.58
N GLU B 309 35.92 -3.79 -14.19
CA GLU B 309 36.67 -2.74 -14.87
C GLU B 309 37.26 -1.77 -13.86
N LYS B 310 38.22 -0.98 -14.33
CA LYS B 310 38.83 0.04 -13.48
C LYS B 310 37.79 1.05 -13.02
N GLY B 311 37.78 1.35 -11.74
CA GLY B 311 36.83 2.29 -11.19
C GLY B 311 36.66 2.08 -9.69
N ILE B 312 35.64 2.75 -9.16
CA ILE B 312 35.29 2.66 -7.75
C ILE B 312 33.87 2.11 -7.64
N TYR B 313 33.72 1.04 -6.87
CA TYR B 313 32.45 0.34 -6.75
C TYR B 313 32.07 0.24 -5.28
N GLN B 314 30.81 0.55 -4.97
CA GLN B 314 30.31 0.46 -3.60
C GLN B 314 29.78 -0.95 -3.36
N THR B 315 30.40 -1.65 -2.41
CA THR B 315 30.05 -3.05 -2.14
C THR B 315 29.12 -3.18 -0.93
N SER B 316 29.54 -2.68 0.22
CA SER B 316 28.76 -2.79 1.45
C SER B 316 28.69 -1.43 2.13
N ASN B 317 28.06 -1.40 3.30
CA ASN B 317 27.87 -0.17 4.05
C ASN B 317 28.55 -0.31 5.41
N PHE B 318 29.43 0.64 5.73
CA PHE B 318 30.07 0.66 7.03
C PHE B 318 29.09 1.16 8.09
N ARG B 319 29.28 0.67 9.32
CA ARG B 319 28.40 1.05 10.42
C ARG B 319 29.13 0.83 11.73
N VAL B 320 28.92 1.74 12.69
CA VAL B 320 29.54 1.67 14.00
C VAL B 320 28.46 1.29 15.01
N GLN B 321 28.66 0.16 15.67
CA GLN B 321 27.71 -0.28 16.68
C GLN B 321 28.02 0.37 18.03
N PRO B 322 26.99 0.57 18.86
CA PRO B 322 27.24 1.19 20.17
C PRO B 322 28.10 0.29 21.06
N THR B 323 29.19 0.85 21.57
CA THR B 323 30.11 0.07 22.39
C THR B 323 29.53 -0.21 23.77
N GLU B 324 28.94 0.80 24.41
CA GLU B 324 28.39 0.65 25.75
C GLU B 324 27.01 1.27 25.81
N SER B 325 26.39 1.19 26.99
CA SER B 325 25.10 1.81 27.27
C SER B 325 25.25 2.64 28.52
N ILE B 326 25.05 3.96 28.39
CA ILE B 326 25.23 4.90 29.48
C ILE B 326 23.86 5.38 29.94
N VAL B 327 23.65 5.39 31.25
CA VAL B 327 22.41 5.87 31.86
C VAL B 327 22.78 6.88 32.93
N ARG B 328 22.22 8.08 32.86
CA ARG B 328 22.46 9.13 33.83
C ARG B 328 21.14 9.76 34.22
N PHE B 329 20.77 9.65 35.49
CA PHE B 329 19.59 10.26 36.05
C PHE B 329 20.01 11.32 37.07
N PRO B 330 19.17 12.32 37.33
CA PRO B 330 19.60 13.46 38.15
C PRO B 330 19.91 13.05 39.58
N ASN B 331 20.59 13.97 40.27
CA ASN B 331 21.01 13.74 41.65
C ASN B 331 19.80 13.53 42.54
N ILE B 332 20.02 12.82 43.65
CA ILE B 332 18.96 12.62 44.66
C ILE B 332 19.06 13.81 45.60
N THR B 333 18.44 14.92 45.18
CA THR B 333 18.48 16.14 45.98
C THR B 333 17.57 16.03 47.20
N ASN B 334 16.37 15.50 47.02
CA ASN B 334 15.40 15.38 48.11
C ASN B 334 15.49 13.96 48.67
N LEU B 335 16.00 13.84 49.89
CA LEU B 335 16.11 12.57 50.57
C LEU B 335 15.04 12.48 51.65
N CYS B 336 14.28 11.39 51.65
CA CYS B 336 13.23 11.22 52.64
C CYS B 336 13.85 11.07 54.02
N PRO B 337 13.45 11.87 55.00
CA PRO B 337 14.09 11.87 56.32
C PRO B 337 13.66 10.70 57.20
N PHE B 338 13.95 9.48 56.75
CA PHE B 338 13.73 8.32 57.60
C PHE B 338 14.78 8.20 58.69
N GLY B 339 16.00 8.69 58.41
CA GLY B 339 17.06 8.60 59.40
C GLY B 339 16.75 9.38 60.67
N GLU B 340 16.28 10.62 60.52
CA GLU B 340 15.96 11.42 61.69
C GLU B 340 14.82 10.80 62.49
N VAL B 341 13.91 10.08 61.81
CA VAL B 341 12.91 9.30 62.53
C VAL B 341 13.59 8.18 63.31
N PHE B 342 14.57 7.51 62.68
CA PHE B 342 15.29 6.45 63.38
C PHE B 342 16.23 7.00 64.44
N ASN B 343 16.76 8.21 64.24
CA ASN B 343 17.68 8.82 65.18
C ASN B 343 16.98 9.68 66.24
N ALA B 344 15.64 9.65 66.28
CA ALA B 344 14.93 10.45 67.26
C ALA B 344 15.29 10.04 68.68
N THR B 345 15.58 11.04 69.52
CA THR B 345 15.99 10.76 70.89
C THR B 345 14.87 10.13 71.69
N ARG B 346 13.66 10.66 71.58
CA ARG B 346 12.49 10.15 72.31
C ARG B 346 11.43 9.74 71.28
N PHE B 347 11.20 8.44 71.16
CA PHE B 347 10.20 7.94 70.24
C PHE B 347 8.79 8.21 70.77
N ALA B 348 7.81 8.09 69.88
CA ALA B 348 6.43 8.27 70.28
C ALA B 348 5.96 7.08 71.12
N SER B 349 4.91 7.31 71.91
CA SER B 349 4.36 6.26 72.74
C SER B 349 3.71 5.19 71.86
N VAL B 350 3.60 3.98 72.41
CA VAL B 350 3.08 2.86 71.65
C VAL B 350 1.60 3.06 71.33
N TYR B 351 0.83 3.61 72.28
CA TYR B 351 -0.57 3.91 71.99
C TYR B 351 -0.69 5.16 71.12
N ALA B 352 0.11 6.19 71.42
CA ALA B 352 0.13 7.43 70.64
C ALA B 352 1.24 7.42 69.60
N TRP B 353 1.26 6.39 68.75
CA TRP B 353 2.30 6.26 67.75
C TRP B 353 2.22 7.41 66.75
N ASN B 354 3.37 8.00 66.44
CA ASN B 354 3.40 9.13 65.52
C ASN B 354 3.25 8.64 64.09
N ARG B 355 2.32 9.24 63.35
CA ARG B 355 2.08 8.91 61.95
C ARG B 355 2.52 10.08 61.10
N LYS B 356 3.44 9.83 60.17
CA LYS B 356 3.97 10.85 59.28
C LYS B 356 3.86 10.37 57.84
N ARG B 357 3.32 11.23 56.97
CA ARG B 357 3.24 10.97 55.55
C ARG B 357 4.41 11.65 54.86
N ILE B 358 5.22 10.88 54.15
CA ILE B 358 6.43 11.38 53.50
C ILE B 358 6.32 11.12 52.01
N SER B 359 6.68 12.13 51.22
CA SER B 359 6.64 12.06 49.77
C SER B 359 7.51 13.17 49.19
N ASN B 360 7.54 13.25 47.87
CA ASN B 360 8.33 14.26 47.16
C ASN B 360 9.80 14.21 47.56
N CYS B 361 10.33 13.00 47.69
CA CYS B 361 11.73 12.80 48.06
C CYS B 361 12.18 11.45 47.52
N VAL B 362 13.40 11.07 47.88
CA VAL B 362 13.98 9.79 47.48
C VAL B 362 14.22 8.98 48.75
N ALA B 363 13.65 7.78 48.81
CA ALA B 363 13.78 6.91 49.96
C ALA B 363 14.97 5.98 49.76
N ASP B 364 15.96 6.09 50.64
CA ASP B 364 17.19 5.30 50.57
C ASP B 364 17.13 4.21 51.64
N TYR B 365 16.91 2.98 51.22
CA TYR B 365 16.88 1.84 52.12
C TYR B 365 18.23 1.15 52.25
N SER B 366 19.24 1.62 51.52
CA SER B 366 20.57 1.01 51.62
C SER B 366 21.18 1.24 52.99
N VAL B 367 20.97 2.42 53.57
CA VAL B 367 21.48 2.70 54.91
C VAL B 367 20.81 1.80 55.94
N LEU B 368 19.51 1.50 55.74
CA LEU B 368 18.83 0.59 56.65
C LEU B 368 19.45 -0.80 56.61
N TYR B 369 19.77 -1.29 55.42
CA TYR B 369 20.43 -2.60 55.31
C TYR B 369 21.83 -2.56 55.92
N ASN B 370 22.56 -1.46 55.70
CA ASN B 370 23.92 -1.37 56.21
C ASN B 370 23.95 -1.36 57.73
N SER B 371 23.00 -0.67 58.35
CA SER B 371 22.96 -0.60 59.81
C SER B 371 22.74 -1.98 60.40
N ALA B 372 23.54 -2.32 61.41
CA ALA B 372 23.46 -3.61 62.09
C ALA B 372 22.67 -3.56 63.38
N SER B 373 22.14 -2.40 63.76
CA SER B 373 21.40 -2.29 65.01
C SER B 373 20.06 -3.04 64.93
N PHE B 374 19.46 -3.10 63.75
CA PHE B 374 18.15 -3.72 63.60
C PHE B 374 18.21 -5.21 63.92
N SER B 375 17.27 -5.67 64.75
CA SER B 375 17.19 -7.07 65.14
C SER B 375 16.10 -7.82 64.38
N THR B 376 14.91 -7.22 64.26
CA THR B 376 13.79 -7.82 63.53
C THR B 376 13.45 -6.90 62.38
N PHE B 377 13.65 -7.38 61.15
CA PHE B 377 13.34 -6.65 59.93
C PHE B 377 12.31 -7.39 59.10
N LYS B 378 11.29 -7.93 59.77
CA LYS B 378 10.25 -8.68 59.07
C LYS B 378 9.44 -7.76 58.16
N CYS B 379 9.24 -8.20 56.93
CA CYS B 379 8.48 -7.44 55.93
C CYS B 379 7.30 -8.28 55.48
N TYR B 380 6.12 -7.65 55.41
CA TYR B 380 4.89 -8.32 55.02
C TYR B 380 4.40 -7.74 53.71
N GLY B 381 4.19 -8.61 52.72
CA GLY B 381 3.63 -8.21 51.45
C GLY B 381 4.59 -7.54 50.48
N VAL B 382 5.86 -7.40 50.85
CA VAL B 382 6.84 -6.76 49.98
C VAL B 382 8.22 -7.33 50.30
N SER B 383 9.02 -7.51 49.26
CA SER B 383 10.38 -8.01 49.44
C SER B 383 11.26 -6.90 49.97
N PRO B 384 12.05 -7.15 51.03
CA PRO B 384 12.98 -6.11 51.50
C PRO B 384 14.00 -5.71 50.47
N THR B 385 14.45 -6.63 49.62
CA THR B 385 15.44 -6.31 48.61
C THR B 385 14.90 -5.33 47.57
N LYS B 386 13.66 -5.53 47.14
CA LYS B 386 13.05 -4.71 46.09
C LYS B 386 12.50 -3.39 46.60
N LEU B 387 12.86 -2.98 47.82
CA LEU B 387 12.38 -1.71 48.34
C LEU B 387 12.92 -0.54 47.53
N ASN B 388 14.19 -0.61 47.14
CA ASN B 388 14.78 0.45 46.32
C ASN B 388 14.29 0.37 44.88
N ASP B 389 14.12 -0.85 44.36
CA ASP B 389 13.77 -1.01 42.95
C ASP B 389 12.34 -0.54 42.68
N LEU B 390 11.39 -0.88 43.55
CA LEU B 390 9.99 -0.53 43.36
C LEU B 390 9.57 0.48 44.42
N CYS B 391 8.71 1.41 44.01
CA CYS B 391 8.31 2.52 44.85
C CYS B 391 6.81 2.73 44.78
N PHE B 392 6.28 3.39 45.80
CA PHE B 392 4.85 3.66 45.94
C PHE B 392 4.60 5.16 45.89
N THR B 393 3.31 5.52 45.87
CA THR B 393 2.95 6.94 45.79
C THR B 393 3.18 7.66 47.12
N ASN B 394 2.82 7.02 48.24
CA ASN B 394 2.94 7.62 49.55
C ASN B 394 3.43 6.59 50.55
N VAL B 395 4.14 7.06 51.57
CA VAL B 395 4.72 6.21 52.61
C VAL B 395 4.31 6.76 53.97
N TYR B 396 3.83 5.87 54.85
CA TYR B 396 3.46 6.23 56.21
C TYR B 396 4.33 5.46 57.19
N ALA B 397 4.86 6.16 58.18
CA ALA B 397 5.79 5.59 59.15
C ALA B 397 5.24 5.77 60.56
N ASP B 398 5.39 4.73 61.37
CA ASP B 398 4.98 4.74 62.77
C ASP B 398 6.15 4.36 63.66
N SER B 399 6.30 5.07 64.78
CA SER B 399 7.40 4.85 65.70
C SER B 399 6.86 4.66 67.11
N PHE B 400 7.41 3.67 67.81
CA PHE B 400 7.00 3.37 69.18
C PHE B 400 8.10 2.58 69.87
N VAL B 401 8.01 2.52 71.20
CA VAL B 401 8.98 1.81 72.04
C VAL B 401 8.23 0.77 72.85
N ILE B 402 8.71 -0.47 72.82
CA ILE B 402 8.09 -1.58 73.55
C ILE B 402 9.20 -2.52 74.01
N ARG B 403 8.90 -3.31 75.03
CA ARG B 403 9.88 -4.23 75.59
C ARG B 403 10.08 -5.42 74.65
N GLY B 404 11.04 -6.29 75.03
CA GLY B 404 11.50 -7.31 74.11
C GLY B 404 10.44 -8.35 73.77
N ASP B 405 9.73 -8.87 74.78
CA ASP B 405 8.81 -9.97 74.53
C ASP B 405 7.53 -9.52 73.84
N GLU B 406 7.22 -8.23 73.88
CA GLU B 406 6.02 -7.72 73.24
C GLU B 406 6.27 -7.21 71.81
N VAL B 407 7.50 -7.31 71.33
CA VAL B 407 7.79 -6.93 69.94
C VAL B 407 7.04 -7.85 68.97
N ARG B 408 7.05 -9.15 69.25
CA ARG B 408 6.37 -10.12 68.40
C ARG B 408 4.86 -9.91 68.37
N GLN B 409 4.28 -9.26 69.39
CA GLN B 409 2.84 -9.04 69.40
C GLN B 409 2.42 -8.00 68.37
N ILE B 410 3.29 -7.04 68.08
CA ILE B 410 3.00 -6.03 67.06
C ILE B 410 3.30 -6.62 65.69
N ALA B 411 2.29 -7.25 65.08
CA ALA B 411 2.45 -7.89 63.79
C ALA B 411 1.08 -8.08 63.17
N PRO B 412 0.95 -7.97 61.85
CA PRO B 412 -0.34 -8.23 61.20
C PRO B 412 -0.78 -9.68 61.41
N GLY B 413 -2.08 -9.86 61.60
CA GLY B 413 -2.60 -11.19 61.83
C GLY B 413 -2.24 -11.80 63.17
N GLN B 414 -1.73 -10.98 64.10
CA GLN B 414 -1.32 -11.45 65.42
C GLN B 414 -1.97 -10.59 66.48
N THR B 415 -2.44 -11.23 67.55
CA THR B 415 -3.06 -10.56 68.67
C THR B 415 -2.14 -10.56 69.88
N GLY B 416 -2.33 -9.58 70.75
CA GLY B 416 -1.53 -9.46 71.96
C GLY B 416 -2.19 -8.53 72.94
N LYS B 417 -1.65 -8.53 74.17
CA LYS B 417 -2.20 -7.68 75.21
C LYS B 417 -1.95 -6.20 74.93
N ILE B 418 -0.99 -5.87 74.08
CA ILE B 418 -0.67 -4.48 73.76
C ILE B 418 -1.11 -4.12 72.35
N ALA B 419 -0.99 -5.06 71.39
CA ALA B 419 -1.29 -4.74 70.00
C ALA B 419 -2.75 -4.41 69.81
N ASP B 420 -3.64 -5.06 70.57
CA ASP B 420 -5.06 -4.80 70.43
C ASP B 420 -5.41 -3.38 70.85
N TYR B 421 -4.78 -2.87 71.91
CA TYR B 421 -5.17 -1.60 72.50
C TYR B 421 -4.15 -0.48 72.29
N ASN B 422 -3.03 -0.75 71.61
CA ASN B 422 -2.06 0.30 71.31
C ASN B 422 -1.87 0.54 69.83
N TYR B 423 -1.58 -0.51 69.05
CA TYR B 423 -1.30 -0.36 67.63
C TYR B 423 -1.59 -1.67 66.93
N LYS B 424 -2.47 -1.63 65.92
CA LYS B 424 -2.89 -2.82 65.19
C LYS B 424 -2.54 -2.68 63.72
N LEU B 425 -2.18 -3.80 63.11
CA LEU B 425 -1.81 -3.86 61.70
C LEU B 425 -2.78 -4.76 60.95
N PRO B 426 -3.29 -4.33 59.79
CA PRO B 426 -4.21 -5.18 59.04
C PRO B 426 -3.50 -6.37 58.40
N ASP B 427 -4.26 -7.45 58.20
CA ASP B 427 -3.69 -8.67 57.66
C ASP B 427 -3.18 -8.48 56.23
N ASP B 428 -3.94 -7.76 55.40
CA ASP B 428 -3.58 -7.53 54.01
C ASP B 428 -2.61 -6.38 53.83
N PHE B 429 -2.14 -5.79 54.92
CA PHE B 429 -1.22 -4.66 54.85
C PHE B 429 0.11 -5.07 54.23
N THR B 430 0.67 -4.20 53.39
CA THR B 430 1.96 -4.42 52.77
C THR B 430 2.96 -3.41 53.32
N GLY B 431 4.03 -3.90 53.91
CA GLY B 431 5.02 -3.01 54.51
C GLY B 431 6.08 -3.82 55.24
N CYS B 432 6.91 -3.09 55.98
CA CYS B 432 8.02 -3.68 56.72
C CYS B 432 7.96 -3.24 58.18
N VAL B 433 8.47 -4.10 59.05
CA VAL B 433 8.53 -3.84 60.48
C VAL B 433 10.01 -3.83 60.88
N ILE B 434 10.43 -2.73 61.52
CA ILE B 434 11.82 -2.55 61.93
C ILE B 434 11.85 -2.50 63.46
N ALA B 435 12.61 -3.41 64.06
CA ALA B 435 12.76 -3.48 65.51
C ALA B 435 14.22 -3.64 65.86
N TRP B 436 14.71 -2.79 66.77
CA TRP B 436 16.09 -2.86 67.24
C TRP B 436 16.14 -2.62 68.73
N ASN B 437 17.15 -3.20 69.37
CA ASN B 437 17.29 -3.08 70.82
C ASN B 437 17.78 -1.69 71.20
N SER B 438 17.16 -1.11 72.22
CA SER B 438 17.54 0.19 72.75
C SER B 438 17.55 0.16 74.28
N ASN B 439 18.11 -0.90 74.85
CA ASN B 439 18.11 -1.06 76.30
C ASN B 439 18.93 0.04 76.98
N ASN B 440 20.09 0.37 76.42
CA ASN B 440 20.96 1.35 77.06
C ASN B 440 20.30 2.73 77.11
N LEU B 441 19.65 3.14 76.03
CA LEU B 441 19.06 4.47 75.96
C LEU B 441 17.77 4.56 76.76
N ASP B 442 16.93 3.53 76.72
CA ASP B 442 15.58 3.59 77.25
C ASP B 442 15.43 2.98 78.64
N SER B 443 16.53 2.58 79.27
CA SER B 443 16.48 1.99 80.60
C SER B 443 17.54 2.61 81.50
N LYS B 444 17.22 2.66 82.79
CA LYS B 444 18.14 3.18 83.80
C LYS B 444 18.00 2.35 85.06
N VAL B 445 18.94 2.55 86.00
CA VAL B 445 18.93 1.78 87.24
C VAL B 445 17.69 2.09 88.07
N GLY B 446 17.32 3.36 88.16
CA GLY B 446 16.14 3.73 88.94
C GLY B 446 14.86 3.21 88.33
N GLY B 447 14.76 3.21 87.00
CA GLY B 447 13.57 2.76 86.32
C GLY B 447 12.96 3.83 85.43
N ASN B 448 12.87 3.55 84.13
CA ASN B 448 12.38 4.52 83.16
C ASN B 448 10.88 4.30 82.98
N TYR B 449 10.08 5.18 83.60
CA TYR B 449 8.63 5.14 83.47
C TYR B 449 8.10 6.17 82.48
N ASN B 450 8.97 6.80 81.70
CA ASN B 450 8.52 7.78 80.72
C ASN B 450 7.64 7.12 79.66
N TYR B 451 8.04 5.95 79.17
CA TYR B 451 7.26 5.24 78.17
C TYR B 451 5.97 4.70 78.78
N LEU B 452 4.88 4.80 78.04
CA LEU B 452 3.56 4.43 78.52
C LEU B 452 2.87 3.55 77.49
N TYR B 453 2.00 2.66 77.98
CA TYR B 453 1.27 1.75 77.12
C TYR B 453 -0.16 1.62 77.62
N ARG B 454 -1.05 1.20 76.72
CA ARG B 454 -2.46 1.00 77.03
C ARG B 454 -2.75 -0.50 77.12
N LEU B 455 -3.49 -0.89 78.16
CA LEU B 455 -3.79 -2.29 78.42
C LEU B 455 -5.27 -2.62 78.48
N PHE B 456 -6.14 -1.63 78.73
CA PHE B 456 -7.57 -1.89 78.89
C PHE B 456 -8.37 -0.95 78.01
N ARG B 457 -9.29 -1.52 77.23
CA ARG B 457 -10.21 -0.73 76.43
C ARG B 457 -11.43 -1.59 76.11
N LYS B 458 -12.54 -0.92 75.79
CA LYS B 458 -13.76 -1.63 75.47
C LYS B 458 -13.60 -2.49 74.22
N SER B 459 -12.96 -1.95 73.18
CA SER B 459 -12.76 -2.67 71.93
C SER B 459 -11.35 -2.43 71.43
N ASN B 460 -10.87 -3.38 70.64
CA ASN B 460 -9.53 -3.26 70.05
C ASN B 460 -9.50 -2.13 69.04
N LEU B 461 -8.39 -1.40 69.01
CA LEU B 461 -8.22 -0.32 68.04
C LEU B 461 -8.19 -0.87 66.62
N LYS B 462 -8.80 -0.12 65.71
CA LYS B 462 -8.76 -0.48 64.30
C LYS B 462 -7.35 -0.29 63.75
N PRO B 463 -6.98 -1.02 62.71
CA PRO B 463 -5.65 -0.84 62.11
C PRO B 463 -5.47 0.58 61.59
N PHE B 464 -4.25 1.09 61.76
CA PHE B 464 -3.87 2.46 61.37
C PHE B 464 -4.71 3.51 62.09
N GLU B 465 -5.27 3.17 63.25
CA GLU B 465 -6.04 4.11 64.06
C GLU B 465 -5.43 4.18 65.44
N ARG B 466 -5.14 5.40 65.90
CA ARG B 466 -4.51 5.64 67.20
C ARG B 466 -5.52 6.25 68.15
N ASP B 467 -5.58 5.72 69.37
CA ASP B 467 -6.43 6.24 70.42
C ASP B 467 -5.55 6.78 71.54
N ILE B 468 -5.73 8.06 71.87
CA ILE B 468 -4.91 8.73 72.87
C ILE B 468 -5.74 9.13 74.09
N SER B 469 -6.90 8.51 74.27
CA SER B 469 -7.78 8.85 75.38
C SER B 469 -7.13 8.45 76.71
N THR B 470 -7.06 9.40 77.63
CA THR B 470 -6.54 9.16 78.97
C THR B 470 -7.64 9.00 80.00
N GLU B 471 -8.89 8.86 79.56
CA GLU B 471 -10.01 8.74 80.48
C GLU B 471 -9.93 7.44 81.27
N ILE B 472 -10.48 7.47 82.49
CA ILE B 472 -10.52 6.29 83.34
C ILE B 472 -11.40 5.23 82.69
N TYR B 473 -10.95 3.98 82.75
CA TYR B 473 -11.68 2.88 82.14
C TYR B 473 -12.67 2.30 83.14
N GLN B 474 -13.90 2.05 82.69
CA GLN B 474 -14.95 1.51 83.53
C GLN B 474 -15.02 -0.01 83.38
N ALA B 475 -14.00 -0.67 83.94
CA ALA B 475 -13.97 -2.13 83.91
C ALA B 475 -15.13 -2.73 84.70
N GLY B 476 -15.44 -2.16 85.87
CA GLY B 476 -16.54 -2.64 86.68
C GLY B 476 -17.86 -2.00 86.31
N SER B 477 -18.93 -2.57 86.88
CA SER B 477 -20.27 -2.04 86.63
C SER B 477 -20.47 -0.66 87.26
N THR B 478 -19.88 -0.43 88.42
CA THR B 478 -20.02 0.86 89.09
C THR B 478 -19.33 1.95 88.27
N PRO B 479 -20.01 3.05 87.98
CA PRO B 479 -19.37 4.12 87.20
C PRO B 479 -18.17 4.71 87.94
N CYS B 480 -17.13 5.02 87.17
CA CYS B 480 -15.91 5.56 87.77
C CYS B 480 -16.09 7.02 88.18
N ASN B 481 -16.73 7.82 87.33
CA ASN B 481 -16.94 9.25 87.57
C ASN B 481 -15.62 9.98 87.78
N GLY B 482 -14.56 9.50 87.13
CA GLY B 482 -13.26 10.13 87.25
C GLY B 482 -12.53 9.87 88.54
N VAL B 483 -12.99 8.93 89.35
CA VAL B 483 -12.38 8.62 90.64
C VAL B 483 -11.92 7.17 90.61
N GLU B 484 -10.65 6.95 90.94
CA GLU B 484 -10.11 5.60 91.02
C GLU B 484 -10.75 4.83 92.17
N GLY B 485 -11.05 3.55 91.92
CA GLY B 485 -11.70 2.73 92.93
C GLY B 485 -11.42 1.25 92.76
N PHE B 486 -12.18 0.42 93.48
CA PHE B 486 -12.00 -1.02 93.39
C PHE B 486 -12.35 -1.54 91.99
N ASN B 487 -13.43 -1.02 91.40
CA ASN B 487 -13.88 -1.47 90.09
C ASN B 487 -13.26 -0.67 88.95
N CYS B 488 -12.43 0.33 89.25
CA CYS B 488 -11.86 1.20 88.23
C CYS B 488 -10.34 1.19 88.35
N TYR B 489 -9.66 0.83 87.27
CA TYR B 489 -8.21 0.90 87.20
C TYR B 489 -7.81 1.71 85.97
N PHE B 490 -6.73 2.46 86.09
CA PHE B 490 -6.34 3.36 85.02
C PHE B 490 -5.81 2.54 83.84
N PRO B 491 -6.41 2.67 82.66
CA PRO B 491 -5.99 1.82 81.53
C PRO B 491 -4.55 2.03 81.11
N LEU B 492 -4.03 3.24 81.28
CA LEU B 492 -2.66 3.54 80.86
C LEU B 492 -1.69 3.20 81.98
N GLN B 493 -0.58 2.55 81.63
CA GLN B 493 0.44 2.18 82.59
C GLN B 493 1.81 2.50 82.03
N SER B 494 2.77 2.73 82.93
CA SER B 494 4.14 3.07 82.58
C SER B 494 5.03 1.85 82.82
N TYR B 495 5.85 1.52 81.83
CA TYR B 495 6.71 0.35 81.92
C TYR B 495 7.83 0.59 82.93
N GLY B 496 8.34 -0.51 83.49
CA GLY B 496 9.50 -0.47 84.37
C GLY B 496 10.71 -1.09 83.72
N PHE B 497 11.78 -0.32 83.57
CA PHE B 497 12.96 -0.75 82.83
C PHE B 497 14.18 -0.73 83.73
N GLN B 498 15.02 -1.76 83.59
CA GLN B 498 16.27 -1.88 84.33
C GLN B 498 17.38 -2.23 83.35
N PRO B 499 18.63 -1.87 83.67
CA PRO B 499 19.75 -2.23 82.79
C PRO B 499 19.92 -3.73 82.62
N THR B 500 19.59 -4.52 83.64
CA THR B 500 19.78 -5.97 83.62
C THR B 500 18.47 -6.72 83.41
N ASN B 501 17.58 -6.19 82.56
CA ASN B 501 16.32 -6.87 82.30
C ASN B 501 16.54 -8.24 81.66
N GLY B 502 17.46 -8.32 80.71
CA GLY B 502 17.68 -9.56 79.98
C GLY B 502 16.90 -9.60 78.68
N VAL B 503 17.09 -10.70 77.96
CA VAL B 503 16.42 -10.87 76.67
C VAL B 503 14.92 -11.03 76.88
N GLY B 504 14.13 -10.26 76.13
CA GLY B 504 12.69 -10.31 76.21
C GLY B 504 12.06 -9.23 77.06
N TYR B 505 12.84 -8.60 77.94
CA TYR B 505 12.30 -7.55 78.81
C TYR B 505 12.97 -6.20 78.61
N GLN B 506 14.11 -6.16 77.91
CA GLN B 506 14.76 -4.88 77.65
C GLN B 506 13.95 -4.07 76.64
N PRO B 507 14.00 -2.75 76.71
CA PRO B 507 13.24 -1.92 75.77
C PRO B 507 13.74 -2.09 74.34
N TYR B 508 12.80 -2.02 73.39
CA TYR B 508 13.11 -2.14 71.97
C TYR B 508 12.42 -1.00 71.24
N ARG B 509 13.15 -0.30 70.38
CA ARG B 509 12.59 0.73 69.53
C ARG B 509 12.12 0.08 68.23
N VAL B 510 10.80 0.03 68.04
CA VAL B 510 10.20 -0.65 66.90
C VAL B 510 9.51 0.39 66.03
N VAL B 511 9.84 0.39 64.73
CA VAL B 511 9.27 1.31 63.77
C VAL B 511 8.62 0.51 62.65
N VAL B 512 7.38 0.84 62.32
CA VAL B 512 6.63 0.17 61.26
C VAL B 512 6.33 1.21 60.18
N LEU B 513 6.65 0.87 58.93
CA LEU B 513 6.43 1.73 57.79
C LEU B 513 5.37 1.12 56.87
N SER B 514 4.61 1.98 56.20
CA SER B 514 3.48 1.56 55.39
C SER B 514 3.70 1.91 53.93
N PHE B 515 3.13 1.08 53.05
CA PHE B 515 3.17 1.30 51.61
C PHE B 515 1.78 1.16 51.04
N GLU B 516 1.43 2.06 50.13
CA GLU B 516 0.16 2.00 49.44
C GLU B 516 0.27 2.77 48.12
N LEU B 517 -0.62 2.47 47.19
CA LEU B 517 -0.58 3.04 45.85
C LEU B 517 -1.86 3.83 45.59
N LEU B 518 -1.72 4.94 44.86
CA LEU B 518 -2.84 5.79 44.48
C LEU B 518 -2.72 6.13 43.00
N HIS B 519 -3.87 6.49 42.40
CA HIS B 519 -3.89 6.85 40.99
C HIS B 519 -3.20 8.18 40.73
N ALA B 520 -2.94 8.97 41.76
CA ALA B 520 -2.21 10.21 41.59
C ALA B 520 -0.76 9.92 41.22
N PRO B 521 -0.11 10.84 40.50
CA PRO B 521 1.30 10.63 40.14
C PRO B 521 2.18 10.46 41.37
N ALA B 522 3.14 9.55 41.26
CA ALA B 522 4.03 9.24 42.38
C ALA B 522 5.13 10.28 42.48
N THR B 523 5.37 10.77 43.70
CA THR B 523 6.40 11.77 43.94
C THR B 523 7.59 11.25 44.73
N VAL B 524 7.49 10.05 45.32
CA VAL B 524 8.57 9.47 46.11
C VAL B 524 8.97 8.15 45.47
N CYS B 525 10.27 7.98 45.22
CA CYS B 525 10.79 6.74 44.66
C CYS B 525 12.23 6.56 45.08
N GLY B 526 12.72 5.33 44.95
CA GLY B 526 14.06 4.99 45.37
C GLY B 526 15.12 5.52 44.43
N PRO B 527 16.37 5.42 44.86
CA PRO B 527 17.47 5.92 44.04
C PRO B 527 17.57 5.16 42.72
N LYS B 528 18.04 5.87 41.70
CA LYS B 528 18.18 5.32 40.36
C LYS B 528 19.66 5.14 40.02
N LYS B 529 19.94 4.13 39.20
CA LYS B 529 21.31 3.83 38.83
C LYS B 529 21.88 4.92 37.93
N SER B 530 23.09 5.37 38.24
CA SER B 530 23.79 6.38 37.45
C SER B 530 25.16 5.85 37.08
N THR B 531 25.48 5.90 35.80
CA THR B 531 26.77 5.44 35.29
C THR B 531 27.67 6.62 34.98
N ASN B 532 28.96 6.35 34.92
CA ASN B 532 29.94 7.38 34.63
C ASN B 532 29.78 7.90 33.20
N LEU B 533 30.14 9.16 32.99
CA LEU B 533 29.97 9.80 31.70
C LEU B 533 31.12 9.46 30.78
N VAL B 534 30.79 9.11 29.53
CA VAL B 534 31.76 8.76 28.51
C VAL B 534 31.60 9.71 27.33
N LYS B 535 32.72 10.23 26.83
CA LYS B 535 32.71 11.17 25.72
C LYS B 535 33.58 10.63 24.59
N ASN B 536 33.27 11.08 23.37
CA ASN B 536 34.00 10.72 22.16
C ASN B 536 33.97 9.22 21.89
N LYS B 537 32.96 8.51 22.40
CA LYS B 537 32.78 7.09 22.15
C LYS B 537 31.32 6.83 21.85
N CYS B 538 31.05 6.07 20.79
CA CYS B 538 29.68 5.77 20.38
C CYS B 538 29.03 4.85 21.40
N VAL B 539 28.07 5.39 22.15
CA VAL B 539 27.40 4.66 23.24
C VAL B 539 25.90 4.90 23.15
N ASN B 540 25.15 4.07 23.88
CA ASN B 540 23.71 4.23 24.00
C ASN B 540 23.42 5.07 25.24
N PHE B 541 22.74 6.20 25.06
CA PHE B 541 22.49 7.13 26.14
C PHE B 541 21.00 7.15 26.49
N ASN B 542 20.72 7.25 27.78
CA ASN B 542 19.35 7.36 28.31
C ASN B 542 19.37 8.49 29.34
N PHE B 543 19.16 9.72 28.86
CA PHE B 543 19.19 10.92 29.72
C PHE B 543 17.75 11.29 30.05
N ASN B 544 17.19 10.61 31.05
CA ASN B 544 15.83 10.87 31.52
C ASN B 544 14.81 10.72 30.39
N GLY B 545 14.92 9.62 29.66
CA GLY B 545 13.96 9.30 28.62
C GLY B 545 14.35 9.67 27.22
N LEU B 546 15.54 10.24 27.00
CA LEU B 546 16.00 10.48 25.63
C LEU B 546 16.19 9.17 24.89
N THR B 547 16.73 8.16 25.57
CA THR B 547 16.91 6.78 25.07
C THR B 547 17.29 6.74 23.59
N GLY B 548 18.40 7.43 23.28
CA GLY B 548 18.93 7.46 21.93
C GLY B 548 20.32 6.88 21.87
N THR B 549 20.83 6.75 20.65
CA THR B 549 22.16 6.22 20.39
C THR B 549 22.99 7.27 19.66
N GLY B 550 24.26 7.39 20.04
CA GLY B 550 25.15 8.35 19.42
C GLY B 550 26.38 8.63 20.25
N VAL B 551 27.31 9.39 19.71
CA VAL B 551 28.56 9.75 20.41
C VAL B 551 28.39 11.13 21.03
N LEU B 552 28.78 11.25 22.29
CA LEU B 552 28.60 12.48 23.06
C LEU B 552 29.91 13.27 23.07
N THR B 553 29.82 14.55 22.73
CA THR B 553 30.97 15.45 22.71
C THR B 553 30.63 16.74 23.45
N GLU B 554 31.67 17.39 23.95
CA GLU B 554 31.49 18.69 24.59
C GLU B 554 31.04 19.73 23.58
N SER B 555 30.15 20.61 24.01
CA SER B 555 29.55 21.60 23.12
C SER B 555 29.69 22.99 23.72
N ASN B 556 29.82 23.99 22.83
CA ASN B 556 29.89 25.38 23.24
C ASN B 556 28.52 26.03 23.36
N LYS B 557 27.46 25.36 22.91
CA LYS B 557 26.11 25.89 23.06
C LYS B 557 25.73 25.97 24.53
N LYS B 558 25.03 27.05 24.89
CA LYS B 558 24.58 27.25 26.26
C LYS B 558 23.05 27.17 26.28
N PHE B 559 22.52 26.36 27.18
CA PHE B 559 21.08 26.20 27.30
C PHE B 559 20.49 27.21 28.27
N LEU B 560 19.21 27.49 28.09
CA LEU B 560 18.48 28.28 29.06
C LEU B 560 18.24 27.43 30.31
N PRO B 561 18.30 28.03 31.51
CA PRO B 561 18.42 27.21 32.73
C PRO B 561 17.35 26.14 32.90
N PHE B 562 16.10 26.42 32.55
CA PHE B 562 15.07 25.40 32.71
C PHE B 562 15.14 24.34 31.62
N GLN B 563 15.70 24.69 30.46
CA GLN B 563 15.74 23.77 29.33
C GLN B 563 16.68 22.61 29.62
N GLN B 564 16.34 21.44 29.08
CA GLN B 564 17.13 20.23 29.30
C GLN B 564 17.84 19.76 28.05
N PHE B 565 17.13 19.54 26.94
CA PHE B 565 17.73 19.06 25.71
C PHE B 565 17.32 19.95 24.55
N GLY B 566 17.99 19.75 23.42
CA GLY B 566 17.78 20.60 22.27
C GLY B 566 17.44 19.79 21.02
N ARG B 567 16.90 20.50 20.03
CA ARG B 567 16.54 19.90 18.75
C ARG B 567 17.02 20.78 17.61
N ASP B 568 17.26 20.17 16.46
CA ASP B 568 17.65 20.88 15.26
C ASP B 568 16.40 21.24 14.45
N ILE B 569 16.60 21.64 13.20
CA ILE B 569 15.48 22.03 12.35
C ILE B 569 14.52 20.86 12.15
N ALA B 570 15.06 19.66 11.92
CA ALA B 570 14.26 18.48 11.62
C ALA B 570 13.68 17.83 12.87
N ASP B 571 13.66 18.54 14.01
CA ASP B 571 13.09 18.03 15.25
C ASP B 571 13.74 16.71 15.68
N THR B 572 15.06 16.65 15.55
CA THR B 572 15.85 15.51 16.02
C THR B 572 16.74 15.98 17.16
N THR B 573 16.94 15.10 18.15
CA THR B 573 17.76 15.45 19.30
C THR B 573 19.18 15.78 18.86
N ASP B 574 19.69 16.89 19.36
CA ASP B 574 21.00 17.39 18.97
C ASP B 574 21.94 17.60 20.15
N ALA B 575 21.44 18.06 21.29
CA ALA B 575 22.28 18.28 22.46
C ALA B 575 21.43 18.13 23.71
N VAL B 576 21.96 17.40 24.70
CA VAL B 576 21.27 17.15 25.95
C VAL B 576 22.17 17.55 27.10
N ARG B 577 21.59 18.16 28.12
CA ARG B 577 22.32 18.58 29.30
C ARG B 577 22.46 17.42 30.28
N ASP B 578 23.66 17.24 30.82
CA ASP B 578 23.91 16.18 31.78
C ASP B 578 23.09 16.44 33.06
N PRO B 579 22.27 15.49 33.49
CA PRO B 579 21.49 15.71 34.73
C PRO B 579 22.35 15.93 35.96
N GLN B 580 23.51 15.26 36.08
CA GLN B 580 24.35 15.43 37.25
C GLN B 580 25.02 16.80 37.26
N THR B 581 25.86 17.07 36.27
CA THR B 581 26.58 18.33 36.20
C THR B 581 25.70 19.36 35.49
N LEU B 582 26.31 20.49 35.10
CA LEU B 582 25.63 21.51 34.30
C LEU B 582 26.52 21.78 33.09
N GLU B 583 26.34 20.96 32.06
CA GLU B 583 27.12 21.09 30.83
C GLU B 583 26.26 20.61 29.67
N ILE B 584 26.62 21.05 28.47
CA ILE B 584 25.88 20.73 27.26
C ILE B 584 26.71 19.76 26.43
N LEU B 585 26.18 18.58 26.20
CA LEU B 585 26.86 17.52 25.48
C LEU B 585 26.22 17.38 24.10
N ASP B 586 26.86 17.94 23.09
CA ASP B 586 26.36 17.80 21.72
C ASP B 586 26.34 16.32 21.35
N ILE B 587 25.22 15.87 20.80
CA ILE B 587 25.06 14.47 20.42
C ILE B 587 24.98 14.40 18.90
N THR B 588 26.12 14.15 18.28
CA THR B 588 26.15 13.69 16.90
C THR B 588 26.14 12.17 16.91
N PRO B 589 25.42 11.51 16.02
CA PRO B 589 25.25 10.06 16.15
C PRO B 589 26.41 9.26 15.61
N CYS B 590 26.26 7.93 15.62
CA CYS B 590 27.33 7.04 15.21
C CYS B 590 27.65 7.23 13.73
N SER B 591 28.94 7.12 13.41
CA SER B 591 29.39 7.26 12.03
C SER B 591 28.92 6.08 11.19
N PHE B 592 28.47 6.37 9.97
CA PHE B 592 28.09 5.34 9.03
C PHE B 592 28.34 5.86 7.62
N GLY B 593 28.44 4.94 6.68
CA GLY B 593 28.67 5.31 5.29
C GLY B 593 28.79 4.08 4.43
N GLY B 594 29.05 4.31 3.15
CA GLY B 594 29.20 3.23 2.20
C GLY B 594 30.68 2.86 2.05
N VAL B 595 30.92 1.56 1.86
CA VAL B 595 32.26 1.03 1.65
C VAL B 595 32.45 0.85 0.15
N SER B 596 33.41 1.58 -0.42
CA SER B 596 33.66 1.55 -1.85
C SER B 596 35.06 0.99 -2.09
N VAL B 597 35.15 0.01 -2.99
CA VAL B 597 36.40 -0.65 -3.32
C VAL B 597 36.97 -0.01 -4.57
N ILE B 598 38.16 0.57 -4.47
CA ILE B 598 38.82 1.24 -5.57
C ILE B 598 39.86 0.28 -6.14
N THR B 599 39.63 -0.19 -7.35
CA THR B 599 40.52 -1.16 -7.99
C THR B 599 40.69 -0.80 -9.45
N PRO B 600 41.84 -1.12 -10.04
CA PRO B 600 41.96 -1.10 -11.50
C PRO B 600 41.35 -2.37 -12.07
N GLY B 601 41.45 -2.52 -13.38
CA GLY B 601 40.95 -3.72 -14.03
C GLY B 601 41.63 -4.97 -13.51
N THR B 602 40.87 -6.05 -13.36
CA THR B 602 41.46 -7.31 -12.91
C THR B 602 42.52 -7.80 -13.89
N ASN B 603 42.41 -7.42 -15.16
CA ASN B 603 43.47 -7.73 -16.11
C ASN B 603 44.75 -6.99 -15.76
N THR B 604 44.63 -5.75 -15.26
CA THR B 604 45.83 -4.99 -14.89
C THR B 604 46.45 -5.53 -13.61
N SER B 605 45.64 -5.71 -12.56
CA SER B 605 46.14 -6.17 -11.28
C SER B 605 44.97 -6.59 -10.40
N ASN B 606 45.29 -7.22 -9.29
CA ASN B 606 44.29 -7.65 -8.31
C ASN B 606 44.34 -6.82 -7.03
N GLN B 607 45.17 -5.79 -6.96
CA GLN B 607 45.22 -4.95 -5.78
C GLN B 607 44.02 -4.00 -5.76
N VAL B 608 43.53 -3.73 -4.54
CA VAL B 608 42.36 -2.89 -4.33
C VAL B 608 42.67 -1.90 -3.23
N ALA B 609 41.85 -0.84 -3.19
CA ALA B 609 41.88 0.14 -2.11
C ALA B 609 40.45 0.38 -1.67
N VAL B 610 40.24 0.50 -0.36
CA VAL B 610 38.91 0.60 0.23
C VAL B 610 38.69 2.02 0.70
N LEU B 611 37.55 2.59 0.34
CA LEU B 611 37.16 3.95 0.73
C LEU B 611 35.99 3.87 1.70
N TYR B 612 36.24 4.22 2.95
CA TYR B 612 35.17 4.33 3.95
C TYR B 612 34.64 5.76 3.90
N GLN B 613 33.50 5.94 3.26
CA GLN B 613 33.02 7.28 2.93
C GLN B 613 32.56 8.02 4.18
N ASP B 614 33.04 9.27 4.32
CA ASP B 614 32.60 10.17 5.37
C ASP B 614 32.79 9.58 6.76
N VAL B 615 33.90 8.87 6.94
CA VAL B 615 34.24 8.25 8.22
C VAL B 615 35.67 8.62 8.59
N ASN B 616 35.84 9.18 9.78
CA ASN B 616 37.19 9.33 10.34
C ASN B 616 37.74 7.96 10.69
N CYS B 617 38.82 7.58 10.02
CA CYS B 617 39.28 6.18 10.10
C CYS B 617 39.90 5.87 11.46
N THR B 618 40.08 6.88 12.31
CA THR B 618 40.35 6.59 13.71
C THR B 618 39.21 5.77 14.32
N GLU B 619 37.98 6.02 13.85
CA GLU B 619 36.84 5.22 14.30
C GLU B 619 36.80 3.87 13.62
N VAL B 620 37.50 3.72 12.49
CA VAL B 620 37.49 2.47 11.74
C VAL B 620 38.27 1.40 12.50
N TYR B 636 40.16 -4.21 3.16
CA TYR B 636 41.45 -4.39 3.81
C TYR B 636 41.44 -3.88 5.24
N SER B 637 42.23 -4.52 6.09
CA SER B 637 42.34 -4.11 7.49
C SER B 637 43.03 -2.76 7.60
N THR B 638 42.70 -2.03 8.65
CA THR B 638 43.28 -0.72 8.87
C THR B 638 44.77 -0.82 9.20
N GLY B 639 45.47 0.29 9.06
CA GLY B 639 46.90 0.35 9.29
C GLY B 639 47.75 0.12 8.07
N SER B 640 47.16 -0.09 6.89
CA SER B 640 47.89 -0.34 5.65
C SER B 640 47.70 0.88 4.75
N ASN B 641 48.69 1.77 4.75
CA ASN B 641 48.70 2.96 3.90
C ASN B 641 47.43 3.79 4.11
N VAL B 642 47.10 4.03 5.37
CA VAL B 642 45.88 4.77 5.70
C VAL B 642 46.04 6.22 5.31
N PHE B 643 45.09 6.73 4.51
CA PHE B 643 45.10 8.11 4.07
C PHE B 643 43.71 8.69 4.23
N GLN B 644 43.64 9.94 4.69
CA GLN B 644 42.39 10.60 5.01
C GLN B 644 42.14 11.75 4.05
N THR B 645 40.92 11.82 3.51
CA THR B 645 40.50 12.95 2.67
C THR B 645 39.08 13.31 3.06
N ARG B 646 38.51 14.31 2.36
CA ARG B 646 37.19 14.79 2.71
C ARG B 646 36.11 13.75 2.47
N ALA B 647 36.20 13.02 1.35
CA ALA B 647 35.21 12.00 1.03
C ALA B 647 35.23 10.84 2.00
N GLY B 648 36.30 10.65 2.74
CA GLY B 648 36.44 9.55 3.66
C GLY B 648 37.91 9.27 3.89
N CYS B 649 38.19 8.19 4.60
CA CYS B 649 39.56 7.78 4.85
C CYS B 649 39.88 6.55 4.03
N LEU B 650 40.91 6.65 3.20
CA LEU B 650 41.24 5.64 2.20
C LEU B 650 42.27 4.68 2.75
N ILE B 651 41.98 3.38 2.65
CA ILE B 651 42.84 2.32 3.15
C ILE B 651 43.40 1.55 1.97
N GLY B 652 44.72 1.41 1.92
CA GLY B 652 45.38 0.64 0.88
C GLY B 652 45.96 1.43 -0.26
N ALA B 653 45.92 2.77 -0.18
CA ALA B 653 46.48 3.62 -1.22
C ALA B 653 47.46 4.60 -0.60
N GLU B 654 48.55 4.86 -1.32
CA GLU B 654 49.63 5.73 -0.84
C GLU B 654 49.47 7.12 -1.45
N HIS B 655 49.29 8.12 -0.60
CA HIS B 655 49.14 9.49 -1.08
C HIS B 655 50.43 10.00 -1.70
N VAL B 656 50.30 10.71 -2.81
CA VAL B 656 51.45 11.29 -3.52
C VAL B 656 51.18 12.78 -3.73
N ASN B 657 52.22 13.60 -3.53
CA ASN B 657 52.06 15.04 -3.64
C ASN B 657 51.96 15.50 -5.09
N ASN B 658 52.65 14.83 -6.01
CA ASN B 658 52.54 15.20 -7.41
C ASN B 658 51.14 14.91 -7.93
N SER B 659 50.72 15.70 -8.92
CA SER B 659 49.36 15.66 -9.44
C SER B 659 49.35 15.16 -10.87
N TYR B 660 48.44 14.23 -11.16
CA TYR B 660 48.20 13.73 -12.51
C TYR B 660 46.73 13.96 -12.85
N GLU B 661 46.36 13.64 -14.08
CA GLU B 661 44.96 13.68 -14.47
C GLU B 661 44.18 12.61 -13.71
N CYS B 662 42.90 12.89 -13.46
CA CYS B 662 42.08 11.97 -12.70
C CYS B 662 41.91 10.65 -13.45
N ASP B 663 42.05 9.54 -12.73
CA ASP B 663 41.85 8.21 -13.27
C ASP B 663 40.65 7.52 -12.65
N ILE B 664 40.61 7.41 -11.33
CA ILE B 664 39.44 6.88 -10.62
C ILE B 664 38.94 7.97 -9.67
N PRO B 665 37.78 8.57 -9.96
CA PRO B 665 37.29 9.68 -9.11
C PRO B 665 36.90 9.17 -7.73
N ILE B 666 37.47 9.78 -6.70
CA ILE B 666 37.16 9.46 -5.31
C ILE B 666 36.19 10.47 -4.71
N GLY B 667 36.48 11.76 -4.89
CA GLY B 667 35.64 12.82 -4.35
C GLY B 667 36.49 13.91 -3.76
N ALA B 668 35.95 15.13 -3.75
CA ALA B 668 36.61 16.31 -3.20
C ALA B 668 37.97 16.56 -3.84
N GLY B 669 38.09 16.26 -5.13
CA GLY B 669 39.29 16.52 -5.88
C GLY B 669 40.32 15.41 -5.84
N ILE B 670 40.15 14.41 -4.99
CA ILE B 670 41.10 13.31 -4.88
C ILE B 670 40.74 12.23 -5.90
N CYS B 671 41.73 11.75 -6.64
CA CYS B 671 41.53 10.68 -7.61
C CYS B 671 42.62 9.63 -7.45
N ALA B 672 42.21 8.37 -7.42
CA ALA B 672 43.14 7.25 -7.30
C ALA B 672 43.57 6.76 -8.67
N SER B 673 44.72 6.10 -8.71
CA SER B 673 45.24 5.55 -9.96
C SER B 673 46.23 4.44 -9.62
N TYR B 674 46.46 3.57 -10.60
CA TYR B 674 47.43 2.49 -10.49
C TYR B 674 48.71 2.94 -11.17
N GLN B 675 49.74 3.27 -10.38
CA GLN B 675 50.96 3.83 -10.92
C GLN B 675 52.12 3.48 -9.99
N THR B 676 53.28 3.27 -10.59
CA THR B 676 54.49 2.96 -9.84
C THR B 676 55.03 4.20 -9.13
N SER B 686 56.47 -2.42 -6.19
CA SER B 686 56.82 -1.44 -7.21
C SER B 686 55.58 -0.71 -7.71
N GLN B 687 54.50 -1.45 -7.89
CA GLN B 687 53.24 -0.90 -8.36
C GLN B 687 52.23 -0.90 -7.21
N SER B 688 51.58 0.24 -7.00
CA SER B 688 50.61 0.38 -5.92
C SER B 688 49.59 1.44 -6.29
N ILE B 689 48.49 1.45 -5.55
CA ILE B 689 47.43 2.43 -5.75
C ILE B 689 47.84 3.74 -5.10
N ILE B 690 47.76 4.84 -5.85
CA ILE B 690 48.14 6.16 -5.37
C ILE B 690 46.91 7.05 -5.39
N ALA B 691 46.70 7.79 -4.32
CA ALA B 691 45.62 8.76 -4.20
C ALA B 691 46.21 10.16 -4.20
N TYR B 692 45.65 11.04 -5.03
CA TYR B 692 46.22 12.37 -5.20
C TYR B 692 45.12 13.34 -5.60
N THR B 693 45.39 14.63 -5.40
CA THR B 693 44.55 15.67 -5.96
C THR B 693 44.75 15.72 -7.47
N MET B 694 43.66 15.71 -8.22
CA MET B 694 43.79 15.58 -9.67
C MET B 694 44.41 16.84 -10.26
N SER B 695 44.95 16.69 -11.47
CA SER B 695 45.52 17.81 -12.22
C SER B 695 44.57 18.14 -13.37
N LEU B 696 44.13 19.40 -13.43
CA LEU B 696 43.22 19.82 -14.48
C LEU B 696 43.89 19.81 -15.86
N GLY B 697 45.20 19.80 -15.89
CA GLY B 697 45.94 19.84 -17.14
C GLY B 697 47.15 20.73 -17.00
N ALA B 698 47.93 20.80 -18.07
CA ALA B 698 49.11 21.65 -18.08
C ALA B 698 48.70 23.11 -17.98
N GLU B 699 49.46 23.87 -17.19
CA GLU B 699 49.25 25.30 -17.06
C GLU B 699 49.90 25.98 -18.26
N ASN B 700 49.09 26.36 -19.24
CA ASN B 700 49.56 26.96 -20.49
C ASN B 700 49.27 28.45 -20.43
N SER B 701 50.28 29.22 -20.06
CA SER B 701 50.17 30.69 -20.06
C SER B 701 50.37 31.19 -21.48
N VAL B 702 49.28 31.59 -22.14
CA VAL B 702 49.38 32.11 -23.49
C VAL B 702 50.21 33.38 -23.49
N ALA B 703 51.15 33.45 -24.43
CA ALA B 703 52.09 34.57 -24.49
C ALA B 703 51.38 35.81 -25.02
N TYR B 704 50.48 36.33 -24.19
CA TYR B 704 49.71 37.50 -24.57
C TYR B 704 50.59 38.74 -24.65
N SER B 705 50.30 39.59 -25.63
CA SER B 705 50.91 40.90 -25.75
C SER B 705 50.03 41.74 -26.64
N ASN B 706 50.15 43.06 -26.50
CA ASN B 706 49.36 43.95 -27.34
C ASN B 706 49.87 44.04 -28.76
N ASN B 707 50.84 43.21 -29.14
CA ASN B 707 51.40 43.20 -30.48
C ASN B 707 51.49 41.82 -31.11
N SER B 708 51.38 40.75 -30.33
CA SER B 708 51.66 39.41 -30.82
C SER B 708 50.38 38.70 -31.22
N ILE B 709 50.37 38.13 -32.43
CA ILE B 709 49.31 37.25 -32.88
C ILE B 709 49.93 35.95 -33.36
N ALA B 710 49.14 34.89 -33.36
CA ALA B 710 49.59 33.55 -33.74
C ALA B 710 48.64 32.99 -34.78
N ILE B 711 48.91 33.24 -36.05
CA ILE B 711 48.10 32.73 -37.15
C ILE B 711 48.65 31.35 -37.54
N PRO B 712 47.85 30.30 -37.46
CA PRO B 712 48.35 28.96 -37.82
C PRO B 712 48.71 28.88 -39.29
N THR B 713 49.75 28.11 -39.59
CA THR B 713 50.20 27.90 -40.96
C THR B 713 49.82 26.52 -41.49
N ASN B 714 49.13 25.71 -40.70
CA ASN B 714 48.79 24.36 -41.10
C ASN B 714 47.62 23.88 -40.26
N PHE B 715 46.90 22.89 -40.78
CA PHE B 715 45.66 22.45 -40.15
C PHE B 715 45.62 20.94 -39.95
N THR B 716 44.47 20.43 -39.56
CA THR B 716 44.29 19.00 -39.33
C THR B 716 42.82 18.67 -39.52
N ILE B 717 42.50 17.81 -40.48
CA ILE B 717 41.12 17.39 -40.74
C ILE B 717 40.86 16.21 -39.82
N SER B 718 40.46 16.51 -38.59
CA SER B 718 40.24 15.49 -37.58
C SER B 718 38.77 15.07 -37.57
N VAL B 719 38.53 13.76 -37.55
CA VAL B 719 37.18 13.22 -37.53
C VAL B 719 36.87 12.80 -36.10
N THR B 720 35.82 13.38 -35.53
CA THR B 720 35.39 13.08 -34.17
C THR B 720 34.14 12.20 -34.21
N THR B 721 34.16 11.13 -33.44
CA THR B 721 33.04 10.19 -33.37
C THR B 721 32.14 10.58 -32.20
N GLU B 722 30.86 10.77 -32.48
CA GLU B 722 29.87 11.12 -31.47
C GLU B 722 28.77 10.08 -31.47
N ILE B 723 28.49 9.51 -30.30
CA ILE B 723 27.50 8.46 -30.14
C ILE B 723 26.31 9.02 -29.39
N LEU B 724 25.12 8.85 -29.95
CA LEU B 724 23.89 9.33 -29.33
C LEU B 724 22.82 8.25 -29.35
N PRO B 725 22.23 7.90 -28.21
CA PRO B 725 21.04 7.06 -28.23
C PRO B 725 19.90 7.76 -28.95
N VAL B 726 19.10 6.98 -29.69
CA VAL B 726 18.03 7.55 -30.48
C VAL B 726 16.72 6.91 -30.07
N SER B 727 16.78 5.67 -29.59
CA SER B 727 15.58 4.96 -29.18
C SER B 727 15.98 3.92 -28.14
N MET B 728 14.97 3.42 -27.44
CA MET B 728 15.15 2.40 -26.43
C MET B 728 14.28 1.19 -26.79
N THR B 729 14.50 0.09 -26.08
CA THR B 729 13.81 -1.15 -26.40
C THR B 729 12.30 -0.97 -26.32
N LYS B 730 11.60 -1.41 -27.35
CA LYS B 730 10.17 -1.15 -27.51
C LYS B 730 9.35 -2.24 -26.82
N THR B 731 9.51 -2.32 -25.50
CA THR B 731 8.84 -3.33 -24.72
C THR B 731 7.42 -2.90 -24.37
N SER B 732 6.62 -3.87 -23.94
CA SER B 732 5.27 -3.62 -23.46
C SER B 732 4.92 -4.72 -22.46
N VAL B 733 4.17 -4.35 -21.43
CA VAL B 733 3.79 -5.28 -20.37
C VAL B 733 2.27 -5.32 -20.29
N ASP B 734 1.71 -6.52 -20.39
CA ASP B 734 0.28 -6.72 -20.15
C ASP B 734 0.06 -6.78 -18.65
N CYS B 735 -0.61 -5.76 -18.11
CA CYS B 735 -0.70 -5.62 -16.66
C CYS B 735 -1.40 -6.81 -16.02
N THR B 736 -2.49 -7.28 -16.64
CA THR B 736 -3.23 -8.40 -16.06
C THR B 736 -2.37 -9.66 -16.01
N MET B 737 -1.62 -9.94 -17.07
CA MET B 737 -0.76 -11.11 -17.08
C MET B 737 0.37 -10.98 -16.06
N TYR B 738 0.96 -9.79 -15.94
CA TYR B 738 2.05 -9.62 -15.00
C TYR B 738 1.58 -9.78 -13.57
N ILE B 739 0.53 -9.05 -13.19
CA ILE B 739 0.01 -9.15 -11.82
C ILE B 739 -0.55 -10.54 -11.56
N CYS B 740 -1.31 -11.08 -12.51
CA CYS B 740 -2.12 -12.26 -12.29
C CYS B 740 -1.76 -13.32 -13.32
N GLY B 741 -1.58 -14.55 -12.86
CA GLY B 741 -1.25 -15.63 -13.76
C GLY B 741 -2.47 -16.15 -14.51
N ASP B 742 -2.58 -17.47 -14.62
CA ASP B 742 -3.76 -18.07 -15.23
C ASP B 742 -5.00 -17.97 -14.34
N SER B 743 -4.82 -17.60 -13.08
CA SER B 743 -5.94 -17.53 -12.14
C SER B 743 -6.88 -16.37 -12.49
N THR B 744 -8.16 -16.57 -12.20
CA THR B 744 -9.17 -15.53 -12.40
C THR B 744 -9.53 -14.81 -11.11
N GLU B 745 -9.29 -15.42 -9.94
CA GLU B 745 -9.56 -14.74 -8.68
C GLU B 745 -8.67 -13.50 -8.54
N CYS B 746 -7.40 -13.63 -8.94
CA CYS B 746 -6.51 -12.47 -8.93
C CYS B 746 -7.02 -11.39 -9.87
N SER B 747 -7.49 -11.78 -11.06
CA SER B 747 -8.06 -10.81 -11.99
C SER B 747 -9.31 -10.16 -11.41
N ASN B 748 -10.15 -10.95 -10.74
CA ASN B 748 -11.36 -10.40 -10.15
C ASN B 748 -11.02 -9.37 -9.08
N LEU B 749 -10.00 -9.64 -8.26
CA LEU B 749 -9.55 -8.66 -7.28
C LEU B 749 -8.88 -7.47 -7.95
N LEU B 750 -8.30 -7.66 -9.13
CA LEU B 750 -7.64 -6.55 -9.81
C LEU B 750 -8.65 -5.58 -10.41
N LEU B 751 -9.77 -6.09 -10.91
CA LEU B 751 -10.79 -5.22 -11.49
C LEU B 751 -11.32 -4.20 -10.48
N GLN B 752 -11.29 -4.53 -9.19
CA GLN B 752 -11.85 -3.62 -8.20
C GLN B 752 -10.90 -2.49 -7.86
N TYR B 753 -9.62 -2.58 -8.24
CA TYR B 753 -8.70 -1.47 -7.98
C TYR B 753 -8.95 -0.30 -8.92
N GLY B 754 -9.46 -0.56 -10.13
CA GLY B 754 -9.80 0.48 -11.07
C GLY B 754 -9.02 0.34 -12.37
N SER B 755 -8.59 1.48 -12.91
CA SER B 755 -7.93 1.55 -14.21
C SER B 755 -6.43 1.79 -14.09
N PHE B 756 -5.79 1.22 -13.06
CA PHE B 756 -4.33 1.30 -12.97
C PHE B 756 -3.68 0.57 -14.14
N CYS B 757 -4.16 -0.64 -14.44
CA CYS B 757 -3.55 -1.43 -15.51
C CYS B 757 -3.73 -0.75 -16.86
N THR B 758 -4.91 -0.15 -17.10
CA THR B 758 -5.13 0.58 -18.35
C THR B 758 -4.16 1.75 -18.46
N GLN B 759 -3.95 2.48 -17.36
CA GLN B 759 -3.01 3.60 -17.39
C GLN B 759 -1.60 3.12 -17.68
N LEU B 760 -1.18 2.01 -17.06
CA LEU B 760 0.17 1.50 -17.30
C LEU B 760 0.34 1.06 -18.76
N ASN B 761 -0.66 0.35 -19.29
CA ASN B 761 -0.58 -0.08 -20.70
C ASN B 761 -0.57 1.12 -21.64
N ARG B 762 -1.37 2.15 -21.34
CA ARG B 762 -1.37 3.35 -22.17
C ARG B 762 -0.02 4.05 -22.13
N ALA B 763 0.59 4.13 -20.95
CA ALA B 763 1.92 4.75 -20.85
C ALA B 763 2.95 3.97 -21.64
N LEU B 764 2.92 2.64 -21.54
CA LEU B 764 3.90 1.83 -22.28
C LEU B 764 3.68 1.94 -23.79
N THR B 765 2.42 1.97 -24.24
CA THR B 765 2.15 2.15 -25.65
C THR B 765 2.60 3.53 -26.13
N GLY B 766 2.39 4.56 -25.31
CA GLY B 766 2.90 5.87 -25.65
C GLY B 766 4.42 5.89 -25.76
N ILE B 767 5.10 5.17 -24.87
CA ILE B 767 6.56 5.07 -24.95
C ILE B 767 6.97 4.38 -26.25
N ALA B 768 6.27 3.31 -26.62
CA ALA B 768 6.60 2.60 -27.86
C ALA B 768 6.43 3.49 -29.08
N VAL B 769 5.28 4.18 -29.16
CA VAL B 769 5.06 5.10 -30.27
C VAL B 769 6.08 6.23 -30.25
N GLU B 770 6.50 6.66 -29.06
CA GLU B 770 7.54 7.67 -28.96
C GLU B 770 8.86 7.18 -29.52
N GLN B 771 9.21 5.92 -29.26
CA GLN B 771 10.45 5.37 -29.82
C GLN B 771 10.39 5.31 -31.34
N ASP B 772 9.24 4.88 -31.88
CA ASP B 772 9.09 4.89 -33.33
C ASP B 772 9.21 6.29 -33.90
N LYS B 773 8.60 7.27 -33.22
CA LYS B 773 8.69 8.65 -33.67
C LYS B 773 10.11 9.18 -33.56
N ASN B 774 10.85 8.77 -32.54
CA ASN B 774 12.24 9.18 -32.39
C ASN B 774 13.07 8.68 -33.56
N THR B 775 12.92 7.39 -33.90
CA THR B 775 13.68 6.85 -35.02
C THR B 775 13.29 7.54 -36.33
N GLN B 776 11.98 7.74 -36.55
CA GLN B 776 11.53 8.38 -37.79
C GLN B 776 11.88 9.85 -37.84
N GLU B 777 12.13 10.48 -36.70
CA GLU B 777 12.51 11.89 -36.69
C GLU B 777 14.01 12.06 -36.86
N VAL B 778 14.80 11.11 -36.37
CA VAL B 778 16.25 11.20 -36.53
C VAL B 778 16.65 10.81 -37.95
N PHE B 779 16.20 9.64 -38.41
CA PHE B 779 16.76 9.08 -39.63
C PHE B 779 16.01 9.48 -40.90
N ALA B 780 14.74 9.82 -40.81
CA ALA B 780 13.94 10.13 -41.99
C ALA B 780 13.94 11.62 -42.33
N GLN B 781 15.04 12.33 -42.04
CA GLN B 781 15.15 13.72 -42.48
C GLN B 781 15.06 13.81 -43.99
N VAL B 782 15.63 12.85 -44.70
CA VAL B 782 15.59 12.82 -46.16
C VAL B 782 14.21 12.36 -46.61
N LYS B 783 13.78 12.89 -47.75
CA LYS B 783 12.50 12.54 -48.33
C LYS B 783 12.60 11.59 -49.51
N GLN B 784 13.75 11.56 -50.19
CA GLN B 784 13.94 10.77 -51.40
C GLN B 784 15.24 10.00 -51.25
N ILE B 785 15.20 8.69 -51.48
CA ILE B 785 16.38 7.85 -51.29
C ILE B 785 17.39 8.16 -52.38
N TYR B 786 18.62 8.45 -51.97
CA TYR B 786 19.70 8.80 -52.89
C TYR B 786 20.68 7.64 -53.01
N LYS B 787 21.33 7.56 -54.17
CA LYS B 787 22.29 6.51 -54.45
C LYS B 787 23.62 7.12 -54.86
N THR B 788 24.70 6.56 -54.32
CA THR B 788 26.04 6.98 -54.70
C THR B 788 26.34 6.50 -56.12
N PRO B 789 27.01 7.33 -56.93
CA PRO B 789 27.30 6.91 -58.30
C PRO B 789 28.17 5.66 -58.30
N PRO B 790 28.09 4.86 -59.36
CA PRO B 790 28.86 3.59 -59.38
C PRO B 790 30.35 3.78 -59.26
N ILE B 791 30.90 4.85 -59.80
CA ILE B 791 32.33 5.13 -59.72
C ILE B 791 32.55 6.23 -58.68
N LYS B 792 33.34 5.92 -57.66
CA LYS B 792 33.59 6.87 -56.56
C LYS B 792 34.82 7.70 -56.92
N ASP B 793 34.61 8.67 -57.81
CA ASP B 793 35.65 9.60 -58.22
C ASP B 793 35.39 10.92 -57.48
N PHE B 794 35.86 10.97 -56.23
CA PHE B 794 35.60 12.11 -55.36
C PHE B 794 36.86 12.95 -55.12
N GLY B 795 37.77 12.96 -56.08
CA GLY B 795 38.96 13.78 -55.96
C GLY B 795 39.94 13.33 -54.91
N GLY B 796 39.93 12.06 -54.53
CA GLY B 796 40.82 11.51 -53.53
C GLY B 796 40.16 11.14 -52.23
N PHE B 797 39.02 11.78 -51.95
CA PHE B 797 38.27 11.58 -50.69
C PHE B 797 37.63 10.19 -50.72
N ASN B 798 37.91 9.37 -49.70
CA ASN B 798 37.46 7.95 -49.70
C ASN B 798 36.37 7.78 -48.65
N PHE B 799 35.28 7.12 -49.03
CA PHE B 799 34.07 7.00 -48.19
C PHE B 799 33.68 5.53 -48.10
N SER B 800 34.55 4.65 -48.60
CA SER B 800 34.27 3.22 -48.60
C SER B 800 34.00 2.69 -47.20
N GLN B 801 34.50 3.38 -46.17
CA GLN B 801 34.26 2.97 -44.80
C GLN B 801 32.85 3.34 -44.35
N ILE B 802 32.27 4.40 -44.91
CA ILE B 802 30.93 4.83 -44.52
C ILE B 802 29.86 4.50 -45.55
N LEU B 803 30.24 4.31 -46.81
CA LEU B 803 29.25 3.91 -47.80
C LEU B 803 28.93 2.42 -47.65
N PRO B 804 27.74 2.00 -48.04
CA PRO B 804 27.36 0.59 -47.88
C PRO B 804 28.26 -0.34 -48.67
N ASP B 805 28.49 -1.53 -48.12
CA ASP B 805 29.31 -2.54 -48.77
C ASP B 805 28.40 -3.57 -49.41
N PRO B 806 28.37 -3.67 -50.75
CA PRO B 806 27.43 -4.60 -51.39
C PRO B 806 27.77 -6.07 -51.18
N SER B 807 29.00 -6.39 -50.76
CA SER B 807 29.39 -7.79 -50.66
C SER B 807 28.61 -8.51 -49.58
N LYS B 808 28.56 -7.96 -48.38
CA LYS B 808 27.89 -8.59 -47.27
C LYS B 808 26.37 -8.55 -47.46
N PRO B 809 25.64 -9.48 -46.82
CA PRO B 809 24.19 -9.55 -47.08
C PRO B 809 23.44 -8.27 -46.75
N SER B 810 23.61 -7.73 -45.54
CA SER B 810 22.99 -6.48 -45.15
C SER B 810 23.90 -5.33 -45.57
N LYS B 811 23.34 -4.37 -46.30
CA LYS B 811 24.15 -3.31 -46.91
C LYS B 811 24.56 -2.26 -45.88
N ARG B 812 25.24 -2.74 -44.84
CA ARG B 812 25.78 -1.86 -43.81
C ARG B 812 27.25 -1.58 -44.10
N SER B 813 27.66 -0.35 -43.83
CA SER B 813 29.01 0.08 -44.12
C SER B 813 30.01 -0.61 -43.20
N PRO B 814 31.30 -0.63 -43.56
CA PRO B 814 32.30 -1.25 -42.67
C PRO B 814 32.31 -0.68 -41.27
N ILE B 815 32.12 0.63 -41.09
CA ILE B 815 32.00 1.19 -39.75
C ILE B 815 30.75 0.65 -39.07
N GLU B 816 29.63 0.64 -39.79
CA GLU B 816 28.38 0.17 -39.22
C GLU B 816 28.45 -1.30 -38.84
N ASP B 817 29.26 -2.09 -39.55
CA ASP B 817 29.37 -3.51 -39.23
C ASP B 817 29.86 -3.72 -37.81
N LEU B 818 30.98 -3.10 -37.45
CA LEU B 818 31.47 -3.26 -36.09
C LEU B 818 30.71 -2.38 -35.10
N LEU B 819 30.02 -1.34 -35.56
CA LEU B 819 29.12 -0.63 -34.66
C LEU B 819 28.01 -1.55 -34.17
N PHE B 820 27.47 -2.37 -35.06
CA PHE B 820 26.47 -3.35 -34.67
C PHE B 820 27.08 -4.54 -33.94
N ASN B 821 28.31 -4.92 -34.30
CA ASN B 821 28.97 -6.04 -33.63
C ASN B 821 29.28 -5.72 -32.18
N LYS B 822 29.74 -4.50 -31.90
CA LYS B 822 30.19 -4.17 -30.55
C LYS B 822 29.05 -4.22 -29.54
N VAL B 823 27.88 -3.70 -29.90
CA VAL B 823 26.75 -3.67 -28.98
C VAL B 823 26.10 -5.04 -28.94
N THR B 824 25.98 -5.60 -27.74
CA THR B 824 25.39 -6.92 -27.57
C THR B 824 24.08 -6.84 -26.78
N LYS B 851 11.02 -14.57 -21.51
CA LYS B 851 10.15 -13.90 -20.55
C LYS B 851 8.73 -13.80 -21.09
N PHE B 852 7.82 -14.55 -20.47
CA PHE B 852 6.41 -14.53 -20.86
C PHE B 852 5.50 -14.31 -19.67
N ASN B 853 5.86 -13.36 -18.81
CA ASN B 853 5.03 -12.93 -17.69
C ASN B 853 4.17 -11.73 -18.03
N GLY B 854 3.68 -11.66 -19.28
CA GLY B 854 3.11 -10.44 -19.80
C GLY B 854 4.10 -9.55 -20.50
N LEU B 855 5.38 -9.93 -20.51
CA LEU B 855 6.43 -9.11 -21.11
C LEU B 855 6.55 -9.44 -22.58
N THR B 856 6.36 -8.44 -23.43
CA THR B 856 6.55 -8.58 -24.86
C THR B 856 7.40 -7.43 -25.37
N VAL B 857 8.21 -7.72 -26.38
CA VAL B 857 9.10 -6.73 -26.98
C VAL B 857 8.60 -6.48 -28.40
N LEU B 858 7.91 -5.37 -28.60
CA LEU B 858 7.40 -5.04 -29.92
C LEU B 858 8.56 -4.77 -30.86
N PRO B 859 8.53 -5.31 -32.08
CA PRO B 859 9.61 -5.03 -33.03
C PRO B 859 9.59 -3.58 -33.48
N PRO B 860 10.75 -2.96 -33.67
CA PRO B 860 10.77 -1.59 -34.18
C PRO B 860 10.18 -1.53 -35.58
N LEU B 861 9.48 -0.42 -35.86
CA LEU B 861 8.85 -0.26 -37.16
C LEU B 861 9.90 -0.15 -38.27
N LEU B 862 10.97 0.59 -38.02
CA LEU B 862 12.05 0.76 -38.98
C LEU B 862 13.09 -0.33 -38.74
N THR B 863 13.20 -1.28 -39.66
CA THR B 863 14.17 -2.34 -39.49
C THR B 863 15.59 -1.82 -39.69
N ASP B 864 16.56 -2.61 -39.25
CA ASP B 864 17.96 -2.17 -39.28
C ASP B 864 18.45 -1.98 -40.71
N GLU B 865 18.02 -2.85 -41.64
CA GLU B 865 18.31 -2.63 -43.05
C GLU B 865 17.67 -1.33 -43.54
N MET B 866 16.46 -1.04 -43.06
CA MET B 866 15.75 0.15 -43.48
C MET B 866 16.38 1.41 -42.90
N ILE B 867 16.80 1.36 -41.64
CA ILE B 867 17.53 2.48 -41.04
C ILE B 867 18.86 2.68 -41.75
N ALA B 868 19.51 1.58 -42.13
CA ALA B 868 20.74 1.70 -42.91
C ALA B 868 20.48 2.29 -44.29
N GLN B 869 19.29 2.05 -44.86
CA GLN B 869 18.97 2.67 -46.14
C GLN B 869 18.75 4.17 -45.99
N TYR B 870 18.06 4.59 -44.92
CA TYR B 870 18.02 6.02 -44.59
C TYR B 870 19.42 6.61 -44.45
N THR B 871 20.29 5.92 -43.71
CA THR B 871 21.65 6.43 -43.49
C THR B 871 22.41 6.54 -44.81
N SER B 872 22.25 5.54 -45.68
CA SER B 872 22.93 5.56 -46.98
C SER B 872 22.38 6.68 -47.85
N ALA B 873 21.07 6.93 -47.80
CA ALA B 873 20.51 8.04 -48.56
C ALA B 873 21.06 9.38 -48.07
N LEU B 874 21.14 9.55 -46.76
CA LEU B 874 21.72 10.77 -46.20
C LEU B 874 23.18 10.92 -46.60
N LEU B 875 23.94 9.83 -46.55
CA LEU B 875 25.35 9.88 -46.94
C LEU B 875 25.51 10.22 -48.41
N ALA B 876 24.70 9.62 -49.28
CA ALA B 876 24.79 9.90 -50.71
C ALA B 876 24.40 11.34 -51.02
N GLY B 877 23.34 11.84 -50.37
CA GLY B 877 22.99 13.24 -50.54
C GLY B 877 24.09 14.18 -50.08
N THR B 878 24.69 13.87 -48.92
CA THR B 878 25.78 14.71 -48.42
C THR B 878 26.97 14.69 -49.35
N ILE B 879 27.31 13.52 -49.89
CA ILE B 879 28.50 13.39 -50.73
C ILE B 879 28.29 14.08 -52.07
N THR B 880 27.14 13.85 -52.70
CA THR B 880 26.95 14.32 -54.08
C THR B 880 26.42 15.75 -54.12
N SER B 881 25.41 16.07 -53.30
CA SER B 881 24.76 17.37 -53.35
C SER B 881 25.29 18.36 -52.32
N GLY B 882 25.63 17.88 -51.12
CA GLY B 882 26.11 18.76 -50.07
C GLY B 882 25.01 19.03 -49.06
N TRP B 883 24.83 20.32 -48.72
CA TRP B 883 23.71 20.71 -47.89
C TRP B 883 22.44 21.00 -48.69
N THR B 884 22.54 20.98 -50.02
CA THR B 884 21.40 21.35 -50.86
C THR B 884 20.29 20.32 -50.83
N PHE B 885 20.56 19.11 -50.37
CA PHE B 885 19.53 18.07 -50.36
C PHE B 885 18.60 18.17 -49.16
N GLY B 886 18.86 19.08 -48.24
CA GLY B 886 17.98 19.27 -47.10
C GLY B 886 17.16 20.55 -47.18
N ALA B 887 17.44 21.37 -48.19
CA ALA B 887 16.76 22.64 -48.38
C ALA B 887 16.01 22.71 -49.70
N GLY B 888 15.66 21.56 -50.26
CA GLY B 888 14.94 21.51 -51.52
C GLY B 888 15.42 20.37 -52.40
N PRO B 889 15.58 20.65 -53.70
CA PRO B 889 16.10 19.63 -54.61
C PRO B 889 17.60 19.44 -54.44
N ALA B 890 18.02 18.19 -54.41
CA ALA B 890 19.45 17.89 -54.33
C ALA B 890 20.14 18.32 -55.61
N LEU B 891 21.18 19.15 -55.47
CA LEU B 891 21.90 19.71 -56.60
C LEU B 891 23.30 19.14 -56.60
N GLN B 892 23.67 18.44 -57.66
CA GLN B 892 24.98 17.80 -57.71
C GLN B 892 26.09 18.84 -57.73
N ILE B 893 27.20 18.49 -57.08
CA ILE B 893 28.38 19.34 -57.04
C ILE B 893 29.58 18.44 -56.72
N PRO B 894 30.71 18.61 -57.39
CA PRO B 894 31.88 17.77 -57.08
C PRO B 894 32.30 17.94 -55.63
N PHE B 895 32.67 16.82 -55.00
CA PHE B 895 33.10 16.87 -53.61
C PHE B 895 34.29 17.79 -53.37
N PRO B 896 35.31 17.85 -54.24
CA PRO B 896 36.35 18.87 -54.03
C PRO B 896 35.81 20.29 -54.04
N MET B 897 34.61 20.52 -54.59
CA MET B 897 33.99 21.84 -54.49
C MET B 897 33.06 21.96 -53.29
N GLN B 898 32.41 20.87 -52.86
CA GLN B 898 31.62 20.93 -51.65
C GLN B 898 32.50 21.17 -50.43
N MET B 899 33.65 20.52 -50.37
CA MET B 899 34.54 20.77 -49.24
C MET B 899 35.10 22.19 -49.28
N ALA B 900 35.24 22.76 -50.48
CA ALA B 900 35.63 24.17 -50.58
C ALA B 900 34.53 25.08 -50.07
N TYR B 901 33.27 24.75 -50.38
CA TYR B 901 32.14 25.42 -49.75
C TYR B 901 32.28 25.40 -48.23
N ARG B 902 32.56 24.21 -47.69
CA ARG B 902 32.61 24.06 -46.24
C ARG B 902 33.81 24.79 -45.64
N PHE B 903 34.92 24.91 -46.39
CA PHE B 903 36.01 25.77 -45.95
C PHE B 903 35.60 27.23 -45.91
N ASN B 904 34.91 27.70 -46.96
CA ASN B 904 34.40 29.07 -46.93
C ASN B 904 33.43 29.25 -45.77
N GLY B 905 32.78 28.19 -45.33
CA GLY B 905 31.85 28.27 -44.22
C GLY B 905 32.50 28.41 -42.86
N ILE B 906 33.83 28.33 -42.78
CA ILE B 906 34.55 28.52 -41.52
C ILE B 906 35.58 29.64 -41.63
N GLY B 907 35.43 30.52 -42.62
CA GLY B 907 36.33 31.65 -42.75
C GLY B 907 37.65 31.35 -43.39
N VAL B 908 37.85 30.14 -43.90
CA VAL B 908 39.07 29.75 -44.60
C VAL B 908 38.77 29.78 -46.09
N THR B 909 39.53 30.58 -46.83
CA THR B 909 39.29 30.72 -48.26
C THR B 909 39.43 29.37 -48.95
N GLN B 910 38.62 29.17 -49.99
CA GLN B 910 38.64 27.94 -50.77
C GLN B 910 39.96 27.75 -51.50
N ASN B 911 40.77 28.80 -51.58
CA ASN B 911 42.14 28.68 -52.07
C ASN B 911 42.88 27.55 -51.36
N VAL B 912 42.66 27.40 -50.06
CA VAL B 912 43.45 26.49 -49.25
C VAL B 912 43.31 25.06 -49.75
N LEU B 913 42.08 24.63 -50.02
CA LEU B 913 41.87 23.25 -50.46
C LEU B 913 42.42 23.00 -51.85
N TYR B 914 42.09 23.85 -52.81
CA TYR B 914 42.57 23.65 -54.16
C TYR B 914 44.09 23.76 -54.25
N GLU B 915 44.72 24.38 -53.26
CA GLU B 915 46.17 24.31 -53.17
C GLU B 915 46.65 23.05 -52.46
N ASN B 916 45.82 22.43 -51.62
CA ASN B 916 46.21 21.27 -50.84
C ASN B 916 45.14 20.18 -50.94
N GLN B 917 44.65 19.91 -52.14
CA GLN B 917 43.56 18.94 -52.30
C GLN B 917 44.01 17.53 -51.92
N LYS B 918 45.17 17.10 -52.44
CA LYS B 918 45.65 15.76 -52.14
C LYS B 918 45.94 15.58 -50.66
N LEU B 919 46.56 16.57 -50.03
CA LEU B 919 46.89 16.47 -48.62
C LEU B 919 45.63 16.38 -47.77
N ILE B 920 44.63 17.19 -48.05
CA ILE B 920 43.39 17.17 -47.28
C ILE B 920 42.65 15.87 -47.51
N ALA B 921 42.64 15.38 -48.75
CA ALA B 921 42.00 14.08 -49.02
C ALA B 921 42.69 12.97 -48.25
N ASN B 922 44.02 12.96 -48.22
CA ASN B 922 44.76 11.95 -47.47
C ASN B 922 44.47 12.06 -45.98
N GLN B 923 44.42 13.28 -45.45
CA GLN B 923 44.12 13.46 -44.03
C GLN B 923 42.72 12.96 -43.70
N PHE B 924 41.75 13.24 -44.57
CA PHE B 924 40.38 12.77 -44.37
C PHE B 924 40.31 11.25 -44.36
N ASN B 925 40.97 10.62 -45.35
CA ASN B 925 40.98 9.17 -45.42
C ASN B 925 41.66 8.56 -44.20
N SER B 926 42.80 9.11 -43.79
CA SER B 926 43.53 8.57 -42.65
C SER B 926 42.74 8.77 -41.35
N ALA B 927 42.03 9.90 -41.23
CA ALA B 927 41.19 10.11 -40.05
C ALA B 927 40.07 9.09 -39.98
N ILE B 928 39.42 8.81 -41.13
CA ILE B 928 38.37 7.81 -41.12
C ILE B 928 38.94 6.42 -40.80
N GLY B 929 40.13 6.11 -41.33
CA GLY B 929 40.77 4.85 -41.00
C GLY B 929 41.11 4.74 -39.54
N LYS B 930 41.57 5.84 -38.92
CA LYS B 930 41.85 5.84 -37.49
C LYS B 930 40.57 5.67 -36.68
N ILE B 931 39.46 6.25 -37.14
CA ILE B 931 38.18 5.98 -36.49
C ILE B 931 37.83 4.51 -36.58
N GLN B 932 38.03 3.92 -37.76
CA GLN B 932 37.82 2.48 -37.93
C GLN B 932 38.62 1.68 -36.90
N ASP B 933 39.92 1.96 -36.80
CA ASP B 933 40.79 1.21 -35.91
C ASP B 933 40.42 1.43 -34.45
N SER B 934 40.14 2.68 -34.06
CA SER B 934 39.82 2.96 -32.66
C SER B 934 38.51 2.31 -32.25
N LEU B 935 37.51 2.36 -33.13
CA LEU B 935 36.24 1.67 -32.83
C LEU B 935 36.44 0.17 -32.76
N SER B 936 37.26 -0.39 -33.66
CA SER B 936 37.47 -1.85 -33.65
C SER B 936 38.20 -2.30 -32.39
N SER B 937 39.20 -1.53 -31.96
CA SER B 937 40.05 -1.97 -30.85
C SER B 937 39.41 -1.71 -29.50
N THR B 938 39.13 -0.44 -29.20
CA THR B 938 38.60 -0.08 -27.88
C THR B 938 37.19 -0.62 -27.72
N PRO B 939 36.90 -1.40 -26.68
CA PRO B 939 35.55 -1.96 -26.52
C PRO B 939 34.54 -1.00 -25.88
N SER B 940 35.00 -0.01 -25.12
CA SER B 940 34.12 0.92 -24.43
C SER B 940 33.76 2.13 -25.28
N ALA B 941 33.85 2.02 -26.61
CA ALA B 941 33.55 3.15 -27.47
C ALA B 941 32.06 3.47 -27.48
N LEU B 942 31.22 2.44 -27.63
CA LEU B 942 29.78 2.63 -27.73
C LEU B 942 29.13 2.60 -26.35
N GLY B 943 29.69 3.42 -25.46
CA GLY B 943 29.27 3.38 -24.06
C GLY B 943 27.84 3.83 -23.85
N LYS B 944 27.40 4.85 -24.58
CA LYS B 944 26.05 5.36 -24.39
C LYS B 944 25.00 4.34 -24.78
N LEU B 945 25.14 3.75 -25.98
CA LEU B 945 24.20 2.73 -26.42
C LEU B 945 24.25 1.50 -25.52
N GLN B 946 25.46 1.08 -25.14
CA GLN B 946 25.57 -0.09 -24.27
C GLN B 946 24.91 0.17 -22.92
N ASP B 947 25.09 1.38 -22.38
CA ASP B 947 24.47 1.74 -21.11
C ASP B 947 22.95 1.78 -21.22
N VAL B 948 22.42 2.31 -22.32
CA VAL B 948 20.97 2.35 -22.49
C VAL B 948 20.40 0.93 -22.56
N VAL B 949 21.04 0.07 -23.36
CA VAL B 949 20.56 -1.31 -23.51
C VAL B 949 20.65 -2.04 -22.17
N ASN B 950 21.77 -1.87 -21.46
CA ASN B 950 21.95 -2.54 -20.19
C ASN B 950 20.94 -2.04 -19.15
N GLN B 951 20.67 -0.74 -19.15
CA GLN B 951 19.68 -0.20 -18.22
C GLN B 951 18.30 -0.78 -18.48
N ASN B 952 17.90 -0.83 -19.76
CA ASN B 952 16.59 -1.39 -20.07
C ASN B 952 16.51 -2.87 -19.71
N ALA B 953 17.55 -3.64 -20.04
CA ALA B 953 17.56 -5.07 -19.74
C ALA B 953 17.55 -5.31 -18.23
N GLN B 954 18.30 -4.49 -17.48
CA GLN B 954 18.35 -4.64 -16.04
C GLN B 954 17.02 -4.26 -15.39
N ALA B 955 16.36 -3.22 -15.90
CA ALA B 955 15.03 -2.89 -15.41
C ALA B 955 14.05 -4.02 -15.67
N LEU B 956 14.11 -4.62 -16.87
CA LEU B 956 13.25 -5.75 -17.17
C LEU B 956 13.54 -6.93 -16.25
N ASN B 957 14.82 -7.21 -16.01
CA ASN B 957 15.18 -8.32 -15.14
C ASN B 957 14.71 -8.08 -13.71
N THR B 958 14.84 -6.85 -13.22
CA THR B 958 14.35 -6.54 -11.88
C THR B 958 12.82 -6.70 -11.82
N LEU B 959 12.12 -6.23 -12.85
CA LEU B 959 10.67 -6.38 -12.87
C LEU B 959 10.27 -7.84 -12.86
N VAL B 960 10.99 -8.68 -13.60
CA VAL B 960 10.67 -10.11 -13.62
C VAL B 960 10.99 -10.76 -12.28
N LYS B 961 12.14 -10.41 -11.69
CA LYS B 961 12.51 -10.97 -10.40
C LYS B 961 11.59 -10.53 -9.28
N GLN B 962 10.88 -9.42 -9.47
CA GLN B 962 9.95 -8.96 -8.43
C GLN B 962 8.81 -9.94 -8.19
N LEU B 963 8.56 -10.87 -9.13
CA LEU B 963 7.52 -11.87 -8.92
C LEU B 963 7.90 -12.87 -7.84
N SER B 964 9.19 -13.06 -7.57
CA SER B 964 9.64 -14.03 -6.59
C SER B 964 9.64 -13.49 -5.17
N SER B 965 9.27 -12.23 -4.97
CA SER B 965 9.24 -11.63 -3.65
C SER B 965 7.88 -11.82 -3.01
N ASN B 966 7.87 -12.11 -1.71
CA ASN B 966 6.62 -12.41 -1.01
C ASN B 966 5.72 -11.20 -0.89
N PHE B 967 6.30 -10.01 -0.75
CA PHE B 967 5.55 -8.77 -0.54
C PHE B 967 4.70 -8.82 0.72
N GLY B 968 5.09 -9.66 1.68
CA GLY B 968 4.35 -9.86 2.90
C GLY B 968 3.39 -11.05 2.87
N ALA B 969 3.04 -11.53 1.69
CA ALA B 969 2.24 -12.73 1.59
C ALA B 969 3.06 -13.95 1.98
N ILE B 970 2.39 -14.96 2.55
CA ILE B 970 3.10 -16.13 3.03
C ILE B 970 3.60 -17.01 1.88
N SER B 971 3.22 -16.70 0.65
CA SER B 971 3.70 -17.42 -0.52
C SER B 971 3.98 -16.45 -1.66
N SER B 972 5.12 -16.61 -2.32
CA SER B 972 5.49 -15.77 -3.44
C SER B 972 4.94 -16.26 -4.77
N VAL B 973 4.35 -17.46 -4.80
CA VAL B 973 3.73 -18.01 -5.99
C VAL B 973 2.22 -18.03 -5.79
N LEU B 974 1.48 -17.50 -6.76
CA LEU B 974 0.05 -17.30 -6.60
C LEU B 974 -0.75 -18.59 -6.67
N ASN B 975 -0.22 -19.62 -7.34
CA ASN B 975 -0.95 -20.88 -7.47
C ASN B 975 -0.92 -21.72 -6.19
N ASP B 976 0.03 -21.48 -5.30
CA ASP B 976 0.09 -22.22 -4.04
C ASP B 976 -0.76 -21.60 -2.95
N ILE B 977 -0.83 -20.27 -2.91
CA ILE B 977 -1.67 -19.59 -1.91
C ILE B 977 -3.15 -19.85 -2.14
N LEU B 978 -3.56 -20.06 -3.39
CA LEU B 978 -4.96 -20.41 -3.67
C LEU B 978 -5.27 -21.87 -3.41
N SER B 979 -4.25 -22.72 -3.35
CA SER B 979 -4.48 -24.15 -3.11
C SER B 979 -4.43 -24.48 -1.62
N ARG B 980 -3.35 -24.06 -0.95
CA ARG B 980 -3.19 -24.43 0.46
C ARG B 980 -4.11 -23.63 1.37
N LEU B 981 -4.53 -22.45 0.93
CA LEU B 981 -5.41 -21.58 1.71
C LEU B 981 -6.77 -21.51 1.06
N ASP B 982 -7.81 -21.45 1.89
CA ASP B 982 -9.17 -21.30 1.39
C ASP B 982 -9.36 -19.91 0.78
N PRO B 983 -10.21 -19.79 -0.23
CA PRO B 983 -10.37 -18.50 -0.94
C PRO B 983 -10.71 -17.34 -0.01
N PRO B 984 -11.63 -17.50 0.96
CA PRO B 984 -11.94 -16.35 1.82
C PRO B 984 -10.74 -15.83 2.59
N GLU B 985 -9.83 -16.71 3.01
CA GLU B 985 -8.62 -16.26 3.69
C GLU B 985 -7.49 -15.98 2.71
N ALA B 986 -7.48 -16.67 1.56
CA ALA B 986 -6.44 -16.43 0.57
C ALA B 986 -6.62 -15.10 -0.15
N GLU B 987 -7.81 -14.50 -0.03
CA GLU B 987 -8.05 -13.22 -0.71
C GLU B 987 -7.16 -12.11 -0.16
N VAL B 988 -6.91 -12.09 1.15
CA VAL B 988 -6.04 -11.05 1.70
C VAL B 988 -4.60 -11.24 1.24
N GLN B 989 -4.15 -12.48 1.11
CA GLN B 989 -2.81 -12.73 0.60
C GLN B 989 -2.70 -12.35 -0.87
N ILE B 990 -3.74 -12.63 -1.65
CA ILE B 990 -3.79 -12.16 -3.03
C ILE B 990 -3.75 -10.64 -3.08
N ASP B 991 -4.42 -9.99 -2.13
CA ASP B 991 -4.37 -8.53 -2.06
C ASP B 991 -2.96 -8.03 -1.78
N ARG B 992 -2.25 -8.68 -0.86
CA ARG B 992 -0.86 -8.31 -0.62
C ARG B 992 -0.01 -8.48 -1.87
N LEU B 993 -0.18 -9.61 -2.55
CA LEU B 993 0.61 -9.88 -3.76
C LEU B 993 0.31 -8.87 -4.85
N ILE B 994 -0.98 -8.54 -5.06
CA ILE B 994 -1.33 -7.59 -6.11
C ILE B 994 -0.85 -6.20 -5.75
N THR B 995 -0.90 -5.82 -4.47
CA THR B 995 -0.37 -4.52 -4.07
C THR B 995 1.12 -4.44 -4.36
N GLY B 996 1.87 -5.49 -4.01
CA GLY B 996 3.30 -5.49 -4.28
C GLY B 996 3.62 -5.45 -5.77
N ARG B 997 2.93 -6.27 -6.55
CA ARG B 997 3.22 -6.32 -7.98
C ARG B 997 2.78 -5.06 -8.70
N LEU B 998 1.68 -4.44 -8.25
CA LEU B 998 1.25 -3.17 -8.81
C LEU B 998 2.24 -2.07 -8.46
N GLN B 999 2.79 -2.08 -7.25
CA GLN B 999 3.84 -1.13 -6.91
C GLN B 999 5.06 -1.35 -7.80
N SER B 1000 5.41 -2.61 -8.05
CA SER B 1000 6.53 -2.90 -8.95
C SER B 1000 6.28 -2.38 -10.35
N LEU B 1001 5.07 -2.60 -10.88
CA LEU B 1001 4.74 -2.11 -12.21
C LEU B 1001 4.74 -0.59 -12.27
N GLN B 1002 4.21 0.08 -11.25
CA GLN B 1002 4.22 1.54 -11.26
C GLN B 1002 5.63 2.07 -11.18
N THR B 1003 6.50 1.45 -10.37
CA THR B 1003 7.89 1.85 -10.32
C THR B 1003 8.57 1.65 -11.68
N TYR B 1004 8.33 0.49 -12.31
CA TYR B 1004 8.93 0.23 -13.61
C TYR B 1004 8.44 1.22 -14.66
N VAL B 1005 7.15 1.54 -14.65
CA VAL B 1005 6.59 2.45 -15.64
C VAL B 1005 7.10 3.87 -15.41
N THR B 1006 7.24 4.29 -14.16
CA THR B 1006 7.80 5.60 -13.88
C THR B 1006 9.26 5.69 -14.33
N GLN B 1007 10.05 4.66 -14.03
CA GLN B 1007 11.43 4.62 -14.48
C GLN B 1007 11.50 4.63 -16.00
N GLN B 1008 10.62 3.88 -16.66
CA GLN B 1008 10.60 3.83 -18.11
C GLN B 1008 10.19 5.17 -18.70
N LEU B 1009 9.28 5.88 -18.05
CA LEU B 1009 8.87 7.20 -18.55
C LEU B 1009 9.99 8.22 -18.40
N ILE B 1010 10.71 8.19 -17.27
CA ILE B 1010 11.85 9.09 -17.12
C ILE B 1010 12.94 8.75 -18.14
N ARG B 1011 13.23 7.45 -18.31
CA ARG B 1011 14.23 7.05 -19.29
C ARG B 1011 13.80 7.41 -20.70
N ALA B 1012 12.50 7.31 -20.99
CA ALA B 1012 11.99 7.67 -22.31
C ALA B 1012 12.05 9.17 -22.54
N ALA B 1013 11.84 9.97 -21.49
CA ALA B 1013 12.05 11.41 -21.61
C ALA B 1013 13.51 11.73 -21.92
N GLU B 1014 14.43 11.07 -21.22
CA GLU B 1014 15.84 11.27 -21.49
C GLU B 1014 16.21 10.83 -22.91
N ILE B 1015 15.67 9.70 -23.35
CA ILE B 1015 15.93 9.20 -24.70
C ILE B 1015 15.31 10.10 -25.73
N ARG B 1016 14.14 10.69 -25.44
CA ARG B 1016 13.52 11.63 -26.37
C ARG B 1016 14.34 12.90 -26.49
N ALA B 1017 14.90 13.37 -25.37
CA ALA B 1017 15.82 14.50 -25.43
C ALA B 1017 17.04 14.17 -26.28
N SER B 1018 17.59 12.97 -26.10
CA SER B 1018 18.76 12.56 -26.88
C SER B 1018 18.40 12.41 -28.36
N ALA B 1019 17.19 11.93 -28.66
CA ALA B 1019 16.77 11.77 -30.04
C ALA B 1019 16.50 13.11 -30.70
N ASN B 1020 15.95 14.06 -29.94
CA ASN B 1020 15.80 15.42 -30.45
C ASN B 1020 17.16 16.04 -30.74
N LEU B 1021 18.13 15.80 -29.85
CA LEU B 1021 19.49 16.29 -30.10
C LEU B 1021 20.10 15.63 -31.32
N ALA B 1022 19.85 14.32 -31.51
CA ALA B 1022 20.36 13.62 -32.67
C ALA B 1022 19.73 14.15 -33.96
N ALA B 1023 18.42 14.41 -33.93
CA ALA B 1023 17.75 14.99 -35.09
C ALA B 1023 18.30 16.38 -35.39
N THR B 1024 18.54 17.18 -34.34
CA THR B 1024 19.12 18.50 -34.55
C THR B 1024 20.52 18.42 -35.14
N LYS B 1025 21.33 17.47 -34.65
CA LYS B 1025 22.68 17.31 -35.18
C LYS B 1025 22.65 16.84 -36.62
N MET B 1026 21.76 15.91 -36.95
CA MET B 1026 21.59 15.51 -38.35
C MET B 1026 21.23 16.69 -39.21
N SER B 1027 20.22 17.47 -38.79
CA SER B 1027 19.75 18.59 -39.59
C SER B 1027 20.85 19.63 -39.79
N GLU B 1028 21.58 19.98 -38.73
CA GLU B 1028 22.50 21.09 -38.78
C GLU B 1028 23.92 20.69 -39.19
N CYS B 1029 24.23 19.42 -39.26
CA CYS B 1029 25.59 19.04 -39.60
C CYS B 1029 25.66 18.03 -40.73
N VAL B 1030 24.72 17.09 -40.82
CA VAL B 1030 24.64 16.25 -42.00
C VAL B 1030 24.01 17.01 -43.16
N LEU B 1031 22.94 17.74 -42.89
CA LEU B 1031 22.21 18.47 -43.93
C LEU B 1031 22.71 19.90 -44.09
N GLY B 1032 23.75 20.29 -43.38
CA GLY B 1032 24.30 21.63 -43.48
C GLY B 1032 25.58 21.72 -42.70
N GLN B 1033 26.16 22.92 -42.69
CA GLN B 1033 27.35 23.20 -41.90
C GLN B 1033 26.96 24.14 -40.76
N SER B 1034 27.15 23.69 -39.53
CA SER B 1034 26.71 24.43 -38.35
C SER B 1034 27.86 25.27 -37.82
N LYS B 1035 27.59 26.56 -37.59
CA LYS B 1035 28.56 27.46 -36.98
C LYS B 1035 28.50 27.46 -35.46
N ARG B 1036 27.60 26.67 -34.87
CA ARG B 1036 27.59 26.52 -33.43
C ARG B 1036 28.90 25.89 -32.97
N VAL B 1037 29.53 26.50 -31.97
CA VAL B 1037 30.85 26.06 -31.53
C VAL B 1037 30.71 24.79 -30.70
N ASP B 1038 31.52 23.78 -31.02
CA ASP B 1038 31.57 22.51 -30.32
C ASP B 1038 30.24 21.76 -30.37
N PHE B 1039 29.34 22.13 -31.27
CA PHE B 1039 28.09 21.39 -31.40
C PHE B 1039 28.31 20.08 -32.14
N CYS B 1040 29.04 20.12 -33.26
CA CYS B 1040 29.40 18.93 -34.01
C CYS B 1040 30.91 18.88 -34.14
N GLY B 1041 31.55 18.24 -33.15
CA GLY B 1041 32.99 18.07 -33.17
C GLY B 1041 33.76 19.24 -32.57
N LYS B 1042 34.95 18.95 -32.05
CA LYS B 1042 35.81 19.99 -31.48
C LYS B 1042 36.61 20.61 -32.61
N GLY B 1043 36.27 21.85 -32.96
CA GLY B 1043 36.94 22.58 -34.01
C GLY B 1043 35.95 23.20 -34.96
N TYR B 1044 36.49 23.86 -35.98
CA TYR B 1044 35.67 24.47 -37.03
C TYR B 1044 35.02 23.35 -37.82
N HIS B 1045 33.72 23.15 -37.59
CA HIS B 1045 33.02 22.01 -38.15
C HIS B 1045 32.99 22.07 -39.68
N LEU B 1046 33.16 20.91 -40.31
CA LEU B 1046 33.09 20.80 -41.76
C LEU B 1046 31.90 19.99 -42.21
N MET B 1047 31.77 18.73 -41.78
CA MET B 1047 30.61 17.90 -42.11
C MET B 1047 30.33 16.95 -40.95
N SER B 1048 29.48 15.98 -41.24
CA SER B 1048 29.16 14.92 -40.29
C SER B 1048 28.48 13.79 -41.06
N PHE B 1049 28.93 12.57 -40.84
CA PHE B 1049 28.41 11.41 -41.58
C PHE B 1049 27.66 10.50 -40.62
N PRO B 1050 26.34 10.40 -40.73
CA PRO B 1050 25.60 9.52 -39.82
C PRO B 1050 25.97 8.06 -40.06
N GLN B 1051 25.97 7.30 -38.97
CA GLN B 1051 26.13 5.86 -39.05
C GLN B 1051 25.10 5.23 -38.12
N SER B 1052 24.34 4.28 -38.64
CA SER B 1052 23.34 3.61 -37.82
C SER B 1052 24.03 2.79 -36.74
N ALA B 1053 23.28 2.50 -35.68
CA ALA B 1053 23.78 1.73 -34.56
C ALA B 1053 22.59 1.14 -33.83
N PRO B 1054 22.81 0.08 -33.04
CA PRO B 1054 21.68 -0.50 -32.29
C PRO B 1054 21.10 0.49 -31.29
N HIS B 1055 19.86 0.93 -31.55
CA HIS B 1055 19.16 1.87 -30.69
C HIS B 1055 19.94 3.17 -30.52
N GLY B 1056 20.41 3.72 -31.64
CA GLY B 1056 21.14 4.97 -31.59
C GLY B 1056 21.73 5.30 -32.95
N VAL B 1057 22.54 6.35 -32.96
CA VAL B 1057 23.20 6.82 -34.17
C VAL B 1057 24.60 7.29 -33.80
N VAL B 1058 25.52 7.22 -34.76
CA VAL B 1058 26.90 7.63 -34.58
C VAL B 1058 27.24 8.65 -35.64
N PHE B 1059 27.79 9.79 -35.22
CA PHE B 1059 28.16 10.87 -36.12
C PHE B 1059 29.67 10.93 -36.23
N LEU B 1060 30.18 10.97 -37.46
CA LEU B 1060 31.62 11.13 -37.71
C LEU B 1060 31.86 12.60 -38.05
N HIS B 1061 31.91 13.43 -37.01
CA HIS B 1061 32.03 14.88 -37.19
C HIS B 1061 33.40 15.21 -37.77
N VAL B 1062 33.42 15.58 -39.04
CA VAL B 1062 34.65 16.03 -39.69
C VAL B 1062 34.85 17.50 -39.37
N THR B 1063 35.97 17.82 -38.70
CA THR B 1063 36.24 19.15 -38.22
C THR B 1063 37.59 19.62 -38.72
N TYR B 1064 37.74 20.95 -38.78
CA TYR B 1064 38.99 21.59 -39.18
C TYR B 1064 39.70 22.09 -37.93
N VAL B 1065 40.88 21.57 -37.66
CA VAL B 1065 41.65 21.95 -36.48
C VAL B 1065 43.00 22.51 -36.93
N PRO B 1066 43.28 23.78 -36.68
CA PRO B 1066 44.61 24.33 -36.99
C PRO B 1066 45.68 23.63 -36.15
N ALA B 1067 46.87 23.50 -36.73
CA ALA B 1067 47.92 22.71 -36.12
C ALA B 1067 49.17 23.50 -35.77
N GLN B 1068 49.77 24.19 -36.72
CA GLN B 1068 51.10 24.79 -36.55
C GLN B 1068 50.97 26.31 -36.52
N GLU B 1069 50.98 26.88 -35.32
CA GLU B 1069 50.90 28.32 -35.14
C GLU B 1069 52.29 28.94 -35.22
N LYS B 1070 52.31 30.25 -35.49
CA LYS B 1070 53.55 30.99 -35.60
C LYS B 1070 53.32 32.40 -35.09
N ASN B 1071 54.23 32.88 -34.23
CA ASN B 1071 54.10 34.21 -33.67
C ASN B 1071 54.29 35.28 -34.75
N PHE B 1072 53.54 36.37 -34.63
CA PHE B 1072 53.67 37.49 -35.54
C PHE B 1072 53.37 38.78 -34.80
N THR B 1073 53.87 39.89 -35.35
CA THR B 1073 53.61 41.22 -34.84
C THR B 1073 52.44 41.83 -35.62
N THR B 1074 51.42 42.27 -34.92
CA THR B 1074 50.19 42.73 -35.55
C THR B 1074 49.82 44.12 -35.05
N ALA B 1075 49.08 44.85 -35.88
CA ALA B 1075 48.60 46.17 -35.54
C ALA B 1075 47.19 46.38 -36.08
N PRO B 1076 46.29 46.98 -35.31
CA PRO B 1076 44.92 47.16 -35.77
C PRO B 1076 44.74 47.85 -37.11
N ALA B 1077 45.55 48.86 -37.41
CA ALA B 1077 45.39 49.63 -38.63
C ALA B 1077 46.75 49.85 -39.27
N ILE B 1078 46.74 50.58 -40.39
CA ILE B 1078 47.95 50.89 -41.15
C ILE B 1078 47.85 52.34 -41.60
N CYS B 1079 48.74 53.18 -41.09
CA CYS B 1079 48.75 54.60 -41.44
C CYS B 1079 49.54 54.80 -42.72
N HIS B 1080 48.84 55.05 -43.83
CA HIS B 1080 49.47 55.38 -45.09
C HIS B 1080 48.82 56.63 -45.66
N ASP B 1081 49.65 57.54 -46.18
CA ASP B 1081 49.18 58.79 -46.78
C ASP B 1081 48.34 59.60 -45.79
N GLY B 1082 48.68 59.49 -44.50
CA GLY B 1082 47.95 60.21 -43.48
C GLY B 1082 46.50 59.77 -43.31
N LYS B 1083 46.24 58.48 -43.45
CA LYS B 1083 44.90 57.95 -43.25
C LYS B 1083 44.99 56.49 -42.84
N ALA B 1084 44.11 56.09 -41.92
CA ALA B 1084 44.14 54.72 -41.42
C ALA B 1084 43.64 53.76 -42.48
N HIS B 1085 44.22 52.56 -42.50
CA HIS B 1085 43.80 51.49 -43.39
C HIS B 1085 43.50 50.25 -42.55
N PHE B 1086 42.34 49.67 -42.76
CA PHE B 1086 41.91 48.49 -42.04
C PHE B 1086 41.71 47.33 -43.01
N PRO B 1087 42.00 46.10 -42.61
CA PRO B 1087 41.88 44.97 -43.55
C PRO B 1087 40.42 44.65 -43.84
N ARG B 1088 40.09 44.54 -45.13
CA ARG B 1088 38.73 44.19 -45.52
C ARG B 1088 38.34 42.82 -44.97
N GLU B 1089 39.22 41.83 -45.16
CA GLU B 1089 39.12 40.55 -44.47
C GLU B 1089 40.53 40.03 -44.28
N GLY B 1090 40.90 39.75 -43.03
CA GLY B 1090 42.25 39.36 -42.73
C GLY B 1090 42.84 40.13 -41.56
N VAL B 1091 44.13 39.89 -41.29
CA VAL B 1091 44.83 40.50 -40.16
C VAL B 1091 46.14 41.06 -40.65
N PHE B 1092 46.46 42.28 -40.23
CA PHE B 1092 47.78 42.84 -40.53
C PHE B 1092 48.82 42.11 -39.69
N VAL B 1093 49.83 41.55 -40.35
CA VAL B 1093 50.91 40.85 -39.67
C VAL B 1093 52.23 41.22 -40.34
N SER B 1094 53.31 40.96 -39.62
CA SER B 1094 54.65 41.25 -40.12
C SER B 1094 55.60 40.14 -39.72
N ASN B 1095 56.47 39.76 -40.65
CA ASN B 1095 57.55 38.82 -40.35
C ASN B 1095 58.81 39.55 -39.90
N GLY B 1096 58.66 40.43 -38.95
CA GLY B 1096 59.76 41.24 -38.45
C GLY B 1096 59.94 42.58 -39.14
N THR B 1097 60.07 42.58 -40.47
CA THR B 1097 60.36 43.79 -41.22
C THR B 1097 59.24 44.21 -42.16
N HIS B 1098 58.69 43.29 -42.94
CA HIS B 1098 57.67 43.61 -43.93
C HIS B 1098 56.29 43.27 -43.39
N TRP B 1099 55.32 44.13 -43.72
CA TRP B 1099 53.96 43.99 -43.22
C TRP B 1099 53.07 43.32 -44.27
N PHE B 1100 52.26 42.38 -43.81
CA PHE B 1100 51.37 41.62 -44.68
C PHE B 1100 50.00 41.50 -44.03
N VAL B 1101 48.98 41.33 -44.88
CA VAL B 1101 47.61 41.06 -44.43
C VAL B 1101 47.33 39.58 -44.66
N THR B 1102 46.78 38.92 -43.65
CA THR B 1102 46.62 37.47 -43.66
C THR B 1102 45.26 37.10 -43.11
N GLN B 1103 44.60 36.14 -43.75
CA GLN B 1103 43.33 35.63 -43.26
C GLN B 1103 43.49 35.07 -41.85
N ARG B 1104 42.37 34.96 -41.15
CA ARG B 1104 42.40 34.78 -39.70
C ARG B 1104 42.67 33.33 -39.28
N ASN B 1105 42.63 32.37 -40.20
CA ASN B 1105 42.70 30.96 -39.82
C ASN B 1105 43.76 30.18 -40.59
N PHE B 1106 44.56 30.83 -41.43
CA PHE B 1106 45.57 30.14 -42.21
C PHE B 1106 46.59 31.17 -42.68
N TYR B 1107 47.85 30.98 -42.33
CA TYR B 1107 48.86 31.98 -42.64
C TYR B 1107 49.10 32.01 -44.13
N GLU B 1108 48.53 33.02 -44.81
CA GLU B 1108 48.76 33.28 -46.22
C GLU B 1108 49.09 34.76 -46.36
N PRO B 1109 50.36 35.14 -46.23
CA PRO B 1109 50.71 36.56 -46.32
C PRO B 1109 50.36 37.14 -47.68
N GLN B 1110 49.84 38.36 -47.65
CA GLN B 1110 49.48 39.08 -48.86
C GLN B 1110 50.06 40.49 -48.81
N ILE B 1111 50.64 40.93 -49.93
CA ILE B 1111 51.22 42.27 -49.99
C ILE B 1111 50.10 43.29 -49.80
N ILE B 1112 50.43 44.37 -49.10
CA ILE B 1112 49.39 45.31 -48.67
C ILE B 1112 48.91 46.11 -49.86
N THR B 1113 47.60 46.17 -50.04
CA THR B 1113 47.01 46.79 -51.23
C THR B 1113 45.67 47.39 -50.85
N THR B 1114 45.21 48.33 -51.68
CA THR B 1114 43.92 48.97 -51.44
C THR B 1114 42.75 48.03 -51.73
N ASP B 1115 42.97 46.94 -52.47
CA ASP B 1115 41.89 46.02 -52.77
C ASP B 1115 41.40 45.32 -51.50
N ASN B 1116 42.31 44.93 -50.62
CA ASN B 1116 41.97 44.20 -49.41
C ASN B 1116 42.07 45.05 -48.14
N THR B 1117 42.17 46.38 -48.28
CA THR B 1117 42.14 47.30 -47.16
C THR B 1117 41.17 48.43 -47.47
N PHE B 1118 40.45 48.89 -46.45
CA PHE B 1118 39.52 50.01 -46.60
C PHE B 1118 39.91 51.14 -45.66
N VAL B 1119 40.00 52.35 -46.21
CA VAL B 1119 40.35 53.52 -45.42
C VAL B 1119 39.17 53.96 -44.57
N SER B 1120 39.44 54.32 -43.32
CA SER B 1120 38.37 54.64 -42.38
C SER B 1120 38.74 55.80 -41.47
N GLY B 1121 39.31 56.87 -42.05
CA GLY B 1121 39.59 58.09 -41.32
C GLY B 1121 41.07 58.42 -41.33
N ASN B 1122 41.55 58.97 -40.21
CA ASN B 1122 42.94 59.38 -40.07
C ASN B 1122 43.60 58.58 -38.95
N CYS B 1123 44.92 58.74 -38.83
CA CYS B 1123 45.73 57.92 -37.95
C CYS B 1123 45.75 58.38 -36.50
N ASP B 1124 45.20 59.55 -36.20
CA ASP B 1124 45.29 60.08 -34.85
C ASP B 1124 44.41 59.30 -33.87
N VAL B 1125 43.22 58.91 -34.30
CA VAL B 1125 42.25 58.31 -33.39
C VAL B 1125 42.69 56.91 -32.96
N VAL B 1126 43.25 56.14 -33.89
CA VAL B 1126 43.52 54.73 -33.63
C VAL B 1126 44.66 54.59 -32.63
N ILE B 1127 44.45 53.76 -31.61
CA ILE B 1127 45.47 53.46 -30.61
C ILE B 1127 46.08 52.13 -31.00
N GLY B 1128 47.26 52.19 -31.63
CA GLY B 1128 47.94 50.99 -32.10
C GLY B 1128 48.28 51.01 -33.58
N ILE B 1129 48.02 52.10 -34.30
CA ILE B 1129 48.33 52.17 -35.71
C ILE B 1129 49.85 52.17 -35.90
N VAL B 1130 50.30 51.65 -37.04
CA VAL B 1130 51.72 51.59 -37.37
C VAL B 1130 51.92 52.16 -38.76
N ASN B 1131 53.02 52.89 -38.94
CA ASN B 1131 53.35 53.42 -40.25
C ASN B 1131 53.71 52.30 -41.21
N ASN B 1132 53.26 52.43 -42.44
CA ASN B 1132 53.54 51.45 -43.49
C ASN B 1132 53.15 52.07 -44.82
N THR B 1133 53.34 51.29 -45.88
CA THR B 1133 52.93 51.68 -47.22
C THR B 1133 51.85 50.73 -47.73
N VAL B 1134 50.96 51.27 -48.55
CA VAL B 1134 49.89 50.49 -49.17
C VAL B 1134 50.07 50.59 -50.68
N TYR B 1135 50.26 49.45 -51.32
CA TYR B 1135 50.49 49.42 -52.76
C TYR B 1135 49.23 49.84 -53.51
N ASP B 1136 49.40 50.65 -54.55
CA ASP B 1136 48.30 51.12 -55.36
C ASP B 1136 48.33 50.39 -56.70
N PRO B 1137 47.35 49.54 -57.01
CA PRO B 1137 47.43 48.74 -58.24
C PRO B 1137 47.45 49.57 -59.51
N LEU B 1138 46.79 50.73 -59.54
CA LEU B 1138 46.56 51.45 -60.79
C LEU B 1138 47.73 52.33 -61.19
N GLN B 1139 48.54 52.77 -60.22
CA GLN B 1139 49.65 53.67 -60.51
C GLN B 1139 50.64 53.11 -61.52
N PRO B 1140 51.07 51.84 -61.44
CA PRO B 1140 51.97 51.33 -62.49
C PRO B 1140 51.39 51.38 -63.89
N GLU B 1141 50.09 51.13 -64.05
CA GLU B 1141 49.49 51.31 -65.38
C GLU B 1141 49.41 52.77 -65.77
N LEU B 1142 49.32 53.68 -64.79
CA LEU B 1142 49.40 55.10 -65.14
C LEU B 1142 50.74 55.44 -65.79
N ASP B 1143 51.83 54.90 -65.25
CA ASP B 1143 53.15 55.19 -65.81
C ASP B 1143 53.31 54.59 -67.20
N SER B 1144 52.91 53.33 -67.36
CA SER B 1144 53.05 52.64 -68.65
C SER B 1144 51.73 52.60 -69.41
N PRO C 26 -17.59 45.20 34.80
CA PRO C 26 -16.36 44.59 34.27
C PRO C 26 -15.64 45.50 33.27
N ALA C 27 -14.31 45.36 33.20
CA ALA C 27 -13.50 46.14 32.27
C ALA C 27 -12.72 45.20 31.37
N TYR C 28 -12.26 45.74 30.24
CA TYR C 28 -11.54 44.96 29.25
C TYR C 28 -10.34 45.74 28.74
N THR C 29 -9.31 45.01 28.34
CA THR C 29 -8.09 45.59 27.77
C THR C 29 -7.62 44.64 26.67
N ASN C 30 -6.56 45.02 25.96
CA ASN C 30 -6.03 44.24 24.85
C ASN C 30 -4.82 43.44 25.33
N SER C 31 -4.72 42.20 24.86
CA SER C 31 -3.55 41.37 25.20
C SER C 31 -2.28 41.98 24.65
N PHE C 32 -2.31 42.44 23.38
CA PHE C 32 -1.19 43.11 22.75
C PHE C 32 0.06 42.23 22.73
N THR C 33 -0.08 41.03 22.17
CA THR C 33 1.01 40.06 22.03
C THR C 33 1.67 39.77 23.38
N ARG C 34 0.87 39.32 24.35
CA ARG C 34 1.36 38.98 25.67
C ARG C 34 0.80 37.64 26.11
N GLY C 35 1.49 37.00 27.05
CA GLY C 35 1.06 35.74 27.61
C GLY C 35 1.66 34.51 26.95
N VAL C 36 2.60 34.67 26.02
CA VAL C 36 3.20 33.52 25.37
C VAL C 36 4.30 32.95 26.26
N TYR C 37 4.29 31.63 26.44
CA TYR C 37 5.20 30.94 27.32
C TYR C 37 5.96 29.88 26.53
N TYR C 38 7.06 29.41 27.13
CA TYR C 38 7.84 28.34 26.51
C TYR C 38 7.02 27.06 26.54
N PRO C 39 6.61 26.52 25.39
CA PRO C 39 5.74 25.33 25.40
C PRO C 39 6.38 24.11 26.05
N ASP C 40 7.69 23.95 25.93
CA ASP C 40 8.38 22.79 26.47
C ASP C 40 9.78 23.19 26.92
N LYS C 41 10.54 22.20 27.36
CA LYS C 41 11.91 22.40 27.80
C LYS C 41 12.94 22.24 26.69
N VAL C 42 12.48 22.10 25.44
CA VAL C 42 13.40 21.93 24.32
C VAL C 42 14.12 23.23 24.03
N PHE C 43 15.41 23.15 23.74
CA PHE C 43 16.23 24.29 23.36
C PHE C 43 16.34 24.34 21.85
N ARG C 44 16.07 25.51 21.27
CA ARG C 44 16.22 25.74 19.84
C ARG C 44 16.92 27.08 19.62
N SER C 45 17.82 27.11 18.64
CA SER C 45 18.59 28.30 18.33
C SER C 45 18.36 28.70 16.88
N SER C 46 17.92 29.94 16.67
CA SER C 46 17.62 30.46 15.34
C SER C 46 16.63 29.56 14.60
N VAL C 47 15.61 29.11 15.33
CA VAL C 47 14.60 28.20 14.80
C VAL C 47 13.23 28.83 14.96
N LEU C 48 12.47 28.88 13.87
CA LEU C 48 11.08 29.30 13.91
C LEU C 48 10.21 28.06 14.02
N HIS C 49 9.79 27.73 15.24
CA HIS C 49 9.08 26.50 15.53
C HIS C 49 7.59 26.78 15.67
N SER C 50 6.80 26.05 14.90
CA SER C 50 5.34 26.17 14.95
C SER C 50 4.77 25.09 15.85
N THR C 51 4.15 25.49 16.94
CA THR C 51 3.59 24.56 17.92
C THR C 51 2.11 24.89 18.15
N GLN C 52 1.29 23.85 18.25
CA GLN C 52 -0.13 24.00 18.57
C GLN C 52 -0.30 23.72 20.06
N ASP C 53 -0.62 24.76 20.83
CA ASP C 53 -0.71 24.63 22.27
C ASP C 53 -1.66 25.70 22.79
N LEU C 54 -2.13 25.48 24.02
CA LEU C 54 -2.99 26.45 24.67
C LEU C 54 -2.24 27.77 24.86
N PHE C 55 -2.69 28.81 24.16
CA PHE C 55 -2.03 30.10 24.18
C PHE C 55 -3.08 31.20 24.36
N LEU C 56 -2.63 32.35 24.83
CA LEU C 56 -3.47 33.52 24.86
C LEU C 56 -3.50 34.15 23.47
N PRO C 57 -4.67 34.24 22.83
CA PRO C 57 -4.71 34.80 21.47
C PRO C 57 -4.22 36.25 21.46
N PHE C 58 -3.52 36.61 20.40
CA PHE C 58 -2.99 37.96 20.28
C PHE C 58 -4.12 38.98 20.16
N PHE C 59 -3.94 40.12 20.81
CA PHE C 59 -4.90 41.22 20.79
C PHE C 59 -6.29 40.75 21.25
N SER C 60 -6.30 39.86 22.23
CA SER C 60 -7.55 39.39 22.82
C SER C 60 -8.00 40.36 23.92
N ASN C 61 -9.21 40.15 24.43
CA ASN C 61 -9.77 40.96 25.48
C ASN C 61 -9.48 40.30 26.84
N VAL C 62 -8.67 40.97 27.66
CA VAL C 62 -8.34 40.49 28.99
C VAL C 62 -9.14 41.27 30.01
N THR C 63 -9.91 40.56 30.84
CA THR C 63 -10.72 41.21 31.85
C THR C 63 -9.84 41.83 32.93
N TRP C 64 -10.14 43.09 33.27
CA TRP C 64 -9.41 43.82 34.30
C TRP C 64 -10.32 43.99 35.51
N PHE C 65 -9.84 43.56 36.67
CA PHE C 65 -10.63 43.58 37.90
C PHE C 65 -9.95 44.44 38.95
N HIS C 66 -10.73 45.24 39.64
CA HIS C 66 -10.30 45.92 40.87
C HIS C 66 -10.96 45.19 42.03
N ALA C 67 -10.20 44.30 42.69
CA ALA C 67 -10.78 43.45 43.72
C ALA C 67 -11.30 44.26 44.90
N ILE C 68 -10.51 45.22 45.36
CA ILE C 68 -10.88 46.09 46.48
C ILE C 68 -10.81 47.54 46.02
N HIS C 69 -11.92 48.25 46.16
CA HIS C 69 -12.00 49.67 45.81
C HIS C 69 -12.35 50.45 47.07
N VAL C 70 -11.48 51.38 47.45
CA VAL C 70 -11.65 52.20 48.65
C VAL C 70 -11.62 53.65 48.23
N SER C 71 -12.61 54.42 48.69
CA SER C 71 -12.68 55.84 48.39
C SER C 71 -12.03 56.67 49.48
N ASN C 74 -16.23 57.92 50.91
CA ASN C 74 -14.93 57.98 51.58
C ASN C 74 -14.74 56.80 52.52
N GLY C 75 -13.69 56.02 52.27
CA GLY C 75 -13.42 54.86 53.10
C GLY C 75 -14.49 53.79 53.02
N THR C 76 -15.00 53.52 51.82
CA THR C 76 -16.04 52.52 51.62
C THR C 76 -15.41 51.23 51.09
N LYS C 77 -15.76 50.11 51.71
CA LYS C 77 -15.22 48.81 51.33
C LYS C 77 -16.13 48.18 50.28
N ARG C 78 -15.59 47.97 49.08
CA ARG C 78 -16.28 47.30 48.00
C ARG C 78 -15.48 46.06 47.61
N PHE C 79 -16.06 44.88 47.82
CA PHE C 79 -15.39 43.62 47.58
C PHE C 79 -15.91 43.04 46.27
N ASP C 80 -15.03 42.94 45.27
CA ASP C 80 -15.34 42.30 44.00
C ASP C 80 -14.19 41.34 43.66
N ASN C 81 -14.25 40.13 44.18
CA ASN C 81 -13.27 39.08 43.90
C ASN C 81 -14.04 38.00 43.17
N PRO C 82 -14.29 38.18 41.88
CA PRO C 82 -15.32 37.40 41.19
C PRO C 82 -14.98 35.93 41.10
N VAL C 83 -16.02 35.13 40.82
CA VAL C 83 -15.89 33.68 40.69
C VAL C 83 -15.37 33.34 39.29
N LEU C 84 -14.07 33.46 39.08
CA LEU C 84 -13.51 33.30 37.75
C LEU C 84 -13.40 31.83 37.38
N PRO C 85 -13.93 31.41 36.23
CA PRO C 85 -13.71 30.03 35.79
C PRO C 85 -12.26 29.82 35.35
N PHE C 86 -11.79 28.57 35.45
CA PHE C 86 -10.45 28.26 34.98
C PHE C 86 -10.43 27.92 33.50
N ASN C 87 -11.37 27.08 33.06
CA ASN C 87 -11.49 26.64 31.66
C ASN C 87 -10.17 25.97 31.27
N ASP C 88 -9.64 26.25 30.07
CA ASP C 88 -8.40 25.63 29.64
C ASP C 88 -7.21 26.18 30.42
N GLY C 89 -7.15 27.50 30.58
CA GLY C 89 -6.05 28.12 31.29
C GLY C 89 -6.37 29.55 31.62
N VAL C 90 -5.52 30.15 32.45
CA VAL C 90 -5.68 31.53 32.91
C VAL C 90 -4.34 32.24 32.77
N TYR C 91 -4.36 33.41 32.15
CA TYR C 91 -3.20 34.30 32.13
C TYR C 91 -3.45 35.43 33.12
N PHE C 92 -2.68 35.45 34.20
CA PHE C 92 -2.84 36.42 35.28
C PHE C 92 -1.72 37.44 35.19
N ALA C 93 -2.08 38.72 35.19
CA ALA C 93 -1.12 39.80 35.11
C ALA C 93 -1.44 40.85 36.17
N SER C 94 -0.43 41.30 36.90
CA SER C 94 -0.59 42.27 37.97
C SER C 94 0.51 43.32 37.88
N THR C 95 0.17 44.57 38.18
CA THR C 95 1.13 45.66 38.22
C THR C 95 1.27 46.25 39.62
N GLU C 96 0.68 45.63 40.63
CA GLU C 96 0.73 46.17 41.98
C GLU C 96 2.14 46.10 42.54
N LYS C 97 2.60 47.23 43.09
CA LYS C 97 3.92 47.32 43.71
C LYS C 97 3.90 47.17 45.22
N SER C 98 2.71 47.16 45.83
CA SER C 98 2.58 47.03 47.28
C SER C 98 2.38 45.59 47.73
N ASN C 99 2.44 44.63 46.82
CA ASN C 99 2.24 43.21 47.13
C ASN C 99 0.89 42.97 47.79
N ILE C 100 -0.14 43.64 47.27
CA ILE C 100 -1.49 43.44 47.79
C ILE C 100 -1.98 42.03 47.46
N ILE C 101 -1.65 41.54 46.26
CA ILE C 101 -2.03 40.20 45.84
C ILE C 101 -1.04 39.24 46.49
N ARG C 102 -1.57 38.31 47.30
CA ARG C 102 -0.71 37.43 48.08
C ARG C 102 -0.58 36.05 47.44
N GLY C 103 -1.63 35.60 46.76
CA GLY C 103 -1.58 34.30 46.13
C GLY C 103 -2.79 34.05 45.26
N TRP C 104 -3.16 32.78 45.13
CA TRP C 104 -4.33 32.39 44.36
C TRP C 104 -5.01 31.22 45.06
N ILE C 105 -6.23 30.91 44.61
CA ILE C 105 -6.96 29.73 45.05
C ILE C 105 -7.50 29.01 43.82
N PHE C 106 -7.33 27.69 43.77
CA PHE C 106 -7.80 26.88 42.65
C PHE C 106 -8.61 25.71 43.19
N GLY C 107 -9.75 25.44 42.58
CA GLY C 107 -10.55 24.29 42.96
C GLY C 107 -11.72 24.08 42.04
N THR C 108 -12.21 22.84 42.00
CA THR C 108 -13.40 22.54 41.21
C THR C 108 -14.64 23.22 41.80
N THR C 109 -14.80 23.13 43.12
CA THR C 109 -15.92 23.73 43.82
C THR C 109 -15.49 24.56 45.02
N LEU C 110 -14.29 24.33 45.55
CA LEU C 110 -13.77 24.99 46.74
C LEU C 110 -14.65 24.72 47.96
N ASP C 111 -15.04 23.45 48.11
CA ASP C 111 -15.75 22.97 49.29
C ASP C 111 -15.01 21.77 49.85
N SER C 112 -15.42 21.31 51.03
CA SER C 112 -14.71 20.20 51.67
C SER C 112 -14.91 18.90 50.89
N LYS C 113 -15.96 18.81 50.08
CA LYS C 113 -16.22 17.60 49.32
C LYS C 113 -15.17 17.38 48.22
N THR C 114 -14.73 18.47 47.59
CA THR C 114 -13.84 18.39 46.44
C THR C 114 -12.44 18.88 46.80
N GLN C 115 -11.43 18.22 46.25
CA GLN C 115 -10.05 18.65 46.46
C GLN C 115 -9.81 20.00 45.79
N SER C 116 -8.98 20.82 46.42
CA SER C 116 -8.71 22.17 45.94
C SER C 116 -7.23 22.47 46.07
N LEU C 117 -6.79 23.48 45.32
CA LEU C 117 -5.41 23.92 45.28
C LEU C 117 -5.30 25.28 45.93
N LEU C 118 -4.25 25.50 46.71
CA LEU C 118 -4.03 26.75 47.42
C LEU C 118 -2.58 27.18 47.25
N ILE C 119 -2.38 28.48 47.02
CA ILE C 119 -1.05 29.07 46.94
C ILE C 119 -1.04 30.33 47.78
N VAL C 120 -0.15 30.38 48.77
CA VAL C 120 0.08 31.57 49.57
C VAL C 120 1.57 31.87 49.52
N ASN C 121 1.93 33.12 49.23
CA ASN C 121 3.31 33.49 48.96
C ASN C 121 3.69 34.63 49.90
N ASN C 122 4.15 34.29 51.10
CA ASN C 122 4.56 35.33 52.03
C ASN C 122 6.05 35.66 51.85
N ALA C 123 6.48 36.70 52.57
CA ALA C 123 7.78 37.31 52.27
C ALA C 123 8.93 36.33 52.49
N THR C 124 8.84 35.50 53.54
CA THR C 124 9.97 34.64 53.87
C THR C 124 10.08 33.45 52.91
N ASN C 125 8.95 32.87 52.53
CA ASN C 125 8.97 31.60 51.82
C ASN C 125 7.64 31.39 51.12
N VAL C 126 7.58 30.33 50.32
CA VAL C 126 6.38 29.96 49.56
C VAL C 126 5.76 28.73 50.21
N VAL C 127 4.45 28.78 50.45
CA VAL C 127 3.70 27.63 50.93
C VAL C 127 2.64 27.30 49.88
N ILE C 128 2.62 26.05 49.42
CA ILE C 128 1.63 25.56 48.47
C ILE C 128 1.04 24.28 49.04
N LYS C 129 -0.28 24.28 49.23
CA LYS C 129 -0.98 23.18 49.87
C LYS C 129 -2.16 22.75 49.01
N VAL C 130 -2.32 21.44 48.86
CA VAL C 130 -3.41 20.86 48.09
C VAL C 130 -4.20 19.95 49.01
N CYS C 131 -5.35 20.45 49.49
CA CYS C 131 -6.21 19.68 50.38
C CYS C 131 -7.66 19.98 50.03
N GLU C 132 -8.58 19.34 50.75
CA GLU C 132 -10.01 19.55 50.57
C GLU C 132 -10.46 20.70 51.46
N PHE C 133 -9.90 21.88 51.20
CA PHE C 133 -10.24 23.07 51.98
C PHE C 133 -11.70 23.45 51.76
N GLN C 134 -12.34 23.92 52.82
CA GLN C 134 -13.68 24.49 52.76
C GLN C 134 -13.53 26.01 52.81
N PHE C 135 -13.74 26.66 51.67
CA PHE C 135 -13.47 28.09 51.51
C PHE C 135 -14.72 28.91 51.81
N CYS C 136 -14.53 30.02 52.53
CA CYS C 136 -15.62 30.92 52.87
C CYS C 136 -15.98 31.81 51.68
N ASN C 137 -16.91 32.72 51.92
CA ASN C 137 -17.38 33.61 50.85
C ASN C 137 -16.27 34.53 50.37
N ASP C 138 -15.50 35.11 51.29
CA ASP C 138 -14.45 36.05 50.93
C ASP C 138 -13.09 35.52 51.39
N PRO C 139 -12.30 34.93 50.52
CA PRO C 139 -10.95 34.48 50.93
C PRO C 139 -9.92 35.60 50.84
N PHE C 140 -9.33 35.97 51.97
CA PHE C 140 -8.34 37.03 52.02
C PHE C 140 -7.33 36.74 53.13
N LEU C 141 -6.14 37.32 52.99
CA LEU C 141 -5.08 37.12 53.97
C LEU C 141 -5.32 38.00 55.20
N GLY C 142 -5.05 37.43 56.37
CA GLY C 142 -5.17 38.16 57.61
C GLY C 142 -3.82 38.35 58.27
N VAL C 143 -3.46 39.61 58.49
CA VAL C 143 -2.20 39.98 59.12
C VAL C 143 -2.51 40.85 60.33
N TYR C 144 -1.56 40.92 61.27
CA TYR C 144 -1.70 41.81 62.42
C TYR C 144 -0.39 42.56 62.63
N TYR C 145 -0.49 43.85 62.93
CA TYR C 145 0.68 44.67 63.18
C TYR C 145 1.37 44.25 64.47
N HIS C 146 2.68 44.14 64.43
CA HIS C 146 3.48 43.74 65.58
C HIS C 146 4.21 44.97 66.12
N LYS C 147 3.89 45.35 67.35
CA LYS C 147 4.42 46.59 67.90
C LYS C 147 5.92 46.51 68.16
N ASN C 148 6.40 45.34 68.60
CA ASN C 148 7.81 45.21 68.93
C ASN C 148 8.69 45.36 67.69
N ASN C 149 8.31 44.70 66.59
CA ASN C 149 9.08 44.77 65.36
C ASN C 149 8.65 45.92 64.45
N LYS C 150 7.56 46.61 64.78
CA LYS C 150 7.06 47.74 63.99
C LYS C 150 6.82 47.33 62.53
N SER C 151 6.27 46.15 62.34
CA SER C 151 6.00 45.63 61.00
C SER C 151 4.79 44.71 61.04
N TRP C 152 4.17 44.52 59.88
CA TRP C 152 3.00 43.67 59.76
C TRP C 152 3.42 42.23 59.48
N MET C 153 2.90 41.29 60.27
CA MET C 153 3.18 39.88 60.10
C MET C 153 1.87 39.10 60.06
N GLU C 154 1.83 38.06 59.22
CA GLU C 154 0.57 37.38 58.90
C GLU C 154 0.13 36.52 60.08
N SER C 155 -1.02 36.87 60.67
CA SER C 155 -1.55 36.08 61.78
C SER C 155 -1.94 34.68 61.32
N GLU C 156 -2.75 34.59 60.26
CA GLU C 156 -3.22 33.32 59.76
C GLU C 156 -3.86 33.53 58.40
N PHE C 157 -4.09 32.41 57.71
CA PHE C 157 -4.72 32.43 56.39
C PHE C 157 -6.23 32.31 56.56
N ARG C 158 -6.91 33.46 56.57
CA ARG C 158 -8.37 33.48 56.69
C ARG C 158 -9.02 33.26 55.32
N VAL C 159 -8.74 32.07 54.77
CA VAL C 159 -9.21 31.69 53.45
C VAL C 159 -10.10 30.46 53.48
N TYR C 160 -9.75 29.45 54.29
CA TYR C 160 -10.54 28.23 54.39
C TYR C 160 -10.90 27.97 55.84
N SER C 161 -12.07 27.37 56.06
CA SER C 161 -12.47 27.01 57.42
C SER C 161 -11.71 25.79 57.93
N SER C 162 -11.50 24.79 57.06
CA SER C 162 -10.86 23.55 57.47
C SER C 162 -9.95 23.06 56.35
N ALA C 163 -8.98 22.22 56.72
CA ALA C 163 -8.03 21.60 55.80
C ALA C 163 -8.05 20.10 56.05
N ASN C 164 -8.84 19.38 55.24
CA ASN C 164 -9.05 17.96 55.42
C ASN C 164 -8.51 17.17 54.24
N ASN C 165 -8.03 15.95 54.53
CA ASN C 165 -7.54 15.02 53.52
C ASN C 165 -6.42 15.64 52.69
N CYS C 166 -5.43 16.22 53.38
CA CYS C 166 -4.29 16.80 52.69
C CYS C 166 -3.48 15.72 51.99
N THR C 167 -3.08 16.01 50.75
CA THR C 167 -2.38 15.03 49.93
C THR C 167 -1.04 15.51 49.38
N PHE C 168 -0.86 16.82 49.22
CA PHE C 168 0.36 17.33 48.60
C PHE C 168 0.74 18.66 49.22
N GLU C 169 2.05 18.89 49.31
CA GLU C 169 2.60 20.14 49.79
C GLU C 169 3.87 20.45 49.01
N TYR C 170 4.19 21.74 48.91
CA TYR C 170 5.33 22.16 48.10
C TYR C 170 5.84 23.50 48.61
N VAL C 171 7.17 23.68 48.51
CA VAL C 171 7.84 24.87 49.01
C VAL C 171 8.99 25.21 48.06
N SER C 172 9.13 26.51 47.76
CA SER C 172 10.25 27.01 46.98
C SER C 172 10.48 28.47 47.34
N GLN C 173 11.45 29.09 46.67
CA GLN C 173 11.80 30.47 46.97
C GLN C 173 10.65 31.40 46.60
N PRO C 174 10.48 32.51 47.31
CA PRO C 174 9.39 33.43 46.99
C PRO C 174 9.56 34.02 45.59
N PHE C 175 8.46 34.00 44.83
CA PHE C 175 8.46 34.54 43.48
C PHE C 175 7.57 35.76 43.31
N LEU C 176 6.61 35.98 44.22
CA LEU C 176 5.78 37.18 44.10
C LEU C 176 6.48 38.41 44.65
N MET C 177 7.63 38.24 45.31
CA MET C 177 8.41 39.38 45.76
C MET C 177 9.61 39.57 44.84
N ASP C 178 9.95 40.84 44.58
CA ASP C 178 11.03 41.18 43.67
C ASP C 178 12.38 40.69 44.18
N LYS C 187 5.31 49.30 39.99
CA LYS C 187 6.36 49.87 39.16
C LYS C 187 6.93 48.83 38.20
N ASN C 188 6.25 47.69 38.11
CA ASN C 188 6.67 46.62 37.22
C ASN C 188 5.46 45.78 36.85
N LEU C 189 5.59 45.05 35.74
CA LEU C 189 4.54 44.15 35.26
C LEU C 189 4.85 42.74 35.75
N ARG C 190 3.84 42.08 36.30
CA ARG C 190 3.98 40.74 36.85
C ARG C 190 2.90 39.85 36.26
N GLU C 191 3.28 38.97 35.34
CA GLU C 191 2.35 38.17 34.56
C GLU C 191 2.66 36.69 34.72
N PHE C 192 1.62 35.87 34.83
CA PHE C 192 1.76 34.43 35.06
C PHE C 192 0.70 33.70 34.25
N VAL C 193 1.00 32.44 33.90
CA VAL C 193 0.06 31.55 33.25
C VAL C 193 -0.09 30.28 34.06
N PHE C 194 -1.33 29.88 34.32
CA PHE C 194 -1.63 28.65 35.05
C PHE C 194 -2.41 27.72 34.13
N LYS C 195 -1.93 26.49 33.99
CA LYS C 195 -2.52 25.52 33.07
C LYS C 195 -2.49 24.13 33.67
N ASN C 196 -3.55 23.35 33.40
CA ASN C 196 -3.67 21.98 33.87
C ASN C 196 -3.78 21.05 32.67
N ILE C 197 -2.74 20.25 32.43
CA ILE C 197 -2.77 19.21 31.41
C ILE C 197 -2.10 17.96 31.96
N ASP C 198 -2.72 16.81 31.69
CA ASP C 198 -2.19 15.51 32.11
C ASP C 198 -1.98 15.46 33.62
N GLY C 199 -2.90 16.09 34.36
CA GLY C 199 -2.83 16.07 35.80
C GLY C 199 -1.64 16.79 36.38
N TYR C 200 -1.08 17.76 35.66
CA TYR C 200 0.06 18.55 36.13
C TYR C 200 -0.33 20.02 36.17
N PHE C 201 -0.01 20.68 37.28
CA PHE C 201 -0.24 22.11 37.42
C PHE C 201 1.05 22.85 37.07
N LYS C 202 1.04 23.56 35.94
CA LYS C 202 2.23 24.24 35.43
C LYS C 202 2.08 25.74 35.60
N ILE C 203 3.11 26.38 36.12
CA ILE C 203 3.16 27.83 36.31
C ILE C 203 4.30 28.38 35.47
N TYR C 204 3.98 29.35 34.61
CA TYR C 204 4.99 30.09 33.86
C TYR C 204 4.97 31.53 34.36
N SER C 205 6.16 32.09 34.58
CA SER C 205 6.26 33.42 35.19
C SER C 205 7.33 34.23 34.49
N LYS C 206 7.17 35.56 34.56
CA LYS C 206 8.14 36.51 34.07
C LYS C 206 7.86 37.86 34.71
N HIS C 207 8.92 38.55 35.11
CA HIS C 207 8.81 39.84 35.78
C HIS C 207 9.60 40.87 34.98
N THR C 208 8.92 41.93 34.56
CA THR C 208 9.55 42.99 33.78
C THR C 208 9.17 44.35 34.35
N PRO C 209 10.10 45.32 34.35
CA PRO C 209 9.77 46.66 34.83
C PRO C 209 9.02 47.45 33.78
N ILE C 210 7.86 48.00 34.16
CA ILE C 210 7.05 48.82 33.27
C ILE C 210 6.61 50.08 34.02
N ASN C 211 6.18 51.08 33.24
CA ASN C 211 5.70 52.35 33.79
C ASN C 211 4.35 52.66 33.13
N LEU C 212 3.48 51.66 33.06
CA LEU C 212 2.15 51.80 32.48
C LEU C 212 1.13 51.86 33.60
N VAL C 213 0.38 52.98 33.65
CA VAL C 213 -0.55 53.18 34.74
C VAL C 213 -1.76 52.27 34.63
N ARG C 214 -2.29 52.09 33.40
CA ARG C 214 -3.58 51.46 33.21
C ARG C 214 -3.56 50.18 32.40
N ASP C 215 -2.78 50.09 31.34
CA ASP C 215 -2.86 48.97 30.40
C ASP C 215 -1.56 48.18 30.40
N LEU C 216 -1.66 46.95 29.92
CA LEU C 216 -0.47 46.11 29.78
C LEU C 216 0.44 46.69 28.69
N PRO C 217 1.76 46.61 28.88
CA PRO C 217 2.66 47.21 27.90
C PRO C 217 2.59 46.51 26.54
N GLN C 218 2.83 47.29 25.49
CA GLN C 218 2.84 46.77 24.12
C GLN C 218 4.25 46.26 23.82
N GLY C 219 4.57 45.13 24.43
CA GLY C 219 5.86 44.50 24.23
C GLY C 219 5.75 43.02 24.52
N PHE C 220 6.76 42.27 24.07
CA PHE C 220 6.76 40.82 24.17
C PHE C 220 7.81 40.38 25.19
N SER C 221 7.41 39.48 26.07
CA SER C 221 8.31 38.84 27.02
C SER C 221 7.83 37.42 27.25
N ALA C 222 8.62 36.45 26.77
CA ALA C 222 8.23 35.05 26.89
C ALA C 222 8.22 34.63 28.36
N LEU C 223 7.27 33.77 28.71
CA LEU C 223 7.07 33.35 30.09
C LEU C 223 7.88 32.10 30.35
N GLU C 224 8.94 32.23 31.14
CA GLU C 224 9.75 31.07 31.49
C GLU C 224 9.01 30.19 32.48
N PRO C 225 9.07 28.86 32.32
CA PRO C 225 8.42 27.98 33.28
C PRO C 225 8.98 28.18 34.68
N LEU C 226 8.10 28.22 35.67
CA LEU C 226 8.49 28.39 37.06
C LEU C 226 8.49 27.07 37.82
N VAL C 227 7.34 26.40 37.90
CA VAL C 227 7.22 25.10 38.54
C VAL C 227 6.23 24.27 37.74
N ASP C 228 6.38 22.95 37.80
CA ASP C 228 5.42 22.01 37.22
C ASP C 228 4.98 21.07 38.33
N LEU C 229 3.97 21.49 39.08
CA LEU C 229 3.57 20.76 40.27
C LEU C 229 2.76 19.52 39.87
N PRO C 230 3.16 18.34 40.33
CA PRO C 230 2.33 17.14 40.09
C PRO C 230 1.13 17.11 41.03
N ILE C 231 -0.05 17.46 40.51
CA ILE C 231 -1.28 17.51 41.28
C ILE C 231 -2.41 16.95 40.44
N GLY C 232 -2.94 15.80 40.85
CA GLY C 232 -3.95 15.12 40.07
C GLY C 232 -5.35 15.65 40.19
N ILE C 233 -5.55 16.72 40.96
CA ILE C 233 -6.90 17.26 41.12
C ILE C 233 -7.33 17.98 39.85
N ASN C 234 -8.64 18.15 39.70
CA ASN C 234 -9.24 18.86 38.57
C ASN C 234 -9.60 20.27 39.01
N ILE C 235 -9.29 21.25 38.16
CA ILE C 235 -9.55 22.66 38.45
C ILE C 235 -10.48 23.21 37.38
N THR C 236 -11.61 23.78 37.81
CA THR C 236 -12.54 24.42 36.90
C THR C 236 -12.88 25.85 37.29
N ARG C 237 -12.42 26.32 38.44
CA ARG C 237 -12.71 27.64 38.96
C ARG C 237 -11.41 28.28 39.44
N PHE C 238 -11.29 29.58 39.26
CA PHE C 238 -10.07 30.30 39.60
C PHE C 238 -10.41 31.48 40.49
N GLN C 239 -9.66 31.63 41.58
CA GLN C 239 -9.91 32.70 42.55
C GLN C 239 -8.59 33.33 42.97
N THR C 240 -8.55 34.66 42.98
CA THR C 240 -7.34 35.38 43.36
C THR C 240 -7.38 35.74 44.85
N LEU C 241 -6.19 35.74 45.46
CA LEU C 241 -6.03 36.02 46.88
C LEU C 241 -5.35 37.36 47.06
N LEU C 242 -5.85 38.16 48.01
CA LEU C 242 -5.29 39.47 48.30
C LEU C 242 -4.86 39.55 49.76
N ALA C 243 -3.78 40.28 50.02
CA ALA C 243 -3.33 40.52 51.39
C ALA C 243 -4.01 41.76 51.95
N LEU C 244 -4.74 41.58 53.06
CA LEU C 244 -5.51 42.65 53.68
C LEU C 244 -5.07 42.81 55.12
N HIS C 245 -4.88 44.05 55.56
CA HIS C 245 -4.32 44.33 56.87
C HIS C 245 -5.42 44.44 57.92
N ARG C 246 -5.02 44.82 59.14
CA ARG C 246 -5.95 44.88 60.26
C ARG C 246 -7.03 45.93 60.02
N SER C 247 -6.70 46.99 59.28
CA SER C 247 -7.68 48.03 58.98
C SER C 247 -8.88 47.46 58.23
N TYR C 248 -8.62 46.62 57.24
CA TYR C 248 -9.71 45.93 56.55
C TYR C 248 -10.20 44.73 57.35
N LEU C 249 -9.30 44.09 58.11
CA LEU C 249 -9.67 42.88 58.85
C LEU C 249 -10.70 43.20 59.94
N THR C 250 -10.62 44.38 60.51
CA THR C 250 -11.57 44.75 61.56
C THR C 250 -12.99 44.79 60.99
N PRO C 251 -13.99 44.34 61.74
CA PRO C 251 -15.36 44.33 61.21
C PRO C 251 -15.90 45.70 60.85
N GLY C 252 -15.34 46.76 61.45
CA GLY C 252 -15.79 48.10 61.11
C GLY C 252 -15.50 48.43 59.65
N ASP C 253 -16.40 49.21 59.05
CA ASP C 253 -16.23 49.58 57.64
C ASP C 253 -15.04 50.51 57.46
N SER C 254 -14.64 51.21 58.51
CA SER C 254 -13.50 52.12 58.42
C SER C 254 -12.21 51.33 58.23
N SER C 255 -11.39 51.77 57.28
CA SER C 255 -10.10 51.14 56.98
C SER C 255 -8.93 52.07 57.22
N SER C 256 -9.06 53.01 58.16
CA SER C 256 -7.98 53.93 58.45
C SER C 256 -6.76 53.19 59.00
N GLY C 257 -5.58 53.67 58.62
CA GLY C 257 -4.34 53.04 59.02
C GLY C 257 -3.69 52.18 57.97
N TRP C 258 -4.41 51.86 56.89
CA TRP C 258 -3.86 51.06 55.80
C TRP C 258 -4.55 51.45 54.51
N THR C 259 -3.87 51.21 53.39
CA THR C 259 -4.37 51.53 52.06
C THR C 259 -4.21 50.33 51.15
N ALA C 260 -5.21 50.08 50.30
CA ALA C 260 -5.17 49.01 49.32
C ALA C 260 -5.61 49.49 47.95
N GLY C 261 -5.16 50.68 47.54
CA GLY C 261 -5.59 51.23 46.27
C GLY C 261 -5.07 50.44 45.08
N ALA C 262 -3.85 49.92 45.18
CA ALA C 262 -3.21 49.21 44.08
C ALA C 262 -3.74 47.77 44.01
N ALA C 263 -5.05 47.67 43.76
CA ALA C 263 -5.71 46.38 43.57
C ALA C 263 -6.13 46.29 42.11
N ALA C 264 -5.20 45.79 41.26
CA ALA C 264 -5.40 45.75 39.81
C ALA C 264 -4.73 44.48 39.28
N TYR C 265 -5.54 43.50 38.91
CA TYR C 265 -5.07 42.26 38.33
C TYR C 265 -5.86 41.94 37.06
N TYR C 266 -5.15 41.64 35.99
CA TYR C 266 -5.75 41.37 34.68
C TYR C 266 -5.80 39.86 34.47
N VAL C 267 -6.89 39.37 33.88
CA VAL C 267 -7.09 37.95 33.66
C VAL C 267 -7.36 37.71 32.18
N GLY C 268 -6.59 36.82 31.58
CA GLY C 268 -6.86 36.35 30.24
C GLY C 268 -7.16 34.86 30.25
N TYR C 269 -7.64 34.38 29.11
CA TYR C 269 -8.03 32.97 28.98
C TYR C 269 -7.31 32.35 27.79
N LEU C 270 -6.65 31.22 28.03
CA LEU C 270 -5.92 30.52 26.99
C LEU C 270 -6.89 29.78 26.08
N GLN C 271 -6.54 29.70 24.80
CA GLN C 271 -7.34 28.98 23.82
C GLN C 271 -6.44 28.13 22.94
N PRO C 272 -6.96 27.03 22.40
CA PRO C 272 -6.17 26.22 21.47
C PRO C 272 -5.82 27.02 20.22
N ARG C 273 -4.53 27.28 20.04
CA ARG C 273 -4.08 28.13 18.96
C ARG C 273 -2.78 27.57 18.39
N THR C 274 -2.48 27.98 17.16
CA THR C 274 -1.22 27.67 16.50
C THR C 274 -0.36 28.93 16.48
N PHE C 275 0.88 28.80 16.92
CA PHE C 275 1.79 29.93 17.05
C PHE C 275 3.10 29.63 16.33
N LEU C 276 3.73 30.67 15.81
CA LEU C 276 5.06 30.58 15.23
C LEU C 276 6.04 31.29 16.15
N LEU C 277 6.84 30.51 16.87
CA LEU C 277 7.74 31.04 17.90
C LEU C 277 9.13 31.24 17.30
N LYS C 278 9.70 32.43 17.52
CA LYS C 278 11.02 32.76 17.02
C LYS C 278 12.04 32.64 18.15
N TYR C 279 13.00 31.74 17.97
CA TYR C 279 14.07 31.53 18.94
C TYR C 279 15.35 32.20 18.45
N ASN C 280 16.06 32.83 19.37
CA ASN C 280 17.38 33.38 19.06
C ASN C 280 18.43 32.33 19.35
N GLU C 281 19.71 32.70 19.26
CA GLU C 281 20.79 31.74 19.49
C GLU C 281 20.78 31.23 20.93
N ASN C 282 20.50 32.10 21.90
CA ASN C 282 20.44 31.66 23.28
C ASN C 282 19.23 30.76 23.56
N GLY C 283 18.28 30.68 22.65
CA GLY C 283 17.08 29.90 22.88
C GLY C 283 15.90 30.68 23.43
N THR C 284 16.05 31.99 23.62
CA THR C 284 14.96 32.82 24.11
C THR C 284 13.99 33.14 22.97
N ILE C 285 12.70 33.19 23.30
CA ILE C 285 11.65 33.48 22.34
C ILE C 285 11.61 34.99 22.15
N THR C 286 12.16 35.48 21.04
CA THR C 286 12.19 36.92 20.81
C THR C 286 10.84 37.45 20.36
N ASP C 287 10.13 36.70 19.50
CA ASP C 287 8.87 37.16 18.96
C ASP C 287 8.02 35.96 18.58
N ALA C 288 6.73 36.20 18.38
CA ALA C 288 5.78 35.15 18.05
C ALA C 288 4.71 35.69 17.12
N VAL C 289 4.06 34.78 16.40
CA VAL C 289 3.02 35.11 15.44
C VAL C 289 1.82 34.21 15.68
N ASP C 290 0.63 34.81 15.81
CA ASP C 290 -0.59 34.05 16.00
C ASP C 290 -1.26 33.82 14.66
N CYS C 291 -1.31 32.56 14.22
CA CYS C 291 -1.73 32.26 12.84
C CYS C 291 -3.17 32.69 12.58
N ALA C 292 -4.06 32.49 13.55
CA ALA C 292 -5.48 32.77 13.33
C ALA C 292 -5.85 34.22 13.54
N LEU C 293 -4.90 35.09 13.90
CA LEU C 293 -5.23 36.48 14.21
C LEU C 293 -5.72 37.23 12.97
N ASP C 294 -4.97 37.15 11.88
CA ASP C 294 -5.28 37.94 10.69
C ASP C 294 -4.63 37.26 9.48
N PRO C 295 -5.07 37.58 8.26
CA PRO C 295 -4.52 36.90 7.08
C PRO C 295 -3.02 37.02 6.93
N LEU C 296 -2.43 38.17 7.28
CA LEU C 296 -0.98 38.30 7.18
C LEU C 296 -0.27 37.33 8.11
N SER C 297 -0.79 37.16 9.32
CA SER C 297 -0.18 36.22 10.25
C SER C 297 -0.36 34.78 9.78
N GLU C 298 -1.50 34.48 9.13
CA GLU C 298 -1.68 33.16 8.54
C GLU C 298 -0.66 32.92 7.43
N THR C 299 -0.39 33.95 6.62
CA THR C 299 0.65 33.83 5.60
C THR C 299 2.02 33.60 6.22
N LYS C 300 2.32 34.32 7.31
CA LYS C 300 3.59 34.13 8.00
C LYS C 300 3.73 32.71 8.52
N CYS C 301 2.66 32.17 9.11
CA CYS C 301 2.70 30.80 9.61
C CYS C 301 2.85 29.80 8.47
N THR C 302 2.18 30.04 7.34
CA THR C 302 2.29 29.11 6.21
C THR C 302 3.71 29.07 5.67
N LEU C 303 4.35 30.23 5.54
CA LEU C 303 5.72 30.31 5.03
C LEU C 303 6.78 30.08 6.09
N LYS C 304 6.38 29.98 7.37
CA LYS C 304 7.31 29.80 8.48
C LYS C 304 8.37 30.90 8.50
N SER C 305 7.96 32.12 8.14
CA SER C 305 8.86 33.25 8.10
C SER C 305 8.14 34.48 8.64
N PHE C 306 8.83 35.27 9.46
CA PHE C 306 8.21 36.46 10.03
C PHE C 306 8.09 37.57 9.00
N THR C 307 8.99 37.61 8.03
CA THR C 307 8.92 38.55 6.92
C THR C 307 8.59 37.80 5.64
N VAL C 308 7.49 38.16 5.01
CA VAL C 308 7.04 37.54 3.77
C VAL C 308 7.26 38.52 2.63
N GLU C 309 7.77 38.02 1.51
CA GLU C 309 8.06 38.87 0.37
C GLU C 309 6.78 39.23 -0.37
N LYS C 310 6.88 40.25 -1.22
CA LYS C 310 5.75 40.66 -2.03
C LYS C 310 5.30 39.53 -2.94
N GLY C 311 3.99 39.28 -2.97
CA GLY C 311 3.45 38.23 -3.79
C GLY C 311 2.10 37.79 -3.28
N ILE C 312 1.63 36.68 -3.85
CA ILE C 312 0.35 36.07 -3.48
C ILE C 312 0.62 34.67 -2.96
N TYR C 313 0.14 34.39 -1.74
CA TYR C 313 0.40 33.13 -1.07
C TYR C 313 -0.92 32.49 -0.68
N GLN C 314 -1.06 31.20 -0.98
CA GLN C 314 -2.26 30.45 -0.60
C GLN C 314 -2.09 29.93 0.81
N THR C 315 -2.98 30.34 1.71
CA THR C 315 -2.89 29.98 3.12
C THR C 315 -3.84 28.85 3.49
N SER C 316 -5.14 29.04 3.25
CA SER C 316 -6.15 28.05 3.59
C SER C 316 -7.07 27.83 2.41
N ASN C 317 -8.09 27.00 2.60
CA ASN C 317 -9.04 26.65 1.56
C ASN C 317 -10.43 27.07 1.99
N PHE C 318 -11.09 27.88 1.15
CA PHE C 318 -12.46 28.27 1.40
C PHE C 318 -13.41 27.10 1.12
N ARG C 319 -14.51 27.06 1.85
CA ARG C 319 -15.48 25.98 1.69
C ARG C 319 -16.84 26.46 2.18
N VAL C 320 -17.89 26.06 1.47
CA VAL C 320 -19.25 26.41 1.83
C VAL C 320 -19.94 25.17 2.37
N GLN C 321 -20.35 25.23 3.64
CA GLN C 321 -21.05 24.13 4.25
C GLN C 321 -22.53 24.17 3.90
N PRO C 322 -23.19 23.01 3.84
CA PRO C 322 -24.63 23.00 3.53
C PRO C 322 -25.43 23.69 4.63
N THR C 323 -26.26 24.65 4.22
CA THR C 323 -27.06 25.40 5.19
C THR C 323 -28.12 24.53 5.83
N GLU C 324 -28.84 23.75 5.03
CA GLU C 324 -29.92 22.92 5.53
C GLU C 324 -30.00 21.64 4.73
N SER C 325 -31.00 20.81 5.04
CA SER C 325 -31.24 19.55 4.36
C SER C 325 -32.63 19.59 3.76
N ILE C 326 -32.74 19.25 2.47
CA ILE C 326 -34.00 19.23 1.75
C ILE C 326 -34.30 17.80 1.33
N VAL C 327 -35.53 17.36 1.59
CA VAL C 327 -35.99 16.03 1.23
C VAL C 327 -37.31 16.18 0.49
N ARG C 328 -37.38 15.62 -0.73
CA ARG C 328 -38.60 15.65 -1.53
C ARG C 328 -38.84 14.26 -2.09
N PHE C 329 -39.97 13.66 -1.73
CA PHE C 329 -40.43 12.38 -2.22
C PHE C 329 -41.71 12.57 -3.03
N PRO C 330 -42.01 11.67 -3.96
CA PRO C 330 -43.10 11.93 -4.91
C PRO C 330 -44.46 11.99 -4.22
N ASN C 331 -45.42 12.51 -4.98
CA ASN C 331 -46.78 12.67 -4.47
C ASN C 331 -47.39 11.31 -4.11
N ILE C 332 -48.34 11.34 -3.18
CA ILE C 332 -49.06 10.11 -2.81
C ILE C 332 -50.24 10.00 -3.77
N THR C 333 -49.95 9.46 -4.95
CA THR C 333 -50.99 9.32 -5.97
C THR C 333 -51.95 8.19 -5.63
N ASN C 334 -51.43 7.06 -5.17
CA ASN C 334 -52.25 5.90 -4.83
C ASN C 334 -52.51 5.91 -3.33
N LEU C 335 -53.75 6.20 -2.95
CA LEU C 335 -54.17 6.21 -1.56
C LEU C 335 -54.98 4.96 -1.28
N CYS C 336 -54.62 4.23 -0.23
CA CYS C 336 -55.34 3.01 0.11
C CYS C 336 -56.76 3.36 0.56
N PRO C 337 -57.79 2.75 -0.03
CA PRO C 337 -59.18 3.15 0.25
C PRO C 337 -59.70 2.58 1.57
N PHE C 338 -59.07 2.98 2.67
CA PHE C 338 -59.60 2.63 3.98
C PHE C 338 -60.82 3.47 4.33
N GLY C 339 -60.87 4.70 3.82
CA GLY C 339 -62.00 5.57 4.13
C GLY C 339 -63.32 5.02 3.63
N GLU C 340 -63.35 4.57 2.37
CA GLU C 340 -64.58 4.00 1.83
C GLU C 340 -65.01 2.75 2.58
N VAL C 341 -64.04 2.00 3.12
CA VAL C 341 -64.38 0.89 4.02
C VAL C 341 -65.02 1.43 5.29
N PHE C 342 -64.47 2.52 5.83
CA PHE C 342 -65.05 3.13 7.02
C PHE C 342 -66.37 3.84 6.72
N ASN C 343 -66.51 4.39 5.51
CA ASN C 343 -67.73 5.11 5.12
C ASN C 343 -68.78 4.20 4.50
N ALA C 344 -68.56 2.88 4.50
CA ALA C 344 -69.53 1.97 3.91
C ALA C 344 -70.88 2.08 4.61
N THR C 345 -71.95 2.19 3.82
CA THR C 345 -73.28 2.35 4.39
C THR C 345 -73.72 1.11 5.15
N ARG C 346 -73.50 -0.08 4.57
CA ARG C 346 -73.87 -1.34 5.19
C ARG C 346 -72.62 -2.19 5.36
N PHE C 347 -72.19 -2.36 6.60
CA PHE C 347 -71.01 -3.17 6.88
C PHE C 347 -71.32 -4.65 6.70
N ALA C 348 -70.26 -5.44 6.61
CA ALA C 348 -70.42 -6.89 6.51
C ALA C 348 -70.89 -7.47 7.82
N SER C 349 -71.51 -8.65 7.74
CA SER C 349 -71.98 -9.34 8.93
C SER C 349 -70.79 -9.79 9.78
N VAL C 350 -71.05 -9.97 11.08
CA VAL C 350 -69.99 -10.32 12.00
C VAL C 350 -69.45 -11.72 11.71
N TYR C 351 -70.33 -12.67 11.36
CA TYR C 351 -69.87 -13.99 10.97
C TYR C 351 -69.27 -13.97 9.56
N ALA C 352 -69.91 -13.27 8.64
CA ALA C 352 -69.42 -13.13 7.27
C ALA C 352 -68.62 -11.84 7.09
N TRP C 353 -67.60 -11.65 7.93
CA TRP C 353 -66.80 -10.43 7.86
C TRP C 353 -66.06 -10.35 6.53
N ASN C 354 -66.11 -9.18 5.90
CA ASN C 354 -65.45 -8.99 4.62
C ASN C 354 -63.95 -8.87 4.80
N ARG C 355 -63.19 -9.65 4.04
CA ARG C 355 -61.74 -9.62 4.08
C ARG C 355 -61.23 -9.05 2.76
N LYS C 356 -60.47 -7.97 2.84
CA LYS C 356 -59.92 -7.29 1.67
C LYS C 356 -58.42 -7.15 1.83
N ARG C 357 -57.68 -7.53 0.81
CA ARG C 357 -56.23 -7.34 0.77
C ARG C 357 -55.93 -6.07 -0.02
N ILE C 358 -55.23 -5.13 0.61
CA ILE C 358 -54.94 -3.84 0.01
C ILE C 358 -53.42 -3.65 -0.06
N SER C 359 -52.94 -3.19 -1.20
CA SER C 359 -51.52 -2.96 -1.43
C SER C 359 -51.37 -2.03 -2.61
N ASN C 360 -50.11 -1.75 -2.97
CA ASN C 360 -49.78 -0.86 -4.08
C ASN C 360 -50.44 0.53 -3.92
N CYS C 361 -50.40 1.04 -2.70
CA CYS C 361 -50.98 2.35 -2.40
C CYS C 361 -50.26 2.93 -1.18
N VAL C 362 -50.76 4.06 -0.71
CA VAL C 362 -50.23 4.73 0.47
C VAL C 362 -51.32 4.76 1.53
N ALA C 363 -51.02 4.20 2.70
CA ALA C 363 -51.98 4.13 3.79
C ALA C 363 -51.82 5.36 4.68
N ASP C 364 -52.87 6.17 4.77
CA ASP C 364 -52.86 7.39 5.56
C ASP C 364 -53.65 7.16 6.83
N TYR C 365 -52.95 7.04 7.96
CA TYR C 365 -53.59 6.88 9.26
C TYR C 365 -53.83 8.20 9.98
N SER C 366 -53.39 9.32 9.40
CA SER C 366 -53.61 10.61 10.03
C SER C 366 -55.09 10.95 10.11
N VAL C 367 -55.85 10.61 9.06
CA VAL C 367 -57.29 10.86 9.07
C VAL C 367 -57.97 10.02 10.15
N LEU C 368 -57.48 8.80 10.38
CA LEU C 368 -58.04 7.98 11.44
C LEU C 368 -57.84 8.62 12.81
N TYR C 369 -56.64 9.17 13.05
CA TYR C 369 -56.40 9.86 14.31
C TYR C 369 -57.25 11.11 14.43
N ASN C 370 -57.39 11.86 13.33
CA ASN C 370 -58.16 13.10 13.36
C ASN C 370 -59.63 12.86 13.67
N SER C 371 -60.20 11.78 13.10
CA SER C 371 -61.60 11.48 13.34
C SER C 371 -61.85 11.17 14.82
N ALA C 372 -62.88 11.78 15.37
CA ALA C 372 -63.25 11.60 16.77
C ALA C 372 -64.36 10.58 16.97
N SER C 373 -64.87 9.97 15.89
CA SER C 373 -65.95 9.01 16.04
C SER C 373 -65.49 7.72 16.72
N PHE C 374 -64.22 7.35 16.52
CA PHE C 374 -63.72 6.09 17.08
C PHE C 374 -63.75 6.13 18.60
N SER C 375 -64.26 5.06 19.21
CA SER C 375 -64.32 4.92 20.65
C SER C 375 -63.24 4.00 21.20
N THR C 376 -63.03 2.85 20.58
CA THR C 376 -62.00 1.90 20.98
C THR C 376 -61.00 1.76 19.84
N PHE C 377 -59.76 2.19 20.07
CA PHE C 377 -58.69 2.11 19.10
C PHE C 377 -57.55 1.26 19.63
N LYS C 378 -57.88 0.14 20.27
CA LYS C 378 -56.87 -0.73 20.85
C LYS C 378 -56.03 -1.37 19.74
N CYS C 379 -54.71 -1.33 19.91
CA CYS C 379 -53.78 -1.90 18.97
C CYS C 379 -52.95 -2.97 19.66
N TYR C 380 -52.79 -4.12 19.01
CA TYR C 380 -52.06 -5.26 19.56
C TYR C 380 -50.83 -5.50 18.71
N GLY C 381 -49.65 -5.50 19.35
CA GLY C 381 -48.42 -5.82 18.68
C GLY C 381 -47.80 -4.70 17.86
N VAL C 382 -48.43 -3.53 17.83
CA VAL C 382 -47.91 -2.41 17.04
C VAL C 382 -48.35 -1.11 17.69
N SER C 383 -47.45 -0.14 17.70
CA SER C 383 -47.78 1.17 18.26
C SER C 383 -48.67 1.94 17.28
N PRO C 384 -49.78 2.52 17.74
CA PRO C 384 -50.62 3.32 16.83
C PRO C 384 -49.89 4.50 16.25
N THR C 385 -48.97 5.12 16.99
CA THR C 385 -48.25 6.28 16.49
C THR C 385 -47.36 5.92 15.30
N LYS C 386 -46.67 4.78 15.38
CA LYS C 386 -45.72 4.37 14.35
C LYS C 386 -46.39 3.69 13.15
N LEU C 387 -47.72 3.82 13.02
CA LEU C 387 -48.40 3.22 11.87
C LEU C 387 -47.96 3.88 10.57
N ASN C 388 -47.80 5.20 10.57
CA ASN C 388 -47.34 5.89 9.37
C ASN C 388 -45.85 5.69 9.15
N ASP C 389 -45.07 5.66 10.23
CA ASP C 389 -43.61 5.57 10.09
C ASP C 389 -43.18 4.22 9.54
N LEU C 390 -43.77 3.13 10.04
CA LEU C 390 -43.41 1.78 9.64
C LEU C 390 -44.54 1.15 8.85
N CYS C 391 -44.19 0.36 7.84
CA CYS C 391 -45.16 -0.21 6.92
C CYS C 391 -44.86 -1.68 6.68
N PHE C 392 -45.87 -2.40 6.23
CA PHE C 392 -45.80 -3.83 5.96
C PHE C 392 -46.02 -4.09 4.48
N THR C 393 -45.83 -5.36 4.08
CA THR C 393 -45.97 -5.72 2.68
C THR C 393 -47.43 -5.76 2.26
N ASN C 394 -48.30 -6.31 3.10
CA ASN C 394 -49.72 -6.45 2.79
C ASN C 394 -50.55 -6.13 4.03
N VAL C 395 -51.76 -5.64 3.78
CA VAL C 395 -52.69 -5.25 4.84
C VAL C 395 -54.03 -5.92 4.57
N TYR C 396 -54.59 -6.53 5.62
CA TYR C 396 -55.91 -7.16 5.55
C TYR C 396 -56.85 -6.47 6.52
N ALA C 397 -58.05 -6.15 6.04
CA ALA C 397 -59.04 -5.41 6.82
C ALA C 397 -60.34 -6.20 6.92
N ASP C 398 -60.93 -6.19 8.10
CA ASP C 398 -62.20 -6.86 8.37
C ASP C 398 -63.19 -5.86 8.94
N SER C 399 -64.44 -5.94 8.50
CA SER C 399 -65.49 -5.02 8.92
C SER C 399 -66.70 -5.80 9.38
N PHE C 400 -67.28 -5.38 10.51
CA PHE C 400 -68.46 -6.03 11.07
C PHE C 400 -69.16 -5.07 12.01
N VAL C 401 -70.41 -5.39 12.34
CA VAL C 401 -71.24 -4.58 13.23
C VAL C 401 -71.68 -5.45 14.40
N ILE C 402 -71.48 -4.95 15.62
CA ILE C 402 -71.83 -5.67 16.83
C ILE C 402 -72.29 -4.65 17.88
N ARG C 403 -73.06 -5.12 18.86
CA ARG C 403 -73.58 -4.25 19.89
C ARG C 403 -72.47 -3.85 20.87
N GLY C 404 -72.82 -2.96 21.79
CA GLY C 404 -71.81 -2.32 22.63
C GLY C 404 -71.09 -3.28 23.55
N ASP C 405 -71.81 -4.13 24.25
CA ASP C 405 -71.19 -4.98 25.27
C ASP C 405 -70.38 -6.11 24.67
N GLU C 406 -70.62 -6.46 23.41
CA GLU C 406 -69.88 -7.53 22.74
C GLU C 406 -68.67 -7.03 21.96
N VAL C 407 -68.40 -5.72 21.98
CA VAL C 407 -67.21 -5.18 21.32
C VAL C 407 -65.95 -5.72 21.99
N ARG C 408 -65.94 -5.75 23.32
CA ARG C 408 -64.78 -6.23 24.06
C ARG C 408 -64.51 -7.71 23.82
N GLN C 409 -65.53 -8.48 23.42
CA GLN C 409 -65.33 -9.90 23.18
C GLN C 409 -64.48 -10.15 21.94
N ILE C 410 -64.56 -9.27 20.95
CA ILE C 410 -63.75 -9.39 19.74
C ILE C 410 -62.36 -8.83 20.05
N ALA C 411 -61.46 -9.69 20.51
CA ALA C 411 -60.11 -9.28 20.88
C ALA C 411 -59.22 -10.51 20.91
N PRO C 412 -57.95 -10.39 20.54
CA PRO C 412 -57.04 -11.54 20.64
C PRO C 412 -56.87 -11.97 22.09
N GLY C 413 -56.77 -13.28 22.28
CA GLY C 413 -56.62 -13.82 23.63
C GLY C 413 -57.85 -13.69 24.49
N GLN C 414 -59.01 -13.39 23.91
CA GLN C 414 -60.25 -13.21 24.64
C GLN C 414 -61.34 -14.07 24.01
N THR C 415 -62.14 -14.71 24.85
CA THR C 415 -63.24 -15.55 24.40
C THR C 415 -64.57 -14.86 24.67
N GLY C 416 -65.58 -15.23 23.89
CA GLY C 416 -66.91 -14.68 24.04
C GLY C 416 -67.93 -15.53 23.32
N LYS C 417 -69.20 -15.22 23.58
CA LYS C 417 -70.28 -15.96 22.94
C LYS C 417 -70.36 -15.70 21.44
N ILE C 418 -69.79 -14.60 20.96
CA ILE C 418 -69.82 -14.26 19.55
C ILE C 418 -68.45 -14.44 18.90
N ALA C 419 -67.37 -14.12 19.63
CA ALA C 419 -66.04 -14.16 19.03
C ALA C 419 -65.66 -15.58 18.62
N ASP C 420 -66.09 -16.57 19.40
CA ASP C 420 -65.73 -17.96 19.09
C ASP C 420 -66.36 -18.41 17.77
N TYR C 421 -67.61 -17.99 17.51
CA TYR C 421 -68.36 -18.50 16.38
C TYR C 421 -68.58 -17.48 15.26
N ASN C 422 -68.08 -16.26 15.40
CA ASN C 422 -68.20 -15.28 14.33
C ASN C 422 -66.85 -14.80 13.80
N TYR C 423 -65.94 -14.37 14.68
CA TYR C 423 -64.65 -13.84 14.23
C TYR C 423 -63.66 -13.97 15.37
N LYS C 424 -62.54 -14.64 15.11
CA LYS C 424 -61.52 -14.89 16.11
C LYS C 424 -60.19 -14.27 15.68
N LEU C 425 -59.44 -13.78 16.66
CA LEU C 425 -58.14 -13.16 16.43
C LEU C 425 -57.06 -13.95 17.14
N PRO C 426 -55.93 -14.24 16.48
CA PRO C 426 -54.86 -14.99 17.14
C PRO C 426 -54.15 -14.15 18.18
N ASP C 427 -53.59 -14.84 19.18
CA ASP C 427 -52.93 -14.15 20.28
C ASP C 427 -51.68 -13.40 19.81
N ASP C 428 -50.90 -14.01 18.92
CA ASP C 428 -49.67 -13.39 18.43
C ASP C 428 -49.91 -12.42 17.27
N PHE C 429 -51.17 -12.17 16.93
CA PHE C 429 -51.51 -11.28 15.82
C PHE C 429 -51.07 -9.85 16.13
N THR C 430 -50.56 -9.17 15.11
CA THR C 430 -50.14 -7.78 15.22
C THR C 430 -51.08 -6.93 14.36
N GLY C 431 -51.74 -5.97 14.99
CA GLY C 431 -52.68 -5.12 14.28
C GLY C 431 -53.41 -4.20 15.23
N CYS C 432 -54.43 -3.53 14.68
CA CYS C 432 -55.23 -2.57 15.42
C CYS C 432 -56.70 -2.91 15.30
N VAL C 433 -57.46 -2.56 16.33
CA VAL C 433 -58.91 -2.76 16.37
C VAL C 433 -59.57 -1.40 16.47
N ILE C 434 -60.48 -1.11 15.54
CA ILE C 434 -61.17 0.17 15.47
C ILE C 434 -62.65 -0.08 15.73
N ALA C 435 -63.19 0.57 16.77
CA ALA C 435 -64.59 0.44 17.13
C ALA C 435 -65.17 1.82 17.38
N TRP C 436 -66.31 2.11 16.75
CA TRP C 436 -67.00 3.38 16.94
C TRP C 436 -68.50 3.15 17.01
N ASN C 437 -69.18 4.03 17.74
CA ASN C 437 -70.62 3.90 17.93
C ASN C 437 -71.36 4.28 16.65
N SER C 438 -72.35 3.47 16.28
CA SER C 438 -73.19 3.72 15.12
C SER C 438 -74.65 3.45 15.46
N ASN C 439 -75.09 3.91 16.63
CA ASN C 439 -76.46 3.65 17.07
C ASN C 439 -77.48 4.31 16.16
N ASN C 440 -77.23 5.55 15.76
CA ASN C 440 -78.20 6.27 14.94
C ASN C 440 -78.41 5.58 13.59
N LEU C 441 -77.33 5.14 12.95
CA LEU C 441 -77.45 4.54 11.62
C LEU C 441 -78.00 3.12 11.68
N ASP C 442 -77.58 2.33 12.66
CA ASP C 442 -77.86 0.90 12.68
C ASP C 442 -79.03 0.52 13.56
N SER C 443 -79.76 1.49 14.11
CA SER C 443 -80.91 1.21 14.96
C SER C 443 -82.10 2.06 14.55
N LYS C 444 -83.30 1.51 14.76
CA LYS C 444 -84.54 2.21 14.48
C LYS C 444 -85.56 1.85 15.55
N VAL C 445 -86.67 2.59 15.55
CA VAL C 445 -87.71 2.37 16.56
C VAL C 445 -88.33 0.99 16.41
N GLY C 446 -88.61 0.59 15.17
CA GLY C 446 -89.22 -0.72 14.96
C GLY C 446 -88.28 -1.87 15.32
N GLY C 447 -87.00 -1.71 15.04
CA GLY C 447 -86.02 -2.76 15.32
C GLY C 447 -85.28 -3.20 14.08
N ASN C 448 -83.96 -3.04 14.09
CA ASN C 448 -83.13 -3.36 12.93
C ASN C 448 -82.64 -4.80 13.08
N TYR C 449 -83.25 -5.71 12.33
CA TYR C 449 -82.86 -7.11 12.31
C TYR C 449 -82.01 -7.48 11.10
N ASN C 450 -81.55 -6.48 10.33
CA ASN C 450 -80.73 -6.77 9.16
C ASN C 450 -79.40 -7.41 9.57
N TYR C 451 -78.78 -6.91 10.63
CA TYR C 451 -77.53 -7.48 11.10
C TYR C 451 -77.76 -8.84 11.74
N LEU C 452 -76.86 -9.78 11.45
CA LEU C 452 -77.01 -11.16 11.89
C LEU C 452 -75.71 -11.64 12.52
N TYR C 453 -75.83 -12.55 13.49
CA TYR C 453 -74.69 -13.11 14.19
C TYR C 453 -74.88 -14.61 14.38
N ARG C 454 -73.76 -15.30 14.59
CA ARG C 454 -73.75 -16.73 14.82
C ARG C 454 -73.48 -17.00 16.30
N LEU C 455 -74.26 -17.92 16.88
CA LEU C 455 -74.16 -18.23 18.29
C LEU C 455 -73.88 -19.70 18.60
N PHE C 456 -74.17 -20.62 17.68
CA PHE C 456 -74.01 -22.04 17.94
C PHE C 456 -73.20 -22.68 16.82
N ARG C 457 -72.17 -23.44 17.20
CA ARG C 457 -71.38 -24.20 16.25
C ARG C 457 -70.67 -25.33 16.99
N LYS C 458 -70.30 -26.37 16.25
CA LYS C 458 -69.62 -27.50 16.86
C LYS C 458 -68.26 -27.10 17.44
N SER C 459 -67.50 -26.29 16.71
CA SER C 459 -66.19 -25.85 17.16
C SER C 459 -66.02 -24.36 16.86
N ASN C 460 -65.15 -23.72 17.63
CA ASN C 460 -64.86 -22.31 17.42
C ASN C 460 -64.12 -22.11 16.10
N LEU C 461 -64.45 -21.02 15.41
CA LEU C 461 -63.78 -20.70 14.16
C LEU C 461 -62.31 -20.39 14.39
N LYS C 462 -61.47 -20.83 13.46
CA LYS C 462 -60.05 -20.53 13.52
C LYS C 462 -59.83 -19.04 13.25
N PRO C 463 -58.74 -18.48 13.77
CA PRO C 463 -58.45 -17.07 13.49
C PRO C 463 -58.28 -16.81 12.00
N PHE C 464 -58.77 -15.65 11.56
CA PHE C 464 -58.75 -15.25 10.15
C PHE C 464 -59.50 -16.23 9.25
N GLU C 465 -60.44 -16.97 9.81
CA GLU C 465 -61.27 -17.90 9.05
C GLU C 465 -62.74 -17.55 9.27
N ARG C 466 -63.47 -17.39 8.18
CA ARG C 466 -64.88 -17.01 8.23
C ARG C 466 -65.74 -18.19 7.79
N ASP C 467 -66.79 -18.47 8.57
CA ASP C 467 -67.75 -19.51 8.26
C ASP C 467 -69.10 -18.86 7.97
N ILE C 468 -69.65 -19.12 6.79
CA ILE C 468 -70.90 -18.52 6.34
C ILE C 468 -71.99 -19.57 6.19
N SER C 469 -71.82 -20.74 6.82
CA SER C 469 -72.80 -21.80 6.70
C SER C 469 -74.11 -21.41 7.37
N THR C 470 -75.21 -21.54 6.64
CA THR C 470 -76.54 -21.26 7.15
C THR C 470 -77.30 -22.54 7.50
N GLU C 471 -76.61 -23.68 7.53
CA GLU C 471 -77.25 -24.95 7.82
C GLU C 471 -77.77 -24.98 9.25
N ILE C 472 -78.84 -25.76 9.46
CA ILE C 472 -79.40 -25.92 10.79
C ILE C 472 -78.41 -26.65 11.68
N TYR C 473 -78.28 -26.19 12.92
CA TYR C 473 -77.34 -26.78 13.86
C TYR C 473 -78.00 -27.93 14.62
N GLN C 474 -77.27 -29.04 14.74
CA GLN C 474 -77.78 -30.23 15.43
C GLN C 474 -77.30 -30.23 16.88
N ALA C 475 -77.91 -29.33 17.66
CA ALA C 475 -77.58 -29.27 19.09
C ALA C 475 -78.00 -30.54 19.81
N GLY C 476 -79.18 -31.06 19.48
CA GLY C 476 -79.66 -32.28 20.10
C GLY C 476 -79.19 -33.53 19.38
N SER C 477 -79.43 -34.68 20.02
CA SER C 477 -79.04 -35.95 19.42
C SER C 477 -79.89 -36.29 18.21
N THR C 478 -81.17 -35.93 18.23
CA THR C 478 -82.05 -36.21 17.11
C THR C 478 -81.62 -35.41 15.88
N PRO C 479 -81.43 -36.05 14.72
CA PRO C 479 -81.03 -35.29 13.53
C PRO C 479 -82.07 -34.26 13.13
N CYS C 480 -81.60 -33.09 12.70
CA CYS C 480 -82.51 -32.02 12.32
C CYS C 480 -83.18 -32.30 10.98
N ASN C 481 -82.41 -32.80 10.01
CA ASN C 481 -82.90 -33.08 8.65
C ASN C 481 -83.50 -31.84 8.00
N GLY C 482 -82.96 -30.66 8.34
CA GLY C 482 -83.45 -29.43 7.76
C GLY C 482 -84.77 -28.93 8.31
N VAL C 483 -85.26 -29.52 9.39
CA VAL C 483 -86.56 -29.15 9.97
C VAL C 483 -86.32 -28.67 11.40
N GLU C 484 -86.83 -27.48 11.70
CA GLU C 484 -86.72 -26.94 13.05
C GLU C 484 -87.55 -27.77 14.02
N GLY C 485 -87.00 -28.00 15.22
CA GLY C 485 -87.67 -28.80 16.21
C GLY C 485 -87.26 -28.47 17.64
N PHE C 486 -87.65 -29.33 18.58
CA PHE C 486 -87.28 -29.10 19.98
C PHE C 486 -85.78 -29.18 20.19
N ASN C 487 -85.12 -30.14 19.55
CA ASN C 487 -83.68 -30.34 19.70
C ASN C 487 -82.86 -29.52 18.71
N CYS C 488 -83.51 -28.78 17.81
CA CYS C 488 -82.80 -28.05 16.76
C CYS C 488 -83.21 -26.59 16.81
N TYR C 489 -82.23 -25.71 16.95
CA TYR C 489 -82.44 -24.27 16.90
C TYR C 489 -81.51 -23.67 15.87
N PHE C 490 -81.98 -22.64 15.18
CA PHE C 490 -81.20 -22.07 14.08
C PHE C 490 -80.00 -21.32 14.64
N PRO C 491 -78.77 -21.70 14.27
CA PRO C 491 -77.60 -21.06 14.88
C PRO C 491 -77.50 -19.57 14.62
N LEU C 492 -78.01 -19.11 13.48
CA LEU C 492 -77.93 -17.69 13.12
C LEU C 492 -79.11 -16.94 13.70
N GLN C 493 -78.84 -15.77 14.29
CA GLN C 493 -79.88 -14.94 14.87
C GLN C 493 -79.66 -13.49 14.46
N SER C 494 -80.75 -12.73 14.44
CA SER C 494 -80.74 -11.32 14.07
C SER C 494 -80.89 -10.46 15.32
N TYR C 495 -80.02 -9.47 15.45
CA TYR C 495 -80.03 -8.61 16.63
C TYR C 495 -81.26 -7.70 16.63
N GLY C 496 -81.67 -7.29 17.83
CA GLY C 496 -82.73 -6.32 17.99
C GLY C 496 -82.19 -5.00 18.49
N PHE C 497 -82.40 -3.93 17.73
CA PHE C 497 -81.83 -2.63 18.02
C PHE C 497 -82.92 -1.59 18.21
N GLN C 498 -82.75 -0.72 19.20
CA GLN C 498 -83.64 0.38 19.50
C GLN C 498 -82.85 1.67 19.66
N PRO C 499 -83.47 2.82 19.39
CA PRO C 499 -82.75 4.09 19.59
C PRO C 499 -82.32 4.31 21.03
N THR C 500 -83.06 3.81 22.01
CA THR C 500 -82.79 4.03 23.42
C THR C 500 -82.19 2.79 24.08
N ASN C 501 -81.31 2.07 23.38
CA ASN C 501 -80.70 0.88 23.96
C ASN C 501 -79.84 1.24 25.17
N GLY C 502 -79.08 2.33 25.08
CA GLY C 502 -78.16 2.70 26.15
C GLY C 502 -76.76 2.17 25.90
N VAL C 503 -75.88 2.52 26.84
CA VAL C 503 -74.48 2.11 26.73
C VAL C 503 -74.38 0.60 26.90
N GLY C 504 -73.66 -0.04 25.98
CA GLY C 504 -73.44 -1.47 26.00
C GLY C 504 -74.37 -2.27 25.10
N TYR C 505 -75.51 -1.69 24.69
CA TYR C 505 -76.45 -2.39 23.84
C TYR C 505 -76.65 -1.72 22.49
N GLN C 506 -76.21 -0.48 22.32
CA GLN C 506 -76.33 0.19 21.03
C GLN C 506 -75.37 -0.43 20.02
N PRO C 507 -75.74 -0.43 18.74
CA PRO C 507 -74.86 -1.01 17.72
C PRO C 507 -73.54 -0.25 17.61
N TYR C 508 -72.47 -1.00 17.33
CA TYR C 508 -71.14 -0.43 17.15
C TYR C 508 -70.53 -1.01 15.88
N ARG C 509 -69.98 -0.13 15.04
CA ARG C 509 -69.28 -0.55 13.83
C ARG C 509 -67.81 -0.76 14.19
N VAL C 510 -67.37 -2.01 14.18
CA VAL C 510 -66.02 -2.39 14.60
C VAL C 510 -65.27 -2.93 13.39
N VAL C 511 -64.09 -2.36 13.13
CA VAL C 511 -63.24 -2.76 12.02
C VAL C 511 -61.88 -3.17 12.56
N VAL C 512 -61.40 -4.34 12.15
CA VAL C 512 -60.11 -4.86 12.56
C VAL C 512 -59.23 -4.99 11.33
N LEU C 513 -58.02 -4.42 11.42
CA LEU C 513 -57.06 -4.45 10.32
C LEU C 513 -55.85 -5.30 10.72
N SER C 514 -55.25 -5.94 9.71
CA SER C 514 -54.16 -6.88 9.93
C SER C 514 -52.87 -6.40 9.30
N PHE C 515 -51.75 -6.77 9.92
CA PHE C 515 -50.42 -6.46 9.41
C PHE C 515 -49.57 -7.72 9.40
N GLU C 516 -48.82 -7.91 8.32
CA GLU C 516 -47.89 -9.03 8.21
C GLU C 516 -46.83 -8.68 7.19
N LEU C 517 -45.67 -9.32 7.32
CA LEU C 517 -44.51 -9.06 6.47
C LEU C 517 -44.19 -10.29 5.63
N LEU C 518 -43.77 -10.06 4.40
CA LEU C 518 -43.38 -11.12 3.48
C LEU C 518 -42.05 -10.74 2.82
N HIS C 519 -41.34 -11.76 2.35
CA HIS C 519 -40.06 -11.53 1.69
C HIS C 519 -40.21 -10.85 0.34
N ALA C 520 -41.42 -10.80 -0.21
CA ALA C 520 -41.66 -10.08 -1.45
C ALA C 520 -41.49 -8.58 -1.22
N PRO C 521 -41.12 -7.82 -2.26
CA PRO C 521 -40.98 -6.38 -2.11
C PRO C 521 -42.30 -5.73 -1.66
N ALA C 522 -42.18 -4.74 -0.79
CA ALA C 522 -43.35 -4.07 -0.24
C ALA C 522 -43.87 -3.04 -1.22
N THR C 523 -45.19 -3.04 -1.44
CA THR C 523 -45.83 -2.10 -2.36
C THR C 523 -46.69 -1.06 -1.66
N VAL C 524 -47.00 -1.24 -0.37
CA VAL C 524 -47.83 -0.32 0.38
C VAL C 524 -47.02 0.22 1.56
N CYS C 525 -46.99 1.54 1.71
CA CYS C 525 -46.29 2.18 2.80
C CYS C 525 -46.93 3.52 3.09
N GLY C 526 -46.64 4.05 4.28
CA GLY C 526 -47.22 5.30 4.73
C GLY C 526 -46.62 6.49 4.03
N PRO C 527 -47.26 7.65 4.24
CA PRO C 527 -46.77 8.88 3.62
C PRO C 527 -45.37 9.25 4.09
N LYS C 528 -44.62 9.87 3.20
CA LYS C 528 -43.24 10.27 3.47
C LYS C 528 -43.14 11.78 3.59
N LYS C 529 -42.22 12.23 4.43
CA LYS C 529 -42.05 13.66 4.67
C LYS C 529 -41.49 14.36 3.43
N SER C 530 -42.10 15.48 3.06
CA SER C 530 -41.66 16.28 1.93
C SER C 530 -41.48 17.72 2.39
N THR C 531 -40.31 18.29 2.10
CA THR C 531 -39.99 19.66 2.47
C THR C 531 -40.12 20.58 1.25
N ASN C 532 -40.26 21.87 1.53
CA ASN C 532 -40.39 22.86 0.46
C ASN C 532 -39.08 22.96 -0.33
N LEU C 533 -39.22 23.32 -1.60
CA LEU C 533 -38.07 23.36 -2.50
C LEU C 533 -37.34 24.70 -2.36
N VAL C 534 -36.02 24.63 -2.26
CA VAL C 534 -35.17 25.81 -2.13
C VAL C 534 -34.19 25.81 -3.30
N LYS C 535 -33.95 26.99 -3.87
CA LYS C 535 -33.07 27.16 -5.01
C LYS C 535 -32.03 28.22 -4.71
N ASN C 536 -30.89 28.12 -5.39
CA ASN C 536 -29.78 29.06 -5.28
C ASN C 536 -29.21 29.11 -3.86
N LYS C 537 -29.39 28.04 -3.08
CA LYS C 537 -28.82 27.93 -1.75
C LYS C 537 -28.18 26.56 -1.59
N CYS C 538 -26.96 26.53 -1.05
CA CYS C 538 -26.25 25.27 -0.85
C CYS C 538 -26.95 24.45 0.22
N VAL C 539 -27.57 23.34 -0.18
CA VAL C 539 -28.35 22.51 0.73
C VAL C 539 -28.02 21.04 0.48
N ASN C 540 -28.41 20.20 1.42
CA ASN C 540 -28.31 18.75 1.29
C ASN C 540 -29.61 18.22 0.72
N PHE C 541 -29.54 17.56 -0.43
CA PHE C 541 -30.73 17.09 -1.14
C PHE C 541 -30.80 15.58 -1.12
N ASN C 542 -32.02 15.06 -0.92
CA ASN C 542 -32.31 13.63 -0.98
C ASN C 542 -33.52 13.43 -1.88
N PHE C 543 -33.27 13.33 -3.19
CA PHE C 543 -34.34 13.18 -4.18
C PHE C 543 -34.48 11.69 -4.51
N ASN C 544 -35.28 10.98 -3.71
CA ASN C 544 -35.53 9.56 -3.92
C ASN C 544 -34.23 8.76 -3.95
N GLY C 545 -33.32 9.08 -3.03
CA GLY C 545 -32.10 8.32 -2.88
C GLY C 545 -30.87 8.90 -3.56
N LEU C 546 -30.97 10.09 -4.17
CA LEU C 546 -29.78 10.73 -4.69
C LEU C 546 -28.82 11.11 -3.57
N THR C 547 -29.36 11.55 -2.43
CA THR C 547 -28.63 11.81 -1.18
C THR C 547 -27.26 12.46 -1.44
N GLY C 548 -27.30 13.61 -2.13
CA GLY C 548 -26.11 14.36 -2.41
C GLY C 548 -26.20 15.78 -1.85
N THR C 549 -25.11 16.52 -1.98
CA THR C 549 -25.03 17.88 -1.51
C THR C 549 -24.69 18.81 -2.67
N GLY C 550 -25.28 20.00 -2.64
CA GLY C 550 -25.05 20.98 -3.70
C GLY C 550 -26.14 22.01 -3.72
N VAL C 551 -25.96 23.00 -4.59
CA VAL C 551 -26.91 24.09 -4.77
C VAL C 551 -27.75 23.81 -6.01
N LEU C 552 -29.07 23.98 -5.87
CA LEU C 552 -30.02 23.64 -6.92
C LEU C 552 -30.42 24.91 -7.67
N THR C 553 -30.37 24.84 -9.01
CA THR C 553 -30.75 25.94 -9.87
C THR C 553 -31.66 25.44 -10.98
N GLU C 554 -32.47 26.36 -11.50
CA GLU C 554 -33.33 26.03 -12.62
C GLU C 554 -32.49 25.73 -13.86
N SER C 555 -32.91 24.72 -14.63
CA SER C 555 -32.16 24.26 -15.78
C SER C 555 -33.05 24.25 -17.01
N ASN C 556 -32.43 24.48 -18.17
CA ASN C 556 -33.12 24.43 -19.45
C ASN C 556 -33.07 23.05 -20.09
N LYS C 557 -32.32 22.11 -19.53
CA LYS C 557 -32.27 20.76 -20.07
C LYS C 557 -33.62 20.08 -19.91
N LYS C 558 -33.98 19.27 -20.91
CA LYS C 558 -35.27 18.59 -20.93
C LYS C 558 -35.03 17.09 -20.85
N PHE C 559 -35.66 16.44 -19.88
CA PHE C 559 -35.52 15.00 -19.70
C PHE C 559 -36.62 14.27 -20.48
N LEU C 560 -36.43 12.96 -20.62
CA LEU C 560 -37.49 12.11 -21.12
C LEU C 560 -38.44 11.74 -19.99
N PRO C 561 -39.71 11.44 -20.31
CA PRO C 561 -40.71 11.26 -19.25
C PRO C 561 -40.34 10.19 -18.23
N PHE C 562 -39.71 9.10 -18.64
CA PHE C 562 -39.34 8.06 -17.70
C PHE C 562 -38.05 8.36 -16.95
N GLN C 563 -37.20 9.24 -17.50
CA GLN C 563 -35.91 9.53 -16.87
C GLN C 563 -36.09 10.45 -15.67
N GLN C 564 -35.42 10.10 -14.58
CA GLN C 564 -35.51 10.88 -13.35
C GLN C 564 -34.40 11.92 -13.24
N PHE C 565 -33.14 11.47 -13.22
CA PHE C 565 -32.00 12.36 -13.07
C PHE C 565 -31.03 12.18 -14.23
N GLY C 566 -29.92 12.91 -14.17
CA GLY C 566 -28.96 12.91 -15.25
C GLY C 566 -27.55 12.83 -14.73
N ARG C 567 -26.63 12.51 -15.65
CA ARG C 567 -25.21 12.38 -15.34
C ARG C 567 -24.39 13.05 -16.42
N ASP C 568 -23.19 13.49 -16.04
CA ASP C 568 -22.24 14.09 -16.97
C ASP C 568 -21.31 13.00 -17.50
N ILE C 569 -20.22 13.41 -18.15
CA ILE C 569 -19.28 12.45 -18.71
C ILE C 569 -18.66 11.59 -17.61
N ALA C 570 -18.29 12.20 -16.49
CA ALA C 570 -17.62 11.50 -15.41
C ALA C 570 -18.56 10.70 -14.53
N ASP C 571 -19.80 10.46 -14.98
CA ASP C 571 -20.78 9.68 -14.22
C ASP C 571 -21.04 10.25 -12.84
N THR C 572 -21.15 11.58 -12.77
CA THR C 572 -21.52 12.27 -11.54
C THR C 572 -22.88 12.94 -11.74
N THR C 573 -23.67 12.99 -10.67
CA THR C 573 -25.00 13.57 -10.76
C THR C 573 -24.90 15.05 -11.18
N ASP C 574 -25.73 15.42 -12.16
CA ASP C 574 -25.69 16.76 -12.72
C ASP C 574 -27.05 17.46 -12.67
N ALA C 575 -28.15 16.78 -12.95
CA ALA C 575 -29.47 17.40 -12.89
C ALA C 575 -30.47 16.34 -12.47
N VAL C 576 -31.38 16.73 -11.56
CA VAL C 576 -32.39 15.82 -11.03
C VAL C 576 -33.76 16.48 -11.16
N ARG C 577 -34.75 15.70 -11.57
CA ARG C 577 -36.11 16.17 -11.71
C ARG C 577 -36.83 16.12 -10.37
N ASP C 578 -37.55 17.19 -10.05
CA ASP C 578 -38.30 17.25 -8.80
C ASP C 578 -39.43 16.21 -8.83
N PRO C 579 -39.51 15.33 -7.83
CA PRO C 579 -40.60 14.34 -7.81
C PRO C 579 -41.99 14.96 -7.76
N GLN C 580 -42.17 16.09 -7.06
CA GLN C 580 -43.48 16.70 -6.97
C GLN C 580 -43.89 17.34 -8.30
N THR C 581 -43.14 18.34 -8.75
CA THR C 581 -43.45 19.04 -9.99
C THR C 581 -42.83 18.29 -11.16
N LEU C 582 -42.81 18.93 -12.33
CA LEU C 582 -42.12 18.39 -13.51
C LEU C 582 -41.18 19.48 -14.01
N GLU C 583 -39.98 19.53 -13.42
CA GLU C 583 -38.98 20.51 -13.79
C GLU C 583 -37.60 19.89 -13.56
N ILE C 584 -36.61 20.45 -14.24
CA ILE C 584 -35.24 19.94 -14.21
C ILE C 584 -34.40 20.94 -13.42
N LEU C 585 -33.82 20.48 -12.33
CA LEU C 585 -33.04 21.31 -11.42
C LEU C 585 -31.56 20.93 -11.59
N ASP C 586 -30.82 21.75 -12.34
CA ASP C 586 -29.39 21.51 -12.50
C ASP C 586 -28.73 21.56 -11.13
N ILE C 587 -27.91 20.56 -10.84
CA ILE C 587 -27.29 20.43 -9.52
C ILE C 587 -25.79 20.67 -9.72
N THR C 588 -25.39 21.92 -9.51
CA THR C 588 -23.98 22.24 -9.35
C THR C 588 -23.64 22.23 -7.86
N PRO C 589 -22.51 21.68 -7.45
CA PRO C 589 -22.26 21.49 -6.02
C PRO C 589 -21.78 22.76 -5.33
N CYS C 590 -21.50 22.63 -4.03
CA CYS C 590 -21.08 23.77 -3.23
C CYS C 590 -19.75 24.32 -3.72
N SER C 591 -19.62 25.64 -3.66
CA SER C 591 -18.39 26.28 -4.10
C SER C 591 -17.25 26.06 -3.11
N PHE C 592 -16.04 25.91 -3.64
CA PHE C 592 -14.86 25.78 -2.81
C PHE C 592 -13.67 26.30 -3.60
N GLY C 593 -12.60 26.62 -2.88
CA GLY C 593 -11.40 27.11 -3.52
C GLY C 593 -10.35 27.43 -2.49
N GLY C 594 -9.19 27.87 -2.99
CA GLY C 594 -8.09 28.24 -2.12
C GLY C 594 -8.14 29.71 -1.77
N VAL C 595 -7.82 30.01 -0.51
CA VAL C 595 -7.76 31.38 -0.01
C VAL C 595 -6.32 31.85 -0.14
N SER C 596 -6.10 32.87 -0.95
CA SER C 596 -4.77 33.40 -1.22
C SER C 596 -4.68 34.82 -0.70
N VAL C 597 -3.64 35.11 0.08
CA VAL C 597 -3.44 36.41 0.68
C VAL C 597 -2.48 37.19 -0.20
N ILE C 598 -2.94 38.31 -0.74
CA ILE C 598 -2.14 39.16 -1.62
C ILE C 598 -1.57 40.29 -0.78
N THR C 599 -0.26 40.26 -0.55
CA THR C 599 0.40 41.24 0.28
C THR C 599 1.69 41.72 -0.39
N PRO C 600 2.08 42.95 -0.15
CA PRO C 600 3.45 43.37 -0.47
C PRO C 600 4.38 42.93 0.65
N GLY C 601 5.65 43.29 0.51
CA GLY C 601 6.62 42.96 1.54
C GLY C 601 6.26 43.55 2.89
N THR C 602 6.49 42.79 3.97
CA THR C 602 6.22 43.33 5.29
C THR C 602 7.08 44.53 5.60
N ASN C 603 8.26 44.63 4.96
CA ASN C 603 9.06 45.83 5.09
C ASN C 603 8.35 47.04 4.47
N THR C 604 7.54 46.80 3.44
CA THR C 604 6.81 47.90 2.81
C THR C 604 5.57 48.27 3.61
N SER C 605 4.70 47.30 3.88
CA SER C 605 3.46 47.55 4.61
C SER C 605 2.92 46.24 5.15
N ASN C 606 1.94 46.35 6.04
CA ASN C 606 1.28 45.20 6.64
C ASN C 606 -0.12 44.98 6.08
N GLN C 607 -0.56 45.80 5.13
CA GLN C 607 -1.87 45.61 4.54
C GLN C 607 -1.86 44.41 3.59
N VAL C 608 -2.98 43.69 3.57
CA VAL C 608 -3.12 42.49 2.74
C VAL C 608 -4.45 42.56 2.00
N ALA C 609 -4.55 41.76 0.94
CA ALA C 609 -5.79 41.55 0.23
C ALA C 609 -5.99 40.05 0.07
N VAL C 610 -7.24 39.60 0.21
CA VAL C 610 -7.57 38.18 0.22
C VAL C 610 -8.27 37.82 -1.09
N LEU C 611 -7.81 36.75 -1.73
CA LEU C 611 -8.39 36.26 -2.97
C LEU C 611 -9.11 34.95 -2.69
N TYR C 612 -10.42 34.95 -2.91
CA TYR C 612 -11.23 33.73 -2.82
C TYR C 612 -11.40 33.20 -4.24
N GLN C 613 -10.61 32.18 -4.58
CA GLN C 613 -10.52 31.74 -5.96
C GLN C 613 -11.81 31.06 -6.42
N ASP C 614 -12.31 31.46 -7.59
CA ASP C 614 -13.48 30.86 -8.21
C ASP C 614 -14.70 30.87 -7.28
N VAL C 615 -14.85 31.96 -6.52
CA VAL C 615 -15.95 32.13 -5.59
C VAL C 615 -16.60 33.49 -5.82
N ASN C 616 -17.92 33.48 -5.95
CA ASN C 616 -18.69 34.71 -5.99
C ASN C 616 -18.80 35.31 -4.59
N CYS C 617 -18.46 36.60 -4.45
CA CYS C 617 -18.47 37.23 -3.14
C CYS C 617 -19.84 37.24 -2.49
N THR C 618 -20.91 37.06 -3.28
CA THR C 618 -22.23 36.86 -2.68
C THR C 618 -22.24 35.63 -1.78
N GLU C 619 -21.42 34.64 -2.11
CA GLU C 619 -21.36 33.42 -1.31
C GLU C 619 -20.36 33.55 -0.16
N VAL C 620 -19.46 34.53 -0.25
CA VAL C 620 -18.45 34.74 0.79
C VAL C 620 -19.10 35.29 2.05
N TYR C 636 -9.62 38.96 5.56
CA TYR C 636 -10.44 40.12 5.89
C TYR C 636 -11.92 39.82 5.68
N SER C 637 -12.75 40.44 6.53
CA SER C 637 -14.18 40.28 6.43
C SER C 637 -14.71 40.92 5.15
N THR C 638 -15.80 40.36 4.63
CA THR C 638 -16.40 40.87 3.41
C THR C 638 -17.01 42.25 3.65
N GLY C 639 -17.20 42.98 2.55
CA GLY C 639 -17.72 44.34 2.62
C GLY C 639 -16.68 45.43 2.58
N SER C 640 -15.40 45.09 2.44
CA SER C 640 -14.31 46.07 2.38
C SER C 640 -13.67 45.98 1.01
N ASN C 641 -14.01 46.92 0.13
CA ASN C 641 -13.45 46.99 -1.22
C ASN C 641 -13.64 45.68 -1.98
N VAL C 642 -14.85 45.15 -1.93
CA VAL C 642 -15.17 43.90 -2.60
C VAL C 642 -15.07 44.11 -4.11
N PHE C 643 -14.26 43.28 -4.77
CA PHE C 643 -14.08 43.32 -6.20
C PHE C 643 -14.14 41.90 -6.77
N GLN C 644 -14.66 41.77 -7.98
CA GLN C 644 -14.89 40.48 -8.60
C GLN C 644 -14.14 40.40 -9.94
N THR C 645 -13.50 39.25 -10.17
CA THR C 645 -12.82 39.00 -11.44
C THR C 645 -12.98 37.51 -11.76
N ARG C 646 -12.31 37.06 -12.82
CA ARG C 646 -12.49 35.68 -13.28
C ARG C 646 -11.79 34.69 -12.35
N ALA C 647 -10.59 35.03 -11.88
CA ALA C 647 -9.84 34.13 -11.02
C ALA C 647 -10.46 33.99 -9.63
N GLY C 648 -11.44 34.81 -9.31
CA GLY C 648 -12.04 34.83 -7.98
C GLY C 648 -12.57 36.21 -7.72
N CYS C 649 -12.98 36.44 -6.48
CA CYS C 649 -13.42 37.77 -6.08
C CYS C 649 -12.57 38.27 -4.93
N LEU C 650 -12.08 39.50 -5.07
CA LEU C 650 -11.02 40.06 -4.24
C LEU C 650 -11.59 40.90 -3.11
N ILE C 651 -11.07 40.69 -1.90
CA ILE C 651 -11.48 41.43 -0.71
C ILE C 651 -10.28 42.22 -0.21
N GLY C 652 -10.47 43.53 -0.07
CA GLY C 652 -9.43 44.40 0.46
C GLY C 652 -8.59 45.12 -0.57
N ALA C 653 -8.95 45.04 -1.85
CA ALA C 653 -8.23 45.74 -2.91
C ALA C 653 -9.20 46.60 -3.71
N GLU C 654 -8.75 47.78 -4.10
CA GLU C 654 -9.56 48.75 -4.82
C GLU C 654 -9.24 48.68 -6.31
N HIS C 655 -10.23 48.34 -7.13
CA HIS C 655 -10.03 48.27 -8.56
C HIS C 655 -9.78 49.65 -9.14
N VAL C 656 -8.84 49.73 -10.09
CA VAL C 656 -8.51 50.97 -10.78
C VAL C 656 -8.57 50.72 -12.28
N ASN C 657 -9.10 51.70 -13.01
CA ASN C 657 -9.25 51.55 -14.45
C ASN C 657 -7.94 51.71 -15.20
N ASN C 658 -7.05 52.56 -14.72
CA ASN C 658 -5.75 52.71 -15.37
C ASN C 658 -4.94 51.43 -15.22
N SER C 659 -4.08 51.19 -16.20
CA SER C 659 -3.32 49.95 -16.30
C SER C 659 -1.83 50.21 -16.11
N TYR C 660 -1.21 49.39 -15.27
CA TYR C 660 0.23 49.41 -15.06
C TYR C 660 0.78 48.02 -15.37
N GLU C 661 2.10 47.89 -15.32
CA GLU C 661 2.72 46.57 -15.47
C GLU C 661 2.37 45.70 -14.29
N CYS C 662 2.31 44.39 -14.53
CA CYS C 662 1.95 43.46 -13.47
C CYS C 662 2.96 43.47 -12.34
N ASP C 663 2.47 43.49 -11.11
CA ASP C 663 3.30 43.42 -9.92
C ASP C 663 3.08 42.14 -9.14
N ILE C 664 1.83 41.84 -8.79
CA ILE C 664 1.47 40.57 -8.15
C ILE C 664 0.45 39.87 -9.02
N PRO C 665 0.81 38.77 -9.69
CA PRO C 665 -0.12 38.10 -10.60
C PRO C 665 -1.28 37.46 -9.84
N ILE C 666 -2.50 37.85 -10.21
CA ILE C 666 -3.71 37.29 -9.61
C ILE C 666 -4.33 36.22 -10.50
N GLY C 667 -4.49 36.51 -11.78
CA GLY C 667 -5.08 35.58 -12.72
C GLY C 667 -6.02 36.29 -13.68
N ALA C 668 -6.14 35.74 -14.88
CA ALA C 668 -7.03 36.28 -15.92
C ALA C 668 -6.71 37.75 -16.23
N GLY C 669 -5.43 38.09 -16.22
CA GLY C 669 -4.99 39.42 -16.58
C GLY C 669 -4.98 40.43 -15.45
N ILE C 670 -5.58 40.11 -14.32
CA ILE C 670 -5.63 41.03 -13.19
C ILE C 670 -4.36 40.88 -12.36
N CYS C 671 -3.73 41.99 -12.03
CA CYS C 671 -2.55 42.00 -11.17
C CYS C 671 -2.71 43.06 -10.09
N ALA C 672 -2.46 42.69 -8.85
CA ALA C 672 -2.51 43.61 -7.73
C ALA C 672 -1.16 44.29 -7.52
N SER C 673 -1.20 45.44 -6.87
CA SER C 673 0.01 46.19 -6.58
C SER C 673 -0.25 47.12 -5.41
N TYR C 674 0.83 47.53 -4.75
CA TYR C 674 0.77 48.49 -3.66
C TYR C 674 1.10 49.87 -4.22
N GLN C 675 0.09 50.72 -4.34
CA GLN C 675 0.26 52.02 -4.99
C GLN C 675 -0.78 52.99 -4.44
N THR C 676 -0.39 54.25 -4.35
CA THR C 676 -1.27 55.30 -3.86
C THR C 676 -2.30 55.68 -4.94
N SER C 686 -4.02 56.69 2.22
CA SER C 686 -3.31 57.21 1.05
C SER C 686 -2.76 56.07 0.20
N GLN C 687 -2.22 55.05 0.87
CA GLN C 687 -1.66 53.88 0.20
C GLN C 687 -2.57 52.69 0.42
N SER C 688 -2.90 51.99 -0.67
CA SER C 688 -3.80 50.85 -0.60
C SER C 688 -3.46 49.88 -1.72
N ILE C 689 -3.97 48.66 -1.59
CA ILE C 689 -3.78 47.64 -2.62
C ILE C 689 -4.74 47.89 -3.76
N ILE C 690 -4.21 47.95 -4.98
CA ILE C 690 -5.01 48.20 -6.17
C ILE C 690 -4.93 46.97 -7.07
N ALA C 691 -6.09 46.55 -7.58
CA ALA C 691 -6.18 45.44 -8.52
C ALA C 691 -6.59 45.99 -9.88
N TYR C 692 -5.88 45.56 -10.93
CA TYR C 692 -6.10 46.11 -12.25
C TYR C 692 -5.71 45.09 -13.30
N THR C 693 -6.23 45.29 -14.51
CA THR C 693 -5.73 44.55 -15.67
C THR C 693 -4.34 45.05 -16.02
N MET C 694 -3.40 44.13 -16.18
CA MET C 694 -2.01 44.54 -16.33
C MET C 694 -1.82 45.23 -17.67
N SER C 695 -0.73 45.98 -17.77
CA SER C 695 -0.34 46.64 -19.01
C SER C 695 0.84 45.90 -19.61
N LEU C 696 0.68 45.42 -20.84
CA LEU C 696 1.76 44.70 -21.51
C LEU C 696 2.95 45.59 -21.80
N GLY C 697 2.76 46.91 -21.79
CA GLY C 697 3.83 47.83 -22.08
C GLY C 697 3.30 49.01 -22.86
N ALA C 698 4.19 49.96 -23.12
CA ALA C 698 3.83 51.12 -23.92
C ALA C 698 3.50 50.69 -25.35
N GLU C 699 2.46 51.29 -25.90
CA GLU C 699 2.06 51.04 -27.28
C GLU C 699 2.96 51.89 -28.18
N ASN C 700 4.00 51.28 -28.73
CA ASN C 700 4.97 51.96 -29.58
C ASN C 700 4.65 51.64 -31.03
N SER C 701 3.98 52.55 -31.72
CA SER C 701 3.69 52.41 -33.14
C SER C 701 4.93 52.85 -33.92
N VAL C 702 5.66 51.88 -34.48
CA VAL C 702 6.85 52.22 -35.26
C VAL C 702 6.43 53.03 -36.46
N ALA C 703 7.16 54.14 -36.70
CA ALA C 703 6.82 55.06 -37.78
C ALA C 703 7.19 54.44 -39.12
N TYR C 704 6.43 53.40 -39.49
CA TYR C 704 6.70 52.68 -40.72
C TYR C 704 6.36 53.53 -41.94
N SER C 705 7.14 53.35 -42.98
CA SER C 705 6.87 53.93 -44.29
C SER C 705 7.66 53.13 -45.31
N ASN C 706 7.37 53.35 -46.59
CA ASN C 706 8.10 52.70 -47.65
C ASN C 706 9.37 53.47 -48.02
N ASN C 707 9.68 54.53 -47.26
CA ASN C 707 10.88 55.32 -47.48
C ASN C 707 11.68 55.59 -46.22
N SER C 708 11.16 55.29 -45.04
CA SER C 708 11.78 55.68 -43.79
C SER C 708 12.58 54.51 -43.22
N ILE C 709 13.86 54.75 -42.95
CA ILE C 709 14.73 53.81 -42.26
C ILE C 709 15.44 54.56 -41.14
N ALA C 710 15.82 53.82 -40.11
CA ALA C 710 16.44 54.38 -38.91
C ALA C 710 17.70 53.59 -38.55
N ILE C 711 18.86 54.07 -38.98
CA ILE C 711 20.14 53.47 -38.62
C ILE C 711 20.61 54.13 -37.33
N PRO C 712 20.90 53.36 -36.28
CA PRO C 712 21.43 53.95 -35.06
C PRO C 712 22.79 54.59 -35.30
N THR C 713 23.03 55.71 -34.61
CA THR C 713 24.30 56.41 -34.68
C THR C 713 25.16 56.18 -33.46
N ASN C 714 24.72 55.35 -32.52
CA ASN C 714 25.45 55.11 -31.29
C ASN C 714 24.95 53.80 -30.69
N PHE C 715 25.79 53.21 -29.85
CA PHE C 715 25.49 51.89 -29.31
C PHE C 715 25.61 51.84 -27.80
N THR C 716 25.56 50.63 -27.24
CA THR C 716 25.68 50.45 -25.80
C THR C 716 26.18 49.04 -25.54
N ILE C 717 27.35 48.93 -24.90
CA ILE C 717 27.94 47.63 -24.58
C ILE C 717 27.34 47.22 -23.23
N SER C 718 26.17 46.60 -23.28
CA SER C 718 25.45 46.21 -22.07
C SER C 718 25.80 44.78 -21.70
N VAL C 719 26.10 44.56 -20.43
CA VAL C 719 26.45 43.23 -19.92
C VAL C 719 25.23 42.67 -19.22
N THR C 720 24.74 41.53 -19.70
CA THR C 720 23.59 40.85 -19.13
C THR C 720 24.06 39.68 -18.28
N THR C 721 23.48 39.53 -17.10
CA THR C 721 23.82 38.45 -16.19
C THR C 721 22.79 37.34 -16.33
N GLU C 722 23.25 36.13 -16.62
CA GLU C 722 22.40 34.97 -16.78
C GLU C 722 22.81 33.90 -15.79
N ILE C 723 21.86 33.40 -15.01
CA ILE C 723 22.11 32.42 -13.96
C ILE C 723 21.50 31.09 -14.39
N LEU C 724 22.29 30.03 -14.34
CA LEU C 724 21.84 28.69 -14.70
C LEU C 724 22.28 27.68 -13.67
N PRO C 725 21.35 26.91 -13.09
CA PRO C 725 21.76 25.76 -12.28
C PRO C 725 22.52 24.76 -13.13
N VAL C 726 23.51 24.11 -12.54
CA VAL C 726 24.36 23.17 -13.26
C VAL C 726 24.32 21.82 -12.57
N SER C 727 24.08 21.82 -11.26
CA SER C 727 24.05 20.59 -10.49
C SER C 727 23.22 20.84 -9.23
N MET C 728 22.87 19.73 -8.57
CA MET C 728 22.15 19.79 -7.31
C MET C 728 22.98 19.09 -6.25
N THR C 729 22.48 19.13 -5.01
CA THR C 729 23.20 18.51 -3.91
C THR C 729 23.33 17.02 -4.14
N LYS C 730 24.56 16.51 -3.95
CA LYS C 730 24.88 15.13 -4.29
C LYS C 730 24.57 14.20 -3.11
N THR C 731 23.28 14.12 -2.78
CA THR C 731 22.85 13.34 -1.64
C THR C 731 22.68 11.87 -2.02
N SER C 732 22.59 11.03 -1.00
CA SER C 732 22.31 9.62 -1.17
C SER C 732 21.64 9.11 0.10
N VAL C 733 20.73 8.16 -0.05
CA VAL C 733 19.97 7.61 1.07
C VAL C 733 20.17 6.10 1.09
N ASP C 734 20.58 5.57 2.23
CA ASP C 734 20.66 4.14 2.43
C ASP C 734 19.27 3.65 2.80
N CYS C 735 18.66 2.86 1.91
CA CYS C 735 17.25 2.48 2.08
C CYS C 735 17.05 1.70 3.37
N THR C 736 17.95 0.76 3.68
CA THR C 736 17.78 -0.04 4.89
C THR C 736 17.83 0.83 6.14
N MET C 737 18.78 1.77 6.20
CA MET C 737 18.86 2.66 7.35
C MET C 737 17.64 3.56 7.47
N TYR C 738 17.17 4.10 6.34
CA TYR C 738 16.02 4.99 6.38
C TYR C 738 14.77 4.26 6.84
N ILE C 739 14.45 3.14 6.18
CA ILE C 739 13.26 2.39 6.55
C ILE C 739 13.39 1.82 7.95
N CYS C 740 14.56 1.27 8.27
CA CYS C 740 14.74 0.45 9.46
C CYS C 740 15.88 1.03 10.29
N GLY C 741 15.66 1.13 11.60
CA GLY C 741 16.70 1.64 12.46
C GLY C 741 17.74 0.60 12.80
N ASP C 742 18.13 0.52 14.07
CA ASP C 742 19.06 -0.52 14.51
C ASP C 742 18.41 -1.90 14.56
N SER C 743 17.09 -1.97 14.46
CA SER C 743 16.39 -3.24 14.56
C SER C 743 16.66 -4.12 13.34
N THR C 744 16.63 -5.44 13.55
CA THR C 744 16.79 -6.40 12.48
C THR C 744 15.47 -7.01 12.02
N GLU C 745 14.44 -7.00 12.87
CA GLU C 745 13.13 -7.49 12.45
C GLU C 745 12.58 -6.67 11.30
N CYS C 746 12.74 -5.34 11.38
CA CYS C 746 12.35 -4.49 10.27
C CYS C 746 13.13 -4.84 9.01
N SER C 747 14.44 -5.06 9.15
CA SER C 747 15.23 -5.47 7.99
C SER C 747 14.77 -6.82 7.45
N ASN C 748 14.44 -7.75 8.34
CA ASN C 748 13.97 -9.06 7.91
C ASN C 748 12.68 -8.93 7.10
N LEU C 749 11.77 -8.05 7.53
CA LEU C 749 10.57 -7.80 6.74
C LEU C 749 10.89 -7.01 5.47
N LEU C 750 12.00 -6.27 5.46
CA LEU C 750 12.35 -5.49 4.28
C LEU C 750 12.88 -6.36 3.14
N LEU C 751 13.70 -7.36 3.48
CA LEU C 751 14.22 -8.24 2.41
C LEU C 751 13.11 -8.98 1.69
N GLN C 752 11.96 -9.20 2.33
CA GLN C 752 10.91 -9.96 1.67
C GLN C 752 10.15 -9.14 0.64
N TYR C 753 10.30 -7.81 0.65
CA TYR C 753 9.65 -7.01 -0.38
C TYR C 753 10.35 -7.12 -1.73
N GLY C 754 11.66 -7.41 -1.73
CA GLY C 754 12.40 -7.60 -2.96
C GLY C 754 13.52 -6.57 -3.08
N SER C 755 13.71 -6.08 -4.31
CA SER C 755 14.82 -5.18 -4.64
C SER C 755 14.37 -3.74 -4.80
N PHE C 756 13.39 -3.29 -4.00
CA PHE C 756 13.02 -1.88 -4.02
C PHE C 756 14.17 -1.01 -3.52
N CYS C 757 14.79 -1.41 -2.41
CA CYS C 757 15.87 -0.61 -1.84
C CYS C 757 17.06 -0.53 -2.79
N THR C 758 17.40 -1.65 -3.44
CA THR C 758 18.49 -1.63 -4.41
C THR C 758 18.17 -0.69 -5.56
N GLN C 759 16.92 -0.70 -6.04
CA GLN C 759 16.54 0.21 -7.11
C GLN C 759 16.66 1.66 -6.69
N LEU C 760 16.21 1.98 -5.47
CA LEU C 760 16.29 3.36 -4.99
C LEU C 760 17.75 3.81 -4.85
N ASN C 761 18.60 2.94 -4.28
CA ASN C 761 20.01 3.28 -4.14
C ASN C 761 20.68 3.46 -5.50
N ARG C 762 20.33 2.60 -6.46
CA ARG C 762 20.89 2.72 -7.80
C ARG C 762 20.45 4.03 -8.46
N ALA C 763 19.18 4.40 -8.29
CA ALA C 763 18.70 5.66 -8.85
C ALA C 763 19.43 6.85 -8.24
N LEU C 764 19.63 6.83 -6.91
CA LEU C 764 20.32 7.94 -6.27
C LEU C 764 21.78 8.01 -6.70
N THR C 765 22.44 6.85 -6.85
CA THR C 765 23.82 6.84 -7.32
C THR C 765 23.90 7.35 -8.75
N GLY C 766 22.94 6.98 -9.60
CA GLY C 766 22.90 7.52 -10.95
C GLY C 766 22.72 9.02 -10.95
N ILE C 767 21.88 9.54 -10.05
CA ILE C 767 21.72 10.98 -9.94
C ILE C 767 23.03 11.65 -9.54
N ALA C 768 23.74 11.06 -8.58
CA ALA C 768 25.00 11.63 -8.13
C ALA C 768 26.03 11.66 -9.26
N VAL C 769 26.17 10.55 -9.98
CA VAL C 769 27.09 10.50 -11.11
C VAL C 769 26.66 11.49 -12.19
N GLU C 770 25.34 11.67 -12.36
CA GLU C 770 24.85 12.65 -13.31
C GLU C 770 25.24 14.06 -12.91
N GLN C 771 25.18 14.39 -11.62
CA GLN C 771 25.59 15.72 -11.18
C GLN C 771 27.08 15.94 -11.41
N ASP C 772 27.90 14.92 -11.13
CA ASP C 772 29.33 15.05 -11.43
C ASP C 772 29.56 15.24 -12.93
N LYS C 773 28.83 14.50 -13.75
CA LYS C 773 28.96 14.63 -15.20
C LYS C 773 28.49 16.00 -15.67
N ASN C 774 27.45 16.55 -15.04
CA ASN C 774 26.98 17.88 -15.38
C ASN C 774 28.04 18.93 -15.10
N THR C 775 28.64 18.88 -13.93
CA THR C 775 29.69 19.84 -13.60
C THR C 775 30.88 19.69 -14.55
N GLN C 776 31.30 18.45 -14.83
CA GLN C 776 32.44 18.22 -15.71
C GLN C 776 32.13 18.57 -17.16
N GLU C 777 30.86 18.51 -17.57
CA GLU C 777 30.49 18.88 -18.93
C GLU C 777 30.39 20.39 -19.08
N VAL C 778 29.93 21.09 -18.04
CA VAL C 778 29.80 22.54 -18.12
C VAL C 778 31.17 23.20 -18.02
N PHE C 779 31.95 22.86 -16.99
CA PHE C 779 33.14 23.64 -16.69
C PHE C 779 34.41 23.15 -17.36
N ALA C 780 34.49 21.87 -17.72
CA ALA C 780 35.71 21.30 -18.29
C ALA C 780 35.72 21.34 -19.81
N GLN C 781 35.08 22.34 -20.42
CA GLN C 781 35.19 22.53 -21.87
C GLN C 781 36.64 22.72 -22.27
N VAL C 782 37.41 23.44 -21.45
CA VAL C 782 38.82 23.66 -21.72
C VAL C 782 39.60 22.39 -21.41
N LYS C 783 40.69 22.18 -22.15
CA LYS C 783 41.54 21.02 -21.96
C LYS C 783 42.86 21.36 -21.27
N GLN C 784 43.31 22.61 -21.35
CA GLN C 784 44.60 23.03 -20.83
C GLN C 784 44.38 24.30 -20.02
N ILE C 785 44.87 24.32 -18.79
CA ILE C 785 44.64 25.46 -17.91
C ILE C 785 45.43 26.65 -18.41
N TYR C 786 44.76 27.78 -18.59
CA TYR C 786 45.36 29.01 -19.10
C TYR C 786 45.54 30.01 -17.98
N LYS C 787 46.52 30.88 -18.14
CA LYS C 787 46.86 31.89 -17.15
C LYS C 787 46.87 33.27 -17.80
N THR C 788 46.25 34.23 -17.11
CA THR C 788 46.27 35.60 -17.58
C THR C 788 47.69 36.17 -17.39
N PRO C 789 48.18 36.96 -18.36
CA PRO C 789 49.53 37.51 -18.23
C PRO C 789 49.63 38.38 -16.99
N PRO C 790 50.83 38.51 -16.42
CA PRO C 790 50.97 39.29 -15.18
C PRO C 790 50.54 40.73 -15.30
N ILE C 791 50.74 41.36 -16.45
CA ILE C 791 50.34 42.74 -16.68
C ILE C 791 49.07 42.74 -17.53
N LYS C 792 48.00 43.33 -17.00
CA LYS C 792 46.71 43.36 -17.67
C LYS C 792 46.65 44.61 -18.54
N ASP C 793 47.34 44.55 -19.67
CA ASP C 793 47.35 45.63 -20.66
C ASP C 793 46.43 45.22 -21.79
N PHE C 794 45.13 45.43 -21.59
CA PHE C 794 44.10 45.00 -22.53
C PHE C 794 43.47 46.16 -23.28
N GLY C 795 44.24 47.22 -23.51
CA GLY C 795 43.73 48.35 -24.26
C GLY C 795 42.64 49.14 -23.57
N GLY C 796 42.56 49.06 -22.25
CA GLY C 796 41.57 49.79 -21.48
C GLY C 796 40.50 48.92 -20.86
N PHE C 797 40.29 47.73 -21.45
CA PHE C 797 39.25 46.78 -20.99
C PHE C 797 39.69 46.20 -19.64
N ASN C 798 38.82 46.29 -18.63
CA ASN C 798 39.19 45.89 -17.26
C ASN C 798 38.42 44.63 -16.89
N PHE C 799 39.13 43.63 -16.36
CA PHE C 799 38.53 42.29 -16.09
C PHE C 799 38.83 41.93 -14.63
N SER C 800 39.33 42.90 -13.87
CA SER C 800 39.67 42.66 -12.46
C SER C 800 38.48 42.13 -11.68
N GLN C 801 37.26 42.45 -12.11
CA GLN C 801 36.08 41.95 -11.43
C GLN C 801 35.82 40.48 -11.73
N ILE C 802 36.24 40.00 -12.90
CA ILE C 802 36.03 38.60 -13.26
C ILE C 802 37.30 37.77 -13.15
N LEU C 803 38.47 38.38 -13.21
CA LEU C 803 39.69 37.61 -13.06
C LEU C 803 39.93 37.25 -11.59
N PRO C 804 40.60 36.14 -11.32
CA PRO C 804 40.83 35.74 -9.93
C PRO C 804 41.61 36.79 -9.16
N ASP C 805 41.28 36.91 -7.87
CA ASP C 805 41.96 37.86 -6.99
C ASP C 805 43.00 37.12 -6.17
N PRO C 806 44.29 37.37 -6.39
CA PRO C 806 45.33 36.60 -5.68
C PRO C 806 45.33 36.78 -4.18
N SER C 807 44.90 37.94 -3.68
CA SER C 807 45.07 38.25 -2.26
C SER C 807 44.28 37.30 -1.37
N LYS C 808 42.99 37.11 -1.66
CA LYS C 808 42.14 36.31 -0.80
C LYS C 808 42.50 34.83 -0.92
N PRO C 809 42.26 34.05 0.15
CA PRO C 809 42.77 32.66 0.17
C PRO C 809 42.27 31.80 -0.99
N SER C 810 41.02 31.96 -1.40
CA SER C 810 40.48 31.25 -2.55
C SER C 810 40.52 32.17 -3.75
N LYS C 811 41.14 31.71 -4.84
CA LYS C 811 41.36 32.55 -6.01
C LYS C 811 40.06 32.69 -6.81
N ARG C 812 39.06 33.24 -6.13
CA ARG C 812 37.77 33.54 -6.74
C ARG C 812 37.67 35.03 -7.03
N SER C 813 37.07 35.36 -8.16
CA SER C 813 36.98 36.74 -8.59
C SER C 813 36.04 37.53 -7.68
N PRO C 814 36.14 38.86 -7.70
CA PRO C 814 35.21 39.67 -6.88
C PRO C 814 33.75 39.38 -7.17
N ILE C 815 33.37 39.15 -8.42
CA ILE C 815 31.98 38.76 -8.72
C ILE C 815 31.67 37.42 -8.08
N GLU C 816 32.56 36.44 -8.25
CA GLU C 816 32.34 35.12 -7.69
C GLU C 816 32.26 35.15 -6.17
N ASP C 817 32.96 36.10 -5.54
CA ASP C 817 32.93 36.19 -4.08
C ASP C 817 31.52 36.41 -3.56
N LEU C 818 30.83 37.43 -4.08
CA LEU C 818 29.47 37.65 -3.64
C LEU C 818 28.48 36.70 -4.29
N LEU C 819 28.84 36.08 -5.42
CA LEU C 819 28.00 35.01 -5.94
C LEU C 819 27.93 33.86 -4.96
N PHE C 820 29.06 33.52 -4.34
CA PHE C 820 29.07 32.49 -3.31
C PHE C 820 28.50 32.98 -1.99
N ASN C 821 28.70 34.26 -1.67
CA ASN C 821 28.17 34.81 -0.42
C ASN C 821 26.65 34.86 -0.42
N LYS C 822 26.05 35.23 -1.55
CA LYS C 822 24.60 35.42 -1.59
C LYS C 822 23.86 34.11 -1.36
N VAL C 823 24.30 33.03 -1.97
CA VAL C 823 23.63 31.74 -1.83
C VAL C 823 23.98 31.13 -0.49
N THR C 824 22.96 30.79 0.30
CA THR C 824 23.17 30.20 1.61
C THR C 824 22.64 28.78 1.67
N LYS C 851 21.57 15.12 10.09
CA LYS C 851 20.70 14.07 9.59
C LYS C 851 21.47 12.78 9.37
N PHE C 852 21.18 11.77 10.19
CA PHE C 852 21.83 10.47 10.08
C PHE C 852 20.82 9.34 10.08
N ASN C 853 19.73 9.51 9.33
CA ASN C 853 18.73 8.47 9.13
C ASN C 853 18.99 7.67 7.86
N GLY C 854 20.25 7.43 7.53
CA GLY C 854 20.61 6.95 6.22
C GLY C 854 20.91 8.04 5.22
N LEU C 855 20.77 9.31 5.61
CA LEU C 855 20.98 10.43 4.73
C LEU C 855 22.45 10.84 4.75
N THR C 856 23.09 10.78 3.58
CA THR C 856 24.46 11.24 3.43
C THR C 856 24.55 12.15 2.22
N VAL C 857 25.44 13.14 2.31
CA VAL C 857 25.65 14.10 1.24
C VAL C 857 27.06 13.85 0.70
N LEU C 858 27.13 13.20 -0.44
CA LEU C 858 28.42 12.92 -1.06
C LEU C 858 29.07 14.22 -1.50
N PRO C 859 30.35 14.44 -1.21
CA PRO C 859 31.01 15.66 -1.65
C PRO C 859 31.14 15.69 -3.16
N PRO C 860 31.00 16.86 -3.79
CA PRO C 860 31.20 16.95 -5.24
C PRO C 860 32.64 16.61 -5.61
N LEU C 861 32.80 15.95 -6.76
CA LEU C 861 34.13 15.58 -7.21
C LEU C 861 34.99 16.80 -7.51
N LEU C 862 34.40 17.80 -8.15
CA LEU C 862 35.10 19.05 -8.46
C LEU C 862 34.85 20.03 -7.32
N THR C 863 35.89 20.32 -6.55
CA THR C 863 35.76 21.28 -5.47
C THR C 863 35.61 22.70 -6.02
N ASP C 864 35.14 23.60 -5.16
CA ASP C 864 34.84 24.96 -5.61
C ASP C 864 36.10 25.69 -6.08
N GLU C 865 37.24 25.46 -5.44
CA GLU C 865 38.50 26.00 -5.95
C GLU C 865 38.82 25.43 -7.33
N MET C 866 38.55 24.14 -7.52
CA MET C 866 38.82 23.49 -8.80
C MET C 866 37.90 24.01 -9.90
N ILE C 867 36.61 24.19 -9.59
CA ILE C 867 35.68 24.78 -10.54
C ILE C 867 36.07 26.22 -10.85
N ALA C 868 36.54 26.95 -9.84
CA ALA C 868 37.04 28.30 -10.08
C ALA C 868 38.28 28.29 -10.96
N GLN C 869 39.11 27.25 -10.86
CA GLN C 869 40.27 27.16 -11.73
C GLN C 869 39.87 26.89 -13.18
N TYR C 870 38.90 26.00 -13.38
CA TYR C 870 38.27 25.87 -14.71
C TYR C 870 37.75 27.21 -15.23
N THR C 871 37.02 27.94 -14.37
CA THR C 871 36.47 29.22 -14.80
C THR C 871 37.56 30.21 -15.16
N SER C 872 38.64 30.24 -14.37
CA SER C 872 39.74 31.15 -14.65
C SER C 872 40.46 30.77 -15.94
N ALA C 873 40.60 29.47 -16.20
CA ALA C 873 41.20 29.04 -17.46
C ALA C 873 40.35 29.46 -18.64
N LEU C 874 39.03 29.30 -18.53
CA LEU C 874 38.14 29.74 -19.61
C LEU C 874 38.22 31.24 -19.81
N LEU C 875 38.25 32.01 -18.72
CA LEU C 875 38.37 33.46 -18.83
C LEU C 875 39.68 33.87 -19.47
N ALA C 876 40.79 33.24 -19.07
CA ALA C 876 42.09 33.58 -19.63
C ALA C 876 42.16 33.24 -21.11
N GLY C 877 41.61 32.08 -21.49
CA GLY C 877 41.56 31.73 -22.90
C GLY C 877 40.73 32.71 -23.70
N THR C 878 39.56 33.10 -23.16
CA THR C 878 38.71 34.05 -23.86
C THR C 878 39.39 35.41 -24.00
N ILE C 879 40.09 35.85 -22.96
CA ILE C 879 40.70 37.17 -22.98
C ILE C 879 41.90 37.20 -23.93
N THR C 880 42.75 36.19 -23.87
CA THR C 880 44.01 36.25 -24.61
C THR C 880 43.86 35.71 -26.03
N SER C 881 43.21 34.56 -26.19
CA SER C 881 43.10 33.89 -27.48
C SER C 881 41.81 34.20 -28.22
N GLY C 882 40.70 34.31 -27.51
CA GLY C 882 39.41 34.56 -28.14
C GLY C 882 38.59 33.29 -28.23
N TRP C 883 38.03 33.02 -29.41
CA TRP C 883 37.36 31.75 -29.65
C TRP C 883 38.31 30.66 -30.11
N THR C 884 39.57 31.00 -30.37
CA THR C 884 40.51 30.04 -30.92
C THR C 884 40.93 28.96 -29.92
N PHE C 885 40.66 29.17 -28.63
CA PHE C 885 41.07 28.18 -27.64
C PHE C 885 40.08 27.03 -27.50
N GLY C 886 38.96 27.08 -28.21
CA GLY C 886 38.00 26.00 -28.17
C GLY C 886 37.95 25.20 -29.46
N ALA C 887 38.68 25.66 -30.47
CA ALA C 887 38.72 25.02 -31.78
C ALA C 887 40.13 24.54 -32.14
N GLY C 888 40.97 24.31 -31.14
CA GLY C 888 42.32 23.87 -31.38
C GLY C 888 43.31 24.50 -30.42
N PRO C 889 44.47 24.90 -30.94
CA PRO C 889 45.46 25.58 -30.09
C PRO C 889 45.06 27.03 -29.86
N ALA C 890 45.23 27.47 -28.61
CA ALA C 890 44.95 28.85 -28.27
C ALA C 890 45.96 29.76 -28.97
N LEU C 891 45.46 30.75 -29.71
CA LEU C 891 46.29 31.65 -30.48
C LEU C 891 46.14 33.05 -29.90
N GLN C 892 47.24 33.63 -29.42
CA GLN C 892 47.15 34.93 -28.77
C GLN C 892 46.75 36.00 -29.77
N ILE C 893 45.99 36.98 -29.29
CA ILE C 893 45.55 38.12 -30.10
C ILE C 893 45.20 39.24 -29.13
N PRO C 894 45.62 40.48 -29.40
CA PRO C 894 45.28 41.58 -28.49
C PRO C 894 43.77 41.74 -28.36
N PHE C 895 43.33 42.03 -27.13
CA PHE C 895 41.89 42.19 -26.89
C PHE C 895 41.26 43.30 -27.73
N PRO C 896 41.89 44.45 -27.96
CA PRO C 896 41.30 45.41 -28.90
C PRO C 896 41.11 44.85 -30.29
N MET C 897 41.81 43.77 -30.65
CA MET C 897 41.57 43.11 -31.92
C MET C 897 40.57 41.97 -31.81
N GLN C 898 40.53 41.27 -30.68
CA GLN C 898 39.49 40.25 -30.50
C GLN C 898 38.11 40.88 -30.47
N MET C 899 37.96 42.01 -29.78
CA MET C 899 36.65 42.65 -29.76
C MET C 899 36.29 43.21 -31.13
N ALA C 900 37.30 43.57 -31.93
CA ALA C 900 37.04 43.96 -33.31
C ALA C 900 36.56 42.76 -34.14
N TYR C 901 37.16 41.58 -33.91
CA TYR C 901 36.62 40.35 -34.46
C TYR C 901 35.15 40.20 -34.12
N ARG C 902 34.81 40.40 -32.84
CA ARG C 902 33.45 40.17 -32.38
C ARG C 902 32.49 41.23 -32.94
N PHE C 903 32.98 42.45 -33.18
CA PHE C 903 32.18 43.43 -33.92
C PHE C 903 31.94 42.98 -35.35
N ASN C 904 32.99 42.49 -36.02
CA ASN C 904 32.80 41.96 -37.37
C ASN C 904 31.79 40.80 -37.37
N GLY C 905 31.71 40.08 -36.26
CA GLY C 905 30.79 38.96 -36.16
C GLY C 905 29.34 39.34 -36.01
N ILE C 906 29.02 40.63 -35.88
CA ILE C 906 27.65 41.10 -35.79
C ILE C 906 27.32 42.11 -36.87
N GLY C 907 28.12 42.15 -37.94
CA GLY C 907 27.85 43.05 -39.04
C GLY C 907 28.31 44.48 -38.84
N VAL C 908 29.01 44.78 -37.76
CA VAL C 908 29.52 46.12 -37.49
C VAL C 908 31.01 46.11 -37.84
N THR C 909 31.41 47.00 -38.75
CA THR C 909 32.80 47.04 -39.17
C THR C 909 33.71 47.37 -38.00
N GLN C 910 34.90 46.77 -38.00
CA GLN C 910 35.89 46.99 -36.95
C GLN C 910 36.37 48.43 -36.88
N ASN C 911 36.12 49.22 -37.92
CA ASN C 911 36.32 50.67 -37.85
C ASN C 911 35.70 51.26 -36.59
N VAL C 912 34.50 50.78 -36.24
CA VAL C 912 33.74 51.37 -35.14
C VAL C 912 34.55 51.33 -33.85
N LEU C 913 35.16 50.18 -33.56
CA LEU C 913 35.90 50.05 -32.31
C LEU C 913 37.18 50.88 -32.32
N TYR C 914 37.96 50.77 -33.39
CA TYR C 914 39.25 51.46 -33.40
C TYR C 914 39.08 52.96 -33.42
N GLU C 915 37.90 53.45 -33.81
CA GLU C 915 37.62 54.87 -33.63
C GLU C 915 36.89 55.15 -32.31
N ASN C 916 36.47 54.10 -31.60
CA ASN C 916 35.79 54.26 -30.32
C ASN C 916 36.37 53.32 -29.27
N GLN C 917 37.68 53.09 -29.30
CA GLN C 917 38.28 52.11 -28.41
C GLN C 917 38.13 52.52 -26.94
N LYS C 918 38.48 53.77 -26.63
CA LYS C 918 38.39 54.24 -25.25
C LYS C 918 36.94 54.25 -24.77
N LEU C 919 36.02 54.72 -25.60
CA LEU C 919 34.62 54.78 -25.22
C LEU C 919 34.06 53.39 -24.97
N ILE C 920 34.36 52.44 -25.84
CA ILE C 920 33.84 51.09 -25.67
C ILE C 920 34.46 50.42 -24.47
N ALA C 921 35.76 50.65 -24.22
CA ALA C 921 36.40 50.11 -23.03
C ALA C 921 35.74 50.67 -21.77
N ASN C 922 35.48 51.98 -21.74
CA ASN C 922 34.82 52.58 -20.59
C ASN C 922 33.42 52.02 -20.39
N GLN C 923 32.67 51.84 -21.49
CA GLN C 923 31.34 51.27 -21.37
C GLN C 923 31.38 49.84 -20.84
N PHE C 924 32.34 49.05 -21.31
CA PHE C 924 32.49 47.68 -20.84
C PHE C 924 32.81 47.64 -19.36
N ASN C 925 33.77 48.47 -18.93
CA ASN C 925 34.14 48.52 -17.51
C ASN C 925 32.97 48.98 -16.65
N SER C 926 32.25 50.01 -17.10
CA SER C 926 31.12 50.52 -16.32
C SER C 926 29.99 49.49 -16.26
N ALA C 927 29.76 48.77 -17.35
CA ALA C 927 28.75 47.72 -17.33
C ALA C 927 29.12 46.62 -16.34
N ILE C 928 30.38 46.21 -16.33
CA ILE C 928 30.81 45.19 -15.37
C ILE C 928 30.68 45.71 -13.93
N GLY C 929 31.04 46.97 -13.70
CA GLY C 929 30.87 47.55 -12.38
C GLY C 929 29.41 47.62 -11.95
N LYS C 930 28.53 47.95 -12.89
CA LYS C 930 27.10 47.98 -12.58
C LYS C 930 26.56 46.59 -12.29
N ILE C 931 27.06 45.57 -12.98
CA ILE C 931 26.73 44.20 -12.61
C ILE C 931 27.19 43.88 -11.20
N GLN C 932 28.42 44.29 -10.87
CA GLN C 932 28.92 44.13 -9.51
C GLN C 932 27.96 44.74 -8.50
N ASP C 933 27.58 45.99 -8.71
CA ASP C 933 26.72 46.69 -7.77
C ASP C 933 25.33 46.07 -7.68
N SER C 934 24.74 45.72 -8.83
CA SER C 934 23.40 45.15 -8.83
C SER C 934 23.39 43.79 -8.14
N LEU C 935 24.40 42.96 -8.38
CA LEU C 935 24.48 41.68 -7.69
C LEU C 935 24.69 41.87 -6.19
N SER C 936 25.53 42.85 -5.81
CA SER C 936 25.78 43.08 -4.40
C SER C 936 24.53 43.57 -3.67
N SER C 937 23.77 44.46 -4.31
CA SER C 937 22.64 45.11 -3.63
C SER C 937 21.39 44.21 -3.62
N THR C 938 20.90 43.88 -4.80
CA THR C 938 19.65 43.11 -4.89
C THR C 938 19.86 41.69 -4.37
N PRO C 939 19.06 41.24 -3.39
CA PRO C 939 19.28 39.89 -2.83
C PRO C 939 18.66 38.77 -3.66
N SER C 940 17.64 39.06 -4.47
CA SER C 940 16.95 38.05 -5.26
C SER C 940 17.61 37.83 -6.62
N ALA C 941 18.89 38.17 -6.77
CA ALA C 941 19.55 38.01 -8.06
C ALA C 941 19.76 36.53 -8.39
N LEU C 942 20.25 35.75 -7.44
CA LEU C 942 20.57 34.34 -7.67
C LEU C 942 19.38 33.46 -7.36
N GLY C 943 18.24 33.83 -7.96
CA GLY C 943 16.99 33.16 -7.65
C GLY C 943 16.97 31.71 -8.07
N LYS C 944 17.54 31.40 -9.24
CA LYS C 944 17.50 30.02 -9.73
C LYS C 944 18.29 29.09 -8.82
N LEU C 945 19.53 29.45 -8.50
CA LEU C 945 20.34 28.62 -7.61
C LEU C 945 19.71 28.52 -6.23
N GLN C 946 19.22 29.65 -5.70
CA GLN C 946 18.60 29.61 -4.38
C GLN C 946 17.37 28.71 -4.38
N ASP C 947 16.57 28.76 -5.46
CA ASP C 947 15.38 27.92 -5.56
C ASP C 947 15.76 26.45 -5.64
N VAL C 948 16.80 26.12 -6.41
CA VAL C 948 17.21 24.72 -6.51
C VAL C 948 17.67 24.21 -5.15
N VAL C 949 18.50 25.00 -4.46
CA VAL C 949 18.99 24.58 -3.15
C VAL C 949 17.85 24.44 -2.16
N ASN C 950 16.92 25.40 -2.15
CA ASN C 950 15.79 25.34 -1.23
C ASN C 950 14.89 24.16 -1.54
N GLN C 951 14.67 23.85 -2.83
CA GLN C 951 13.84 22.72 -3.20
C GLN C 951 14.46 21.41 -2.71
N ASN C 952 15.77 21.24 -2.93
CA ASN C 952 16.42 20.03 -2.43
C ASN C 952 16.38 19.95 -0.91
N ALA C 953 16.61 21.09 -0.24
CA ALA C 953 16.60 21.10 1.22
C ALA C 953 15.22 20.76 1.77
N GLN C 954 14.16 21.31 1.18
CA GLN C 954 12.83 21.04 1.70
C GLN C 954 12.39 19.62 1.36
N ALA C 955 12.85 19.08 0.22
CA ALA C 955 12.59 17.67 -0.06
C ALA C 955 13.25 16.78 0.97
N LEU C 956 14.51 17.07 1.32
CA LEU C 956 15.19 16.30 2.35
C LEU C 956 14.49 16.44 3.70
N ASN C 957 14.06 17.66 4.04
CA ASN C 957 13.39 17.88 5.32
C ASN C 957 12.07 17.13 5.37
N THR C 958 11.30 17.14 4.28
CA THR C 958 10.06 16.37 4.24
C THR C 958 10.33 14.88 4.38
N LEU C 959 11.36 14.38 3.70
CA LEU C 959 11.70 12.96 3.80
C LEU C 959 12.07 12.59 5.23
N VAL C 960 12.80 13.47 5.92
CA VAL C 960 13.18 13.20 7.30
C VAL C 960 11.96 13.26 8.22
N LYS C 961 11.10 14.27 8.03
CA LYS C 961 9.90 14.40 8.85
C LYS C 961 8.92 13.26 8.63
N GLN C 962 8.99 12.58 7.48
CA GLN C 962 8.09 11.46 7.24
C GLN C 962 8.29 10.32 8.23
N LEU C 963 9.43 10.29 8.93
CA LEU C 963 9.64 9.26 9.95
C LEU C 963 8.74 9.45 11.17
N SER C 964 8.27 10.67 11.42
CA SER C 964 7.43 10.95 12.56
C SER C 964 5.96 10.65 12.32
N SER C 965 5.58 10.24 11.11
CA SER C 965 4.20 9.96 10.79
C SER C 965 3.88 8.49 11.10
N ASN C 966 2.69 8.26 11.64
CA ASN C 966 2.31 6.90 12.05
C ASN C 966 2.11 5.98 10.87
N PHE C 967 1.63 6.49 9.75
CA PHE C 967 1.30 5.68 8.57
C PHE C 967 0.26 4.61 8.88
N GLY C 968 -0.55 4.84 9.91
CA GLY C 968 -1.54 3.88 10.34
C GLY C 968 -1.10 3.00 11.49
N ALA C 969 0.20 2.88 11.72
CA ALA C 969 0.69 2.13 12.87
C ALA C 969 0.41 2.90 14.15
N ILE C 970 0.16 2.14 15.23
CA ILE C 970 -0.18 2.77 16.50
C ILE C 970 1.01 3.49 17.12
N SER C 971 2.21 3.35 16.54
CA SER C 971 3.39 4.04 17.01
C SER C 971 4.22 4.53 15.83
N SER C 972 4.68 5.78 15.91
CA SER C 972 5.50 6.36 14.86
C SER C 972 6.98 6.08 15.05
N VAL C 973 7.37 5.51 16.19
CA VAL C 973 8.76 5.15 16.48
C VAL C 973 8.87 3.64 16.50
N LEU C 974 9.85 3.10 15.78
CA LEU C 974 9.95 1.67 15.57
C LEU C 974 10.42 0.91 16.80
N ASN C 975 11.17 1.55 17.69
CA ASN C 975 11.67 0.86 18.87
C ASN C 975 10.61 0.65 19.94
N ASP C 976 9.52 1.43 19.91
CA ASP C 976 8.45 1.26 20.87
C ASP C 976 7.43 0.20 20.45
N ILE C 977 7.14 0.10 19.15
CA ILE C 977 6.18 -0.89 18.67
C ILE C 977 6.71 -2.30 18.86
N LEU C 978 8.02 -2.50 18.89
CA LEU C 978 8.60 -3.81 19.13
C LEU C 978 8.67 -4.17 20.62
N SER C 979 8.78 -3.18 21.49
CA SER C 979 8.87 -3.44 22.92
C SER C 979 7.48 -3.60 23.55
N ARG C 980 6.56 -2.69 23.23
CA ARG C 980 5.25 -2.73 23.87
C ARG C 980 4.37 -3.82 23.29
N LEU C 981 4.62 -4.22 22.05
CA LEU C 981 3.82 -5.24 21.38
C LEU C 981 4.66 -6.49 21.17
N ASP C 982 4.00 -7.65 21.26
CA ASP C 982 4.66 -8.91 20.95
C ASP C 982 4.99 -8.98 19.47
N PRO C 983 6.12 -9.59 19.10
CA PRO C 983 6.55 -9.60 17.70
C PRO C 983 5.53 -10.19 16.73
N PRO C 984 4.79 -11.26 17.09
CA PRO C 984 3.73 -11.70 16.15
C PRO C 984 2.69 -10.62 15.88
N GLU C 985 2.33 -9.83 16.89
CA GLU C 985 1.39 -8.74 16.67
C GLU C 985 2.08 -7.49 16.17
N ALA C 986 3.36 -7.32 16.53
CA ALA C 986 4.08 -6.11 16.12
C ALA C 986 4.50 -6.17 14.66
N GLU C 987 4.46 -7.37 14.07
CA GLU C 987 4.87 -7.50 12.67
C GLU C 987 3.95 -6.74 11.72
N VAL C 988 2.64 -6.74 11.99
CA VAL C 988 1.73 -6.03 11.11
C VAL C 988 1.94 -4.52 11.20
N GLN C 989 2.22 -4.01 12.40
CA GLN C 989 2.49 -2.58 12.55
C GLN C 989 3.82 -2.21 11.90
N ILE C 990 4.83 -3.08 12.02
CA ILE C 990 6.07 -2.86 11.30
C ILE C 990 5.82 -2.87 9.80
N ASP C 991 4.91 -3.72 9.33
CA ASP C 991 4.56 -3.74 7.92
C ASP C 991 3.93 -2.42 7.49
N ARG C 992 3.03 -1.88 8.31
CA ARG C 992 2.45 -0.57 8.00
C ARG C 992 3.53 0.50 7.93
N LEU C 993 4.45 0.51 8.91
CA LEU C 993 5.52 1.50 8.93
C LEU C 993 6.42 1.38 7.71
N ILE C 994 6.79 0.15 7.35
CA ILE C 994 7.69 -0.04 6.22
C ILE C 994 7.00 0.32 4.92
N THR C 995 5.70 0.02 4.79
CA THR C 995 4.96 0.44 3.60
C THR C 995 4.94 1.95 3.48
N GLY C 996 4.65 2.65 4.59
CA GLY C 996 4.63 4.11 4.54
C GLY C 996 5.99 4.70 4.21
N ARG C 997 7.05 4.20 4.85
CA ARG C 997 8.37 4.75 4.62
C ARG C 997 8.88 4.42 3.23
N LEU C 998 8.53 3.24 2.70
CA LEU C 998 8.90 2.90 1.33
C LEU C 998 8.16 3.79 0.33
N GLN C 999 6.89 4.09 0.60
CA GLN C 999 6.18 5.04 -0.23
C GLN C 999 6.84 6.42 -0.18
N SER C 1000 7.28 6.83 1.00
CA SER C 1000 7.98 8.11 1.13
C SER C 1000 9.28 8.12 0.33
N LEU C 1001 10.06 7.03 0.42
CA LEU C 1001 11.30 6.95 -0.35
C LEU C 1001 11.05 6.93 -1.84
N GLN C 1002 10.03 6.21 -2.30
CA GLN C 1002 9.73 6.19 -3.73
C GLN C 1002 9.29 7.56 -4.21
N THR C 1003 8.48 8.26 -3.41
CA THR C 1003 8.09 9.62 -3.77
C THR C 1003 9.30 10.54 -3.83
N TYR C 1004 10.19 10.45 -2.85
CA TYR C 1004 11.39 11.29 -2.84
C TYR C 1004 12.28 10.99 -4.03
N VAL C 1005 12.45 9.71 -4.36
CA VAL C 1005 13.32 9.34 -5.47
C VAL C 1005 12.72 9.76 -6.80
N THR C 1006 11.39 9.65 -6.95
CA THR C 1006 10.76 10.12 -8.18
C THR C 1006 10.89 11.64 -8.31
N GLN C 1007 10.67 12.38 -7.22
CA GLN C 1007 10.84 13.83 -7.27
C GLN C 1007 12.29 14.18 -7.59
N GLN C 1008 13.24 13.46 -7.00
CA GLN C 1008 14.65 13.72 -7.26
C GLN C 1008 15.03 13.39 -8.70
N LEU C 1009 14.42 12.36 -9.27
CA LEU C 1009 14.69 12.01 -10.66
C LEU C 1009 14.14 13.07 -11.61
N ILE C 1010 12.94 13.57 -11.34
CA ILE C 1010 12.40 14.65 -12.17
C ILE C 1010 13.23 15.92 -12.03
N ARG C 1011 13.61 16.26 -10.79
CA ARG C 1011 14.46 17.43 -10.56
C ARG C 1011 15.82 17.26 -11.22
N ALA C 1012 16.36 16.03 -11.21
CA ALA C 1012 17.64 15.77 -11.85
C ALA C 1012 17.54 15.84 -13.35
N ALA C 1013 16.41 15.43 -13.93
CA ALA C 1013 16.20 15.62 -15.36
C ALA C 1013 16.15 17.10 -15.71
N GLU C 1014 15.45 17.89 -14.90
CA GLU C 1014 15.41 19.34 -15.13
C GLU C 1014 16.80 19.96 -14.97
N ILE C 1015 17.55 19.54 -13.96
CA ILE C 1015 18.89 20.06 -13.74
C ILE C 1015 19.83 19.63 -14.86
N ARG C 1016 19.65 18.41 -15.38
CA ARG C 1016 20.46 17.96 -16.51
C ARG C 1016 20.15 18.76 -17.77
N ALA C 1017 18.88 19.09 -17.98
CA ALA C 1017 18.54 19.98 -19.09
C ALA C 1017 19.18 21.35 -18.92
N SER C 1018 19.14 21.87 -17.69
CA SER C 1018 19.77 23.17 -17.43
C SER C 1018 21.29 23.10 -17.60
N ALA C 1019 21.89 21.98 -17.23
CA ALA C 1019 23.33 21.82 -17.36
C ALA C 1019 23.74 21.64 -18.81
N ASN C 1020 22.92 20.96 -19.60
CA ASN C 1020 23.16 20.88 -21.04
C ASN C 1020 23.03 22.25 -21.68
N LEU C 1021 22.06 23.05 -21.25
CA LEU C 1021 21.95 24.41 -21.74
C LEU C 1021 23.14 25.25 -21.32
N ALA C 1022 23.63 25.05 -20.09
CA ALA C 1022 24.80 25.78 -19.63
C ALA C 1022 26.04 25.41 -20.42
N ALA C 1023 26.20 24.12 -20.72
CA ALA C 1023 27.32 23.67 -21.54
C ALA C 1023 27.22 24.23 -22.95
N THR C 1024 26.01 24.27 -23.51
CA THR C 1024 25.82 24.85 -24.84
C THR C 1024 26.15 26.33 -24.84
N LYS C 1025 25.71 27.06 -23.82
CA LYS C 1025 26.02 28.48 -23.73
C LYS C 1025 27.52 28.70 -23.55
N MET C 1026 28.17 27.87 -22.73
CA MET C 1026 29.62 27.93 -22.59
C MET C 1026 30.31 27.78 -23.93
N SER C 1027 29.95 26.71 -24.66
CA SER C 1027 30.59 26.42 -25.93
C SER C 1027 30.35 27.53 -26.95
N GLU C 1028 29.11 28.00 -27.07
CA GLU C 1028 28.74 28.90 -28.15
C GLU C 1028 28.94 30.38 -27.81
N CYS C 1029 29.22 30.72 -26.57
CA CYS C 1029 29.38 32.13 -26.25
C CYS C 1029 30.66 32.44 -25.51
N VAL C 1030 31.13 31.53 -24.64
CA VAL C 1030 32.46 31.71 -24.06
C VAL C 1030 33.52 31.29 -25.07
N LEU C 1031 33.33 30.16 -25.74
CA LEU C 1031 34.30 29.62 -26.68
C LEU C 1031 34.06 30.11 -28.10
N GLY C 1032 33.10 31.00 -28.32
CA GLY C 1032 32.83 31.53 -29.64
C GLY C 1032 31.81 32.63 -29.54
N GLN C 1033 31.45 33.18 -30.70
CA GLN C 1033 30.41 34.20 -30.79
C GLN C 1033 29.20 33.58 -31.49
N SER C 1034 28.07 33.54 -30.79
CA SER C 1034 26.87 32.88 -31.29
C SER C 1034 25.97 33.90 -31.98
N LYS C 1035 25.53 33.55 -33.19
CA LYS C 1035 24.59 34.38 -33.94
C LYS C 1035 23.14 34.03 -33.61
N ARG C 1036 22.90 33.06 -32.74
CA ARG C 1036 21.55 32.79 -32.29
C ARG C 1036 21.01 34.00 -31.54
N VAL C 1037 19.80 34.42 -31.90
CA VAL C 1037 19.23 35.65 -31.36
C VAL C 1037 18.71 35.38 -29.95
N ASP C 1038 19.10 36.25 -29.02
CA ASP C 1038 18.69 36.18 -27.61
C ASP C 1038 19.13 34.90 -26.92
N PHE C 1039 20.06 34.16 -27.52
CA PHE C 1039 20.58 32.98 -26.85
C PHE C 1039 21.52 33.35 -25.72
N CYS C 1040 22.43 34.30 -25.97
CA CYS C 1040 23.34 34.82 -24.96
C CYS C 1040 23.17 36.33 -24.90
N GLY C 1041 22.23 36.79 -24.07
CA GLY C 1041 22.03 38.21 -23.87
C GLY C 1041 21.08 38.82 -24.88
N LYS C 1042 20.40 39.89 -24.47
CA LYS C 1042 19.50 40.61 -25.36
C LYS C 1042 20.31 41.58 -26.20
N GLY C 1043 20.45 41.29 -27.48
CA GLY C 1043 21.19 42.13 -28.40
C GLY C 1043 22.15 41.33 -29.24
N TYR C 1044 22.90 42.05 -30.06
CA TYR C 1044 23.93 41.42 -30.89
C TYR C 1044 25.05 40.95 -29.97
N HIS C 1045 25.10 39.65 -29.73
CA HIS C 1045 26.01 39.09 -28.73
C HIS C 1045 27.46 39.35 -29.11
N LEU C 1046 28.28 39.68 -28.11
CA LEU C 1046 29.70 39.89 -28.31
C LEU C 1046 30.54 38.80 -27.65
N MET C 1047 30.45 38.64 -26.33
CA MET C 1047 31.21 37.61 -25.63
C MET C 1047 30.35 37.07 -24.48
N SER C 1048 31.00 36.34 -23.59
CA SER C 1048 30.38 35.85 -22.36
C SER C 1048 31.46 35.41 -21.40
N PHE C 1049 31.28 35.70 -20.12
CA PHE C 1049 32.28 35.38 -19.11
C PHE C 1049 31.68 34.45 -18.07
N PRO C 1050 32.06 33.17 -18.03
CA PRO C 1050 31.54 32.29 -16.99
C PRO C 1050 32.01 32.73 -15.62
N GLN C 1051 31.13 32.55 -14.64
CA GLN C 1051 31.49 32.76 -13.25
C GLN C 1051 30.92 31.60 -12.45
N SER C 1052 31.75 30.96 -11.64
CA SER C 1052 31.28 29.85 -10.84
C SER C 1052 30.29 30.35 -9.79
N ALA C 1053 29.45 29.43 -9.32
CA ALA C 1053 28.44 29.74 -8.32
C ALA C 1053 28.06 28.44 -7.63
N PRO C 1054 27.48 28.52 -6.43
CA PRO C 1054 27.09 27.29 -5.74
C PRO C 1054 26.05 26.50 -6.51
N HIS C 1055 26.44 25.33 -7.02
CA HIS C 1055 25.57 24.44 -7.78
C HIS C 1055 24.98 25.16 -9.00
N GLY C 1056 25.84 25.84 -9.74
CA GLY C 1056 25.41 26.53 -10.94
C GLY C 1056 26.54 27.34 -11.54
N VAL C 1057 26.17 28.15 -12.53
CA VAL C 1057 27.12 29.02 -13.23
C VAL C 1057 26.40 30.31 -13.60
N VAL C 1058 27.17 31.38 -13.70
CA VAL C 1058 26.67 32.70 -14.03
C VAL C 1058 27.41 33.22 -15.25
N PHE C 1059 26.69 33.66 -16.26
CA PHE C 1059 27.27 34.17 -17.49
C PHE C 1059 27.06 35.68 -17.55
N LEU C 1060 28.13 36.41 -17.85
CA LEU C 1060 28.07 37.85 -18.04
C LEU C 1060 28.06 38.12 -19.55
N HIS C 1061 26.88 37.98 -20.14
CA HIS C 1061 26.73 38.09 -21.58
C HIS C 1061 26.97 39.53 -22.03
N VAL C 1062 28.14 39.78 -22.61
CA VAL C 1062 28.44 41.09 -23.17
C VAL C 1062 27.79 41.20 -24.54
N THR C 1063 26.87 42.15 -24.69
CA THR C 1063 26.08 42.30 -25.89
C THR C 1063 26.23 43.72 -26.44
N TYR C 1064 25.93 43.86 -27.72
CA TYR C 1064 25.97 45.15 -28.40
C TYR C 1064 24.54 45.61 -28.62
N VAL C 1065 24.17 46.73 -28.01
CA VAL C 1065 22.81 47.26 -28.13
C VAL C 1065 22.88 48.65 -28.74
N PRO C 1066 22.32 48.85 -29.94
CA PRO C 1066 22.26 50.20 -30.50
C PRO C 1066 21.41 51.12 -29.64
N ALA C 1067 21.76 52.41 -29.62
CA ALA C 1067 21.14 53.34 -28.70
C ALA C 1067 20.40 54.48 -29.39
N GLN C 1068 21.08 55.23 -30.25
CA GLN C 1068 20.55 56.49 -30.77
C GLN C 1068 20.23 56.35 -32.25
N GLU C 1069 18.97 56.08 -32.56
CA GLU C 1069 18.51 55.95 -33.93
C GLU C 1069 18.20 57.32 -34.53
N LYS C 1070 18.18 57.37 -35.85
CA LYS C 1070 17.90 58.61 -36.58
C LYS C 1070 17.15 58.26 -37.86
N ASN C 1071 16.05 58.97 -38.10
CA ASN C 1071 15.25 58.73 -39.31
C ASN C 1071 16.04 59.10 -40.55
N PHE C 1072 15.82 58.33 -41.62
CA PHE C 1072 16.44 58.62 -42.90
C PHE C 1072 15.51 58.20 -44.04
N THR C 1073 15.69 58.83 -45.19
CA THR C 1073 14.97 58.46 -46.41
C THR C 1073 15.82 57.46 -47.18
N THR C 1074 15.25 56.29 -47.46
CA THR C 1074 15.99 55.20 -48.05
C THR C 1074 15.33 54.75 -49.35
N ALA C 1075 16.13 54.12 -50.21
CA ALA C 1075 15.68 53.56 -51.47
C ALA C 1075 16.49 52.30 -51.72
N PRO C 1076 15.88 51.27 -52.31
CA PRO C 1076 16.60 50.00 -52.48
C PRO C 1076 17.48 49.93 -53.71
N ALA C 1077 17.60 51.02 -54.46
CA ALA C 1077 18.43 51.03 -55.66
C ALA C 1077 18.91 52.46 -55.93
N ILE C 1078 19.76 52.60 -56.93
CA ILE C 1078 20.27 53.89 -57.38
C ILE C 1078 20.40 53.82 -58.89
N CYS C 1079 19.56 54.58 -59.60
CA CYS C 1079 19.59 54.58 -61.06
C CYS C 1079 20.62 55.59 -61.55
N HIS C 1080 21.78 55.10 -61.95
CA HIS C 1080 22.82 55.94 -62.53
C HIS C 1080 23.23 55.36 -63.87
N ASP C 1081 23.39 56.24 -64.86
CA ASP C 1081 23.79 55.85 -66.22
C ASP C 1081 22.82 54.83 -66.81
N GLY C 1082 21.55 54.94 -66.43
CA GLY C 1082 20.53 54.03 -66.93
C GLY C 1082 20.72 52.59 -66.50
N LYS C 1083 21.15 52.38 -65.26
CA LYS C 1083 21.32 51.03 -64.74
C LYS C 1083 21.20 51.07 -63.23
N ALA C 1084 20.55 50.05 -62.66
CA ALA C 1084 20.37 50.00 -61.22
C ALA C 1084 21.69 49.69 -60.53
N HIS C 1085 21.88 50.28 -59.35
CA HIS C 1085 23.04 50.03 -58.51
C HIS C 1085 22.55 49.61 -57.13
N PHE C 1086 22.97 48.44 -56.67
CA PHE C 1086 22.60 48.00 -55.35
C PHE C 1086 23.81 48.05 -54.43
N PRO C 1087 23.62 48.30 -53.13
CA PRO C 1087 24.78 48.41 -52.24
C PRO C 1087 25.42 47.05 -51.99
N ARG C 1088 26.74 46.99 -52.12
CA ARG C 1088 27.45 45.74 -51.87
C ARG C 1088 27.27 45.29 -50.43
N GLU C 1089 27.38 46.22 -49.48
CA GLU C 1089 27.09 45.94 -48.09
C GLU C 1089 26.70 47.26 -47.43
N GLY C 1090 25.52 47.31 -46.85
CA GLY C 1090 24.96 48.53 -46.33
C GLY C 1090 23.64 48.85 -47.01
N VAL C 1091 23.11 50.04 -46.69
CA VAL C 1091 21.84 50.50 -47.24
C VAL C 1091 22.01 51.93 -47.73
N PHE C 1092 21.22 52.29 -48.75
CA PHE C 1092 21.24 53.65 -49.25
C PHE C 1092 20.40 54.54 -48.36
N VAL C 1093 20.97 55.68 -47.95
CA VAL C 1093 20.25 56.63 -47.11
C VAL C 1093 20.56 58.04 -47.58
N SER C 1094 19.71 58.97 -47.17
CA SER C 1094 19.88 60.38 -47.53
C SER C 1094 19.58 61.25 -46.33
N ASN C 1095 20.39 62.28 -46.14
CA ASN C 1095 20.12 63.30 -45.14
C ASN C 1095 19.32 64.46 -45.74
N GLY C 1096 18.23 64.12 -46.39
CA GLY C 1096 17.41 65.12 -47.07
C GLY C 1096 17.75 65.37 -48.52
N THR C 1097 19.00 65.74 -48.80
CA THR C 1097 19.40 66.12 -50.14
C THR C 1097 20.42 65.18 -50.77
N HIS C 1098 21.47 64.81 -50.03
CA HIS C 1098 22.54 63.98 -50.57
C HIS C 1098 22.34 62.53 -50.17
N TRP C 1099 22.68 61.62 -51.07
CA TRP C 1099 22.47 60.19 -50.88
C TRP C 1099 23.77 59.51 -50.46
N PHE C 1100 23.68 58.67 -49.44
CA PHE C 1100 24.83 57.98 -48.89
C PHE C 1100 24.49 56.51 -48.66
N VAL C 1101 25.52 55.67 -48.70
CA VAL C 1101 25.39 54.26 -48.35
C VAL C 1101 25.98 54.05 -46.96
N THR C 1102 25.23 53.35 -46.11
CA THR C 1102 25.59 53.21 -44.71
C THR C 1102 25.40 51.77 -44.27
N GLN C 1103 26.34 51.27 -43.48
CA GLN C 1103 26.21 49.93 -42.90
C GLN C 1103 24.93 49.84 -42.07
N ARG C 1104 24.48 48.62 -41.85
CA ARG C 1104 23.13 48.39 -41.36
C ARG C 1104 22.98 48.61 -39.86
N ASN C 1105 24.06 48.74 -39.11
CA ASN C 1105 23.99 48.77 -37.66
C ASN C 1105 24.69 49.96 -37.02
N PHE C 1106 25.19 50.90 -37.82
CA PHE C 1106 25.91 52.06 -37.28
C PHE C 1106 25.97 53.12 -38.36
N TYR C 1107 25.47 54.32 -38.05
CA TYR C 1107 25.37 55.36 -39.07
C TYR C 1107 26.77 55.86 -39.42
N GLU C 1108 27.28 55.39 -40.55
CA GLU C 1108 28.55 55.87 -41.12
C GLU C 1108 28.30 56.18 -42.59
N PRO C 1109 27.86 57.40 -42.90
CA PRO C 1109 27.57 57.72 -44.30
C PRO C 1109 28.82 57.62 -45.17
N GLN C 1110 28.64 57.08 -46.37
CA GLN C 1110 29.73 56.93 -47.34
C GLN C 1110 29.25 57.45 -48.68
N ILE C 1111 30.11 58.22 -49.35
CA ILE C 1111 29.77 58.74 -50.66
C ILE C 1111 29.61 57.58 -51.63
N ILE C 1112 28.64 57.72 -52.54
CA ILE C 1112 28.25 56.59 -53.38
C ILE C 1112 29.33 56.34 -54.43
N THR C 1113 29.76 55.09 -54.54
CA THR C 1113 30.87 54.74 -55.40
C THR C 1113 30.65 53.34 -55.95
N THR C 1114 31.34 53.02 -57.05
CA THR C 1114 31.24 51.70 -57.64
C THR C 1114 31.92 50.62 -56.80
N ASP C 1115 32.80 51.01 -55.87
CA ASP C 1115 33.47 50.01 -55.05
C ASP C 1115 32.50 49.32 -54.10
N ASN C 1116 31.55 50.07 -53.54
CA ASN C 1116 30.60 49.55 -52.58
C ASN C 1116 29.19 49.39 -53.14
N THR C 1117 29.03 49.48 -54.47
CA THR C 1117 27.77 49.22 -55.14
C THR C 1117 28.03 48.31 -56.33
N PHE C 1118 27.09 47.41 -56.61
CA PHE C 1118 27.19 46.52 -57.76
C PHE C 1118 25.98 46.70 -58.67
N VAL C 1119 26.25 46.87 -59.97
CA VAL C 1119 25.18 47.06 -60.94
C VAL C 1119 24.41 45.76 -61.12
N SER C 1120 23.08 45.88 -61.26
CA SER C 1120 22.21 44.71 -61.26
C SER C 1120 21.09 44.85 -62.27
N GLY C 1121 21.39 45.35 -63.48
CA GLY C 1121 20.42 45.44 -64.56
C GLY C 1121 20.09 46.89 -64.91
N ASN C 1122 18.82 47.15 -65.13
CA ASN C 1122 18.34 48.47 -65.50
C ASN C 1122 17.30 48.95 -64.49
N CYS C 1123 16.92 50.22 -64.62
CA CYS C 1123 16.10 50.90 -63.62
C CYS C 1123 14.60 50.62 -63.77
N ASP C 1124 14.18 49.92 -64.82
CA ASP C 1124 12.74 49.73 -65.04
C ASP C 1124 12.15 48.71 -64.08
N VAL C 1125 12.88 47.63 -63.80
CA VAL C 1125 12.31 46.53 -63.03
C VAL C 1125 12.11 46.92 -61.58
N VAL C 1126 13.04 47.69 -61.01
CA VAL C 1126 13.03 47.95 -59.57
C VAL C 1126 11.88 48.88 -59.22
N ILE C 1127 11.12 48.52 -58.19
CA ILE C 1127 10.02 49.33 -57.68
C ILE C 1127 10.55 50.09 -56.47
N GLY C 1128 10.91 51.34 -56.67
CA GLY C 1128 11.50 52.17 -55.62
C GLY C 1128 12.83 52.79 -55.96
N ILE C 1129 13.33 52.62 -57.18
CA ILE C 1129 14.61 53.18 -57.56
C ILE C 1129 14.53 54.70 -57.56
N VAL C 1130 15.66 55.34 -57.26
CA VAL C 1130 15.76 56.80 -57.20
C VAL C 1130 16.94 57.26 -58.05
N ASN C 1131 16.74 58.34 -58.79
CA ASN C 1131 17.82 58.91 -59.57
C ASN C 1131 18.90 59.48 -58.67
N ASN C 1132 20.15 59.23 -59.04
CA ASN C 1132 21.30 59.72 -58.28
C ASN C 1132 22.54 59.57 -59.16
N THR C 1133 23.68 59.95 -58.60
CA THR C 1133 24.96 59.77 -59.27
C THR C 1133 25.83 58.83 -58.45
N VAL C 1134 26.67 58.08 -59.15
CA VAL C 1134 27.62 57.15 -58.52
C VAL C 1134 29.01 57.59 -58.92
N TYR C 1135 29.83 57.92 -57.93
CA TYR C 1135 31.18 58.39 -58.19
C TYR C 1135 32.03 57.29 -58.79
N ASP C 1136 32.85 57.67 -59.78
CA ASP C 1136 33.74 56.72 -60.44
C ASP C 1136 35.16 57.00 -59.99
N PRO C 1137 35.81 56.10 -59.24
CA PRO C 1137 37.14 56.41 -58.70
C PRO C 1137 38.19 56.66 -59.76
N LEU C 1138 38.12 55.98 -60.90
CA LEU C 1138 39.20 55.99 -61.87
C LEU C 1138 39.14 57.20 -62.81
N GLN C 1139 37.96 57.80 -62.96
CA GLN C 1139 37.80 58.92 -63.88
C GLN C 1139 38.72 60.10 -63.57
N PRO C 1140 38.86 60.55 -62.32
CA PRO C 1140 39.82 61.65 -62.06
C PRO C 1140 41.25 61.32 -62.46
N GLU C 1141 41.71 60.08 -62.24
CA GLU C 1141 43.05 59.72 -62.71
C GLU C 1141 43.11 59.68 -64.23
N LEU C 1142 41.99 59.40 -64.90
CA LEU C 1142 41.99 59.50 -66.36
C LEU C 1142 42.32 60.92 -66.81
N ASP C 1143 41.75 61.92 -66.13
CA ASP C 1143 42.00 63.31 -66.52
C ASP C 1143 43.44 63.72 -66.22
N SER C 1144 43.92 63.41 -65.01
CA SER C 1144 45.27 63.80 -64.61
C SER C 1144 46.24 62.62 -64.73
N GLU D 1 -10.54 -53.40 18.00
CA GLU D 1 -10.48 -53.56 16.55
C GLU D 1 -10.74 -52.24 15.84
N VAL D 2 -11.53 -52.29 14.78
CA VAL D 2 -11.88 -51.12 13.99
C VAL D 2 -13.38 -50.92 14.08
N GLN D 3 -13.81 -49.72 14.46
CA GLN D 3 -15.21 -49.40 14.64
C GLN D 3 -15.53 -48.07 13.98
N LEU D 4 -16.76 -47.95 13.48
CA LEU D 4 -17.26 -46.72 12.86
C LEU D 4 -18.36 -46.16 13.76
N LYS D 5 -18.06 -45.06 14.44
CA LYS D 5 -18.99 -44.42 15.37
C LYS D 5 -19.51 -43.14 14.71
N GLN D 6 -20.63 -43.27 14.00
CA GLN D 6 -21.23 -42.12 13.34
C GLN D 6 -22.02 -41.27 14.34
N SER D 7 -22.38 -40.07 13.90
CA SER D 7 -23.07 -39.13 14.78
C SER D 7 -24.45 -39.66 15.16
N VAL D 8 -24.86 -39.37 16.40
CA VAL D 8 -26.17 -39.78 16.87
C VAL D 8 -27.26 -39.06 16.10
N ALA D 9 -28.40 -39.74 15.93
CA ALA D 9 -29.50 -39.18 15.16
C ALA D 9 -30.05 -37.92 15.82
N GLU D 10 -30.37 -36.93 14.99
CA GLU D 10 -30.94 -35.67 15.45
C GLU D 10 -32.18 -35.34 14.63
N LEU D 11 -33.11 -34.62 15.24
CA LEU D 11 -34.34 -34.23 14.56
C LEU D 11 -34.04 -33.21 13.47
N VAL D 12 -34.80 -33.31 12.37
CA VAL D 12 -34.63 -32.43 11.23
C VAL D 12 -35.99 -31.93 10.78
N ARG D 13 -35.97 -30.81 10.05
CA ARG D 13 -37.17 -30.18 9.51
C ARG D 13 -37.19 -30.25 7.99
N PRO D 14 -38.38 -30.31 7.38
CA PRO D 14 -38.44 -30.38 5.91
C PRO D 14 -37.86 -29.13 5.27
N GLY D 15 -37.18 -29.31 4.15
CA GLY D 15 -36.58 -28.22 3.42
C GLY D 15 -35.26 -27.72 3.98
N ALA D 16 -34.74 -28.36 5.03
CA ALA D 16 -33.50 -27.96 5.65
C ALA D 16 -32.36 -28.89 5.20
N SER D 17 -31.18 -28.70 5.78
CA SER D 17 -30.01 -29.51 5.48
C SER D 17 -29.47 -30.14 6.76
N VAL D 18 -29.06 -31.40 6.66
CA VAL D 18 -28.56 -32.16 7.80
C VAL D 18 -27.19 -32.72 7.44
N LYS D 19 -26.24 -32.59 8.37
CA LYS D 19 -24.88 -33.11 8.19
C LYS D 19 -24.67 -34.24 9.17
N VAL D 20 -24.29 -35.42 8.66
CA VAL D 20 -24.04 -36.60 9.49
C VAL D 20 -22.56 -36.93 9.41
N SER D 21 -21.90 -37.02 10.56
CA SER D 21 -20.47 -37.27 10.65
C SER D 21 -20.23 -38.68 11.16
N CYS D 22 -19.35 -39.41 10.47
CA CYS D 22 -18.97 -40.77 10.85
C CYS D 22 -17.51 -40.76 11.28
N THR D 23 -17.24 -41.25 12.49
CA THR D 23 -15.89 -41.30 13.05
C THR D 23 -15.36 -42.72 12.98
N ALA D 24 -14.04 -42.83 12.85
CA ALA D 24 -13.37 -44.12 12.76
C ALA D 24 -12.23 -44.19 13.78
N SER D 25 -11.92 -45.40 14.21
CA SER D 25 -10.85 -45.64 15.17
C SER D 25 -9.97 -46.77 14.68
N GLY D 26 -8.68 -46.69 15.04
CA GLY D 26 -7.70 -47.69 14.65
C GLY D 26 -6.99 -47.41 13.35
N PHE D 27 -7.42 -46.40 12.60
CA PHE D 27 -6.79 -46.03 11.34
C PHE D 27 -7.15 -44.58 11.02
N ASN D 28 -6.89 -44.16 9.79
CA ASN D 28 -7.20 -42.83 9.33
C ASN D 28 -8.04 -42.90 8.06
N ILE D 29 -8.79 -41.83 7.78
CA ILE D 29 -9.63 -41.80 6.60
C ILE D 29 -8.80 -41.77 5.33
N LYS D 30 -7.53 -41.33 5.43
CA LYS D 30 -6.74 -41.08 4.23
C LYS D 30 -6.63 -42.30 3.31
N ASN D 31 -6.63 -43.50 3.88
CA ASN D 31 -6.61 -44.72 3.08
C ASN D 31 -7.97 -45.38 2.97
N ILE D 32 -9.03 -44.71 3.41
CA ILE D 32 -10.38 -45.27 3.42
C ILE D 32 -11.32 -44.33 2.68
N TYR D 33 -11.86 -44.78 1.55
CA TYR D 33 -12.88 -44.02 0.82
C TYR D 33 -14.23 -44.63 1.17
N MET D 34 -14.76 -44.22 2.32
CA MET D 34 -15.95 -44.86 2.88
C MET D 34 -17.18 -44.61 2.03
N HIS D 35 -18.02 -45.63 1.93
CA HIS D 35 -19.32 -45.53 1.29
C HIS D 35 -20.36 -45.07 2.30
N TRP D 36 -21.52 -44.66 1.78
CA TRP D 36 -22.65 -44.28 2.62
C TRP D 36 -23.88 -45.02 2.14
N VAL D 37 -24.67 -45.50 3.09
CA VAL D 37 -25.80 -46.39 2.79
C VAL D 37 -26.95 -46.06 3.73
N LYS D 38 -28.17 -46.11 3.20
CA LYS D 38 -29.38 -45.90 3.98
C LYS D 38 -30.28 -47.13 3.86
N GLN D 39 -30.90 -47.51 4.98
CA GLN D 39 -31.76 -48.68 5.04
C GLN D 39 -33.20 -48.21 5.23
N ARG D 40 -34.00 -48.33 4.18
CA ARG D 40 -35.41 -47.96 4.29
C ARG D 40 -36.15 -49.02 5.09
N PRO D 41 -36.85 -48.64 6.17
CA PRO D 41 -37.55 -49.64 6.99
C PRO D 41 -38.61 -50.38 6.18
N GLU D 42 -38.70 -51.69 6.45
CA GLU D 42 -39.67 -52.57 5.78
C GLU D 42 -39.51 -52.47 4.26
N GLN D 43 -38.25 -52.42 3.82
CA GLN D 43 -37.96 -52.30 2.40
C GLN D 43 -36.51 -52.73 2.17
N GLY D 44 -36.23 -53.15 0.95
CA GLY D 44 -34.89 -53.54 0.58
C GLY D 44 -33.88 -52.42 0.74
N LEU D 45 -32.74 -52.75 1.37
CA LEU D 45 -31.69 -51.75 1.59
C LEU D 45 -31.14 -51.26 0.25
N ASP D 46 -30.77 -49.98 0.21
CA ASP D 46 -30.30 -49.34 -1.00
C ASP D 46 -29.02 -48.55 -0.71
N TRP D 47 -28.20 -48.40 -1.76
CA TRP D 47 -26.92 -47.73 -1.65
C TRP D 47 -27.05 -46.26 -2.07
N ILE D 48 -26.40 -45.37 -1.31
CA ILE D 48 -26.50 -43.94 -1.55
C ILE D 48 -25.45 -43.51 -2.58
N GLY D 49 -24.18 -43.69 -2.24
CA GLY D 49 -23.12 -43.24 -3.12
C GLY D 49 -21.76 -43.51 -2.54
N ARG D 50 -20.73 -43.01 -3.22
CA ARG D 50 -19.34 -43.20 -2.84
C ARG D 50 -18.61 -41.87 -2.83
N ILE D 51 -17.65 -41.74 -1.92
CA ILE D 51 -16.81 -40.55 -1.80
C ILE D 51 -15.37 -40.99 -1.59
N ASP D 52 -14.46 -40.02 -1.69
CA ASP D 52 -13.04 -40.24 -1.47
C ASP D 52 -12.49 -39.08 -0.65
N PRO D 53 -11.54 -39.33 0.24
CA PRO D 53 -10.92 -38.23 1.00
C PRO D 53 -10.27 -37.18 0.12
N ALA D 54 -9.33 -37.61 -0.72
CA ALA D 54 -8.66 -36.73 -1.67
C ALA D 54 -9.23 -36.98 -3.06
N ASN D 55 -9.59 -35.89 -3.75
CA ASN D 55 -10.27 -35.96 -5.05
C ASN D 55 -11.55 -36.79 -4.92
N GLY D 56 -12.48 -36.23 -4.13
CA GLY D 56 -13.67 -36.98 -3.75
C GLY D 56 -14.48 -37.45 -4.94
N ASN D 57 -14.73 -36.55 -5.89
CA ASN D 57 -15.49 -36.80 -7.12
C ASN D 57 -16.65 -37.76 -6.88
N SER D 58 -17.51 -37.44 -5.93
CA SER D 58 -18.50 -38.38 -5.45
C SER D 58 -19.46 -38.80 -6.55
N ARG D 59 -19.73 -40.11 -6.62
CA ARG D 59 -20.72 -40.69 -7.51
C ARG D 59 -21.80 -41.34 -6.67
N TYR D 60 -23.06 -41.05 -6.98
CA TYR D 60 -24.20 -41.56 -6.23
C TYR D 60 -25.05 -42.45 -7.12
N ALA D 61 -26.00 -43.13 -6.48
CA ALA D 61 -26.98 -43.91 -7.23
C ALA D 61 -27.86 -42.98 -8.06
N PRO D 62 -28.38 -43.46 -9.19
CA PRO D 62 -29.21 -42.59 -10.04
C PRO D 62 -30.43 -42.03 -9.33
N LYS D 63 -30.99 -42.76 -8.37
CA LYS D 63 -32.13 -42.23 -7.63
C LYS D 63 -31.72 -41.12 -6.68
N PHE D 64 -30.49 -41.14 -6.18
CA PHE D 64 -30.00 -40.16 -5.23
C PHE D 64 -29.12 -39.11 -5.87
N GLN D 65 -29.01 -39.09 -7.20
CA GLN D 65 -28.18 -38.10 -7.87
C GLN D 65 -28.77 -36.70 -7.70
N ASP D 66 -27.89 -35.73 -7.46
CA ASP D 66 -28.23 -34.32 -7.24
C ASP D 66 -29.13 -34.11 -6.02
N LYS D 67 -29.30 -35.12 -5.18
CA LYS D 67 -30.11 -35.01 -3.97
C LYS D 67 -29.31 -35.27 -2.70
N ALA D 68 -28.42 -36.25 -2.70
CA ALA D 68 -27.60 -36.58 -1.54
C ALA D 68 -26.15 -36.25 -1.89
N THR D 69 -25.64 -35.15 -1.34
CA THR D 69 -24.27 -34.73 -1.54
C THR D 69 -23.45 -35.04 -0.29
N ILE D 70 -22.33 -35.72 -0.47
CA ILE D 70 -21.51 -36.19 0.64
C ILE D 70 -20.09 -35.66 0.44
N THR D 71 -19.51 -35.12 1.51
CA THR D 71 -18.15 -34.59 1.48
C THR D 71 -17.28 -35.36 2.47
N ALA D 72 -16.00 -35.47 2.15
CA ALA D 72 -15.04 -36.19 2.97
C ALA D 72 -14.01 -35.22 3.52
N ASP D 73 -13.82 -35.24 4.84
CA ASP D 73 -12.84 -34.39 5.50
C ASP D 73 -11.47 -35.07 5.48
N THR D 74 -10.45 -34.32 5.08
CA THR D 74 -9.10 -34.87 5.01
C THR D 74 -8.60 -35.28 6.40
N SER D 75 -8.86 -34.47 7.40
CA SER D 75 -8.42 -34.71 8.77
C SER D 75 -9.63 -34.90 9.68
N SER D 76 -9.36 -34.96 10.98
CA SER D 76 -10.32 -35.13 12.06
C SER D 76 -10.99 -36.50 12.07
N ASN D 77 -10.58 -37.42 11.17
CA ASN D 77 -11.09 -38.79 11.15
C ASN D 77 -12.61 -38.82 11.00
N THR D 78 -13.15 -37.91 10.19
CA THR D 78 -14.59 -37.80 10.02
C THR D 78 -14.93 -37.56 8.56
N ALA D 79 -16.16 -37.90 8.20
CA ALA D 79 -16.73 -37.62 6.89
C ALA D 79 -18.17 -37.18 7.06
N TYR D 80 -18.60 -36.22 6.25
CA TYR D 80 -19.89 -35.57 6.44
C TYR D 80 -20.83 -35.88 5.28
N LEU D 81 -22.05 -36.29 5.61
CA LEU D 81 -23.11 -36.56 4.65
C LEU D 81 -24.16 -35.46 4.75
N GLN D 82 -24.49 -34.85 3.61
CA GLN D 82 -25.46 -33.77 3.55
C GLN D 82 -26.69 -34.21 2.77
N LEU D 83 -27.86 -33.79 3.23
CA LEU D 83 -29.12 -34.14 2.61
C LEU D 83 -30.00 -32.89 2.49
N SER D 84 -30.91 -32.93 1.52
CA SER D 84 -31.84 -31.83 1.29
C SER D 84 -33.15 -32.38 0.77
N SER D 85 -34.21 -31.57 0.92
CA SER D 85 -35.55 -31.94 0.47
C SER D 85 -36.01 -33.25 1.12
N LEU D 86 -35.81 -33.34 2.43
CA LEU D 86 -36.18 -34.55 3.16
C LEU D 86 -37.70 -34.67 3.25
N THR D 87 -38.21 -35.85 2.93
CA THR D 87 -39.64 -36.16 2.97
C THR D 87 -39.88 -37.33 3.93
N SER D 88 -41.12 -37.81 3.96
CA SER D 88 -41.45 -38.94 4.81
C SER D 88 -40.69 -40.20 4.40
N GLU D 89 -40.46 -40.39 3.11
CA GLU D 89 -39.68 -41.53 2.64
C GLU D 89 -38.24 -41.46 3.12
N ASP D 90 -37.71 -40.25 3.33
CA ASP D 90 -36.33 -40.09 3.76
C ASP D 90 -36.09 -40.57 5.19
N THR D 91 -37.15 -40.85 5.95
CA THR D 91 -36.98 -41.36 7.31
C THR D 91 -36.48 -42.80 7.28
N ALA D 92 -35.17 -42.98 7.38
CA ALA D 92 -34.56 -44.29 7.27
C ALA D 92 -33.26 -44.30 8.08
N ILE D 93 -32.75 -45.49 8.33
CA ILE D 93 -31.53 -45.68 9.10
C ILE D 93 -30.34 -45.66 8.16
N TYR D 94 -29.28 -44.96 8.56
CA TYR D 94 -28.08 -44.81 7.76
C TYR D 94 -26.91 -45.53 8.42
N TYR D 95 -25.97 -45.98 7.60
CA TYR D 95 -24.81 -46.71 8.08
C TYR D 95 -23.57 -46.28 7.31
N CYS D 96 -22.41 -46.56 7.89
CA CYS D 96 -21.13 -46.27 7.27
C CYS D 96 -20.60 -47.53 6.59
N ALA D 97 -19.39 -47.44 6.01
CA ALA D 97 -18.84 -48.56 5.27
C ALA D 97 -17.32 -48.45 5.24
N ASP D 98 -16.67 -49.57 4.93
CA ASP D 98 -15.22 -49.63 4.79
C ASP D 98 -14.78 -50.08 3.40
N GLU D 99 -15.69 -50.08 2.42
CA GLU D 99 -15.40 -50.27 1.00
C GLU D 99 -14.48 -51.47 0.73
N GLY D 100 -14.63 -52.50 1.55
CA GLY D 100 -13.94 -53.76 1.29
C GLY D 100 -14.55 -54.47 0.11
N TRP D 101 -14.40 -55.80 0.10
CA TRP D 101 -15.15 -56.59 -0.87
C TRP D 101 -16.65 -56.42 -0.65
N GLY D 102 -17.08 -56.41 0.61
CA GLY D 102 -18.36 -55.87 1.00
C GLY D 102 -18.12 -54.72 1.96
N PHE D 103 -19.17 -54.04 2.40
CA PHE D 103 -18.99 -52.96 3.36
C PHE D 103 -18.59 -53.55 4.71
N ALA D 104 -17.28 -53.50 5.01
CA ALA D 104 -16.73 -54.29 6.10
C ALA D 104 -17.26 -53.84 7.46
N ASN D 105 -17.20 -52.54 7.74
CA ASN D 105 -17.61 -52.01 9.03
C ASN D 105 -18.71 -50.97 8.82
N TRP D 106 -19.86 -51.20 9.45
CA TRP D 106 -21.00 -50.32 9.33
C TRP D 106 -21.17 -49.50 10.60
N GLY D 107 -21.78 -48.33 10.45
CA GLY D 107 -22.06 -47.50 11.60
C GLY D 107 -23.07 -48.12 12.54
N GLN D 108 -23.07 -47.63 13.79
CA GLN D 108 -23.97 -48.17 14.80
C GLN D 108 -25.44 -48.01 14.43
N GLY D 109 -25.76 -47.06 13.56
CA GLY D 109 -27.13 -46.87 13.13
C GLY D 109 -27.74 -45.57 13.59
N THR D 110 -27.87 -44.62 12.66
CA THR D 110 -28.52 -43.34 12.94
C THR D 110 -29.90 -43.35 12.29
N LEU D 111 -30.92 -43.00 13.06
CA LEU D 111 -32.31 -43.06 12.62
C LEU D 111 -32.80 -41.63 12.41
N VAL D 112 -32.61 -41.12 11.19
CA VAL D 112 -33.01 -39.76 10.86
C VAL D 112 -34.51 -39.73 10.59
N THR D 113 -35.22 -38.84 11.29
CA THR D 113 -36.65 -38.68 11.13
C THR D 113 -36.96 -37.20 10.96
N VAL D 114 -37.79 -36.88 9.96
CA VAL D 114 -38.22 -35.51 9.70
C VAL D 114 -39.70 -35.41 10.03
N SER D 115 -40.06 -34.40 10.82
CA SER D 115 -41.44 -34.18 11.26
C SER D 115 -41.55 -32.75 11.77
N ALA D 116 -42.70 -32.44 12.35
CA ALA D 116 -42.95 -31.10 12.89
C ALA D 116 -43.11 -31.16 14.41
N ASP E 1 -27.00 -50.16 -12.70
CA ASP E 1 -28.35 -50.52 -12.28
C ASP E 1 -28.66 -51.97 -12.61
N ILE E 2 -28.69 -52.82 -11.59
CA ILE E 2 -29.01 -54.23 -11.73
C ILE E 2 -30.16 -54.56 -10.80
N VAL E 3 -31.24 -55.10 -11.36
CA VAL E 3 -32.39 -55.51 -10.57
C VAL E 3 -32.07 -56.83 -9.88
N MET E 4 -32.10 -56.83 -8.56
CA MET E 4 -31.69 -57.98 -7.77
C MET E 4 -32.89 -58.48 -6.98
N THR E 5 -33.23 -59.75 -7.16
CA THR E 5 -34.40 -60.37 -6.53
C THR E 5 -33.97 -61.60 -5.75
N GLN E 6 -34.52 -61.77 -4.55
CA GLN E 6 -34.21 -62.90 -3.69
C GLN E 6 -35.46 -63.76 -3.53
N SER E 7 -35.27 -65.08 -3.66
CA SER E 7 -36.37 -66.03 -3.53
C SER E 7 -36.08 -67.03 -2.42
N PRO E 8 -37.11 -67.48 -1.68
CA PRO E 8 -38.50 -67.04 -1.82
C PRO E 8 -38.83 -65.83 -0.96
N SER E 9 -37.83 -65.30 -0.27
CA SER E 9 -37.88 -64.13 0.62
C SER E 9 -38.61 -64.44 1.93
N SER E 10 -39.18 -65.63 2.09
CA SER E 10 -39.86 -66.01 3.32
C SER E 10 -40.03 -67.52 3.33
N LEU E 11 -39.55 -68.17 4.38
CA LEU E 11 -39.57 -69.63 4.46
C LEU E 11 -39.31 -70.04 5.90
N THR E 12 -39.90 -71.15 6.31
CA THR E 12 -39.84 -71.63 7.68
C THR E 12 -39.19 -73.01 7.71
N VAL E 13 -38.29 -73.22 8.68
CA VAL E 13 -37.61 -74.49 8.87
C VAL E 13 -37.59 -74.85 10.34
N THR E 14 -37.45 -76.15 10.61
CA THR E 14 -37.22 -76.63 11.96
C THR E 14 -35.73 -76.47 12.30
N ALA E 15 -35.44 -76.37 13.59
CA ALA E 15 -34.06 -76.21 14.05
C ALA E 15 -33.19 -77.35 13.54
N GLY E 16 -32.02 -77.00 13.04
CA GLY E 16 -31.08 -77.99 12.51
C GLY E 16 -31.56 -78.69 11.25
N GLU E 17 -32.19 -77.94 10.34
CA GLU E 17 -32.66 -78.50 9.08
C GLU E 17 -32.24 -77.58 7.94
N LYS E 18 -31.90 -78.18 6.80
CA LYS E 18 -31.30 -77.44 5.71
C LYS E 18 -32.28 -76.45 5.08
N VAL E 19 -31.73 -75.32 4.63
CA VAL E 19 -32.51 -74.28 3.96
C VAL E 19 -32.02 -74.15 2.53
N THR E 20 -32.94 -73.88 1.61
CA THR E 20 -32.64 -73.74 0.18
C THR E 20 -33.17 -72.38 -0.28
N MET E 21 -32.29 -71.38 -0.26
CA MET E 21 -32.62 -70.04 -0.75
C MET E 21 -31.58 -69.62 -1.78
N SER E 22 -32.01 -68.82 -2.75
CA SER E 22 -31.14 -68.36 -3.81
C SER E 22 -31.69 -67.07 -4.40
N CYS E 23 -30.81 -66.12 -4.68
CA CYS E 23 -31.16 -64.87 -5.34
C CYS E 23 -30.50 -64.81 -6.70
N LYS E 24 -31.31 -64.64 -7.74
CA LYS E 24 -30.81 -64.65 -9.11
C LYS E 24 -30.24 -63.29 -9.47
N SER E 25 -29.02 -63.28 -9.98
CA SER E 25 -28.32 -62.06 -10.35
C SER E 25 -28.21 -61.98 -11.87
N SER E 26 -28.55 -60.81 -12.42
CA SER E 26 -28.46 -60.59 -13.85
C SER E 26 -27.09 -60.01 -14.19
N GLN E 27 -26.90 -59.69 -15.49
CA GLN E 27 -25.71 -59.03 -16.02
C GLN E 27 -24.49 -59.95 -15.97
N SER E 28 -24.63 -61.14 -15.39
CA SER E 28 -23.58 -62.16 -15.36
C SER E 28 -22.28 -61.59 -14.78
N LEU E 29 -22.37 -61.25 -13.50
CA LEU E 29 -21.26 -60.61 -12.80
C LEU E 29 -19.99 -61.45 -12.86
N LEU E 30 -18.99 -60.95 -13.60
CA LEU E 30 -17.70 -61.63 -13.73
C LEU E 30 -16.62 -60.58 -13.91
N ASN E 31 -15.40 -60.93 -13.51
CA ASN E 31 -14.25 -60.04 -13.63
C ASN E 31 -13.11 -60.74 -14.32
N SER E 32 -12.33 -59.97 -15.08
CA SER E 32 -11.14 -60.49 -15.74
C SER E 32 -10.06 -60.80 -14.71
N GLY E 33 -9.26 -61.82 -15.01
CA GLY E 33 -8.19 -62.22 -14.10
C GLY E 33 -8.67 -63.11 -12.98
N ASN E 34 -9.37 -62.54 -12.02
CA ASN E 34 -9.94 -63.30 -10.91
C ASN E 34 -11.33 -63.81 -11.26
N GLN E 35 -11.51 -65.13 -11.18
CA GLN E 35 -12.79 -65.73 -11.52
C GLN E 35 -13.81 -65.65 -10.38
N LYS E 36 -13.42 -65.17 -9.21
CA LYS E 36 -14.36 -65.04 -8.10
C LYS E 36 -15.40 -63.98 -8.43
N ASN E 37 -16.68 -64.32 -8.24
CA ASN E 37 -17.75 -63.38 -8.51
C ASN E 37 -17.74 -62.25 -7.49
N TYR E 38 -18.06 -61.05 -7.96
CA TYR E 38 -18.12 -59.88 -7.09
C TYR E 38 -19.52 -59.68 -6.51
N LEU E 39 -20.05 -60.73 -5.90
CA LEU E 39 -21.30 -60.65 -5.15
C LEU E 39 -21.02 -61.11 -3.72
N THR E 40 -21.38 -60.28 -2.75
CA THR E 40 -21.09 -60.54 -1.35
C THR E 40 -22.38 -60.72 -0.58
N TRP E 41 -22.43 -61.78 0.23
CA TRP E 41 -23.59 -62.04 1.07
C TRP E 41 -23.52 -61.21 2.35
N TYR E 42 -24.66 -61.10 3.02
CA TYR E 42 -24.75 -60.33 4.25
C TYR E 42 -25.66 -61.06 5.24
N GLN E 43 -25.46 -60.75 6.52
CA GLN E 43 -26.28 -61.30 7.60
C GLN E 43 -26.71 -60.15 8.49
N GLN E 44 -28.01 -59.86 8.50
CA GLN E 44 -28.55 -58.72 9.24
C GLN E 44 -29.59 -59.21 10.22
N LYS E 45 -29.38 -58.91 11.51
CA LYS E 45 -30.37 -59.18 12.53
C LYS E 45 -31.28 -57.97 12.70
N VAL E 46 -32.13 -58.02 13.72
CA VAL E 46 -33.00 -56.90 14.07
C VAL E 46 -32.35 -56.15 15.23
N GLY E 47 -31.67 -55.04 14.91
CA GLY E 47 -31.05 -54.24 15.95
C GLY E 47 -29.68 -53.70 15.61
N GLN E 48 -28.92 -54.43 14.81
CA GLN E 48 -27.57 -54.03 14.43
C GLN E 48 -27.40 -54.12 12.92
N PRO E 49 -26.49 -53.35 12.35
CA PRO E 49 -26.34 -53.29 10.88
C PRO E 49 -25.84 -54.62 10.33
N PRO E 50 -26.05 -54.87 9.04
CA PRO E 50 -25.60 -56.14 8.45
C PRO E 50 -24.09 -56.29 8.46
N LYS E 51 -23.65 -57.54 8.46
CA LYS E 51 -22.24 -57.90 8.45
C LYS E 51 -21.99 -58.88 7.31
N LEU E 52 -20.76 -58.87 6.80
CA LEU E 52 -20.40 -59.77 5.70
C LEU E 52 -20.50 -61.23 6.11
N LEU E 53 -21.44 -61.95 5.51
CA LEU E 53 -21.52 -63.39 5.70
C LEU E 53 -20.59 -64.12 4.74
N ILE E 54 -20.69 -63.78 3.45
CA ILE E 54 -19.79 -64.30 2.43
C ILE E 54 -19.43 -63.16 1.49
N TYR E 55 -18.15 -63.03 1.16
CA TYR E 55 -17.70 -62.13 0.10
C TYR E 55 -16.94 -62.95 -0.94
N TRP E 56 -16.82 -62.38 -2.14
CA TRP E 56 -16.31 -63.07 -3.32
C TRP E 56 -17.17 -64.25 -3.74
N ALA E 57 -18.33 -64.40 -3.11
CA ALA E 57 -19.32 -65.46 -3.36
C ALA E 57 -18.85 -66.82 -2.84
N SER E 58 -17.58 -66.91 -2.44
CA SER E 58 -17.10 -68.08 -1.69
C SER E 58 -15.90 -67.64 -0.84
N THR E 59 -16.18 -67.22 0.40
CA THR E 59 -15.14 -66.97 1.38
C THR E 59 -15.79 -66.90 2.75
N ARG E 60 -15.44 -67.83 3.63
CA ARG E 60 -16.03 -67.87 4.97
C ARG E 60 -15.45 -66.77 5.83
N ASP E 61 -16.27 -65.79 6.18
CA ASP E 61 -15.83 -64.73 7.08
C ASP E 61 -15.64 -65.29 8.49
N PRO E 62 -14.68 -64.77 9.25
CA PRO E 62 -14.51 -65.24 10.63
C PRO E 62 -15.74 -64.99 11.48
N GLY E 63 -16.03 -65.94 12.37
CA GLY E 63 -17.18 -65.84 13.24
C GLY E 63 -18.37 -66.64 12.75
N VAL E 64 -18.87 -67.52 13.61
CA VAL E 64 -19.97 -68.45 13.34
C VAL E 64 -19.90 -68.98 11.91
N PRO E 65 -18.77 -69.57 11.50
CA PRO E 65 -18.59 -69.92 10.07
C PRO E 65 -19.08 -71.32 9.72
N ASP E 66 -20.37 -71.55 9.94
CA ASP E 66 -20.99 -72.81 9.55
C ASP E 66 -21.36 -72.76 8.06
N ARG E 67 -20.53 -73.40 7.24
CA ARG E 67 -20.60 -73.42 5.78
C ARG E 67 -20.86 -72.02 5.20
N PHE E 68 -22.01 -71.82 4.56
CA PHE E 68 -22.38 -70.65 3.75
C PHE E 68 -21.68 -70.65 2.40
N THR E 69 -21.01 -71.74 2.03
CA THR E 69 -20.31 -71.80 0.75
C THR E 69 -21.29 -71.70 -0.40
N GLY E 70 -20.96 -70.85 -1.38
CA GLY E 70 -21.83 -70.63 -2.51
C GLY E 70 -21.24 -71.06 -3.83
N SER E 71 -22.03 -71.78 -4.62
CA SER E 71 -21.61 -72.25 -5.95
C SER E 71 -22.41 -71.48 -6.99
N GLY E 72 -21.72 -70.72 -7.83
CA GLY E 72 -22.36 -69.94 -8.87
C GLY E 72 -21.39 -69.33 -9.85
N PHE E 73 -21.76 -69.34 -11.14
CA PHE E 73 -20.91 -68.78 -12.18
C PHE E 73 -21.18 -67.31 -12.43
N GLY E 74 -22.16 -66.72 -11.74
CA GLY E 74 -22.47 -65.32 -11.92
C GLY E 74 -23.94 -65.07 -12.17
N THR E 75 -24.57 -65.97 -12.93
CA THR E 75 -26.00 -65.84 -13.21
C THR E 75 -26.86 -66.24 -12.02
N ASP E 76 -26.36 -67.13 -11.16
CA ASP E 76 -27.10 -67.60 -9.99
C ASP E 76 -26.14 -67.74 -8.82
N PHE E 77 -26.70 -67.61 -7.61
CA PHE E 77 -25.94 -67.75 -6.38
C PHE E 77 -26.78 -68.47 -5.35
N THR E 78 -26.10 -69.19 -4.46
CA THR E 78 -26.76 -70.03 -3.46
C THR E 78 -26.09 -69.83 -2.11
N LEU E 79 -26.90 -69.78 -1.05
CA LEU E 79 -26.43 -69.63 0.32
C LEU E 79 -27.14 -70.63 1.23
N THR E 80 -27.14 -71.90 0.82
CA THR E 80 -27.73 -72.94 1.63
C THR E 80 -27.01 -73.07 2.97
N ILE E 81 -27.78 -73.31 4.03
CA ILE E 81 -27.24 -73.56 5.36
C ILE E 81 -27.72 -74.92 5.83
N SER E 82 -26.78 -75.76 6.27
CA SER E 82 -27.13 -77.11 6.70
C SER E 82 -27.96 -77.08 7.98
N SER E 83 -27.52 -76.33 8.98
CA SER E 83 -28.21 -76.25 10.26
C SER E 83 -28.35 -74.79 10.67
N VAL E 84 -29.56 -74.39 11.04
CA VAL E 84 -29.86 -73.01 11.42
C VAL E 84 -29.92 -72.93 12.94
N GLN E 85 -29.31 -71.87 13.48
CA GLN E 85 -29.29 -71.64 14.92
C GLN E 85 -29.82 -70.26 15.26
N ALA E 86 -29.63 -69.82 16.51
CA ALA E 86 -30.11 -68.50 16.92
C ALA E 86 -29.44 -67.40 16.12
N GLU E 87 -28.13 -67.51 15.89
CA GLU E 87 -27.43 -66.53 15.08
C GLU E 87 -27.83 -66.59 13.62
N ASP E 88 -28.37 -67.72 13.16
CA ASP E 88 -28.82 -67.85 11.77
C ASP E 88 -30.23 -67.30 11.56
N LEU E 89 -30.96 -66.99 12.64
CA LEU E 89 -32.30 -66.42 12.53
C LEU E 89 -32.15 -64.95 12.21
N ALA E 90 -32.01 -64.64 10.92
CA ALA E 90 -31.77 -63.28 10.47
C ALA E 90 -32.19 -63.18 9.00
N VAL E 91 -31.98 -62.01 8.40
CA VAL E 91 -32.28 -61.76 7.00
C VAL E 91 -30.95 -61.65 6.25
N TYR E 92 -30.87 -62.32 5.10
CA TYR E 92 -29.65 -62.38 4.31
C TYR E 92 -29.77 -61.49 3.09
N TYR E 93 -28.74 -60.67 2.86
CA TYR E 93 -28.69 -59.75 1.73
C TYR E 93 -27.56 -60.17 0.80
N CYS E 94 -27.86 -60.26 -0.48
CA CYS E 94 -26.86 -60.52 -1.52
C CYS E 94 -26.74 -59.29 -2.41
N GLN E 95 -25.52 -58.78 -2.53
CA GLN E 95 -25.26 -57.50 -3.18
C GLN E 95 -24.17 -57.63 -4.22
N ASN E 96 -24.38 -56.99 -5.37
CA ASN E 96 -23.41 -56.98 -6.46
C ASN E 96 -22.33 -55.94 -6.19
N ASP E 97 -21.13 -56.20 -6.68
CA ASP E 97 -20.01 -55.29 -6.53
C ASP E 97 -19.20 -55.04 -7.79
N TYR E 98 -19.29 -55.91 -8.81
CA TYR E 98 -18.53 -55.68 -10.03
C TYR E 98 -19.00 -54.42 -10.75
N SER E 99 -20.31 -54.25 -10.89
CA SER E 99 -20.86 -53.05 -11.48
C SER E 99 -20.78 -51.90 -10.49
N TYR E 100 -20.30 -50.74 -10.95
CA TYR E 100 -20.18 -49.59 -10.05
C TYR E 100 -21.53 -49.17 -9.47
N PRO E 101 -22.61 -49.03 -10.25
CA PRO E 101 -23.92 -48.83 -9.61
C PRO E 101 -24.45 -50.14 -9.03
N LEU E 102 -24.43 -50.26 -7.72
CA LEU E 102 -24.78 -51.50 -7.03
C LEU E 102 -26.08 -51.33 -6.26
N THR E 103 -26.94 -52.35 -6.35
CA THR E 103 -28.22 -52.36 -5.65
C THR E 103 -28.33 -53.64 -4.84
N PHE E 104 -28.68 -53.51 -3.57
CA PHE E 104 -28.82 -54.67 -2.69
C PHE E 104 -30.09 -55.44 -3.01
N GLY E 105 -30.11 -56.71 -2.55
CA GLY E 105 -31.27 -57.54 -2.76
C GLY E 105 -32.38 -57.28 -1.76
N ALA E 106 -33.55 -57.85 -2.05
CA ALA E 106 -34.70 -57.66 -1.17
C ALA E 106 -34.47 -58.29 0.20
N GLY E 107 -33.92 -59.49 0.23
CA GLY E 107 -33.66 -60.20 1.47
C GLY E 107 -34.61 -61.38 1.66
N THR E 108 -34.18 -62.28 2.54
CA THR E 108 -34.95 -63.49 2.84
C THR E 108 -35.02 -63.68 4.34
N LYS E 109 -36.22 -63.93 4.85
CA LYS E 109 -36.42 -64.14 6.28
C LYS E 109 -36.45 -65.64 6.59
N VAL E 110 -35.61 -66.05 7.53
CA VAL E 110 -35.53 -67.43 7.98
C VAL E 110 -35.60 -67.46 9.50
N GLU E 111 -36.41 -68.36 10.03
CA GLU E 111 -36.55 -68.51 11.48
C GLU E 111 -36.68 -69.99 11.82
N LEU E 112 -36.31 -70.31 13.06
CA LEU E 112 -36.34 -71.69 13.54
C LEU E 112 -37.74 -72.11 13.93
N GLU F 1 -4.40 -12.59 55.75
CA GLU F 1 -2.99 -12.26 55.61
C GLU F 1 -2.53 -12.42 54.16
N VAL F 2 -1.34 -13.00 53.98
CA VAL F 2 -0.77 -13.24 52.66
C VAL F 2 -0.62 -14.74 52.47
N GLN F 3 -1.15 -15.25 51.36
CA GLN F 3 -1.14 -16.68 51.08
C GLN F 3 -0.72 -16.91 49.64
N LEU F 4 -0.03 -18.03 49.41
CA LEU F 4 0.42 -18.44 48.08
C LEU F 4 -0.37 -19.68 47.68
N LYS F 5 -1.29 -19.52 46.75
CA LYS F 5 -2.15 -20.61 46.27
C LYS F 5 -1.69 -21.03 44.88
N GLN F 6 -0.76 -21.98 44.84
CA GLN F 6 -0.23 -22.46 43.57
C GLN F 6 -1.21 -23.44 42.93
N SER F 7 -0.95 -23.74 41.65
CA SER F 7 -1.85 -24.60 40.89
C SER F 7 -1.87 -26.02 41.46
N VAL F 8 -3.05 -26.63 41.41
CA VAL F 8 -3.20 -28.00 41.89
C VAL F 8 -2.39 -28.95 41.01
N ALA F 9 -1.88 -30.02 41.61
CA ALA F 9 -1.05 -30.97 40.89
C ALA F 9 -1.84 -31.66 39.78
N GLU F 10 -1.19 -31.86 38.64
CA GLU F 10 -1.79 -32.52 37.50
C GLU F 10 -0.84 -33.59 36.97
N LEU F 11 -1.40 -34.63 36.38
CA LEU F 11 -0.60 -35.72 35.84
C LEU F 11 0.19 -35.25 34.62
N VAL F 12 1.39 -35.80 34.47
CA VAL F 12 2.29 -35.43 33.39
C VAL F 12 2.87 -36.70 32.77
N ARG F 13 3.33 -36.57 31.53
CA ARG F 13 3.93 -37.66 30.78
C ARG F 13 5.41 -37.40 30.54
N PRO F 14 6.23 -38.45 30.45
CA PRO F 14 7.67 -38.25 30.21
C PRO F 14 7.92 -37.59 28.86
N GLY F 15 8.92 -36.71 28.82
CA GLY F 15 9.27 -36.00 27.62
C GLY F 15 8.39 -34.82 27.28
N ALA F 16 7.43 -34.48 28.12
CA ALA F 16 6.52 -33.38 27.88
C ALA F 16 6.93 -32.18 28.73
N SER F 17 6.12 -31.13 28.69
CA SER F 17 6.37 -29.91 29.45
C SER F 17 5.16 -29.60 30.33
N VAL F 18 5.43 -29.14 31.55
CA VAL F 18 4.40 -28.84 32.53
C VAL F 18 4.60 -27.42 33.04
N LYS F 19 3.51 -26.66 33.11
CA LYS F 19 3.54 -25.29 33.61
C LYS F 19 2.77 -25.24 34.93
N VAL F 20 3.42 -24.75 35.97
CA VAL F 20 2.83 -24.62 37.30
C VAL F 20 2.72 -23.15 37.64
N SER F 21 1.51 -22.72 38.01
CA SER F 21 1.24 -21.31 38.30
C SER F 21 0.98 -21.14 39.79
N CYS F 22 1.62 -20.14 40.38
CA CYS F 22 1.46 -19.80 41.79
C CYS F 22 0.76 -18.45 41.89
N THR F 23 -0.35 -18.41 42.62
CA THR F 23 -1.12 -17.19 42.81
C THR F 23 -0.88 -16.63 44.20
N ALA F 24 -0.95 -15.31 44.31
CA ALA F 24 -0.74 -14.61 45.57
C ALA F 24 -1.91 -13.68 45.86
N SER F 25 -2.14 -13.43 47.15
CA SER F 25 -3.22 -12.56 47.59
C SER F 25 -2.68 -11.57 48.61
N GLY F 26 -3.28 -10.38 48.63
CA GLY F 26 -2.88 -9.32 49.53
C GLY F 26 -1.83 -8.38 48.99
N PHE F 27 -1.23 -8.69 47.84
CA PHE F 27 -0.22 -7.84 47.23
C PHE F 27 -0.15 -8.18 45.74
N ASN F 28 0.89 -7.69 45.08
CA ASN F 28 1.11 -7.95 43.67
C ASN F 28 2.51 -8.50 43.47
N ILE F 29 2.70 -9.21 42.35
CA ILE F 29 3.98 -9.86 42.07
C ILE F 29 5.08 -8.82 41.81
N LYS F 30 4.71 -7.62 41.35
CA LYS F 30 5.69 -6.68 40.82
C LYS F 30 6.78 -6.35 41.83
N ASN F 31 6.49 -6.43 43.13
CA ASN F 31 7.48 -6.20 44.16
C ASN F 31 7.98 -7.50 44.80
N ILE F 32 7.60 -8.65 44.25
CA ILE F 32 7.96 -9.95 44.80
C ILE F 32 8.65 -10.76 43.71
N TYR F 33 9.93 -11.05 43.89
CA TYR F 33 10.66 -11.94 42.98
C TYR F 33 10.71 -13.33 43.63
N MET F 34 9.61 -14.05 43.46
CA MET F 34 9.42 -15.29 44.19
C MET F 34 10.40 -16.37 43.75
N HIS F 35 10.86 -17.16 44.73
CA HIS F 35 11.68 -18.33 44.47
C HIS F 35 10.81 -19.54 44.22
N TRP F 36 11.41 -20.57 43.64
CA TRP F 36 10.75 -21.85 43.43
C TRP F 36 11.59 -22.96 44.04
N VAL F 37 10.93 -23.89 44.71
CA VAL F 37 11.62 -24.92 45.48
C VAL F 37 10.86 -26.24 45.34
N LYS F 38 11.61 -27.33 45.23
CA LYS F 38 11.04 -28.67 45.17
C LYS F 38 11.58 -29.50 46.33
N GLN F 39 10.70 -30.30 46.94
CA GLN F 39 11.04 -31.13 48.08
C GLN F 39 11.01 -32.58 47.64
N ARG F 40 12.20 -33.18 47.53
CA ARG F 40 12.29 -34.59 47.16
C ARG F 40 11.85 -35.45 48.34
N PRO F 41 10.88 -36.34 48.17
CA PRO F 41 10.42 -37.17 49.30
C PRO F 41 11.55 -38.03 49.84
N GLU F 42 11.58 -38.17 51.17
CA GLU F 42 12.58 -38.98 51.88
C GLU F 42 13.99 -38.54 51.48
N GLN F 43 14.17 -37.22 51.36
CA GLN F 43 15.46 -36.67 50.96
C GLN F 43 15.49 -35.20 51.36
N GLY F 44 16.70 -34.68 51.53
CA GLY F 44 16.90 -33.28 51.85
C GLY F 44 16.32 -32.35 50.82
N LEU F 45 15.58 -31.34 51.28
CA LEU F 45 14.97 -30.37 50.37
C LEU F 45 16.05 -29.58 49.63
N ASP F 46 15.75 -29.25 48.38
CA ASP F 46 16.71 -28.56 47.51
C ASP F 46 16.04 -27.39 46.82
N TRP F 47 16.84 -26.39 46.47
CA TRP F 47 16.37 -25.16 45.85
C TRP F 47 16.50 -25.25 44.33
N ILE F 48 15.48 -24.77 43.63
CA ILE F 48 15.43 -24.85 42.17
C ILE F 48 16.13 -23.65 41.56
N GLY F 49 15.61 -22.45 41.83
CA GLY F 49 16.17 -21.26 41.22
C GLY F 49 15.40 -20.02 41.64
N ARG F 50 15.76 -18.90 41.01
CA ARG F 50 15.18 -17.61 41.32
C ARG F 50 14.75 -16.92 40.02
N ILE F 51 13.68 -16.15 40.12
CA ILE F 51 13.15 -15.37 39.00
C ILE F 51 12.78 -13.98 39.50
N ASP F 52 12.50 -13.08 38.55
CA ASP F 52 12.08 -11.72 38.84
C ASP F 52 10.94 -11.36 37.89
N PRO F 53 9.96 -10.57 38.36
CA PRO F 53 8.87 -10.13 37.45
C PRO F 53 9.39 -9.35 36.26
N ALA F 54 10.12 -8.27 36.51
CA ALA F 54 10.71 -7.45 35.47
C ALA F 54 12.20 -7.74 35.40
N ASN F 55 12.71 -8.01 34.19
CA ASN F 55 14.09 -8.42 33.97
C ASN F 55 14.39 -9.69 34.77
N GLY F 56 13.68 -10.76 34.39
CA GLY F 56 13.70 -11.99 35.18
C GLY F 56 15.09 -12.55 35.37
N ASN F 57 15.87 -12.64 34.28
CA ASN F 57 17.24 -13.14 34.26
C ASN F 57 17.44 -14.30 35.23
N SER F 58 16.61 -15.34 35.07
CA SER F 58 16.53 -16.39 36.09
C SER F 58 17.85 -17.12 36.26
N ARG F 59 18.23 -17.33 37.51
CA ARG F 59 19.40 -18.13 37.88
C ARG F 59 18.93 -19.34 38.67
N TYR F 60 19.41 -20.52 38.29
CA TYR F 60 19.01 -21.76 38.92
C TYR F 60 20.21 -22.43 39.60
N ALA F 61 19.91 -23.45 40.38
CA ALA F 61 20.97 -24.25 40.98
C ALA F 61 21.73 -25.00 39.89
N PRO F 62 23.02 -25.29 40.12
CA PRO F 62 23.81 -25.96 39.07
C PRO F 62 23.25 -27.30 38.64
N LYS F 63 22.56 -28.01 39.55
CA LYS F 63 21.96 -29.29 39.16
C LYS F 63 20.74 -29.09 38.28
N PHE F 64 20.04 -27.97 38.43
CA PHE F 64 18.83 -27.69 37.66
C PHE F 64 19.07 -26.72 36.51
N GLN F 65 20.32 -26.37 36.23
CA GLN F 65 20.61 -25.45 35.14
C GLN F 65 20.26 -26.09 33.80
N ASP F 66 19.66 -25.29 32.91
CA ASP F 66 19.23 -25.69 31.57
C ASP F 66 18.19 -26.80 31.60
N LYS F 67 17.61 -27.10 32.75
CA LYS F 67 16.58 -28.12 32.89
C LYS F 67 15.26 -27.58 33.40
N ALA F 68 15.29 -26.68 34.38
CA ALA F 68 14.10 -26.07 34.95
C ALA F 68 14.10 -24.60 34.59
N THR F 69 13.24 -24.22 33.63
CA THR F 69 13.10 -22.84 33.20
C THR F 69 11.81 -22.28 33.77
N ILE F 70 11.91 -21.12 34.43
CA ILE F 70 10.79 -20.51 35.13
C ILE F 70 10.61 -19.08 34.61
N THR F 71 9.36 -18.72 34.31
CA THR F 71 9.03 -17.39 33.81
C THR F 71 8.07 -16.71 34.79
N ALA F 72 8.17 -15.39 34.85
CA ALA F 72 7.35 -14.58 35.74
C ALA F 72 6.42 -13.69 34.91
N ASP F 73 5.13 -13.75 35.23
CA ASP F 73 4.14 -12.92 34.54
C ASP F 73 4.05 -11.56 35.23
N THR F 74 4.08 -10.50 34.42
CA THR F 74 4.01 -9.15 34.98
C THR F 74 2.68 -8.91 35.67
N SER F 75 1.59 -9.38 35.08
CA SER F 75 0.25 -9.19 35.61
C SER F 75 -0.37 -10.54 35.95
N SER F 76 -1.66 -10.52 36.28
CA SER F 76 -2.48 -11.68 36.65
C SER F 76 -2.08 -12.29 37.99
N ASN F 77 -1.11 -11.71 38.70
CA ASN F 77 -0.71 -12.17 40.03
C ASN F 77 -0.28 -13.64 40.01
N THR F 78 0.42 -14.04 38.94
CA THR F 78 0.82 -15.43 38.76
C THR F 78 2.25 -15.48 38.23
N ALA F 79 2.89 -16.63 38.47
CA ALA F 79 4.20 -16.94 37.93
C ALA F 79 4.23 -18.40 37.51
N TYR F 80 4.86 -18.69 36.37
CA TYR F 80 4.79 -20.00 35.74
C TYR F 80 6.13 -20.70 35.80
N LEU F 81 6.12 -21.95 36.25
CA LEU F 81 7.31 -22.81 36.29
C LEU F 81 7.18 -23.87 35.22
N GLN F 82 8.21 -24.01 34.38
CA GLN F 82 8.22 -24.98 33.30
C GLN F 82 9.30 -26.03 33.54
N LEU F 83 8.98 -27.27 33.21
CA LEU F 83 9.90 -28.39 33.40
C LEU F 83 9.92 -29.25 32.13
N SER F 84 11.01 -29.98 31.97
CA SER F 84 11.18 -30.87 30.82
C SER F 84 12.04 -32.06 31.23
N SER F 85 11.94 -33.12 30.45
CA SER F 85 12.68 -34.36 30.68
C SER F 85 12.42 -34.91 32.09
N LEU F 86 11.14 -34.93 32.46
CA LEU F 86 10.75 -35.41 33.78
C LEU F 86 10.97 -36.92 33.89
N THR F 87 11.62 -37.34 34.97
CA THR F 87 11.90 -38.74 35.25
C THR F 87 11.27 -39.12 36.59
N SER F 88 11.57 -40.34 37.03
CA SER F 88 11.04 -40.81 38.32
C SER F 88 11.55 -39.96 39.48
N GLU F 89 12.80 -39.49 39.39
CA GLU F 89 13.34 -38.62 40.44
C GLU F 89 12.59 -37.29 40.49
N ASP F 90 12.04 -36.83 39.37
CA ASP F 90 11.35 -35.56 39.33
C ASP F 90 10.04 -35.56 40.10
N THR F 91 9.55 -36.74 40.53
CA THR F 91 8.32 -36.80 41.30
C THR F 91 8.55 -36.27 42.70
N ALA F 92 8.24 -34.99 42.92
CA ALA F 92 8.50 -34.34 44.19
C ALA F 92 7.49 -33.21 44.37
N ILE F 93 7.40 -32.73 45.61
CA ILE F 93 6.47 -31.67 45.97
C ILE F 93 7.14 -30.32 45.79
N TYR F 94 6.42 -29.37 45.21
CA TYR F 94 6.95 -28.04 44.93
C TYR F 94 6.23 -27.00 45.80
N TYR F 95 6.93 -25.91 46.08
CA TYR F 95 6.40 -24.84 46.92
C TYR F 95 6.82 -23.49 46.37
N CYS F 96 6.12 -22.45 46.80
CA CYS F 96 6.41 -21.08 46.42
C CYS F 96 7.23 -20.40 47.52
N ALA F 97 7.49 -19.11 47.37
CA ALA F 97 8.34 -18.39 48.32
C ALA F 97 8.06 -16.90 48.20
N ASP F 98 8.53 -16.15 49.22
CA ASP F 98 8.43 -14.70 49.24
C ASP F 98 9.80 -14.03 49.41
N GLU F 99 10.88 -14.79 49.17
CA GLU F 99 12.25 -14.28 49.06
C GLU F 99 12.62 -13.28 50.17
N GLY F 100 12.05 -13.49 51.35
CA GLY F 100 12.43 -12.72 52.52
C GLY F 100 13.81 -13.12 52.99
N TRP F 101 14.04 -12.93 54.30
CA TRP F 101 15.22 -13.53 54.90
C TRP F 101 15.18 -15.04 54.79
N GLY F 102 14.00 -15.64 54.97
CA GLY F 102 13.72 -16.98 54.49
C GLY F 102 12.50 -16.95 53.60
N PHE F 103 12.15 -18.12 53.07
CA PHE F 103 10.94 -18.24 52.25
C PHE F 103 9.73 -18.14 53.16
N ALA F 104 9.18 -16.93 53.30
CA ALA F 104 8.19 -16.66 54.33
C ALA F 104 6.94 -17.50 54.15
N ASN F 105 6.37 -17.50 52.94
CA ASN F 105 5.15 -18.25 52.67
C ASN F 105 5.41 -19.20 51.51
N TRP F 106 5.11 -20.48 51.72
CA TRP F 106 5.30 -21.51 50.72
C TRP F 106 3.94 -21.92 50.16
N GLY F 107 3.97 -22.54 48.98
CA GLY F 107 2.74 -23.02 48.38
C GLY F 107 2.12 -24.15 49.19
N GLN F 108 0.82 -24.35 48.97
CA GLN F 108 0.09 -25.38 49.71
C GLN F 108 0.64 -26.78 49.43
N GLY F 109 1.37 -26.96 48.34
CA GLY F 109 1.98 -28.24 48.05
C GLY F 109 1.39 -28.94 46.84
N THR F 110 2.10 -28.87 45.72
CA THR F 110 1.72 -29.56 44.50
C THR F 110 2.61 -30.79 44.33
N LEU F 111 1.99 -31.95 44.15
CA LEU F 111 2.69 -33.23 44.10
C LEU F 111 2.68 -33.69 42.64
N VAL F 112 3.70 -33.29 41.90
CA VAL F 112 3.82 -33.65 40.49
C VAL F 112 4.36 -35.07 40.39
N THR F 113 3.64 -35.91 39.64
CA THR F 113 4.04 -37.29 39.42
C THR F 113 3.96 -37.60 37.93
N VAL F 114 5.00 -38.23 37.41
CA VAL F 114 5.06 -38.63 36.01
C VAL F 114 4.99 -40.16 35.95
N SER F 115 4.09 -40.67 35.11
CA SER F 115 3.88 -42.11 34.96
C SER F 115 3.14 -42.35 33.66
N ALA F 116 2.69 -43.59 33.46
CA ALA F 116 1.96 -43.96 32.25
C ALA F 116 0.54 -44.39 32.60
N ASP G 1 27.46 -23.13 45.97
CA ASP G 1 27.40 -24.52 46.40
C ASP G 1 28.09 -24.73 47.74
N ILE G 2 27.30 -24.96 48.79
CA ILE G 2 27.80 -25.21 50.13
C ILE G 2 27.21 -26.54 50.61
N VAL G 3 28.09 -27.47 50.98
CA VAL G 3 27.65 -28.74 51.53
C VAL G 3 27.24 -28.54 52.97
N MET G 4 26.00 -28.88 53.30
CA MET G 4 25.43 -28.58 54.60
C MET G 4 25.03 -29.88 55.27
N THR G 5 25.54 -30.11 56.49
CA THR G 5 25.33 -31.36 57.20
C THR G 5 24.63 -31.09 58.51
N GLN G 6 23.58 -31.88 58.80
CA GLN G 6 22.82 -31.77 60.04
C GLN G 6 23.09 -33.00 60.90
N SER G 7 23.33 -32.76 62.19
CA SER G 7 23.60 -33.84 63.13
C SER G 7 22.66 -33.71 64.33
N PRO G 8 22.21 -34.83 64.93
CA PRO G 8 22.52 -36.20 64.48
C PRO G 8 21.53 -36.70 63.43
N SER G 9 20.62 -35.82 63.00
CA SER G 9 19.59 -36.04 61.99
C SER G 9 18.45 -36.93 62.49
N SER G 10 18.57 -37.49 63.70
CA SER G 10 17.52 -38.32 64.26
C SER G 10 17.78 -38.48 65.75
N LEU G 11 16.74 -38.18 66.54
CA LEU G 11 16.85 -38.28 68.00
C LEU G 11 15.47 -38.35 68.60
N THR G 12 15.35 -39.03 69.74
CA THR G 12 14.12 -39.10 70.51
C THR G 12 14.39 -38.60 71.92
N VAL G 13 13.44 -37.82 72.45
CA VAL G 13 13.59 -37.21 73.76
C VAL G 13 12.28 -37.31 74.53
N THR G 14 12.39 -37.24 75.86
CA THR G 14 11.21 -37.17 76.71
C THR G 14 10.59 -35.77 76.62
N ALA G 15 9.27 -35.71 76.79
CA ALA G 15 8.56 -34.44 76.74
C ALA G 15 9.10 -33.48 77.79
N GLY G 16 9.28 -32.23 77.39
CA GLY G 16 9.81 -31.21 78.29
C GLY G 16 11.24 -31.45 78.70
N GLU G 17 12.06 -31.94 77.79
CA GLU G 17 13.48 -32.21 78.04
C GLU G 17 14.31 -31.58 76.92
N LYS G 18 15.46 -31.04 77.30
CA LYS G 18 16.25 -30.23 76.37
C LYS G 18 16.85 -31.09 75.28
N VAL G 19 16.96 -30.50 74.09
CA VAL G 19 17.51 -31.17 72.91
C VAL G 19 18.73 -30.40 72.45
N THR G 20 19.75 -31.13 72.01
CA THR G 20 21.02 -30.55 71.56
C THR G 20 21.28 -31.03 70.14
N MET G 21 20.87 -30.22 69.16
CA MET G 21 21.12 -30.48 67.75
C MET G 21 21.85 -29.29 67.14
N SER G 22 22.72 -29.56 66.18
CA SER G 22 23.49 -28.51 65.52
C SER G 22 23.89 -28.99 64.13
N CYS G 23 23.77 -28.09 63.16
CA CYS G 23 24.18 -28.35 61.79
C CYS G 23 25.35 -27.45 61.43
N LYS G 24 26.47 -28.06 61.02
CA LYS G 24 27.69 -27.31 60.76
C LYS G 24 27.65 -26.71 59.36
N SER G 25 27.89 -25.40 59.29
CA SER G 25 27.86 -24.66 58.03
C SER G 25 29.29 -24.25 57.66
N SER G 26 29.67 -24.53 56.42
CA SER G 26 30.99 -24.16 55.92
C SER G 26 30.94 -22.76 55.31
N GLN G 27 32.08 -22.34 54.74
CA GLN G 27 32.23 -21.09 54.01
C GLN G 27 32.16 -19.87 54.93
N SER G 28 31.88 -20.10 56.22
CA SER G 28 31.87 -19.05 57.24
C SER G 28 30.95 -17.90 56.83
N LEU G 29 29.66 -18.22 56.76
CA LEU G 29 28.65 -17.27 56.29
C LEU G 29 28.65 -15.98 57.11
N LEU G 30 29.08 -14.88 56.50
CA LEU G 30 29.13 -13.58 57.15
C LEU G 30 28.88 -12.51 56.11
N ASN G 31 28.33 -11.38 56.55
CA ASN G 31 28.05 -10.25 55.68
C ASN G 31 28.65 -8.97 56.26
N SER G 32 29.07 -8.09 55.36
CA SER G 32 29.59 -6.80 55.77
C SER G 32 28.47 -5.91 56.30
N GLY G 33 28.81 -5.05 57.26
CA GLY G 33 27.83 -4.17 57.85
C GLY G 33 27.03 -4.82 58.94
N ASN G 34 26.12 -5.71 58.56
CA ASN G 34 25.30 -6.44 59.53
C ASN G 34 26.00 -7.74 59.91
N GLN G 35 26.22 -7.92 61.23
CA GLN G 35 26.91 -9.09 61.73
C GLN G 35 26.00 -10.30 61.85
N LYS G 36 24.69 -10.15 61.63
CA LYS G 36 23.77 -11.28 61.71
C LYS G 36 24.06 -12.25 60.58
N ASN G 37 24.19 -13.53 60.94
CA ASN G 37 24.46 -14.56 59.95
C ASN G 37 23.26 -14.77 59.05
N TYR G 38 23.52 -15.02 57.76
CA TYR G 38 22.45 -15.28 56.80
C TYR G 38 22.12 -16.76 56.69
N LEU G 39 21.84 -17.38 57.83
CA LEU G 39 21.36 -18.75 57.91
C LEU G 39 20.04 -18.74 58.66
N THR G 40 19.00 -19.29 58.06
CA THR G 40 17.65 -19.26 58.60
C THR G 40 17.18 -20.67 58.91
N TRP G 41 16.63 -20.86 60.11
CA TRP G 41 16.07 -22.13 60.52
C TRP G 41 14.67 -22.31 59.96
N TYR G 42 14.20 -23.55 59.96
CA TYR G 42 12.89 -23.88 59.45
C TYR G 42 12.25 -24.94 60.34
N GLN G 43 10.92 -25.00 60.31
CA GLN G 43 10.15 -25.99 61.05
C GLN G 43 9.13 -26.60 60.10
N GLN G 44 9.30 -27.87 59.79
CA GLN G 44 8.45 -28.56 58.82
C GLN G 44 7.80 -29.76 59.47
N LYS G 45 6.47 -29.80 59.46
CA LYS G 45 5.73 -30.96 59.92
C LYS G 45 5.49 -31.90 58.76
N VAL G 46 4.67 -32.93 59.00
CA VAL G 46 4.28 -33.88 57.97
C VAL G 46 2.88 -33.48 57.49
N GLY G 47 2.83 -32.78 56.35
CA GLY G 47 1.55 -32.39 55.78
C GLY G 47 1.50 -30.99 55.22
N GLN G 48 2.27 -30.06 55.78
CA GLN G 48 2.30 -28.69 55.33
C GLN G 48 3.74 -28.24 55.12
N PRO G 49 3.96 -27.26 54.25
CA PRO G 49 5.33 -26.85 53.90
C PRO G 49 6.05 -26.23 55.09
N PRO G 50 7.38 -26.17 55.06
CA PRO G 50 8.13 -25.60 56.17
C PRO G 50 7.86 -24.12 56.36
N LYS G 51 8.07 -23.66 57.59
CA LYS G 51 7.90 -22.26 57.97
C LYS G 51 9.14 -21.80 58.72
N LEU G 52 9.43 -20.50 58.62
CA LEU G 52 10.59 -19.92 59.29
C LEU G 52 10.49 -20.06 60.81
N LEU G 53 11.40 -20.83 61.39
CA LEU G 53 11.50 -20.88 62.84
C LEU G 53 12.39 -19.75 63.35
N ILE G 54 13.60 -19.63 62.81
CA ILE G 54 14.52 -18.55 63.11
C ILE G 54 15.16 -18.07 61.81
N TYR G 55 15.16 -16.76 61.60
CA TYR G 55 15.93 -16.16 60.51
C TYR G 55 16.95 -15.20 61.09
N TRP G 56 17.96 -14.87 60.29
CA TRP G 56 19.15 -14.13 60.71
C TRP G 56 19.95 -14.87 61.78
N ALA G 57 19.60 -16.13 62.04
CA ALA G 57 20.24 -17.02 63.01
C ALA G 57 19.92 -16.61 64.45
N SER G 58 19.32 -15.43 64.64
CA SER G 58 18.76 -15.06 65.94
C SER G 58 17.64 -14.05 65.69
N THR G 59 16.42 -14.56 65.54
CA THR G 59 15.22 -13.72 65.49
C THR G 59 14.01 -14.61 65.68
N ARG G 60 13.27 -14.40 66.77
CA ARG G 60 12.12 -15.23 67.07
C ARG G 60 10.95 -14.86 66.17
N ASP G 61 10.58 -15.76 65.28
CA ASP G 61 9.41 -15.55 64.43
C ASP G 61 8.15 -15.61 65.29
N PRO G 62 7.28 -14.60 65.25
CA PRO G 62 6.06 -14.64 66.06
C PRO G 62 5.21 -15.87 65.75
N GLY G 63 4.61 -16.44 66.80
CA GLY G 63 3.85 -17.66 66.69
C GLY G 63 4.53 -18.80 67.45
N VAL G 64 4.04 -19.08 68.65
CA VAL G 64 4.60 -20.04 69.60
C VAL G 64 6.12 -20.05 69.56
N PRO G 65 6.80 -18.90 69.72
CA PRO G 65 8.26 -18.88 69.58
C PRO G 65 8.98 -19.13 70.91
N ASP G 66 8.82 -20.35 71.44
CA ASP G 66 9.52 -20.72 72.67
C ASP G 66 11.01 -20.81 72.37
N ARG G 67 11.78 -19.87 72.92
CA ARG G 67 13.22 -19.71 72.71
C ARG G 67 13.60 -19.86 71.24
N PHE G 68 14.37 -20.91 70.89
CA PHE G 68 14.96 -21.17 69.57
C PHE G 68 16.15 -20.25 69.30
N THR G 69 16.62 -19.49 70.29
CA THR G 69 17.74 -18.59 70.08
C THR G 69 19.00 -19.38 69.74
N GLY G 70 19.69 -18.94 68.68
CA GLY G 70 20.90 -19.62 68.24
C GLY G 70 22.14 -18.77 68.34
N SER G 71 23.21 -19.34 68.88
CA SER G 71 24.49 -18.66 69.03
C SER G 71 25.48 -19.27 68.04
N GLY G 72 26.03 -18.44 67.16
CA GLY G 72 27.00 -18.90 66.18
C GLY G 72 27.65 -17.78 65.42
N PHE G 73 28.95 -17.90 65.15
CA PHE G 73 29.68 -16.89 64.40
C PHE G 73 29.68 -17.14 62.91
N GLY G 74 29.07 -18.23 62.45
CA GLY G 74 29.01 -18.54 61.03
C GLY G 74 29.49 -19.94 60.72
N THR G 75 30.51 -20.41 61.43
CA THR G 75 31.01 -21.77 61.22
C THR G 75 30.11 -22.82 61.85
N ASP G 76 29.37 -22.45 62.89
CA ASP G 76 28.48 -23.39 63.57
C ASP G 76 27.20 -22.68 63.98
N PHE G 77 26.12 -23.44 64.08
CA PHE G 77 24.83 -22.92 64.49
C PHE G 77 24.13 -23.94 65.38
N THR G 78 23.31 -23.44 66.30
CA THR G 78 22.63 -24.28 67.28
C THR G 78 21.17 -23.86 67.38
N LEU G 79 20.29 -24.85 67.55
CA LEU G 79 18.86 -24.63 67.69
C LEU G 79 18.31 -25.46 68.86
N THR G 80 18.96 -25.34 70.02
CA THR G 80 18.50 -26.06 71.19
C THR G 80 17.11 -25.61 71.59
N ILE G 81 16.28 -26.57 72.03
CA ILE G 81 14.95 -26.30 72.54
C ILE G 81 14.88 -26.82 73.96
N SER G 82 14.46 -25.95 74.89
CA SER G 82 14.41 -26.35 76.30
C SER G 82 13.32 -27.40 76.54
N SER G 83 12.13 -27.20 75.99
CA SER G 83 11.01 -28.11 76.16
C SER G 83 10.34 -28.35 74.82
N VAL G 84 10.16 -29.63 74.48
CA VAL G 84 9.56 -30.02 73.20
C VAL G 84 8.10 -30.36 73.42
N GLN G 85 7.25 -29.86 72.52
CA GLN G 85 5.81 -30.11 72.61
C GLN G 85 5.29 -30.72 71.30
N ALA G 86 3.96 -30.77 71.16
CA ALA G 86 3.38 -31.34 69.94
C ALA G 86 3.79 -30.54 68.71
N GLU G 87 3.77 -29.22 68.80
CA GLU G 87 4.21 -28.40 67.68
C GLU G 87 5.71 -28.50 67.43
N ASP G 88 6.49 -28.92 68.42
CA ASP G 88 7.92 -29.09 68.26
C ASP G 88 8.30 -30.43 67.64
N LEU G 89 7.36 -31.38 67.56
CA LEU G 89 7.62 -32.68 66.97
C LEU G 89 7.57 -32.53 65.46
N ALA G 90 8.72 -32.18 64.88
CA ALA G 90 8.82 -31.91 63.46
C ALA G 90 10.28 -32.06 63.04
N VAL G 91 10.58 -31.71 61.79
CA VAL G 91 11.94 -31.74 61.26
C VAL G 91 12.39 -30.31 61.03
N TYR G 92 13.62 -30.01 61.45
CA TYR G 92 14.16 -28.66 61.39
C TYR G 92 15.17 -28.56 60.25
N TYR G 93 15.03 -27.53 59.43
CA TYR G 93 15.90 -27.30 58.29
C TYR G 93 16.67 -26.00 58.51
N CYS G 94 17.99 -26.07 58.33
CA CYS G 94 18.86 -24.89 58.39
C CYS G 94 19.43 -24.63 57.01
N GLN G 95 19.24 -23.41 56.51
CA GLN G 95 19.54 -23.06 55.14
C GLN G 95 20.37 -21.78 55.07
N ASN G 96 21.39 -21.79 54.21
CA ASN G 96 22.23 -20.64 53.98
C ASN G 96 21.56 -19.64 53.04
N ASP G 97 21.87 -18.36 53.23
CA ASP G 97 21.32 -17.30 52.40
C ASP G 97 22.34 -16.29 51.90
N TYR G 98 23.51 -16.17 52.54
CA TYR G 98 24.50 -15.20 52.07
C TYR G 98 25.01 -15.55 50.69
N SER G 99 25.36 -16.82 50.48
CA SER G 99 25.78 -17.28 49.15
C SER G 99 24.57 -17.41 48.25
N TYR G 100 24.68 -16.88 47.03
CA TYR G 100 23.56 -16.95 46.10
C TYR G 100 23.16 -18.39 45.77
N PRO G 101 24.08 -19.33 45.46
CA PRO G 101 23.68 -20.73 45.37
C PRO G 101 23.48 -21.32 46.76
N LEU G 102 22.23 -21.55 47.15
CA LEU G 102 21.90 -22.00 48.49
C LEU G 102 21.37 -23.43 48.46
N THR G 103 21.82 -24.23 49.43
CA THR G 103 21.41 -25.62 49.57
C THR G 103 20.91 -25.84 50.99
N PHE G 104 19.74 -26.45 51.11
CA PHE G 104 19.15 -26.70 52.42
C PHE G 104 19.85 -27.87 53.12
N GLY G 105 19.65 -27.95 54.44
CA GLY G 105 20.21 -29.03 55.22
C GLY G 105 19.39 -30.32 55.13
N ALA G 106 19.99 -31.40 55.60
CA ALA G 106 19.32 -32.70 55.57
C ALA G 106 18.10 -32.71 56.48
N GLY G 107 18.23 -32.15 57.67
CA GLY G 107 17.15 -32.10 58.63
C GLY G 107 17.36 -33.07 59.78
N THR G 108 16.68 -32.79 60.89
CA THR G 108 16.77 -33.60 62.09
C THR G 108 15.37 -33.93 62.57
N LYS G 109 15.15 -35.20 62.92
CA LYS G 109 13.86 -35.65 63.42
C LYS G 109 13.87 -35.69 64.95
N VAL G 110 12.86 -35.05 65.54
CA VAL G 110 12.69 -35.01 66.99
C VAL G 110 11.27 -35.47 67.33
N GLU G 111 11.17 -36.32 68.35
CA GLU G 111 9.88 -36.84 68.79
C GLU G 111 9.81 -36.84 70.31
N LEU G 112 8.59 -36.78 70.83
CA LEU G 112 8.37 -36.76 72.27
C LEU G 112 8.28 -38.18 72.83
N GLU H 1 -50.15 -14.42 23.71
CA GLU H 1 -50.36 -13.02 23.38
C GLU H 1 -49.02 -12.29 23.24
N VAL H 2 -48.95 -11.08 23.79
CA VAL H 2 -47.74 -10.27 23.77
C VAL H 2 -47.28 -10.05 25.20
N GLN H 3 -46.01 -10.36 25.46
CA GLN H 3 -45.45 -10.27 26.79
C GLN H 3 -44.08 -9.59 26.74
N LEU H 4 -43.76 -8.86 27.80
CA LEU H 4 -42.47 -8.18 27.94
C LEU H 4 -41.71 -8.85 29.07
N LYS H 5 -40.67 -9.60 28.72
CA LYS H 5 -39.85 -10.34 29.69
C LYS H 5 -38.49 -9.64 29.79
N GLN H 6 -38.41 -8.67 30.69
CA GLN H 6 -37.17 -7.95 30.90
C GLN H 6 -36.18 -8.80 31.69
N SER H 7 -34.91 -8.40 31.62
CA SER H 7 -33.85 -9.17 32.27
C SER H 7 -34.04 -9.17 33.78
N VAL H 8 -33.68 -10.30 34.41
CA VAL H 8 -33.81 -10.43 35.86
C VAL H 8 -32.93 -9.42 36.56
N ALA H 9 -33.43 -8.89 37.69
CA ALA H 9 -32.68 -7.90 38.44
C ALA H 9 -31.38 -8.48 38.97
N GLU H 10 -30.33 -7.66 38.97
CA GLU H 10 -29.02 -8.07 39.43
C GLU H 10 -28.47 -7.01 40.38
N LEU H 11 -27.63 -7.46 41.31
CA LEU H 11 -27.02 -6.56 42.28
C LEU H 11 -26.01 -5.63 41.59
N VAL H 12 -25.99 -4.38 42.05
CA VAL H 12 -25.09 -3.37 41.51
C VAL H 12 -24.43 -2.62 42.65
N ARG H 13 -23.32 -1.94 42.31
CA ARG H 13 -22.54 -1.16 43.27
C ARG H 13 -22.67 0.33 42.97
N PRO H 14 -22.59 1.17 44.00
CA PRO H 14 -22.69 2.62 43.76
C PRO H 14 -21.55 3.12 42.89
N GLY H 15 -21.86 4.10 42.03
CA GLY H 15 -20.88 4.66 41.13
C GLY H 15 -20.62 3.83 39.88
N ALA H 16 -21.32 2.73 39.70
CA ALA H 16 -21.13 1.87 38.53
C ALA H 16 -22.27 2.10 37.54
N SER H 17 -22.32 1.28 36.49
CA SER H 17 -23.34 1.36 35.46
C SER H 17 -24.04 0.03 35.32
N VAL H 18 -25.35 0.08 35.11
CA VAL H 18 -26.17 -1.13 34.97
C VAL H 18 -26.94 -1.05 33.66
N LYS H 19 -27.00 -2.16 32.93
CA LYS H 19 -27.75 -2.26 31.70
C LYS H 19 -28.90 -3.26 31.90
N VAL H 20 -30.12 -2.81 31.66
CA VAL H 20 -31.31 -3.64 31.82
C VAL H 20 -31.93 -3.85 30.44
N SER H 21 -32.13 -5.11 30.06
CA SER H 21 -32.64 -5.47 28.75
C SER H 21 -34.05 -6.01 28.87
N CYS H 22 -34.96 -5.49 28.06
CA CYS H 22 -36.35 -5.92 28.02
C CYS H 22 -36.61 -6.64 26.70
N THR H 23 -37.11 -7.87 26.80
CA THR H 23 -37.40 -8.69 25.63
C THR H 23 -38.89 -8.72 25.36
N ALA H 24 -39.26 -8.85 24.09
CA ALA H 24 -40.64 -8.88 23.66
C ALA H 24 -40.89 -10.10 22.78
N SER H 25 -42.14 -10.57 22.79
CA SER H 25 -42.54 -11.73 22.01
C SER H 25 -43.83 -11.42 21.26
N GLY H 26 -43.97 -12.04 20.08
CA GLY H 26 -45.12 -11.82 19.24
C GLY H 26 -45.00 -10.71 18.23
N PHE H 27 -43.95 -9.91 18.31
CA PHE H 27 -43.72 -8.80 17.37
C PHE H 27 -42.25 -8.45 17.40
N ASN H 28 -41.90 -7.31 16.82
CA ASN H 28 -40.54 -6.82 16.78
C ASN H 28 -40.49 -5.40 17.34
N ILE H 29 -39.31 -5.00 17.80
CA ILE H 29 -39.14 -3.66 18.38
C ILE H 29 -39.30 -2.59 17.30
N LYS H 30 -39.10 -2.96 16.03
CA LYS H 30 -39.03 -1.96 14.96
C LYS H 30 -40.26 -1.06 14.91
N ASN H 31 -41.43 -1.59 15.25
CA ASN H 31 -42.65 -0.79 15.28
C ASN H 31 -43.04 -0.37 16.69
N ILE H 32 -42.18 -0.59 17.68
CA ILE H 32 -42.48 -0.29 19.07
C ILE H 32 -41.38 0.60 19.64
N TYR H 33 -41.74 1.83 20.00
CA TYR H 33 -40.80 2.73 20.69
C TYR H 33 -41.14 2.68 22.19
N MET H 34 -40.61 1.65 22.84
CA MET H 34 -41.02 1.34 24.21
C MET H 34 -40.57 2.41 25.19
N HIS H 35 -41.43 2.71 26.16
CA HIS H 35 -41.10 3.59 27.27
C HIS H 35 -40.44 2.80 28.39
N TRP H 36 -39.81 3.53 29.30
CA TRP H 36 -39.21 2.95 30.50
C TRP H 36 -39.73 3.70 31.71
N VAL H 37 -40.04 2.95 32.77
CA VAL H 37 -40.71 3.51 33.94
C VAL H 37 -40.18 2.82 35.19
N LYS H 38 -39.99 3.59 36.25
CA LYS H 38 -39.56 3.07 37.54
C LYS H 38 -40.60 3.40 38.61
N GLN H 39 -40.85 2.44 39.50
CA GLN H 39 -41.84 2.58 40.57
C GLN H 39 -41.11 2.66 41.90
N ARG H 40 -41.08 3.86 42.48
CA ARG H 40 -40.46 4.03 43.79
C ARG H 40 -41.35 3.40 44.86
N PRO H 41 -40.83 2.48 45.67
CA PRO H 41 -41.67 1.84 46.69
C PRO H 41 -42.21 2.85 47.68
N GLU H 42 -43.47 2.64 48.08
CA GLU H 42 -44.17 3.50 49.04
C GLU H 42 -44.13 4.95 48.56
N GLN H 43 -44.32 5.14 47.26
CA GLN H 43 -44.29 6.46 46.67
C GLN H 43 -44.98 6.40 45.31
N GLY H 44 -45.46 7.56 44.87
CA GLY H 44 -46.10 7.67 43.57
C GLY H 44 -45.19 7.26 42.43
N LEU H 45 -45.71 6.44 41.52
CA LEU H 45 -44.93 5.97 40.38
C LEU H 45 -44.59 7.15 39.46
N ASP H 46 -43.40 7.08 38.87
CA ASP H 46 -42.88 8.16 38.04
C ASP H 46 -42.33 7.60 36.74
N TRP H 47 -42.36 8.44 35.71
CA TRP H 47 -41.93 8.06 34.36
C TRP H 47 -40.47 8.47 34.15
N ILE H 48 -39.70 7.58 33.50
CA ILE H 48 -38.28 7.82 33.29
C ILE H 48 -38.07 8.60 31.99
N GLY H 49 -38.47 8.01 30.87
CA GLY H 49 -38.25 8.65 29.59
C GLY H 49 -38.76 7.81 28.46
N ARG H 50 -38.43 8.24 27.24
CA ARG H 50 -38.89 7.59 26.02
C ARG H 50 -37.70 7.40 25.06
N ILE H 51 -37.75 6.31 24.31
CA ILE H 51 -36.73 6.00 23.30
C ILE H 51 -37.42 5.50 22.05
N ASP H 52 -36.65 5.41 20.96
CA ASP H 52 -37.11 4.90 19.69
C ASP H 52 -36.06 3.96 19.11
N PRO H 53 -36.47 2.89 18.42
CA PRO H 53 -35.49 2.00 17.78
C PRO H 53 -34.60 2.71 16.78
N ALA H 54 -35.21 3.34 15.78
CA ALA H 54 -34.50 4.12 14.78
C ALA H 54 -34.66 5.61 15.09
N ASN H 55 -33.54 6.33 15.09
CA ASN H 55 -33.52 7.74 15.50
C ASN H 55 -34.08 7.90 16.91
N GLY H 56 -33.35 7.32 17.85
CA GLY H 56 -33.85 7.19 19.21
C GLY H 56 -34.19 8.53 19.84
N ASN H 57 -33.27 9.50 19.71
CA ASN H 57 -33.41 10.86 20.25
C ASN H 57 -34.13 10.89 21.58
N SER H 58 -33.63 10.13 22.54
CA SER H 58 -34.36 9.87 23.78
C SER H 58 -34.63 11.15 24.55
N ARG H 59 -35.87 11.30 25.03
CA ARG H 59 -36.27 12.39 25.91
C ARG H 59 -36.70 11.80 27.24
N TYR H 60 -36.19 12.36 28.33
CA TYR H 60 -36.47 11.86 29.67
C TYR H 60 -37.20 12.92 30.48
N ALA H 61 -37.68 12.51 31.65
CA ALA H 61 -38.29 13.45 32.58
C ALA H 61 -37.24 14.43 33.09
N PRO H 62 -37.65 15.65 33.44
CA PRO H 62 -36.66 16.65 33.90
C PRO H 62 -35.88 16.21 35.11
N LYS H 63 -36.45 15.38 35.98
CA LYS H 63 -35.71 14.88 37.13
C LYS H 63 -34.66 13.85 36.73
N PHE H 64 -34.90 13.10 35.65
CA PHE H 64 -34.00 12.06 35.20
C PHE H 64 -33.14 12.49 34.02
N GLN H 65 -33.17 13.76 33.65
CA GLN H 65 -32.35 14.24 32.54
C GLN H 65 -30.87 14.15 32.88
N ASP H 66 -30.08 13.70 31.90
CA ASP H 66 -28.63 13.54 32.02
C ASP H 66 -28.23 12.53 33.08
N LYS H 67 -29.17 11.76 33.60
CA LYS H 67 -28.90 10.74 34.61
C LYS H 67 -29.27 9.34 34.15
N ALA H 68 -30.40 9.18 33.48
CA ALA H 68 -30.85 7.88 32.97
C ALA H 68 -30.79 7.92 31.45
N THR H 69 -29.79 7.25 30.88
CA THR H 69 -29.62 7.16 29.43
C THR H 69 -30.05 5.78 28.97
N ILE H 70 -30.94 5.74 27.98
CA ILE H 70 -31.53 4.50 27.50
C ILE H 70 -31.30 4.39 26.01
N THR H 71 -30.84 3.22 25.56
CA THR H 71 -30.58 2.95 24.16
C THR H 71 -31.48 1.81 23.67
N ALA H 72 -31.83 1.86 22.39
CA ALA H 72 -32.70 0.88 21.77
C ALA H 72 -31.92 0.11 20.71
N ASP H 73 -31.95 -1.21 20.80
CA ASP H 73 -31.29 -2.08 19.84
C ASP H 73 -32.21 -2.33 18.65
N THR H 74 -31.67 -2.16 17.44
CA THR H 74 -32.47 -2.36 16.23
C THR H 74 -32.94 -3.81 16.11
N SER H 75 -32.07 -4.75 16.44
CA SER H 75 -32.36 -6.18 16.33
C SER H 75 -32.31 -6.82 17.72
N SER H 76 -32.39 -8.15 17.74
CA SER H 76 -32.37 -9.01 18.92
C SER H 76 -33.60 -8.84 19.80
N ASN H 77 -34.58 -8.03 19.40
CA ASN H 77 -35.83 -7.87 20.13
C ASN H 77 -35.59 -7.42 21.57
N THR H 78 -34.62 -6.53 21.76
CA THR H 78 -34.22 -6.07 23.08
C THR H 78 -33.95 -4.57 23.05
N ALA H 79 -34.05 -3.96 24.24
CA ALA H 79 -33.69 -2.56 24.44
C ALA H 79 -33.01 -2.44 25.80
N TYR H 80 -31.98 -1.60 25.88
CA TYR H 80 -31.10 -1.54 27.04
C TYR H 80 -31.27 -0.21 27.76
N LEU H 81 -31.43 -0.27 29.08
CA LEU H 81 -31.51 0.91 29.93
C LEU H 81 -30.24 1.02 30.77
N GLN H 82 -29.59 2.18 30.70
CA GLN H 82 -28.36 2.42 31.44
C GLN H 82 -28.58 3.46 32.52
N LEU H 83 -27.92 3.27 33.66
CA LEU H 83 -28.04 4.15 34.81
C LEU H 83 -26.66 4.44 35.37
N SER H 84 -26.56 5.58 36.05
CA SER H 84 -25.30 5.99 36.67
C SER H 84 -25.61 6.81 37.91
N SER H 85 -24.61 6.91 38.79
CA SER H 85 -24.72 7.64 40.05
C SER H 85 -25.90 7.14 40.88
N LEU H 86 -26.06 5.82 40.92
CA LEU H 86 -27.17 5.21 41.65
C LEU H 86 -26.98 5.40 43.15
N THR H 87 -28.06 5.74 43.84
CA THR H 87 -28.06 5.95 45.29
C THR H 87 -29.11 5.03 45.92
N SER H 88 -29.35 5.24 47.22
CA SER H 88 -30.36 4.46 47.92
C SER H 88 -31.75 4.72 47.37
N GLU H 89 -32.04 5.97 46.98
CA GLU H 89 -33.34 6.29 46.40
C GLU H 89 -33.57 5.54 45.08
N ASP H 90 -32.50 5.20 44.38
CA ASP H 90 -32.63 4.51 43.10
C ASP H 90 -33.12 3.08 43.23
N THR H 91 -33.20 2.54 44.45
CA THR H 91 -33.71 1.20 44.66
C THR H 91 -35.22 1.17 44.45
N ALA H 92 -35.65 0.82 43.23
CA ALA H 92 -37.05 0.87 42.87
C ALA H 92 -37.32 -0.20 41.81
N ILE H 93 -38.61 -0.46 41.58
CA ILE H 93 -39.04 -1.46 40.61
C ILE H 93 -39.17 -0.80 39.25
N TYR H 94 -38.68 -1.47 38.21
CA TYR H 94 -38.70 -0.95 36.85
C TYR H 94 -39.62 -1.82 35.99
N TYR H 95 -40.23 -1.18 34.99
CA TYR H 95 -41.17 -1.85 34.10
C TYR H 95 -40.96 -1.36 32.68
N CYS H 96 -41.48 -2.15 31.73
CA CYS H 96 -41.43 -1.83 30.31
C CYS H 96 -42.78 -1.24 29.89
N ALA H 97 -42.94 -0.98 28.58
CA ALA H 97 -44.16 -0.35 28.08
C ALA H 97 -44.30 -0.66 26.60
N ASP H 98 -45.53 -0.44 26.09
CA ASP H 98 -45.83 -0.58 24.68
C ASP H 98 -46.40 0.70 24.08
N GLU H 99 -46.23 1.82 24.78
CA GLU H 99 -46.53 3.18 24.29
C GLU H 99 -47.86 3.27 23.55
N GLY H 100 -48.84 2.50 24.03
CA GLY H 100 -50.19 2.62 23.54
C GLY H 100 -50.82 3.91 24.03
N TRP H 101 -52.16 3.90 24.12
CA TRP H 101 -52.81 4.98 24.83
C TRP H 101 -52.37 5.03 26.28
N GLY H 102 -52.15 3.87 26.88
CA GLY H 102 -51.35 3.77 28.09
C GLY H 102 -50.26 2.75 27.89
N PHE H 103 -49.44 2.58 28.93
CA PHE H 103 -48.38 1.57 28.86
C PHE H 103 -49.01 0.18 28.93
N ALA H 104 -49.17 -0.44 27.76
CA ALA H 104 -50.01 -1.64 27.65
C ALA H 104 -49.45 -2.80 28.46
N ASN H 105 -48.18 -3.13 28.25
CA ASN H 105 -47.55 -4.25 28.93
C ASN H 105 -46.31 -3.78 29.67
N TRP H 106 -46.24 -4.10 30.95
CA TRP H 106 -45.13 -3.69 31.81
C TRP H 106 -44.26 -4.90 32.14
N GLY H 107 -43.02 -4.62 32.52
CA GLY H 107 -42.11 -5.68 32.88
C GLY H 107 -42.51 -6.38 34.17
N GLN H 108 -41.92 -7.56 34.37
CA GLN H 108 -42.23 -8.33 35.57
C GLN H 108 -41.75 -7.62 36.83
N GLY H 109 -40.71 -6.81 36.71
CA GLY H 109 -40.22 -6.04 37.84
C GLY H 109 -38.76 -6.32 38.16
N THR H 110 -37.93 -5.29 38.20
CA THR H 110 -36.53 -5.41 38.52
C THR H 110 -36.19 -4.48 39.69
N LEU H 111 -35.61 -5.05 40.73
CA LEU H 111 -35.17 -4.29 41.90
C LEU H 111 -33.68 -3.98 41.74
N VAL H 112 -33.39 -2.77 41.25
CA VAL H 112 -32.00 -2.31 41.14
C VAL H 112 -31.54 -1.91 42.52
N THR H 113 -30.86 -2.81 43.21
CA THR H 113 -30.49 -2.63 44.61
C THR H 113 -29.03 -2.21 44.71
N VAL H 114 -28.79 -1.08 45.39
CA VAL H 114 -27.45 -0.56 45.59
C VAL H 114 -27.09 -0.75 47.06
N SER H 115 -26.06 -1.54 47.32
CA SER H 115 -25.60 -1.84 48.67
C SER H 115 -24.17 -2.35 48.59
N ALA H 116 -23.64 -2.80 49.73
CA ALA H 116 -22.29 -3.33 49.79
C ALA H 116 -22.28 -4.78 50.27
N ASP I 1 -44.58 18.95 32.70
CA ASP I 1 -44.69 18.88 34.15
C ASP I 1 -46.08 19.31 34.61
N ILE I 2 -46.93 18.35 34.93
CA ILE I 2 -48.28 18.59 35.41
C ILE I 2 -48.43 17.94 36.78
N VAL I 3 -48.86 18.72 37.75
CA VAL I 3 -49.05 18.22 39.12
C VAL I 3 -50.37 17.46 39.15
N MET I 4 -50.29 16.16 39.47
CA MET I 4 -51.46 15.28 39.51
C MET I 4 -51.68 14.83 40.94
N THR I 5 -52.82 15.23 41.51
CA THR I 5 -53.18 14.89 42.88
C THR I 5 -54.41 13.98 42.87
N GLN I 6 -54.26 12.78 43.42
CA GLN I 6 -55.38 11.86 43.56
C GLN I 6 -55.96 11.97 44.96
N SER I 7 -56.87 11.06 45.30
CA SER I 7 -57.44 11.03 46.63
C SER I 7 -56.36 10.63 47.64
N PRO I 8 -56.08 11.45 48.64
CA PRO I 8 -54.93 11.15 49.52
C PRO I 8 -55.16 9.98 50.45
N SER I 9 -56.35 9.84 51.02
CA SER I 9 -56.62 8.84 52.03
C SER I 9 -57.37 7.65 51.44
N SER I 10 -57.16 6.49 52.06
CA SER I 10 -57.86 5.28 51.66
C SER I 10 -59.33 5.36 52.04
N LEU I 11 -60.19 4.77 51.22
CA LEU I 11 -61.64 4.80 51.40
C LEU I 11 -62.11 3.39 51.78
N THR I 12 -62.34 3.19 53.08
CA THR I 12 -62.85 1.90 53.55
C THR I 12 -64.31 1.75 53.16
N VAL I 13 -64.62 0.71 52.37
CA VAL I 13 -65.96 0.51 51.85
C VAL I 13 -66.36 -0.94 52.06
N THR I 14 -67.66 -1.16 52.24
CA THR I 14 -68.20 -2.51 52.34
C THR I 14 -68.26 -3.15 50.96
N ALA I 15 -68.18 -4.48 50.93
CA ALA I 15 -68.29 -5.22 49.68
C ALA I 15 -69.61 -4.90 48.99
N GLY I 16 -69.54 -4.69 47.68
CA GLY I 16 -70.72 -4.35 46.91
C GLY I 16 -71.29 -2.97 47.23
N GLU I 17 -70.42 -1.99 47.44
CA GLU I 17 -70.84 -0.62 47.73
C GLU I 17 -70.10 0.35 46.82
N LYS I 18 -70.77 1.43 46.46
CA LYS I 18 -70.19 2.40 45.54
C LYS I 18 -69.05 3.16 46.21
N VAL I 19 -68.05 3.53 45.40
CA VAL I 19 -66.90 4.29 45.85
C VAL I 19 -66.82 5.56 45.03
N THR I 20 -66.43 6.66 45.67
CA THR I 20 -66.34 7.97 45.04
C THR I 20 -64.91 8.49 45.21
N MET I 21 -64.08 8.26 44.19
CA MET I 21 -62.71 8.77 44.15
C MET I 21 -62.50 9.54 42.85
N SER I 22 -61.65 10.56 42.91
CA SER I 22 -61.38 11.39 41.75
C SER I 22 -60.02 12.06 41.91
N CYS I 23 -59.30 12.19 40.81
CA CYS I 23 -58.04 12.92 40.78
C CYS I 23 -58.18 14.14 39.88
N LYS I 24 -57.82 15.30 40.41
CA LYS I 24 -57.93 16.55 39.66
C LYS I 24 -56.72 16.73 38.76
N SER I 25 -56.97 16.98 37.48
CA SER I 25 -55.92 17.19 36.50
C SER I 25 -55.88 18.65 36.08
N SER I 26 -54.70 19.25 36.12
CA SER I 26 -54.53 20.62 35.70
C SER I 26 -54.20 20.67 34.21
N GLN I 27 -53.96 21.89 33.70
CA GLN I 27 -53.55 22.14 32.33
C GLN I 27 -54.66 21.86 31.33
N SER I 28 -55.80 21.34 31.81
CA SER I 28 -56.99 21.11 31.00
C SER I 28 -56.67 20.25 29.77
N LEU I 29 -56.28 19.01 30.06
CA LEU I 29 -55.84 18.08 29.03
C LEU I 29 -56.89 17.89 27.95
N LEU I 30 -56.61 18.39 26.75
CA LEU I 30 -57.51 18.29 25.61
C LEU I 30 -56.68 18.22 24.34
N ASN I 31 -57.21 17.55 23.32
CA ASN I 31 -56.53 17.42 22.04
C ASN I 31 -57.47 17.87 20.92
N SER I 32 -56.87 18.44 19.88
CA SER I 32 -57.63 18.85 18.71
C SER I 32 -58.12 17.63 17.93
N GLY I 33 -59.28 17.78 17.30
CA GLY I 33 -59.86 16.71 16.53
C GLY I 33 -60.63 15.71 17.38
N ASN I 34 -59.91 14.92 18.16
CA ASN I 34 -60.54 13.95 19.06
C ASN I 34 -60.80 14.58 20.42
N GLN I 35 -62.07 14.56 20.85
CA GLN I 35 -62.44 15.17 22.13
C GLN I 35 -62.14 14.27 23.32
N LYS I 36 -61.72 13.03 23.09
CA LYS I 36 -61.39 12.14 24.19
C LYS I 36 -60.16 12.64 24.93
N ASN I 37 -60.26 12.73 26.24
CA ASN I 37 -59.15 13.20 27.06
C ASN I 37 -58.01 12.18 27.05
N TYR I 38 -56.78 12.68 27.03
CA TYR I 38 -55.60 11.81 27.05
C TYR I 38 -55.14 11.53 28.49
N LEU I 39 -56.06 11.08 29.32
CA LEU I 39 -55.76 10.61 30.67
C LEU I 39 -56.24 9.17 30.78
N THR I 40 -55.35 8.28 31.19
CA THR I 40 -55.63 6.86 31.24
C THR I 40 -55.55 6.36 32.68
N TRP I 41 -56.56 5.60 33.09
CA TRP I 41 -56.58 5.01 34.42
C TRP I 41 -55.77 3.73 34.44
N TYR I 42 -55.42 3.30 35.65
CA TYR I 42 -54.63 2.09 35.84
C TYR I 42 -55.14 1.31 37.04
N GLN I 43 -54.85 0.02 37.06
CA GLN I 43 -55.20 -0.87 38.16
C GLN I 43 -53.97 -1.67 38.54
N GLN I 44 -53.46 -1.45 39.75
CA GLN I 44 -52.23 -2.09 40.21
C GLN I 44 -52.49 -2.83 41.51
N LYS I 45 -52.20 -4.12 41.52
CA LYS I 45 -52.26 -4.91 42.74
C LYS I 45 -50.90 -4.91 43.43
N VAL I 46 -50.78 -5.72 44.47
CA VAL I 46 -49.52 -5.90 45.18
C VAL I 46 -48.89 -7.20 44.68
N GLY I 47 -47.93 -7.07 43.76
CA GLY I 47 -47.24 -8.23 43.24
C GLY I 47 -46.98 -8.21 41.75
N GLN I 48 -47.86 -7.58 40.99
CA GLN I 48 -47.73 -7.50 39.54
C GLN I 48 -47.88 -6.06 39.08
N PRO I 49 -47.29 -5.71 37.94
CA PRO I 49 -47.29 -4.31 37.50
C PRO I 49 -48.68 -3.83 37.13
N PRO I 50 -48.90 -2.52 37.07
CA PRO I 50 -50.22 -1.98 36.76
C PRO I 50 -50.64 -2.32 35.34
N LYS I 51 -51.97 -2.33 35.13
CA LYS I 51 -52.57 -2.60 33.84
C LYS I 51 -53.61 -1.52 33.55
N LEU I 52 -53.83 -1.26 32.26
CA LEU I 52 -54.79 -0.24 31.85
C LEU I 52 -56.20 -0.58 32.29
N LEU I 53 -56.74 0.20 33.23
CA LEU I 53 -58.14 0.05 33.61
C LEU I 53 -59.04 0.82 32.65
N ILE I 54 -58.72 2.08 32.40
CA ILE I 54 -59.42 2.92 31.43
C ILE I 54 -58.39 3.75 30.67
N TYR I 55 -58.52 3.81 29.36
CA TYR I 55 -57.75 4.74 28.53
C TYR I 55 -58.72 5.62 27.74
N TRP I 56 -58.21 6.75 27.28
CA TRP I 56 -59.00 7.82 26.67
C TRP I 56 -60.02 8.43 27.63
N ALA I 57 -59.93 8.06 28.92
CA ALA I 57 -60.79 8.53 30.00
C ALA I 57 -62.19 7.94 29.92
N SER I 58 -62.52 7.28 28.79
CA SER I 58 -63.74 6.48 28.71
C SER I 58 -63.52 5.40 27.65
N THR I 59 -63.03 4.24 28.10
CA THR I 59 -62.95 3.05 27.24
C THR I 59 -62.72 1.85 28.14
N ARG I 60 -63.68 0.92 28.16
CA ARG I 60 -63.57 -0.25 29.02
C ARG I 60 -62.58 -1.23 28.43
N ASP I 61 -61.46 -1.42 29.12
CA ASP I 61 -60.48 -2.41 28.69
C ASP I 61 -61.04 -3.82 28.89
N PRO I 62 -60.67 -4.77 28.03
CA PRO I 62 -61.15 -6.15 28.22
C PRO I 62 -60.65 -6.73 29.54
N GLY I 63 -61.52 -7.54 30.17
CA GLY I 63 -61.19 -8.15 31.44
C GLY I 63 -61.77 -7.40 32.62
N VAL I 64 -62.53 -8.10 33.46
CA VAL I 64 -63.24 -7.58 34.62
C VAL I 64 -63.79 -6.18 34.34
N PRO I 65 -64.59 -6.00 33.28
CA PRO I 65 -64.98 -4.65 32.86
C PRO I 65 -66.28 -4.17 33.51
N ASP I 66 -66.27 -4.10 34.84
CA ASP I 66 -67.41 -3.57 35.59
C ASP I 66 -67.32 -2.04 35.65
N ARG I 67 -68.12 -1.39 34.80
CA ARG I 67 -68.16 0.05 34.59
C ARG I 67 -66.76 0.67 34.48
N PHE I 68 -66.38 1.54 35.42
CA PHE I 68 -65.18 2.40 35.41
C PHE I 68 -65.36 3.57 34.45
N THR I 69 -66.56 3.80 33.92
CA THR I 69 -66.77 4.90 33.00
C THR I 69 -66.57 6.24 33.70
N GLY I 70 -65.83 7.14 33.05
CA GLY I 70 -65.54 8.43 33.63
C GLY I 70 -66.05 9.59 32.82
N SER I 71 -66.69 10.54 33.48
CA SER I 71 -67.23 11.74 32.84
C SER I 71 -66.37 12.93 33.26
N GLY I 72 -65.56 13.43 32.33
CA GLY I 72 -64.71 14.57 32.61
C GLY I 72 -64.32 15.34 31.36
N PHE I 73 -64.29 16.66 31.47
CA PHE I 73 -63.93 17.52 30.35
C PHE I 73 -62.44 17.80 30.28
N GLY I 74 -61.66 17.31 31.24
CA GLY I 74 -60.23 17.54 31.25
C GLY I 74 -59.72 18.09 32.56
N THR I 75 -60.50 18.96 33.19
CA THR I 75 -60.11 19.53 34.48
C THR I 75 -60.31 18.53 35.62
N ASP I 76 -61.27 17.61 35.48
CA ASP I 76 -61.56 16.64 36.52
C ASP I 76 -61.87 15.29 35.86
N PHE I 77 -61.60 14.23 36.61
CA PHE I 77 -61.85 12.87 36.15
C PHE I 77 -62.38 12.04 37.30
N THR I 78 -63.23 11.07 36.97
CA THR I 78 -63.91 10.24 37.96
C THR I 78 -63.80 8.78 37.57
N LEU I 79 -63.58 7.92 38.57
CA LEU I 79 -63.47 6.48 38.39
C LEU I 79 -64.31 5.76 39.44
N THR I 80 -65.57 6.17 39.59
CA THR I 80 -66.46 5.53 40.53
C THR I 80 -66.70 4.07 40.14
N ILE I 81 -66.77 3.20 41.15
CA ILE I 81 -67.07 1.78 40.96
C ILE I 81 -68.32 1.45 41.74
N SER I 82 -69.30 0.85 41.08
CA SER I 82 -70.56 0.53 41.74
C SER I 82 -70.39 -0.56 42.79
N SER I 83 -69.67 -1.63 42.46
CA SER I 83 -69.45 -2.74 43.36
C SER I 83 -67.99 -3.15 43.32
N VAL I 84 -67.36 -3.26 44.49
CA VAL I 84 -65.94 -3.60 44.61
C VAL I 84 -65.81 -5.07 44.97
N GLN I 85 -64.89 -5.75 44.29
CA GLN I 85 -64.66 -7.18 44.52
C GLN I 85 -63.18 -7.43 44.83
N ALA I 86 -62.78 -8.70 44.84
CA ALA I 86 -61.39 -9.04 45.13
C ALA I 86 -60.44 -8.42 44.11
N GLU I 87 -60.80 -8.47 42.82
CA GLU I 87 -59.98 -7.85 41.80
C GLU I 87 -59.99 -6.32 41.88
N ASP I 88 -61.02 -5.74 42.51
CA ASP I 88 -61.08 -4.30 42.68
C ASP I 88 -60.28 -3.80 43.87
N LEU I 89 -59.83 -4.70 44.74
CA LEU I 89 -59.03 -4.34 45.91
C LEU I 89 -57.60 -4.08 45.43
N ALA I 90 -57.36 -2.86 44.96
CA ALA I 90 -56.07 -2.51 44.38
C ALA I 90 -55.90 -0.99 44.48
N VAL I 91 -54.81 -0.49 43.92
CA VAL I 91 -54.52 0.93 43.87
C VAL I 91 -54.68 1.41 42.43
N TYR I 92 -55.36 2.55 42.26
CA TYR I 92 -55.69 3.08 40.94
C TYR I 92 -54.81 4.28 40.64
N TYR I 93 -54.23 4.29 39.44
CA TYR I 93 -53.37 5.38 38.98
C TYR I 93 -54.02 6.07 37.79
N CYS I 94 -54.05 7.40 37.83
CA CYS I 94 -54.48 8.20 36.69
C CYS I 94 -53.29 8.98 36.16
N GLN I 95 -53.03 8.86 34.86
CA GLN I 95 -51.83 9.40 34.24
C GLN I 95 -52.19 10.21 33.01
N ASN I 96 -51.55 11.36 32.85
CA ASN I 96 -51.75 12.23 31.70
C ASN I 96 -50.91 11.75 30.53
N ASP I 97 -51.43 11.97 29.33
CA ASP I 97 -50.73 11.57 28.11
C ASP I 97 -50.66 12.65 27.03
N TYR I 98 -51.52 13.67 27.08
CA TYR I 98 -51.47 14.72 26.06
C TYR I 98 -50.16 15.49 26.13
N SER I 99 -49.74 15.86 27.34
CA SER I 99 -48.46 16.53 27.52
C SER I 99 -47.33 15.52 27.44
N TYR I 100 -46.29 15.85 26.68
CA TYR I 100 -45.17 14.93 26.53
C TYR I 100 -44.48 14.64 27.86
N PRO I 101 -44.16 15.63 28.71
CA PRO I 101 -43.67 15.29 30.06
C PRO I 101 -44.81 14.81 30.94
N LEU I 102 -44.87 13.51 31.21
CA LEU I 102 -45.99 12.90 31.92
C LEU I 102 -45.51 12.28 33.23
N THR I 103 -46.33 12.44 34.27
CA THR I 103 -46.07 11.83 35.57
C THR I 103 -47.35 11.20 36.07
N PHE I 104 -47.22 10.16 36.90
CA PHE I 104 -48.38 9.44 37.40
C PHE I 104 -48.85 10.04 38.73
N GLY I 105 -50.07 9.62 39.14
CA GLY I 105 -50.64 10.10 40.37
C GLY I 105 -50.08 9.41 41.60
N ALA I 106 -50.45 9.93 42.77
CA ALA I 106 -49.96 9.38 44.02
C ALA I 106 -50.49 7.97 44.25
N GLY I 107 -51.78 7.76 44.04
CA GLY I 107 -52.40 6.47 44.23
C GLY I 107 -53.50 6.51 45.28
N THR I 108 -54.51 5.66 45.06
CA THR I 108 -55.64 5.57 45.97
C THR I 108 -55.86 4.11 46.32
N LYS I 109 -55.91 3.80 47.61
CA LYS I 109 -56.10 2.44 48.08
C LYS I 109 -57.57 2.21 48.45
N VAL I 110 -58.14 1.14 47.91
CA VAL I 110 -59.51 0.74 48.21
C VAL I 110 -59.51 -0.73 48.60
N GLU I 111 -60.19 -1.05 49.71
CA GLU I 111 -60.28 -2.42 50.19
C GLU I 111 -61.71 -2.68 50.64
N LEU I 112 -62.09 -3.95 50.59
CA LEU I 112 -63.44 -4.37 50.96
C LEU I 112 -63.61 -4.44 52.47
C1 NAG J . 9.54 30.89 -61.48
C2 NAG J . 9.33 31.34 -62.93
C3 NAG J . 8.13 32.28 -63.03
C4 NAG J . 6.90 31.64 -62.39
C5 NAG J . 7.21 31.15 -60.99
C6 NAG J . 6.08 30.37 -60.36
C7 NAG J . 11.23 31.48 -64.48
C8 NAG J . 12.43 32.27 -64.89
N2 NAG J . 10.53 31.97 -63.46
O3 NAG J . 7.88 32.58 -64.39
O4 NAG J . 5.86 32.61 -62.34
O5 NAG J . 8.35 30.28 -61.00
O6 NAG J . 6.54 29.53 -59.32
O7 NAG J . 10.90 30.45 -65.05
C1 NAG J . 4.72 32.17 -63.11
C2 NAG J . 3.64 33.24 -62.99
C3 NAG J . 2.42 32.85 -63.81
C4 NAG J . 2.82 32.54 -65.25
C5 NAG J . 3.93 31.50 -65.28
C6 NAG J . 4.46 31.24 -66.67
C7 NAG J . 2.78 32.57 -60.77
C8 NAG J . 2.49 33.04 -59.37
N2 NAG J . 3.29 33.49 -61.60
O3 NAG J . 1.47 33.91 -63.78
O4 NAG J . 1.69 32.04 -65.96
O5 NAG J . 5.05 31.96 -64.49
O6 NAG J . 3.78 32.03 -67.64
O7 NAG J . 2.56 31.41 -61.12
C1 NAG K . 50.97 20.22 -42.66
C2 NAG K . 52.31 20.26 -43.39
C3 NAG K . 52.42 19.09 -44.35
C4 NAG K . 52.18 17.76 -43.62
C5 NAG K . 50.86 17.83 -42.85
C6 NAG K . 50.62 16.62 -41.98
C7 NAG K . 53.42 22.40 -43.82
C8 NAG K . 53.44 23.65 -44.65
N2 NAG K . 52.46 21.52 -44.10
O3 NAG K . 53.73 19.08 -44.93
O4 NAG K . 52.11 16.71 -44.57
O5 NAG K . 50.85 18.97 -41.97
O6 NAG K . 49.66 16.89 -40.97
O7 NAG K . 54.24 22.21 -42.93
C1 NAG K . 53.15 15.74 -44.32
C2 NAG K . 53.00 14.64 -45.36
C3 NAG K . 54.09 13.59 -45.18
C4 NAG K . 55.47 14.25 -45.17
C5 NAG K . 55.51 15.38 -44.15
C6 NAG K . 56.80 16.16 -44.19
C7 NAG K . 51.17 13.40 -44.25
C8 NAG K . 49.79 12.84 -44.42
N2 NAG K . 51.68 14.03 -45.32
O3 NAG K . 54.02 12.64 -46.23
O4 NAG K . 56.47 13.30 -44.87
O5 NAG K . 54.46 16.32 -44.41
O6 NAG K . 57.73 15.60 -45.11
O7 NAG K . 51.79 13.27 -43.20
C1 NAG L . 27.41 57.60 -27.52
C2 NAG L . 27.84 59.05 -27.70
C3 NAG L . 28.99 59.38 -26.74
C4 NAG L . 28.61 59.03 -25.32
C5 NAG L . 28.11 57.59 -25.23
C6 NAG L . 27.58 57.22 -23.87
C7 NAG L . 27.61 60.19 -29.86
C8 NAG L . 28.14 60.33 -31.25
N2 NAG L . 28.24 59.31 -29.07
O3 NAG L . 29.31 60.76 -26.84
O4 NAG L . 29.76 59.17 -24.48
O5 NAG L . 27.04 57.38 -26.15
O6 NAG L . 26.76 56.06 -23.92
O7 NAG L . 26.65 60.84 -29.46
C1 NAG L . 29.52 60.16 -23.47
C2 NAG L . 30.76 60.22 -22.58
C3 NAG L . 30.59 61.27 -21.49
C4 NAG L . 30.21 62.61 -22.11
C5 NAG L . 28.99 62.46 -23.03
C6 NAG L . 28.65 63.72 -23.77
C7 NAG L . 30.26 58.22 -21.20
C8 NAG L . 30.77 56.91 -20.72
N2 NAG L . 31.07 58.92 -22.00
O3 NAG L . 31.80 61.40 -20.75
O4 NAG L . 29.90 63.56 -21.08
O5 NAG L . 29.26 61.46 -24.02
O6 NAG L . 29.47 64.81 -23.36
O7 NAG L . 29.15 58.65 -20.87
C1 NAG M . 11.41 -46.65 -18.83
C2 NAG M . 12.66 -46.95 -19.67
C3 NAG M . 12.27 -47.19 -21.12
C4 NAG M . 11.21 -48.27 -21.22
C5 NAG M . 10.01 -47.91 -20.33
C6 NAG M . 8.97 -49.01 -20.28
C7 NAG M . 14.96 -46.11 -19.53
C8 NAG M . 15.83 -44.89 -19.42
N2 NAG M . 13.63 -45.89 -19.56
O3 NAG M . 13.43 -47.57 -21.86
O4 NAG M . 10.76 -48.39 -22.57
O5 NAG M . 10.47 -47.72 -18.98
O6 NAG M . 9.53 -50.23 -19.82
O7 NAG M . 15.43 -47.24 -19.60
C1 NAG N . 4.18 -65.48 -8.03
C2 NAG N . 3.61 -66.13 -9.29
C3 NAG N . 2.70 -65.15 -10.03
C4 NAG N . 1.64 -64.59 -9.10
C5 NAG N . 2.29 -64.02 -7.84
C6 NAG N . 1.29 -63.56 -6.82
C7 NAG N . 4.61 -67.77 -10.83
C8 NAG N . 5.80 -68.10 -11.68
N2 NAG N . 4.68 -66.61 -10.17
O3 NAG N . 2.09 -65.81 -11.13
O4 NAG N . 0.90 -63.58 -9.76
O5 NAG N . 3.11 -65.01 -7.21
O6 NAG N . 1.28 -62.14 -6.68
O7 NAG N . 3.64 -68.51 -10.75
C1 NAG O . -12.27 10.19 -44.78
C2 NAG O . -12.11 10.65 -46.23
C3 NAG O . -10.62 10.91 -46.53
C4 NAG O . -10.04 11.88 -45.52
C5 NAG O . -10.30 11.39 -44.10
C6 NAG O . -9.85 12.36 -43.04
C7 NAG O . -13.65 9.94 -48.00
C8 NAG O . -14.09 8.82 -48.88
N2 NAG O . -12.65 9.67 -47.15
O3 NAG O . -10.49 11.43 -47.85
O4 NAG O . -8.64 12.01 -45.72
O5 NAG O . -11.70 11.17 -43.90
O6 NAG O . -10.95 12.88 -42.31
O7 NAG O . -14.18 11.05 -48.03
C1 NAG P . 5.42 -21.21 -37.64
C2 NAG P . 6.86 -20.86 -38.02
C3 NAG P . 7.29 -21.61 -39.26
C4 NAG P . 7.06 -23.12 -39.08
C5 NAG P . 5.61 -23.38 -38.67
C6 NAG P . 5.34 -24.83 -38.36
C7 NAG P . 7.52 -18.61 -37.28
C8 NAG P . 7.60 -17.16 -37.66
N2 NAG P . 7.01 -19.42 -38.22
O3 NAG P . 8.67 -21.37 -39.53
O4 NAG P . 7.33 -23.80 -40.29
O5 NAG P . 5.30 -22.63 -37.49
O6 NAG P . 5.90 -25.68 -39.34
O7 NAG P . 7.90 -19.02 -36.19
C1 NAG Q . 5.75 -12.10 -54.88
C2 NAG Q . 4.65 -12.89 -55.60
C3 NAG Q . 4.72 -14.37 -55.21
C4 NAG Q . 6.12 -14.91 -55.43
C5 NAG Q . 7.16 -14.03 -54.74
C6 NAG Q . 8.58 -14.46 -55.02
C7 NAG Q . 2.75 -11.41 -56.07
C8 NAG Q . 1.40 -10.96 -55.62
N2 NAG Q . 3.34 -12.34 -55.30
O3 NAG Q . 3.77 -15.10 -55.96
O4 NAG Q . 6.21 -16.24 -54.93
O5 NAG Q . 7.03 -12.68 -55.17
O6 NAG Q . 9.22 -13.54 -55.91
O7 NAG Q . 3.29 -10.96 -57.06
C1 NAG R . 36.98 14.00 -64.19
C2 NAG R . 38.31 14.70 -64.52
C3 NAG R . 38.84 14.20 -65.86
C4 NAG R . 38.93 12.68 -65.87
C5 NAG R . 37.59 12.07 -65.49
C6 NAG R . 37.63 10.57 -65.38
C7 NAG R . 38.27 16.90 -63.46
C8 NAG R . 38.06 18.37 -63.66
N2 NAG R . 38.14 16.14 -64.54
O3 NAG R . 40.13 14.77 -66.10
O4 NAG R . 39.30 12.23 -67.18
O5 NAG R . 37.17 12.58 -64.22
O6 NAG R . 38.88 10.05 -65.84
O7 NAG R . 38.54 16.43 -62.35
C1 NAG S . -4.90 41.23 -48.86
C2 NAG S . -5.36 42.11 -50.02
C3 NAG S . -6.77 42.64 -49.77
C4 NAG S . -7.70 41.46 -49.51
C5 NAG S . -7.16 40.61 -48.37
C6 NAG S . -8.05 39.39 -48.14
C7 NAG S . -3.82 44.03 -49.46
C8 NAG S . -2.38 44.28 -49.75
N2 NAG S . -4.45 43.22 -50.32
O3 NAG S . -7.21 43.38 -50.90
O4 NAG S . -8.99 41.96 -49.16
O5 NAG S . -5.84 40.17 -48.65
O6 NAG S . -7.62 38.72 -46.97
O7 NAG S . -4.38 44.56 -48.50
C1 NAG T . 21.54 16.41 -65.57
C2 NAG T . 20.02 16.45 -65.53
C3 NAG T . 19.47 15.11 -65.03
C4 NAG T . 20.02 13.97 -65.86
C5 NAG T . 21.55 14.02 -65.90
C6 NAG T . 22.15 12.99 -66.82
C7 NAG T . 18.59 18.41 -65.10
C8 NAG T . 18.22 19.46 -64.11
N2 NAG T . 19.53 17.54 -64.70
O3 NAG T . 18.05 15.12 -65.10
O4 NAG T . 19.62 12.71 -65.29
O5 NAG T . 21.97 15.31 -66.38
O6 NAG T . 23.00 13.59 -67.78
O7 NAG T . 18.07 18.32 -66.20
C1 NAG U . 26.05 30.74 -73.76
C2 NAG U . 25.45 30.59 -75.16
C3 NAG U . 25.98 31.68 -76.08
C4 NAG U . 25.75 33.06 -75.47
C5 NAG U . 26.33 33.11 -74.06
C6 NAG U . 26.05 34.41 -73.34
C7 NAG U . 24.96 28.21 -75.49
C8 NAG U . 25.40 26.93 -76.14
N2 NAG U . 25.73 29.27 -75.70
O3 NAG U . 25.32 31.60 -77.34
O4 NAG U . 26.38 34.06 -76.27
O5 NAG U . 25.77 32.06 -73.26
O6 NAG U . 27.07 35.37 -73.58
O7 NAG U . 23.94 28.27 -74.82
C1 NAG V . 45.99 25.51 -70.63
C2 NAG V . 46.36 24.06 -70.92
C3 NAG V . 47.87 23.87 -70.78
C4 NAG V . 48.61 24.86 -71.66
C5 NAG V . 48.15 26.29 -71.33
C6 NAG V . 48.77 27.33 -72.23
C7 NAG V . 44.55 22.50 -70.39
C8 NAG V . 43.94 21.61 -69.34
N2 NAG V . 45.65 23.16 -70.03
O3 NAG V . 48.21 22.54 -71.18
O4 NAG V . 50.01 24.76 -71.43
O5 NAG V . 46.73 26.39 -71.49
O6 NAG V . 47.82 28.32 -72.60
O7 NAG V . 44.06 22.61 -71.51
C1 NAG W . -28.28 -17.71 -37.89
C2 NAG W . -26.79 -17.97 -37.61
C3 NAG W . -26.01 -18.17 -38.92
C4 NAG W . -26.69 -19.21 -39.79
C5 NAG W . -28.17 -18.88 -39.98
C6 NAG W . -28.93 -19.92 -40.75
C7 NAG W . -25.99 -15.66 -36.95
C8 NAG W . -26.50 -15.07 -38.23
N2 NAG W . -26.16 -16.98 -36.74
O3 NAG W . -24.69 -18.57 -38.63
O4 NAG W . -26.07 -19.27 -41.07
O5 NAG W . -28.81 -18.75 -38.70
O6 NAG W . -30.32 -19.61 -40.84
O7 NAG W . -25.44 -14.96 -36.10
C1 NAG X . -61.43 -5.78 -20.55
C2 NAG X . -62.19 -7.04 -20.12
C3 NAG X . -62.40 -7.06 -18.62
C4 NAG X . -61.08 -6.88 -17.89
C5 NAG X . -60.38 -5.61 -18.38
C6 NAG X . -59.01 -5.42 -17.76
C7 NAG X . -64.45 -6.27 -20.76
C8 NAG X . -65.67 -6.58 -21.56
N2 NAG X . -63.46 -7.17 -20.82
O3 NAG X . -63.01 -8.29 -18.23
O4 NAG X . -61.30 -6.78 -16.49
O5 NAG X . -60.19 -5.68 -19.80
O6 NAG X . -58.85 -4.10 -17.27
O7 NAG X . -64.37 -5.26 -20.07
C1 NAG Y . -34.95 18.14 -28.63
C2 NAG Y . -33.81 19.11 -29.02
C3 NAG Y . -34.25 20.05 -30.14
C4 NAG Y . -34.86 19.29 -31.31
C5 NAG Y . -36.01 18.44 -30.80
C6 NAG Y . -36.65 17.60 -31.88
C7 NAG Y . -32.57 19.40 -26.92
C8 NAG Y . -32.22 20.35 -25.81
N2 NAG Y . -33.36 19.89 -27.88
O3 NAG Y . -33.14 20.81 -30.59
O4 NAG Y . -35.34 20.19 -32.30
O5 NAG Y . -35.50 17.52 -29.81
O6 NAG Y . -37.74 16.85 -31.37
O7 NAG Y . -32.15 18.26 -26.94
C1 NAG Z . 25.54 15.65 41.99
C2 NAG Z . 26.18 17.04 42.14
C3 NAG Z . 27.70 16.93 42.06
C4 NAG Z . 28.21 15.92 43.07
C5 NAG Z . 27.49 14.58 42.89
C6 NAG Z . 27.86 13.56 43.94
C7 NAG Z . 25.44 19.26 41.38
C8 NAG Z . 24.93 20.07 40.23
N2 NAG Z . 25.68 17.96 41.14
O3 NAG Z . 28.27 18.21 42.31
O4 NAG Z . 29.61 15.73 42.90
O5 NAG Z . 26.07 14.77 42.98
O6 NAG Z . 27.65 14.07 45.25
O7 NAG Z . 25.64 19.75 42.49
C1 NAG AA . 20.36 6.91 62.51
C2 NAG AA . 21.81 6.61 62.88
C3 NAG AA . 22.50 5.83 61.75
C4 NAG AA . 21.68 4.60 61.38
C5 NAG AA . 20.23 4.99 61.08
C6 NAG AA . 19.34 3.80 60.83
C7 NAG AA . 23.41 7.93 64.19
C8 NAG AA . 24.08 9.26 64.35
N2 NAG AA . 22.55 7.82 63.17
O3 NAG AA . 23.80 5.45 62.15
O4 NAG AA . 22.24 3.98 60.23
O5 NAG AA . 19.68 5.69 62.20
O6 NAG AA . 18.94 3.73 59.46
O7 NAG AA . 23.65 6.99 64.94
C1 NAG BA . 43.42 -4.00 -19.17
C2 NAG BA . 44.63 -3.57 -19.99
C3 NAG BA . 44.55 -2.07 -20.31
C4 NAG BA . 43.21 -1.74 -20.97
C5 NAG BA . 42.06 -2.25 -20.10
C6 NAG BA . 40.70 -2.06 -20.75
C7 NAG BA . 46.77 -4.74 -19.78
C8 NAG BA . 48.01 -4.93 -18.94
N2 NAG BA . 45.88 -3.87 -19.31
O3 NAG BA . 45.62 -1.71 -21.17
O4 NAG BA . 43.08 -0.34 -21.13
O5 NAG BA . 42.21 -3.65 -19.86
O6 NAG BA . 40.26 -3.26 -21.38
O7 NAG BA . 46.61 -5.34 -20.84
C1 NAG CA . 39.63 12.58 13.19
C2 NAG CA . 39.50 14.04 12.76
C3 NAG CA . 40.73 14.84 13.22
C4 NAG CA . 40.95 14.66 14.72
C5 NAG CA . 41.03 13.17 15.06
C6 NAG CA . 41.14 12.92 16.55
C7 NAG CA . 38.26 14.69 10.75
C8 NAG CA . 38.25 14.72 9.25
N2 NAG CA . 39.34 14.15 11.33
O3 NAG CA . 40.54 16.21 12.91
O4 NAG CA . 42.16 15.30 15.11
O5 NAG CA . 39.84 12.51 14.61
O6 NAG CA . 42.10 13.77 17.15
O7 NAG CA . 37.33 15.14 11.42
C1 NAG DA . 54.14 16.09 0.69
C2 NAG DA . 55.20 15.16 1.29
C3 NAG DA . 55.11 15.19 2.81
C4 NAG DA . 55.18 16.63 3.33
C5 NAG DA . 54.13 17.49 2.64
C6 NAG DA . 54.23 18.95 3.01
C7 NAG DA . 55.72 13.35 -0.28
C8 NAG DA . 55.44 11.93 -0.65
N2 NAG DA . 55.06 13.81 0.79
O3 NAG DA . 56.18 14.42 3.37
O4 NAG DA . 54.95 16.64 4.73
O5 NAG DA . 54.30 17.41 1.21
O6 NAG DA . 54.77 19.72 1.95
O7 NAG DA . 56.49 14.06 -0.92
C1 NAG EA . 51.93 48.01 -26.14
C2 NAG EA . 51.87 49.36 -26.86
C3 NAG EA . 53.17 50.12 -26.65
C4 NAG EA . 53.49 50.24 -25.17
C5 NAG EA . 53.49 48.85 -24.52
C6 NAG EA . 53.68 48.90 -23.03
C7 NAG EA . 50.38 49.09 -28.79
C8 NAG EA . 50.30 48.91 -30.28
N2 NAG EA . 51.61 49.17 -28.28
O3 NAG EA . 53.04 51.42 -27.22
O4 NAG EA . 54.77 50.83 -25.00
O5 NAG EA . 52.23 48.22 -24.75
O6 NAG EA . 53.99 50.22 -22.58
O7 NAG EA . 49.37 49.18 -28.10
C1 NAG FA . 39.25 3.50 -50.73
C2 NAG FA . 40.06 3.26 -52.02
C3 NAG FA . 39.86 1.82 -52.49
C4 NAG FA . 40.20 0.86 -51.37
C5 NAG FA . 39.38 1.20 -50.12
C6 NAG FA . 39.76 0.29 -48.95
C7 NAG FA . 38.55 4.63 -53.49
C8 NAG FA . 38.47 6.12 -53.75
N2 NAG FA . 39.75 4.20 -53.09
O3 NAG FA . 40.71 1.58 -53.61
O4 NAG FA . 39.90 -0.48 -51.78
O5 NAG FA . 39.59 2.55 -49.74
O6 NAG FA . 38.88 0.58 -47.85
O7 NAG FA . 37.58 3.92 -53.66
C1 NAG GA . 55.63 32.98 -29.10
C2 NAG GA . 55.88 31.48 -29.17
C3 NAG GA . 55.75 30.87 -27.78
C4 NAG GA . 56.66 31.59 -26.79
C5 NAG GA . 56.38 33.09 -26.83
C6 NAG GA . 57.34 33.88 -25.98
C7 NAG GA . 55.36 29.96 -31.04
C8 NAG GA . 54.29 29.39 -31.90
N2 NAG GA . 54.96 30.83 -30.10
O3 NAG GA . 56.09 29.48 -27.83
O4 NAG GA . 56.43 31.11 -25.48
O5 NAG GA . 56.52 33.58 -28.17
O6 NAG GA . 58.07 34.83 -26.75
O7 NAG GA . 56.54 29.68 -31.19
C1 NAG HA . 59.74 38.66 -44.71
C2 NAG HA . 61.23 38.34 -44.86
C3 NAG HA . 61.78 39.01 -46.11
C4 NAG HA . 60.96 38.65 -47.34
C5 NAG HA . 59.48 38.96 -47.07
C6 NAG HA . 58.58 38.52 -48.20
C7 NAG HA . 62.13 37.98 -42.60
C8 NAG HA . 62.93 38.56 -41.48
N2 NAG HA . 61.98 38.75 -43.68
O3 NAG HA . 63.13 38.60 -46.30
O4 NAG HA . 61.40 39.39 -48.46
O5 NAG HA . 59.04 38.27 -45.90
O6 NAG HA . 58.44 39.53 -49.19
O7 NAG HA . 61.64 36.85 -42.54
C1 NAG IA . 54.09 57.82 -38.59
C2 NAG IA . 54.60 58.26 -37.23
C3 NAG IA . 54.24 59.72 -36.97
C4 NAG IA . 54.73 60.60 -38.12
C5 NAG IA . 54.20 60.06 -39.44
C6 NAG IA . 54.73 60.81 -40.64
C7 NAG IA . 54.76 56.41 -35.62
C8 NAG IA . 54.07 55.64 -34.55
N2 NAG IA . 54.07 57.42 -36.17
O3 NAG IA . 54.83 60.15 -35.75
O4 NAG IA . 54.26 61.94 -37.94
O5 NAG IA . 54.60 58.69 -39.61
O6 NAG IA . 55.04 59.94 -41.71
O7 NAG IA . 55.91 56.14 -35.98
C1 NAG JA . 45.81 -21.17 9.28
C2 NAG JA . 45.48 -19.69 9.44
C3 NAG JA . 46.78 -18.88 9.53
C4 NAG JA . 47.69 -19.44 10.62
C5 NAG JA . 47.91 -20.93 10.39
C6 NAG JA . 48.71 -21.59 11.49
C7 NAG JA . 43.35 -18.99 8.44
C8 NAG JA . 42.66 -18.54 7.18
N2 NAG JA . 44.66 -19.23 8.32
O3 NAG JA . 46.48 -17.50 9.80
O4 NAG JA . 48.94 -18.77 10.61
O5 NAG JA . 46.65 -21.60 10.35
O6 NAG JA . 48.88 -22.97 11.23
O7 NAG JA . 42.75 -19.13 9.49
C1 NAG KA . 31.18 -56.35 -0.56
C2 NAG KA . 30.94 -57.79 -0.10
C3 NAG KA . 29.58 -58.27 -0.57
C4 NAG KA . 28.49 -57.31 -0.11
C5 NAG KA . 28.81 -55.89 -0.57
C6 NAG KA . 27.83 -54.86 -0.05
C7 NAG KA . 33.08 -58.96 0.11
C8 NAG KA . 34.07 -59.89 -0.54
N2 NAG KA . 31.99 -58.67 -0.60
O3 NAG KA . 29.33 -59.57 -0.04
O4 NAG KA . 27.22 -57.71 -0.62
O5 NAG KA . 30.11 -55.52 -0.10
O6 NAG KA . 26.68 -55.47 0.51
O7 NAG KA . 33.27 -58.51 1.24
C1 NAG LA . 32.20 -29.08 -22.87
C2 NAG LA . 31.87 -30.35 -23.66
C3 NAG LA . 32.87 -30.52 -24.82
C4 NAG LA . 32.92 -29.25 -25.66
C5 NAG LA . 33.19 -28.03 -24.78
C6 NAG LA . 33.14 -26.73 -25.53
C7 NAG LA . 32.92 -31.99 -22.12
C8 NAG LA . 32.68 -33.23 -21.31
N2 NAG LA . 31.86 -31.54 -22.82
O3 NAG LA . 32.47 -31.63 -25.63
O4 NAG LA . 33.94 -29.36 -26.64
O5 NAG LA . 32.20 -27.95 -23.74
O6 NAG LA . 32.81 -25.65 -24.66
O7 NAG LA . 34.01 -31.42 -22.14
C1 NAG MA . -48.33 17.02 -6.20
C2 NAG MA . -48.86 17.60 -7.51
C3 NAG MA . -49.05 19.10 -7.38
C4 NAG MA . -49.91 19.44 -6.18
C5 NAG MA . -49.34 18.78 -4.92
C6 NAG MA . -50.21 18.98 -3.70
C7 NAG MA . -48.45 16.94 -9.83
C8 NAG MA . -47.42 16.63 -10.87
N2 NAG MA . -48.00 17.27 -8.62
O3 NAG MA . -49.65 19.60 -8.57
O4 NAG MA . -49.97 20.84 -5.99
O5 NAG MA . -49.20 17.38 -5.11
O6 NAG MA . -51.51 18.44 -3.91
O7 NAG MA . -49.65 16.88 -10.07
C1 NAG NA . -65.25 8.28 6.47
C2 NAG NA . -65.81 9.63 6.89
C3 NAG NA . -64.69 10.53 7.42
C4 NAG NA . -63.92 9.82 8.53
C5 NAG NA . -63.45 8.44 8.05
C6 NAG NA . -62.80 7.64 9.15
C7 NAG NA . -67.64 10.95 5.91
C8 NAG NA . -68.21 11.54 4.66
N2 NAG NA . -66.49 10.27 5.77
O3 NAG NA . -65.25 11.74 7.92
O4 NAG NA . -62.80 10.60 8.91
O5 NAG NA . -64.57 7.68 7.58
O6 NAG NA . -61.40 7.49 8.91
O7 NAG NA . -68.21 11.06 7.00
C1 NAG OA . 11.22 46.27 0.80
C2 NAG OA . 11.69 47.61 0.24
C3 NAG OA . 11.68 47.58 -1.29
C4 NAG OA . 12.50 46.40 -1.80
C5 NAG OA . 12.01 45.11 -1.17
C6 NAG OA . 12.85 43.91 -1.54
C7 NAG OA . 11.32 49.70 1.49
C8 NAG OA . 10.33 50.73 1.91
N2 NAG OA . 10.85 48.69 0.74
O3 NAG OA . 12.22 48.81 -1.78
O4 NAG OA . 12.38 46.32 -3.21
O5 NAG OA . 12.05 45.22 0.26
O6 NAG OA . 13.73 43.55 -0.48
O7 NAG OA . 12.51 49.77 1.80
C1 NAG PA . -22.37 36.49 -8.74
C2 NAG PA . -22.31 36.30 -10.25
C3 NAG PA . -23.24 37.28 -10.95
C4 NAG PA . -24.64 37.21 -10.38
C5 NAG PA . -24.60 37.40 -8.87
C6 NAG PA . -25.95 37.22 -8.19
C7 NAG PA . -20.33 35.46 -11.42
C8 NAG PA . -18.94 35.77 -11.87
N2 NAG PA . -20.96 36.44 -10.76
O3 NAG PA . -23.26 37.01 -12.35
O4 NAG PA . -25.47 38.23 -10.93
O5 NAG PA . -23.72 36.42 -8.28
O6 NAG PA . -26.99 37.75 -9.00
O7 NAG PA . -20.86 34.38 -11.64
C1 NAG QA . -14.02 52.75 -14.53
C2 NAG QA . -14.60 53.69 -13.49
C3 NAG QA . -16.06 53.32 -13.20
C4 NAG QA . -16.86 53.27 -14.49
C5 NAG QA . -16.18 52.35 -15.50
C6 NAG QA . -16.86 52.35 -16.84
C7 NAG QA . -12.80 54.51 -12.03
C8 NAG QA . -12.11 54.34 -10.72
N2 NAG QA . -13.82 53.67 -12.26
O3 NAG QA . -16.63 54.27 -12.31
O4 NAG QA . -18.17 52.78 -14.22
O5 NAG QA . -14.83 52.79 -15.72
O6 NAG QA . -16.09 53.06 -17.82
O7 NAG QA . -12.48 55.37 -12.84
C1 NAG RA . 5.68 54.94 -51.33
C2 NAG RA . 6.10 54.98 -52.80
C3 NAG RA . 5.48 56.19 -53.50
C4 NAG RA . 3.97 56.22 -53.29
C5 NAG RA . 3.65 56.12 -51.80
C6 NAG RA . 2.17 56.02 -51.52
C7 NAG RA . 8.30 53.90 -52.97
C8 NAG RA . 9.77 54.12 -53.09
N2 NAG RA . 7.54 55.01 -52.93
O3 NAG RA . 5.77 56.14 -54.89
O4 NAG RA . 3.42 57.41 -53.81
O5 NAG RA . 4.25 54.95 -51.24
O6 NAG RA . 1.40 56.21 -52.70
O7 NAG RA . 7.81 52.78 -52.88
C1 NAG SA . 40.73 47.94 -13.07
C2 NAG SA . 41.84 48.99 -13.07
C3 NAG SA . 42.63 48.91 -11.76
C4 NAG SA . 41.67 49.04 -10.58
C5 NAG SA . 40.57 47.99 -10.68
C6 NAG SA . 39.56 48.13 -9.55
C7 NAG SA . 43.27 47.80 -14.77
C8 NAG SA . 43.26 47.79 -16.26
N2 NAG SA . 42.74 48.90 -14.21
O3 NAG SA . 43.58 49.97 -11.72
O4 NAG SA . 42.39 48.87 -9.36
O5 NAG SA . 39.89 48.08 -11.92
O6 NAG SA . 38.62 47.04 -9.63
O7 NAG SA . 43.76 46.87 -14.13
C1 NAG TA . 10.86 59.43 -37.11
C2 NAG TA . 11.19 59.71 -35.64
C3 NAG TA . 10.00 59.34 -34.76
C4 NAG TA . 8.73 60.04 -35.24
C5 NAG TA . 8.51 59.75 -36.72
C6 NAG TA . 7.35 60.52 -37.31
C7 NAG TA . 13.40 59.59 -34.58
C8 NAG TA . 14.54 58.70 -34.22
N2 NAG TA . 12.39 59.01 -35.22
O3 NAG TA . 10.28 59.72 -33.41
O4 NAG TA . 7.62 59.58 -34.50
O5 NAG TA . 9.66 60.13 -37.48
O6 NAG TA . 7.75 61.31 -38.41
O7 NAG TA . 13.39 60.79 -34.32
C1 NAG UA . 23.94 66.25 -45.85
C2 NAG UA . 23.88 67.75 -45.54
C3 NAG UA . 24.84 68.51 -46.44
C4 NAG UA . 26.25 67.93 -46.35
C5 NAG UA . 26.21 66.43 -46.63
C6 NAG UA . 27.56 65.76 -46.44
C7 NAG UA . 21.62 68.22 -44.71
C8 NAG UA . 20.27 68.79 -45.04
N2 NAG UA . 22.53 68.25 -45.70
O3 NAG UA . 24.86 69.88 -46.06
O4 NAG UA . 27.10 68.57 -47.30
O5 NAG UA . 25.30 65.79 -45.72
O6 NAG UA . 28.33 65.82 -47.62
O7 NAG UA . 21.88 67.76 -43.61
C1 NAG VA . 15.16 59.20 -63.51
C2 NAG VA . 13.66 59.43 -63.63
C3 NAG VA . 13.18 58.98 -65.01
C4 NAG VA . 13.99 59.66 -66.11
C5 NAG VA . 15.48 59.42 -65.87
C6 NAG VA . 16.37 60.15 -66.85
C7 NAG VA . 12.50 59.33 -61.48
C8 NAG VA . 11.76 58.45 -60.51
N2 NAG VA . 12.93 58.73 -62.59
O3 NAG VA . 11.81 59.32 -65.16
O4 NAG VA . 13.63 59.14 -67.38
O5 NAG VA . 15.85 59.88 -64.56
O6 NAG VA . 17.57 60.60 -66.23
O7 NAG VA . 12.68 60.52 -61.26
C1 NAG WA . -12.94 43.49 22.84
C2 NAG WA . -13.33 43.10 21.43
C3 NAG WA . -13.70 44.34 20.62
C4 NAG WA . -14.76 45.15 21.34
C5 NAG WA . -14.31 45.46 22.77
C6 NAG WA . -15.38 46.16 23.59
C7 NAG WA . -12.15 41.03 20.82
C8 NAG WA . -10.99 40.43 20.09
N2 NAG WA . -12.26 42.36 20.77
O3 NAG WA . -14.18 43.95 19.34
O4 NAG WA . -14.98 46.38 20.65
O5 NAG WA . -14.00 44.23 23.45
O6 NAG WA . -16.08 45.24 24.42
O7 NAG WA . -12.97 40.34 21.42
C1 NAG XA . 5.21 32.34 56.10
C2 NAG XA . 4.16 31.25 56.37
C3 NAG XA . 4.71 30.21 57.33
C4 NAG XA . 6.05 29.68 56.86
C5 NAG XA . 7.00 30.85 56.62
C6 NAG XA . 8.35 30.41 56.08
C7 NAG XA . 2.79 32.49 57.99
C8 NAG XA . 1.41 32.99 58.31
N2 NAG XA . 2.91 31.81 56.85
O3 NAG XA . 3.78 29.14 57.44
O4 NAG XA . 6.62 28.82 57.84
O5 NAG XA . 6.44 31.74 55.65
O6 NAG XA . 9.38 30.60 57.04
O7 NAG XA . 3.74 32.72 58.74
C1 NAG YA . 22.27 36.13 24.08
C2 NAG YA . 22.04 37.01 22.85
C3 NAG YA . 22.34 38.48 23.18
C4 NAG YA . 23.58 38.62 24.06
C5 NAG YA . 23.45 37.76 25.33
C6 NAG YA . 23.31 38.58 26.58
C7 NAG YA . 22.43 36.54 20.47
C8 NAG YA . 21.03 37.03 20.23
N2 NAG YA . 22.85 36.56 21.73
O3 NAG YA . 21.21 39.06 23.82
O4 NAG YA . 24.74 38.21 23.34
O5 NAG YA . 22.29 36.93 25.24
O6 NAG YA . 22.06 39.28 26.59
O7 NAG YA . 23.15 36.16 19.54
#